data_8Y6B
#
_entry.id   8Y6B
#
_cell.length_a   55.448
_cell.length_b   196.078
_cell.length_c   420.750
_cell.angle_alpha   90.00
_cell.angle_beta   90.00
_cell.angle_gamma   90.00
#
_symmetry.space_group_name_H-M   'P 21 21 21'
#
loop_
_entity.id
_entity.type
_entity.pdbx_description
1 polymer 'Disintegrin and metalloproteinase domain-containing protein 22'
2 polymer 'Leucine-rich glioma-inactivated protein 1'
3 non-polymer 2-acetamido-2-deoxy-beta-D-glucopyranose
4 non-polymer 'CALCIUM ION'
5 water water
#
loop_
_entity_poly.entity_id
_entity_poly.type
_entity_poly.pdbx_seq_one_letter_code
_entity_poly.pdbx_strand_id
1 'polypeptide(L)'
;NVEEETKYIELMIVNDHLMFKKHRLSVVHTNTYAKSVVNMADLIYKDQLKTRIVLVAMETWATDNKFAISENPLITLREF
MKYRRDFIKEKSDAVHLFSGSQFESSRSGAAYIGGICSLLKGGGVNEFGKTDLMAVTLAQSLAHNIGIISDKRKLASGEC
KCEDTWSGCIMGDTGYYLPKKFTQCNIEEYHDFLNSGGGACLFNKPSKLLDPPECGNGFIETGEECDCGTPAECVLEGAE
CCKKCTLTQDSQCSDGLCCKKCKFQPMGTVCREAVNDCDIRETCSGNSSQCAPNIHKMDGYSCDGVQGICFGGRCKTRDR
QCKYIWGQKVTASDKYCYEKLNIEGTEKGNCGKDKDTWIQCNKRDVLCGYLLCTNIGNIPRLGELDGEITSTLVVQQGRT
LNCSGGHVKLEEDVDLGYVEDGTPCGPQMMCLEHRCLPVASFNFSTCLSSKEGTICSGNGVCSNELKCVCNRHWIGSDCN
TYFPHN
;
A,B,C
2 'polypeptide(L)'
;HHHHHHHKPKCPAVCTCTKDNALCENARSIPRTVPPDVISLSFVRSGFTEISEGSFLFTPSLQLLLFTSNSFDVISDDAF
IGLPHLEYLFIENNNIKSISRHTFRGLKSLIHLSLANNNLQTLPKDIFKGLDSLTNVDLRGNSFNCDCKLKWLVEWLGHT
NATVEDIYCEGPPEYKKRKINSLSSKDFDCIITEFAKSQDLPYQSLSIDTFSYLNDEYVVIAQPFTGKCIFLEWDHVEKT
FRNYDNITGTSTVVCKPIVIETQLYVIVAQLFGGSHIYKRDSFANKFIKIQDIEILKIRKPNDIETFKIENNWYFVVADS
SKAGFTTIYKWNGNGFYSHQSLHAWYRDTDVEYLEIVRTPQTLRTPHLILSSSSQRPVIYQWNKATQLFTNQTDIPNMED
VYAVKHFSVKGDVYICLTRFIGDSKVMKWGGSSFQDIQRMPSRGSMVFQPLQINNYQYAILGSDYSFTQVYNWDAEKAKF
VKFQELNVQAPRSFTHVSINKRNFLFASSFKGNTQIYKHVIVDLSA
;
D,F,E
#
loop_
_chem_comp.id
_chem_comp.type
_chem_comp.name
_chem_comp.formula
CA non-polymer 'CALCIUM ION' 'Ca 2'
NAG D-saccharide, beta linking 2-acetamido-2-deoxy-beta-D-glucopyranose 'C8 H15 N O6'
#
# COMPACT_ATOMS: atom_id res chain seq x y z
N ASN A 1 18.78 24.48 34.69
CA ASN A 1 17.51 24.29 35.38
C ASN A 1 16.67 25.55 35.33
N VAL A 2 15.36 25.39 35.08
CA VAL A 2 14.48 26.53 34.91
C VAL A 2 14.19 27.24 36.24
N GLU A 3 14.34 26.55 37.37
CA GLU A 3 14.11 27.18 38.66
C GLU A 3 15.28 28.06 39.10
N GLU A 4 16.51 27.66 38.77
CA GLU A 4 17.68 28.38 39.27
C GLU A 4 17.93 29.69 38.56
N GLU A 5 17.42 29.87 37.34
CA GLU A 5 17.59 31.16 36.68
C GLU A 5 16.80 32.24 37.40
N THR A 6 17.33 33.46 37.36
CA THR A 6 16.67 34.62 37.94
C THR A 6 15.90 35.30 36.81
N LYS A 7 14.58 35.30 36.91
CA LYS A 7 13.79 35.77 35.79
C LYS A 7 13.47 37.25 35.94
N TYR A 8 12.78 37.80 34.95
CA TYR A 8 12.51 39.24 34.89
C TYR A 8 11.09 39.46 34.40
N ILE A 9 10.35 40.30 35.11
CA ILE A 9 8.99 40.68 34.73
C ILE A 9 9.05 42.08 34.17
N GLU A 10 8.80 42.21 32.87
CA GLU A 10 8.63 43.52 32.26
C GLU A 10 7.24 44.02 32.61
N LEU A 11 7.17 45.18 33.24
CA LEU A 11 5.92 45.66 33.83
C LEU A 11 5.61 47.05 33.32
N MET A 12 4.37 47.26 32.91
CA MET A 12 3.85 48.57 32.59
C MET A 12 2.70 48.87 33.54
N ILE A 13 2.74 50.02 34.20
CA ILE A 13 1.70 50.43 35.13
C ILE A 13 0.91 51.56 34.47
N VAL A 14 -0.41 51.49 34.60
CA VAL A 14 -1.30 52.53 34.10
C VAL A 14 -2.07 53.11 35.28
N ASN A 15 -1.88 54.40 35.53
CA ASN A 15 -2.57 55.10 36.60
C ASN A 15 -3.76 55.84 36.01
N ASP A 16 -4.96 55.54 36.51
CA ASP A 16 -6.15 56.20 36.01
C ASP A 16 -6.21 57.63 36.56
N HIS A 17 -7.27 58.36 36.19
CA HIS A 17 -7.35 59.76 36.55
C HIS A 17 -7.52 59.94 38.06
N LEU A 18 -8.23 59.02 38.72
CA LEU A 18 -8.43 59.17 40.17
C LEU A 18 -7.12 59.05 40.93
N MET A 19 -6.25 58.12 40.52
CA MET A 19 -4.91 58.04 41.11
C MET A 19 -4.11 59.31 40.83
N PHE A 20 -4.15 59.80 39.59
CA PHE A 20 -3.45 61.04 39.24
C PHE A 20 -3.90 62.21 40.11
N LYS A 21 -5.20 62.29 40.38
CA LYS A 21 -5.71 63.32 41.28
C LYS A 21 -5.30 63.07 42.72
N LYS A 22 -5.20 61.80 43.12
CA LYS A 22 -4.91 61.50 44.52
C LYS A 22 -3.55 62.03 44.95
N HIS A 23 -2.58 62.16 44.04
CA HIS A 23 -1.37 62.90 44.41
C HIS A 23 -1.40 64.19 43.58
N ARG A 24 -1.70 65.32 44.24
CA ARG A 24 -1.26 66.67 43.88
C ARG A 24 -1.51 66.98 42.39
N LEU A 25 -2.52 66.37 41.79
CA LEU A 25 -2.76 66.52 40.36
C LEU A 25 -1.43 66.42 39.61
N SER A 26 -0.55 65.51 40.04
CA SER A 26 0.86 65.58 39.69
C SER A 26 1.38 64.33 39.01
N VAL A 27 2.14 64.53 37.93
CA VAL A 27 2.75 63.41 37.21
C VAL A 27 3.98 62.89 37.96
N VAL A 28 4.81 63.78 38.51
CA VAL A 28 6.02 63.35 39.20
C VAL A 28 5.67 62.60 40.47
N HIS A 29 4.64 63.05 41.20
CA HIS A 29 4.27 62.39 42.45
C HIS A 29 3.66 61.01 42.18
N THR A 30 2.75 60.93 41.22
CA THR A 30 2.19 59.63 40.84
C THR A 30 3.30 58.68 40.38
N ASN A 31 4.23 59.19 39.57
CA ASN A 31 5.32 58.36 39.08
C ASN A 31 6.17 57.83 40.23
N THR A 32 6.62 58.74 41.12
CA THR A 32 7.48 58.30 42.23
C THR A 32 6.74 57.34 43.16
N TYR A 33 5.45 57.58 43.38
CA TYR A 33 4.67 56.69 44.24
C TYR A 33 4.56 55.29 43.64
N ALA A 34 4.11 55.20 42.38
CA ALA A 34 4.02 53.90 41.73
C ALA A 34 5.38 53.21 41.68
N LYS A 35 6.44 53.97 41.38
CA LYS A 35 7.79 53.41 41.38
C LYS A 35 8.15 52.84 42.74
N SER A 36 7.70 53.50 43.81
CA SER A 36 7.97 52.99 45.16
C SER A 36 7.21 51.69 45.41
N VAL A 37 5.93 51.64 45.02
CA VAL A 37 5.16 50.39 45.14
C VAL A 37 5.88 49.25 44.44
N VAL A 38 6.27 49.47 43.18
CA VAL A 38 7.00 48.46 42.41
C VAL A 38 8.32 48.14 43.10
N ASN A 39 8.93 49.11 43.76
CA ASN A 39 10.18 48.87 44.48
C ASN A 39 9.96 47.87 45.61
N MET A 40 8.92 48.07 46.42
CA MET A 40 8.69 47.16 47.55
C MET A 40 8.27 45.78 47.06
N ALA A 41 7.33 45.71 46.12
CA ALA A 41 6.95 44.42 45.55
C ALA A 41 8.16 43.70 44.98
N ASP A 42 9.03 44.42 44.27
CA ASP A 42 10.26 43.85 43.74
C ASP A 42 11.18 43.36 44.85
N LEU A 43 11.19 44.06 46.00
CA LEU A 43 11.97 43.58 47.13
C LEU A 43 11.43 42.26 47.64
N ILE A 44 10.11 42.09 47.62
CA ILE A 44 9.51 40.82 48.02
C ILE A 44 9.90 39.71 47.04
N TYR A 45 9.67 39.95 45.75
CA TYR A 45 9.90 38.92 44.74
C TYR A 45 11.36 38.53 44.63
N LYS A 46 12.29 39.48 44.80
CA LYS A 46 13.71 39.18 44.65
C LYS A 46 14.15 38.10 45.63
N ASP A 47 13.86 38.31 46.92
CA ASP A 47 14.19 37.30 47.93
C ASP A 47 13.38 36.04 47.72
N GLN A 48 12.04 36.16 47.59
CA GLN A 48 11.14 35.02 47.69
C GLN A 48 11.14 34.17 46.42
N LEU A 49 10.70 34.74 45.27
CA LEU A 49 10.44 33.97 44.07
C LEU A 49 11.63 33.86 43.13
N LYS A 50 12.79 34.42 43.48
CA LYS A 50 13.95 34.48 42.59
C LYS A 50 13.59 35.14 41.26
N THR A 51 12.75 36.17 41.32
CA THR A 51 12.29 36.87 40.14
C THR A 51 12.35 38.37 40.39
N ARG A 52 12.90 39.12 39.44
CA ARG A 52 12.99 40.56 39.56
C ARG A 52 11.85 41.20 38.76
N ILE A 53 11.30 42.28 39.29
CA ILE A 53 10.22 43.02 38.64
C ILE A 53 10.78 44.37 38.20
N VAL A 54 10.84 44.59 36.89
CA VAL A 54 11.35 45.84 36.32
C VAL A 54 10.21 46.50 35.56
N LEU A 55 10.01 47.79 35.79
CA LEU A 55 8.97 48.55 35.11
C LEU A 55 9.59 49.25 33.91
N VAL A 56 9.22 48.81 32.70
CA VAL A 56 9.76 49.44 31.50
C VAL A 56 8.98 50.66 31.02
N ALA A 57 7.76 50.88 31.51
CA ALA A 57 6.95 51.97 30.99
C ALA A 57 5.89 52.35 32.02
N MET A 58 5.36 53.56 31.88
CA MET A 58 4.20 53.99 32.65
C MET A 58 3.38 54.96 31.80
N GLU A 59 2.05 54.87 31.93
CA GLU A 59 1.16 55.84 31.32
C GLU A 59 0.10 56.22 32.33
N THR A 60 -0.02 57.51 32.64
CA THR A 60 -1.07 58.04 33.49
C THR A 60 -1.95 58.96 32.65
N TRP A 61 -3.27 58.85 32.81
CA TRP A 61 -4.18 59.70 32.06
C TRP A 61 -4.54 60.90 32.92
N ALA A 62 -4.06 62.09 32.52
CA ALA A 62 -4.55 63.32 33.10
C ALA A 62 -5.79 63.87 32.41
N THR A 63 -6.10 63.38 31.21
CA THR A 63 -7.16 64.01 30.41
C THR A 63 -8.56 63.61 30.87
N ASP A 64 -8.79 62.31 31.07
CA ASP A 64 -10.10 61.79 31.43
C ASP A 64 -10.00 60.27 31.52
N ASN A 65 -10.99 59.65 32.17
CA ASN A 65 -11.06 58.20 32.18
C ASN A 65 -11.45 57.68 30.81
N LYS A 66 -10.71 56.70 30.30
CA LYS A 66 -10.94 56.22 28.94
C LYS A 66 -12.19 55.35 28.84
N PHE A 67 -12.35 54.41 29.76
CA PHE A 67 -13.48 53.49 29.78
C PHE A 67 -14.29 53.67 31.07
N ALA A 68 -15.32 52.84 31.22
CA ALA A 68 -16.23 52.91 32.35
C ALA A 68 -15.74 52.00 33.46
N ILE A 69 -15.38 52.58 34.59
CA ILE A 69 -14.88 51.83 35.75
C ILE A 69 -16.04 51.23 36.52
N SER A 70 -15.82 50.07 37.12
CA SER A 70 -16.84 49.35 37.87
C SER A 70 -16.36 49.11 39.29
N GLU A 71 -17.33 48.98 40.21
CA GLU A 71 -16.99 48.59 41.58
C GLU A 71 -16.57 47.13 41.66
N ASN A 72 -16.88 46.33 40.65
CA ASN A 72 -16.46 44.94 40.62
C ASN A 72 -15.06 44.85 40.02
N PRO A 73 -14.07 44.28 40.73
CA PRO A 73 -12.71 44.23 40.16
C PRO A 73 -12.61 43.38 38.91
N LEU A 74 -13.45 42.35 38.77
CA LEU A 74 -13.37 41.48 37.60
C LEU A 74 -13.80 42.21 36.33
N ILE A 75 -14.90 42.95 36.41
CA ILE A 75 -15.36 43.75 35.28
C ILE A 75 -14.29 44.77 34.89
N THR A 76 -13.72 45.45 35.89
CA THR A 76 -12.65 46.40 35.63
C THR A 76 -11.45 45.72 34.98
N LEU A 77 -11.18 44.46 35.35
CA LEU A 77 -10.09 43.72 34.71
C LEU A 77 -10.39 43.48 33.24
N ARG A 78 -11.59 42.98 32.94
CA ARG A 78 -11.97 42.74 31.55
C ARG A 78 -11.86 44.01 30.73
N GLU A 79 -12.47 45.10 31.20
CA GLU A 79 -12.47 46.35 30.44
C GLU A 79 -11.05 46.89 30.29
N PHE A 80 -10.23 46.79 31.34
CA PHE A 80 -8.86 47.29 31.25
C PHE A 80 -8.05 46.50 30.24
N MET A 81 -8.25 45.18 30.18
CA MET A 81 -7.54 44.39 29.18
C MET A 81 -8.07 44.67 27.78
N LYS A 82 -9.35 45.05 27.68
CA LYS A 82 -9.88 45.55 26.41
C LYS A 82 -9.16 46.82 26.00
N TYR A 83 -8.92 47.73 26.95
CA TYR A 83 -8.19 48.95 26.63
C TYR A 83 -6.76 48.65 26.21
N ARG A 84 -6.07 47.73 26.89
CA ARG A 84 -4.71 47.41 26.50
C ARG A 84 -4.68 46.79 25.11
N ARG A 85 -5.61 45.87 24.83
CA ARG A 85 -5.61 45.19 23.53
C ARG A 85 -5.96 46.17 22.41
N ASP A 86 -6.98 47.00 22.61
CA ASP A 86 -7.44 47.88 21.55
C ASP A 86 -6.62 49.16 21.42
N PHE A 87 -5.80 49.49 22.42
CA PHE A 87 -5.13 50.79 22.42
C PHE A 87 -3.62 50.66 22.62
N ILE A 88 -3.20 50.22 23.82
CA ILE A 88 -1.78 50.27 24.14
C ILE A 88 -1.00 49.39 23.18
N LYS A 89 0.00 49.97 22.52
CA LYS A 89 0.94 49.24 21.68
C LYS A 89 2.24 48.90 22.37
N GLU A 90 2.41 49.29 23.63
CA GLU A 90 3.71 49.14 24.28
C GLU A 90 4.02 47.67 24.53
N LYS A 91 5.31 47.32 24.42
CA LYS A 91 5.76 45.97 24.65
C LYS A 91 6.09 45.79 26.13
N SER A 92 5.43 44.84 26.78
CA SER A 92 5.70 44.51 28.17
C SER A 92 5.21 43.10 28.44
N ASP A 93 5.73 42.50 29.51
CA ASP A 93 5.27 41.19 29.92
C ASP A 93 3.95 41.25 30.66
N ALA A 94 3.68 42.36 31.36
CA ALA A 94 2.43 42.53 32.08
C ALA A 94 2.08 44.00 32.14
N VAL A 95 0.79 44.28 32.22
CA VAL A 95 0.26 45.64 32.34
C VAL A 95 -0.76 45.65 33.46
N HIS A 96 -0.52 46.45 34.49
CA HIS A 96 -1.39 46.49 35.66
C HIS A 96 -1.93 47.90 35.85
N LEU A 97 -3.18 47.98 36.30
CA LEU A 97 -3.87 49.24 36.52
C LEU A 97 -3.84 49.60 38.00
N PHE A 98 -3.45 50.84 38.30
CA PHE A 98 -3.54 51.42 39.63
C PHE A 98 -4.75 52.34 39.64
N SER A 99 -5.78 51.98 40.40
CA SER A 99 -7.04 52.71 40.41
C SER A 99 -7.22 53.41 41.74
N GLY A 100 -7.52 54.71 41.69
CA GLY A 100 -7.81 55.47 42.88
C GLY A 100 -9.17 55.20 43.48
N SER A 101 -10.10 54.66 42.70
CA SER A 101 -11.41 54.32 43.22
C SER A 101 -11.33 53.11 44.13
N GLN A 102 -12.30 52.98 45.02
CA GLN A 102 -12.40 51.82 45.89
C GLN A 102 -13.40 50.83 45.31
N PHE A 103 -12.93 49.62 45.07
CA PHE A 103 -13.85 48.53 44.72
C PHE A 103 -14.63 48.11 45.95
N GLU A 104 -15.81 47.55 45.74
CA GLU A 104 -16.46 46.79 46.81
C GLU A 104 -16.23 45.33 46.46
N SER A 105 -15.38 44.68 47.24
CA SER A 105 -15.00 43.28 47.00
C SER A 105 -14.43 42.73 48.28
N SER A 106 -14.39 41.39 48.37
CA SER A 106 -13.55 40.78 49.37
C SER A 106 -12.08 40.97 49.02
N ARG A 107 -11.78 41.06 47.73
CA ARG A 107 -10.41 41.14 47.20
C ARG A 107 -10.03 42.59 46.94
N SER A 108 -8.76 42.92 47.22
CA SER A 108 -8.24 44.24 46.91
C SER A 108 -7.89 44.43 45.44
N GLY A 109 -7.89 43.36 44.64
CA GLY A 109 -7.56 43.46 43.23
C GLY A 109 -7.87 42.16 42.53
N ALA A 110 -7.73 42.18 41.21
CA ALA A 110 -8.05 41.00 40.40
C ALA A 110 -7.05 40.83 39.28
N ALA A 111 -6.65 39.59 39.02
CA ALA A 111 -5.73 39.29 37.94
C ALA A 111 -6.03 37.90 37.40
N TYR A 112 -5.79 37.72 36.10
CA TYR A 112 -6.07 36.44 35.45
C TYR A 112 -5.02 35.40 35.85
N ILE A 113 -5.49 34.22 36.25
CA ILE A 113 -4.60 33.16 36.70
C ILE A 113 -3.81 32.61 35.52
N GLY A 114 -2.49 32.55 35.67
CA GLY A 114 -1.63 32.02 34.62
C GLY A 114 -1.67 32.78 33.33
N GLY A 115 -2.05 34.06 33.36
CA GLY A 115 -2.18 34.87 32.17
C GLY A 115 -0.94 35.61 31.73
N ILE A 116 0.22 35.32 32.32
CA ILE A 116 1.44 36.02 31.95
C ILE A 116 1.79 35.74 30.48
N CYS A 117 2.43 36.72 29.84
CA CYS A 117 2.90 36.67 28.45
C CYS A 117 1.74 36.73 27.46
N SER A 118 0.51 36.64 27.95
CA SER A 118 -0.66 36.72 27.09
C SER A 118 -1.00 38.19 26.83
N LEU A 119 -1.50 38.45 25.62
CA LEU A 119 -1.96 39.81 25.32
C LEU A 119 -3.26 40.12 26.04
N LEU A 120 -4.24 39.21 25.95
CA LEU A 120 -5.56 39.42 26.55
C LEU A 120 -5.56 39.17 28.05
N LYS A 121 -4.86 38.14 28.50
CA LYS A 121 -4.80 37.67 29.87
C LYS A 121 -3.63 38.25 30.68
N GLY A 122 -2.88 39.19 30.12
CA GLY A 122 -1.54 39.48 30.58
C GLY A 122 -1.33 40.45 31.73
N GLY A 123 -2.36 40.73 32.52
CA GLY A 123 -2.19 41.72 33.56
C GLY A 123 -3.40 41.76 34.48
N GLY A 124 -3.45 42.81 35.31
CA GLY A 124 -4.43 42.85 36.37
C GLY A 124 -4.76 44.28 36.79
N VAL A 125 -5.63 44.38 37.79
CA VAL A 125 -6.11 45.64 38.32
C VAL A 125 -5.97 45.65 39.84
N ASN A 126 -5.48 46.76 40.38
CA ASN A 126 -5.21 46.92 41.80
C ASN A 126 -5.82 48.23 42.27
N GLU A 127 -6.61 48.18 43.35
CA GLU A 127 -7.23 49.39 43.86
C GLU A 127 -6.21 50.23 44.63
N PHE A 128 -6.65 51.39 45.10
CA PHE A 128 -5.78 52.31 45.81
C PHE A 128 -5.55 51.86 47.24
N GLY A 129 -4.38 52.22 47.78
CA GLY A 129 -4.07 51.96 49.17
C GLY A 129 -2.83 52.70 49.57
N LYS A 130 -2.30 52.36 50.74
CA LYS A 130 -1.03 52.92 51.14
C LYS A 130 0.10 52.27 50.32
N THR A 131 1.33 52.75 50.55
CA THR A 131 2.46 52.26 49.77
C THR A 131 2.65 50.76 49.93
N ASP A 132 2.79 50.31 51.17
CA ASP A 132 3.02 48.89 51.45
C ASP A 132 1.79 48.05 51.10
N LEU A 133 0.59 48.55 51.43
CA LEU A 133 -0.63 47.79 51.14
C LEU A 133 -0.79 47.57 49.64
N MET A 134 -0.62 48.62 48.85
CA MET A 134 -0.69 48.46 47.40
C MET A 134 0.47 47.62 46.87
N ALA A 135 1.61 47.63 47.56
CA ALA A 135 2.69 46.72 47.19
C ALA A 135 2.26 45.28 47.36
N VAL A 136 1.54 44.98 48.45
CA VAL A 136 1.02 43.64 48.65
C VAL A 136 -0.02 43.30 47.59
N THR A 137 -0.90 44.25 47.29
CA THR A 137 -1.93 44.02 46.28
C THR A 137 -1.30 43.68 44.92
N LEU A 138 -0.33 44.48 44.49
CA LEU A 138 0.40 44.16 43.26
C LEU A 138 1.08 42.81 43.37
N ALA A 139 1.61 42.49 44.56
CA ALA A 139 2.28 41.21 44.74
C ALA A 139 1.34 40.03 44.50
N GLN A 140 0.11 40.11 45.01
CA GLN A 140 -0.82 39.00 44.82
C GLN A 140 -1.43 38.98 43.43
N SER A 141 -1.65 40.15 42.82
CA SER A 141 -2.12 40.17 41.44
C SER A 141 -1.09 39.54 40.51
N LEU A 142 0.16 40.01 40.57
CA LEU A 142 1.23 39.37 39.81
C LEU A 142 1.39 37.91 40.20
N ALA A 143 1.09 37.55 41.45
CA ALA A 143 1.09 36.16 41.85
C ALA A 143 0.05 35.36 41.07
N HIS A 144 -1.14 35.92 40.87
CA HIS A 144 -2.14 35.28 40.02
C HIS A 144 -1.64 35.14 38.59
N ASN A 145 -1.07 36.22 38.03
CA ASN A 145 -0.58 36.15 36.67
C ASN A 145 0.54 35.11 36.52
N ILE A 146 1.32 34.89 37.59
CA ILE A 146 2.49 34.02 37.51
C ILE A 146 2.18 32.57 37.87
N GLY A 147 0.94 32.24 38.21
CA GLY A 147 0.57 30.86 38.48
C GLY A 147 0.42 30.48 39.95
N ILE A 148 0.62 31.43 40.86
CA ILE A 148 0.49 31.16 42.29
C ILE A 148 -0.97 31.24 42.71
N ILE A 149 -1.43 30.26 43.50
CA ILE A 149 -2.79 30.28 44.01
C ILE A 149 -2.75 30.26 45.54
N SER A 150 -3.80 30.82 46.14
CA SER A 150 -3.93 30.87 47.60
C SER A 150 -4.40 29.54 48.20
N ASP A 151 -5.34 28.87 47.55
CA ASP A 151 -6.09 27.79 48.17
C ASP A 151 -5.81 26.49 47.40
N LYS A 152 -6.03 25.37 48.10
CA LYS A 152 -5.60 24.06 47.64
C LYS A 152 -6.04 23.02 48.66
N ARG A 153 -6.04 21.75 48.23
CA ARG A 153 -6.36 20.67 49.15
C ARG A 153 -5.28 20.51 50.20
N LYS A 154 -4.04 20.76 49.83
CA LYS A 154 -2.94 20.73 50.79
C LYS A 154 -3.12 21.82 51.85
N LEU A 155 -3.51 23.02 51.43
CA LEU A 155 -3.65 24.12 52.37
C LEU A 155 -4.92 24.00 53.20
N ALA A 156 -6.04 23.63 52.59
CA ALA A 156 -7.27 23.43 53.34
C ALA A 156 -7.13 22.27 54.32
N SER A 157 -6.42 21.21 53.92
CA SER A 157 -6.16 20.08 54.78
C SER A 157 -5.12 20.38 55.85
N GLY A 158 -4.39 21.47 55.73
CA GLY A 158 -3.30 21.80 56.64
C GLY A 158 -1.92 21.31 56.21
N GLU A 159 -1.81 20.61 55.09
CA GLU A 159 -0.49 20.20 54.60
C GLU A 159 0.35 21.41 54.22
N CYS A 160 -0.27 22.41 53.60
CA CYS A 160 0.37 23.67 53.27
C CYS A 160 0.01 24.69 54.34
N LYS A 161 1.03 25.37 54.87
CA LYS A 161 0.84 26.25 56.01
C LYS A 161 1.70 27.50 55.86
N CYS A 162 1.10 28.65 56.18
CA CYS A 162 1.85 29.89 56.36
C CYS A 162 2.43 29.84 57.76
N GLU A 163 3.75 29.93 57.87
CA GLU A 163 4.41 29.71 59.16
C GLU A 163 4.54 30.97 59.99
N ASP A 164 4.05 32.11 59.51
CA ASP A 164 4.03 33.33 60.31
C ASP A 164 2.67 33.43 60.97
N THR A 165 2.66 33.30 62.31
CA THR A 165 1.42 33.41 63.06
C THR A 165 0.99 34.86 63.26
N TRP A 166 1.95 35.78 63.33
CA TRP A 166 1.64 37.18 63.61
C TRP A 166 1.07 37.87 62.38
N SER A 167 1.71 37.70 61.24
CA SER A 167 1.25 38.31 60.01
C SER A 167 0.90 37.19 59.03
N GLY A 168 0.05 37.53 58.08
CA GLY A 168 -0.42 36.56 57.11
C GLY A 168 0.65 36.28 56.08
N CYS A 169 0.22 35.67 54.98
CA CYS A 169 1.05 35.45 53.82
C CYS A 169 0.37 36.14 52.63
N ILE A 170 1.15 36.37 51.58
CA ILE A 170 0.69 37.27 50.51
C ILE A 170 -0.63 36.80 49.93
N MET A 171 -0.77 35.49 49.70
CA MET A 171 -1.97 34.99 49.07
C MET A 171 -3.17 34.98 50.01
N GLY A 172 -2.95 35.14 51.32
CA GLY A 172 -4.03 35.16 52.27
C GLY A 172 -4.67 36.53 52.40
N ASP A 173 -5.69 36.60 53.25
CA ASP A 173 -6.34 37.87 53.55
C ASP A 173 -5.36 38.82 54.23
N THR A 174 -5.41 40.08 53.82
CA THR A 174 -4.49 41.09 54.32
C THR A 174 -5.21 41.97 55.34
N GLY A 175 -4.66 42.01 56.55
CA GLY A 175 -5.14 42.86 57.62
C GLY A 175 -4.32 44.12 57.73
N TYR A 176 -4.22 44.64 58.96
CA TYR A 176 -3.38 45.80 59.20
C TYR A 176 -1.91 45.43 59.11
N TYR A 177 -1.56 44.23 59.55
CA TYR A 177 -0.18 43.75 59.51
C TYR A 177 0.06 43.01 58.20
N LEU A 178 0.99 43.52 57.40
CA LEU A 178 1.15 43.10 56.01
C LEU A 178 2.15 41.96 55.91
N PRO A 179 1.83 40.92 55.14
CA PRO A 179 2.75 39.77 54.98
C PRO A 179 4.03 40.16 54.25
N LYS A 180 5.17 39.75 54.80
CA LYS A 180 6.44 39.86 54.12
C LYS A 180 6.83 38.64 53.29
N LYS A 181 6.12 37.51 53.38
CA LYS A 181 6.70 36.28 52.84
C LYS A 181 5.65 35.34 52.28
N PHE A 182 6.04 34.62 51.22
CA PHE A 182 5.25 33.56 50.61
C PHE A 182 5.43 32.22 51.33
N THR A 183 4.36 31.45 51.39
CA THR A 183 4.48 30.06 51.82
C THR A 183 5.32 29.28 50.82
N GLN A 184 6.01 28.25 51.32
CA GLN A 184 6.80 27.39 50.43
C GLN A 184 5.93 26.74 49.36
N CYS A 185 4.67 26.45 49.68
CA CYS A 185 3.77 25.85 48.69
C CYS A 185 3.53 26.81 47.52
N ASN A 186 3.48 28.11 47.79
CA ASN A 186 3.36 29.06 46.68
C ASN A 186 4.59 29.02 45.79
N ILE A 187 5.78 28.88 46.40
CA ILE A 187 7.01 28.71 45.64
C ILE A 187 6.93 27.49 44.74
N GLU A 188 6.51 26.35 45.31
CA GLU A 188 6.43 25.13 44.51
C GLU A 188 5.34 25.21 43.45
N GLU A 189 4.30 26.00 43.69
CA GLU A 189 3.28 26.22 42.66
C GLU A 189 3.85 27.04 41.51
N TYR A 190 4.69 28.03 41.84
CA TYR A 190 5.40 28.77 40.79
C TYR A 190 6.31 27.85 39.99
N HIS A 191 7.07 26.99 40.69
CA HIS A 191 7.95 26.07 40.00
C HIS A 191 7.19 25.09 39.14
N ASP A 192 6.00 24.67 39.59
CA ASP A 192 5.15 23.81 38.77
C ASP A 192 4.65 24.55 37.53
N PHE A 193 4.27 25.82 37.70
CA PHE A 193 3.85 26.63 36.56
C PHE A 193 4.97 26.77 35.54
N LEU A 194 6.20 26.96 36.00
CA LEU A 194 7.33 27.08 35.07
C LEU A 194 7.65 25.75 34.41
N ASN A 195 7.55 24.65 35.17
CA ASN A 195 7.86 23.33 34.61
C ASN A 195 6.82 22.85 33.61
N SER A 196 5.65 23.48 33.56
CA SER A 196 4.64 23.14 32.57
C SER A 196 4.81 23.90 31.26
N GLY A 197 5.79 24.81 31.18
CA GLY A 197 6.06 25.55 29.97
C GLY A 197 5.56 26.97 29.97
N GLY A 198 4.80 27.39 30.99
CA GLY A 198 4.26 28.73 31.01
C GLY A 198 5.29 29.78 31.39
N GLY A 199 4.98 31.02 31.01
CA GLY A 199 5.84 32.14 31.36
C GLY A 199 7.19 32.14 30.66
N ALA A 200 7.20 31.87 29.35
CA ALA A 200 8.46 31.90 28.60
C ALA A 200 8.98 33.32 28.42
N CYS A 201 8.09 34.30 28.28
CA CYS A 201 8.49 35.68 28.03
C CYS A 201 9.24 36.32 29.18
N LEU A 202 9.32 35.66 30.35
CA LEU A 202 9.90 36.26 31.54
C LEU A 202 11.42 36.15 31.61
N PHE A 203 12.08 35.53 30.64
CA PHE A 203 13.52 35.29 30.72
C PHE A 203 14.36 36.39 30.10
N ASN A 204 13.75 37.44 29.53
CA ASN A 204 14.51 38.53 28.94
C ASN A 204 14.80 39.60 29.98
N LYS A 205 16.07 40.02 30.06
CA LYS A 205 16.50 41.00 31.05
C LYS A 205 16.49 42.39 30.42
N PRO A 206 15.68 43.33 30.90
CA PRO A 206 15.64 44.65 30.25
C PRO A 206 16.98 45.37 30.43
N SER A 207 17.49 45.93 29.32
CA SER A 207 18.70 46.72 29.41
C SER A 207 18.44 48.21 29.65
N LYS A 208 17.19 48.65 29.55
CA LYS A 208 16.84 50.06 29.75
C LYS A 208 15.84 50.20 30.88
N LEU A 209 16.24 50.82 31.98
CA LEU A 209 15.29 51.38 32.92
C LEU A 209 14.80 52.74 32.42
N LEU A 210 13.59 53.10 32.85
CA LEU A 210 13.01 54.40 32.55
C LEU A 210 13.60 55.51 33.41
N ASP A 211 14.44 55.15 34.40
CA ASP A 211 15.00 55.98 35.46
C ASP A 211 16.52 56.12 35.29
N PRO A 212 17.11 57.20 35.79
CA PRO A 212 18.53 57.44 35.55
C PRO A 212 19.38 56.28 36.03
N PRO A 213 20.49 56.01 35.36
CA PRO A 213 21.30 54.82 35.67
C PRO A 213 21.93 54.89 37.06
N GLU A 214 22.25 53.72 37.58
CA GLU A 214 22.94 53.58 38.86
C GLU A 214 23.87 52.38 38.77
N CYS A 215 25.04 52.50 39.39
CA CYS A 215 26.04 51.43 39.34
C CYS A 215 25.90 50.51 40.54
N GLY A 216 26.03 49.21 40.30
CA GLY A 216 25.90 48.22 41.35
C GLY A 216 24.48 47.81 41.68
N ASN A 217 23.50 48.23 40.88
CA ASN A 217 22.11 47.88 41.12
C ASN A 217 21.71 46.52 40.55
N GLY A 218 22.54 45.92 39.71
CA GLY A 218 22.21 44.63 39.11
C GLY A 218 21.74 44.68 37.68
N PHE A 219 21.71 45.86 37.06
CA PHE A 219 21.28 46.00 35.67
C PHE A 219 22.29 46.84 34.91
N ILE A 220 22.45 46.53 33.62
CA ILE A 220 23.37 47.26 32.76
C ILE A 220 22.62 48.40 32.11
N GLU A 221 23.05 49.62 32.38
CA GLU A 221 22.36 50.85 31.88
C GLU A 221 23.34 51.74 31.12
N THR A 222 22.81 52.63 30.28
CA THR A 222 23.62 53.51 29.45
C THR A 222 24.70 54.19 30.29
N GLY A 223 25.94 54.13 29.81
CA GLY A 223 27.07 54.70 30.51
C GLY A 223 27.95 53.69 31.21
N GLU A 224 27.46 52.45 31.33
CA GLU A 224 28.23 51.35 31.98
C GLU A 224 28.23 50.13 31.03
N GLU A 225 29.39 49.53 30.79
CA GLU A 225 29.48 48.37 29.93
C GLU A 225 29.28 47.05 30.67
N CYS A 226 29.20 47.08 32.01
CA CYS A 226 28.94 45.89 32.78
C CYS A 226 28.27 46.27 34.10
N ASP A 227 27.58 45.29 34.68
CA ASP A 227 27.05 45.44 36.03
C ASP A 227 26.84 44.07 36.64
N CYS A 228 26.75 44.05 37.97
CA CYS A 228 26.49 42.83 38.72
C CYS A 228 25.48 43.19 39.80
N GLY A 229 25.08 42.20 40.62
CA GLY A 229 23.98 42.44 41.54
C GLY A 229 24.32 43.45 42.61
N THR A 230 25.41 43.22 43.34
CA THR A 230 25.96 44.19 44.28
C THR A 230 27.47 44.06 44.25
N PRO A 231 28.20 45.14 44.56
CA PRO A 231 29.66 45.02 44.66
C PRO A 231 30.11 43.94 45.63
N ALA A 232 29.28 43.63 46.63
CA ALA A 232 29.57 42.52 47.55
C ALA A 232 29.29 41.18 46.89
N GLU A 233 28.15 41.03 46.21
CA GLU A 233 27.81 39.78 45.54
C GLU A 233 28.48 39.65 44.17
N CYS A 234 29.11 40.71 43.68
CA CYS A 234 29.85 40.65 42.43
C CYS A 234 31.02 39.66 42.49
N VAL A 235 31.51 39.36 43.69
CA VAL A 235 32.65 38.45 43.82
C VAL A 235 32.32 37.06 43.29
N LEU A 236 31.05 36.65 43.32
CA LEU A 236 30.69 35.35 42.78
C LEU A 236 30.86 35.31 41.27
N GLU A 237 30.25 36.27 40.56
CA GLU A 237 30.37 36.35 39.11
C GLU A 237 30.57 37.78 38.67
N GLY A 238 31.52 38.00 37.77
CA GLY A 238 31.81 39.32 37.25
C GLY A 238 32.94 40.08 37.94
N ALA A 239 33.45 39.57 39.06
CA ALA A 239 34.49 40.30 39.78
C ALA A 239 35.77 40.39 38.98
N GLU A 240 36.14 39.30 38.29
CA GLU A 240 37.35 39.30 37.47
C GLU A 240 37.24 40.26 36.28
N CYS A 241 36.03 40.67 35.92
CA CYS A 241 35.80 41.51 34.75
C CYS A 241 35.39 42.92 35.14
N CYS A 242 34.22 43.08 35.76
CA CYS A 242 33.65 44.39 35.99
C CYS A 242 34.38 45.12 37.12
N LYS A 243 34.83 46.35 36.84
CA LYS A 243 35.42 47.23 37.84
C LYS A 243 34.85 48.62 37.66
N LYS A 244 34.26 49.18 38.73
CA LYS A 244 33.58 50.48 38.69
C LYS A 244 32.58 50.54 37.53
N CYS A 245 31.83 49.44 37.37
CA CYS A 245 30.85 49.28 36.29
C CYS A 245 31.49 49.50 34.92
N THR A 246 32.73 49.04 34.76
CA THR A 246 33.43 49.12 33.49
C THR A 246 34.32 47.89 33.34
N LEU A 247 34.41 47.38 32.11
CA LEU A 247 35.18 46.18 31.82
C LEU A 247 36.58 46.54 31.39
N THR A 248 37.56 45.75 31.84
CA THR A 248 38.91 45.88 31.30
C THR A 248 38.96 45.26 29.90
N GLN A 249 40.13 45.35 29.27
CA GLN A 249 40.23 45.01 27.86
C GLN A 249 40.00 43.52 27.57
N ASP A 250 40.41 42.64 28.48
CA ASP A 250 40.37 41.21 28.18
C ASP A 250 39.04 40.55 28.48
N SER A 251 38.06 41.30 28.99
CA SER A 251 36.79 40.73 29.40
C SER A 251 35.73 41.10 28.37
N GLN A 252 35.16 40.07 27.72
CA GLN A 252 34.05 40.30 26.80
C GLN A 252 32.73 40.48 27.56
N CYS A 253 32.48 39.64 28.56
CA CYS A 253 31.22 39.63 29.28
C CYS A 253 31.48 39.70 30.79
N SER A 254 30.54 40.31 31.51
CA SER A 254 30.64 40.38 32.96
C SER A 254 30.18 39.08 33.61
N ASP A 255 28.90 38.75 33.47
CA ASP A 255 28.34 37.57 34.10
C ASP A 255 27.13 37.11 33.29
N GLY A 256 26.78 35.85 33.45
CA GLY A 256 25.62 35.31 32.77
C GLY A 256 25.76 33.81 32.57
N LEU A 257 24.72 33.23 31.96
CA LEU A 257 24.76 31.81 31.62
C LEU A 257 25.71 31.53 30.47
N CYS A 258 25.87 32.48 29.56
CA CYS A 258 26.77 32.33 28.42
C CYS A 258 28.17 32.86 28.71
N CYS A 259 28.41 33.35 29.92
CA CYS A 259 29.69 33.94 30.30
C CYS A 259 30.43 32.99 31.23
N LYS A 260 31.64 32.56 30.83
CA LYS A 260 32.53 31.82 31.71
C LYS A 260 33.89 32.50 31.73
N LYS A 261 34.28 33.01 32.89
CA LYS A 261 35.55 33.68 33.12
C LYS A 261 35.82 34.77 32.07
N CYS A 262 34.98 35.79 32.09
CA CYS A 262 35.15 37.01 31.29
C CYS A 262 35.29 36.71 29.79
N LYS A 263 34.66 35.62 29.31
CA LYS A 263 34.72 35.27 27.90
C LYS A 263 33.39 34.69 27.44
N PHE A 264 33.01 35.02 26.22
CA PHE A 264 31.80 34.50 25.60
C PHE A 264 31.90 32.98 25.40
N GLN A 265 30.85 32.26 25.77
CA GLN A 265 30.79 30.85 25.41
C GLN A 265 30.45 30.70 23.93
N PRO A 266 30.96 29.67 23.26
CA PRO A 266 30.83 29.60 21.80
C PRO A 266 29.37 29.53 21.38
N MET A 267 29.09 30.04 20.19
CA MET A 267 27.73 30.02 19.67
C MET A 267 27.31 28.57 19.40
N GLY A 268 26.09 28.25 19.81
CA GLY A 268 25.55 26.91 19.71
C GLY A 268 25.56 26.13 21.00
N THR A 269 26.33 26.58 21.99
CA THR A 269 26.26 25.97 23.31
C THR A 269 24.88 26.21 23.91
N VAL A 270 24.33 25.21 24.58
CA VAL A 270 22.94 25.23 25.01
C VAL A 270 22.89 25.77 26.44
N CYS A 271 22.29 26.96 26.61
CA CYS A 271 22.09 27.49 27.95
C CYS A 271 20.90 26.83 28.65
N ARG A 272 19.79 26.63 27.94
CA ARG A 272 18.58 26.10 28.58
C ARG A 272 17.97 25.02 27.69
N GLU A 273 17.79 23.83 28.26
CA GLU A 273 17.08 22.74 27.61
C GLU A 273 15.58 22.99 27.64
N ALA A 274 14.87 22.29 26.76
CA ALA A 274 13.43 22.44 26.65
C ALA A 274 12.74 21.72 27.81
N VAL A 275 11.81 22.41 28.48
CA VAL A 275 11.16 21.88 29.66
C VAL A 275 10.04 20.90 29.34
N ASN A 276 9.50 20.91 28.12
CA ASN A 276 8.40 20.02 27.77
C ASN A 276 8.33 19.91 26.25
N ASP A 277 7.31 19.21 25.76
CA ASP A 277 7.15 19.01 24.33
C ASP A 277 6.84 20.30 23.59
N CYS A 278 6.35 21.32 24.28
CA CYS A 278 6.05 22.60 23.66
C CYS A 278 7.23 23.55 23.62
N ASP A 279 8.32 23.23 24.32
CA ASP A 279 9.43 24.17 24.47
C ASP A 279 10.52 23.87 23.45
N ILE A 280 11.13 24.93 22.93
CA ILE A 280 12.30 24.82 22.06
C ILE A 280 13.53 25.21 22.89
N ARG A 281 14.57 24.38 22.82
CA ARG A 281 15.79 24.66 23.56
C ARG A 281 16.61 25.75 22.86
N GLU A 282 17.25 26.58 23.66
CA GLU A 282 17.97 27.76 23.18
C GLU A 282 19.47 27.59 23.37
N THR A 283 20.23 28.19 22.46
CA THR A 283 21.68 28.13 22.47
C THR A 283 22.25 29.55 22.54
N CYS A 284 23.45 29.66 23.11
CA CYS A 284 24.11 30.95 23.21
C CYS A 284 24.47 31.48 21.82
N SER A 285 24.21 32.77 21.62
CA SER A 285 24.54 33.43 20.35
C SER A 285 26.02 33.79 20.24
N GLY A 286 26.75 33.86 21.35
CA GLY A 286 28.10 34.38 21.33
C GLY A 286 28.19 35.89 21.35
N ASN A 287 27.07 36.58 21.24
CA ASN A 287 27.00 38.03 21.43
C ASN A 287 26.90 38.41 22.89
N SER A 288 25.81 38.00 23.55
CA SER A 288 25.46 38.52 24.86
C SER A 288 25.64 37.46 25.93
N SER A 289 25.95 37.91 27.14
CA SER A 289 26.18 37.01 28.26
C SER A 289 24.89 36.33 28.70
N GLN A 290 23.75 36.97 28.52
CA GLN A 290 22.49 36.38 28.93
C GLN A 290 21.98 35.43 27.85
N CYS A 291 21.36 34.34 28.29
CA CYS A 291 20.79 33.36 27.37
C CYS A 291 19.72 34.02 26.51
N ALA A 292 19.57 33.52 25.29
CA ALA A 292 18.72 34.17 24.30
C ALA A 292 17.27 34.23 24.81
N PRO A 293 16.48 35.17 24.30
CA PRO A 293 15.06 35.25 24.71
C PRO A 293 14.35 33.91 24.56
N ASN A 294 13.59 33.55 25.59
CA ASN A 294 12.96 32.24 25.64
C ASN A 294 11.89 32.10 24.57
N ILE A 295 11.94 31.00 23.84
CA ILE A 295 11.06 30.73 22.71
C ILE A 295 10.48 29.33 22.87
N HIS A 296 9.24 29.15 22.45
CA HIS A 296 8.59 27.84 22.46
C HIS A 296 7.90 27.62 21.11
N LYS A 297 7.30 26.45 20.97
CA LYS A 297 6.63 26.10 19.73
C LYS A 297 5.40 26.98 19.49
N MET A 298 5.10 27.20 18.22
CA MET A 298 3.93 27.98 17.83
C MET A 298 2.65 27.25 18.22
N ASP A 299 1.58 28.02 18.41
CA ASP A 299 0.28 27.42 18.73
C ASP A 299 -0.15 26.50 17.60
N GLY A 300 -0.71 25.35 17.96
CA GLY A 300 -1.15 24.35 17.02
C GLY A 300 -0.25 23.13 16.93
N TYR A 301 0.96 23.20 17.47
CA TYR A 301 1.83 22.02 17.52
C TYR A 301 1.29 21.02 18.53
N SER A 302 1.52 19.74 18.24
CA SER A 302 1.08 18.67 19.11
C SER A 302 2.03 18.51 20.30
N CYS A 303 1.46 18.20 21.46
CA CYS A 303 2.25 17.94 22.66
C CYS A 303 1.63 16.73 23.36
N ASP A 304 2.45 16.02 24.13
CA ASP A 304 2.04 14.76 24.75
C ASP A 304 1.43 13.85 23.69
N GLY A 305 2.15 13.70 22.58
CA GLY A 305 1.62 12.98 21.44
C GLY A 305 0.52 13.78 20.78
N VAL A 306 -0.57 13.09 20.41
CA VAL A 306 -1.73 13.75 19.82
C VAL A 306 -2.75 14.18 20.88
N GLN A 307 -2.45 13.95 22.17
CA GLN A 307 -3.41 14.23 23.24
C GLN A 307 -3.53 15.71 23.58
N GLY A 308 -2.65 16.58 23.06
CA GLY A 308 -2.70 17.97 23.42
C GLY A 308 -2.18 18.87 22.31
N ILE A 309 -2.39 20.17 22.50
CA ILE A 309 -1.95 21.19 21.55
C ILE A 309 -1.41 22.37 22.35
N CYS A 310 -0.26 22.88 21.94
CA CYS A 310 0.47 23.87 22.72
C CYS A 310 -0.19 25.25 22.67
N PHE A 311 -0.26 25.88 23.85
CA PHE A 311 -0.63 27.29 23.98
C PHE A 311 0.34 27.96 24.92
N GLY A 312 1.01 29.01 24.44
CA GLY A 312 1.96 29.74 25.25
C GLY A 312 3.06 28.89 25.84
N GLY A 313 3.50 27.85 25.14
CA GLY A 313 4.51 26.96 25.64
C GLY A 313 3.99 25.90 26.60
N ARG A 314 2.71 25.92 26.92
CA ARG A 314 2.11 25.01 27.89
C ARG A 314 1.19 24.04 27.18
N CYS A 315 1.20 22.78 27.63
CA CYS A 315 0.43 21.72 26.99
C CYS A 315 -0.93 21.60 27.65
N LYS A 316 -1.99 21.77 26.86
CA LYS A 316 -3.36 21.67 27.34
C LYS A 316 -3.96 20.33 26.92
N THR A 317 -4.22 19.47 27.89
CA THR A 317 -4.94 18.22 27.66
C THR A 317 -6.11 18.13 28.64
N ARG A 318 -6.87 17.05 28.52
CA ARG A 318 -7.93 16.77 29.49
C ARG A 318 -7.37 16.15 30.78
N ASP A 319 -6.39 15.26 30.67
CA ASP A 319 -5.82 14.65 31.87
C ASP A 319 -5.08 15.67 32.71
N ARG A 320 -4.30 16.54 32.06
CA ARG A 320 -3.63 17.61 32.78
C ARG A 320 -4.64 18.58 33.39
N GLN A 321 -5.82 18.71 32.76
CA GLN A 321 -6.87 19.55 33.33
C GLN A 321 -7.49 18.90 34.58
N CYS A 322 -7.73 17.59 34.53
CA CYS A 322 -8.20 16.89 35.73
C CYS A 322 -7.19 17.02 36.87
N LYS A 323 -5.91 16.74 36.58
CA LYS A 323 -4.89 16.85 37.61
C LYS A 323 -4.72 18.28 38.10
N TYR A 324 -4.98 19.27 37.23
CA TYR A 324 -4.82 20.66 37.63
C TYR A 324 -5.97 21.09 38.55
N ILE A 325 -7.21 20.79 38.15
CA ILE A 325 -8.37 21.21 38.93
C ILE A 325 -8.47 20.42 40.23
N TRP A 326 -8.46 19.10 40.14
CA TRP A 326 -8.76 18.25 41.29
C TRP A 326 -7.54 17.74 42.04
N GLY A 327 -6.33 18.07 41.60
CA GLY A 327 -5.12 17.62 42.28
C GLY A 327 -4.42 16.51 41.53
N GLN A 328 -3.18 16.25 41.98
CA GLN A 328 -2.26 15.40 41.22
C GLN A 328 -2.68 13.93 41.24
N LYS A 329 -3.31 13.48 42.33
CA LYS A 329 -3.73 12.08 42.43
C LYS A 329 -4.81 11.71 41.42
N VAL A 330 -5.42 12.69 40.76
CA VAL A 330 -6.53 12.44 39.85
C VAL A 330 -6.01 12.01 38.49
N THR A 331 -6.75 11.12 37.83
CA THR A 331 -6.48 10.72 36.46
C THR A 331 -7.73 10.93 35.62
N ALA A 332 -7.51 11.12 34.31
CA ALA A 332 -8.63 11.33 33.40
C ALA A 332 -9.39 10.03 33.18
N SER A 333 -10.71 10.14 33.06
CA SER A 333 -11.55 8.97 32.85
C SER A 333 -11.36 8.42 31.43
N ASP A 334 -11.67 7.15 31.28
CA ASP A 334 -11.66 6.51 29.96
C ASP A 334 -12.74 7.13 29.09
N LYS A 335 -12.52 7.10 27.77
CA LYS A 335 -13.45 7.73 26.84
C LYS A 335 -14.86 7.16 26.93
N TYR A 336 -15.01 5.92 27.42
CA TYR A 336 -16.35 5.35 27.59
C TYR A 336 -17.22 6.21 28.51
N CYS A 337 -16.61 6.84 29.52
CA CYS A 337 -17.35 7.69 30.43
C CYS A 337 -18.00 8.86 29.69
N TYR A 338 -17.19 9.60 28.92
CA TYR A 338 -17.70 10.74 28.18
C TYR A 338 -18.71 10.29 27.12
N GLU A 339 -18.38 9.22 26.40
CA GLU A 339 -19.24 8.73 25.32
C GLU A 339 -20.61 8.33 25.85
N LYS A 340 -20.65 7.68 27.01
CA LYS A 340 -21.94 7.28 27.57
C LYS A 340 -22.68 8.49 28.15
N LEU A 341 -21.96 9.39 28.82
CA LEU A 341 -22.62 10.45 29.57
C LEU A 341 -23.12 11.58 28.68
N ASN A 342 -22.56 11.76 27.48
CA ASN A 342 -23.02 12.86 26.64
C ASN A 342 -24.39 12.57 26.03
N ILE A 343 -24.72 11.31 25.80
CA ILE A 343 -25.98 10.99 25.12
C ILE A 343 -27.17 11.17 26.05
N GLU A 344 -27.00 10.91 27.35
CA GLU A 344 -28.14 10.96 28.26
C GLU A 344 -28.67 12.37 28.43
N GLY A 345 -27.78 13.36 28.45
CA GLY A 345 -28.22 14.73 28.64
C GLY A 345 -28.73 14.99 30.04
N THR A 346 -28.13 14.38 31.04
CA THR A 346 -28.51 14.55 32.43
C THR A 346 -27.66 15.62 33.11
N GLU A 347 -27.86 15.79 34.42
CA GLU A 347 -26.98 16.63 35.22
C GLU A 347 -25.58 16.05 35.32
N LYS A 348 -25.42 14.74 35.14
CA LYS A 348 -24.13 14.10 35.32
C LYS A 348 -23.20 14.32 34.12
N GLY A 349 -23.77 14.54 32.93
CA GLY A 349 -22.97 14.99 31.81
C GLY A 349 -23.82 15.74 30.81
N ASN A 350 -23.17 16.58 30.02
CA ASN A 350 -23.86 17.50 29.11
C ASN A 350 -22.82 18.29 28.33
N CYS A 351 -23.26 18.94 27.25
CA CYS A 351 -22.37 19.85 26.54
C CYS A 351 -22.47 21.30 26.98
N GLY A 352 -23.39 21.64 27.87
CA GLY A 352 -23.49 23.01 28.33
C GLY A 352 -24.92 23.38 28.68
N LYS A 353 -25.09 24.65 29.03
CA LYS A 353 -26.38 25.23 29.39
C LYS A 353 -26.63 26.44 28.52
N ASP A 354 -27.88 26.63 28.08
CA ASP A 354 -28.22 27.85 27.37
C ASP A 354 -28.98 28.79 28.30
N LYS A 355 -30.24 28.49 28.60
CA LYS A 355 -30.87 28.94 29.83
C LYS A 355 -31.49 27.71 30.48
N ASP A 356 -30.97 27.32 31.64
CA ASP A 356 -31.57 26.32 32.52
C ASP A 356 -32.00 25.06 31.76
N THR A 357 -31.23 24.67 30.73
CA THR A 357 -31.57 23.53 29.90
C THR A 357 -30.29 22.86 29.41
N TRP A 358 -30.33 21.53 29.31
CA TRP A 358 -29.17 20.78 28.85
C TRP A 358 -29.26 20.57 27.33
N ILE A 359 -28.17 20.86 26.64
CA ILE A 359 -28.05 20.60 25.21
C ILE A 359 -27.56 19.17 25.03
N GLN A 360 -28.24 18.41 24.17
CA GLN A 360 -27.75 17.07 23.85
C GLN A 360 -26.49 17.18 22.99
N CYS A 361 -25.43 16.51 23.42
CA CYS A 361 -24.15 16.61 22.73
C CYS A 361 -24.23 15.97 21.35
N ASN A 362 -23.58 16.60 20.38
CA ASN A 362 -23.37 15.97 19.08
C ASN A 362 -22.35 14.84 19.22
N LYS A 363 -22.39 13.91 18.26
CA LYS A 363 -21.61 12.68 18.40
C LYS A 363 -20.11 12.95 18.49
N ARG A 364 -19.60 13.89 17.69
CA ARG A 364 -18.18 14.20 17.72
C ARG A 364 -17.78 15.14 18.86
N ASP A 365 -18.76 15.72 19.56
CA ASP A 365 -18.51 16.69 20.62
C ASP A 365 -18.36 16.04 21.99
N VAL A 366 -18.38 14.70 22.03
CA VAL A 366 -18.36 13.95 23.30
C VAL A 366 -17.25 14.46 24.21
N LEU A 367 -16.05 14.63 23.66
CA LEU A 367 -14.88 14.98 24.46
C LEU A 367 -14.78 16.47 24.74
N CYS A 368 -15.63 17.30 24.16
CA CYS A 368 -15.64 18.73 24.42
C CYS A 368 -16.61 19.15 25.52
N GLY A 369 -17.30 18.20 26.14
CA GLY A 369 -18.36 18.49 27.09
C GLY A 369 -17.89 18.54 28.52
N TYR A 370 -18.80 18.17 29.42
CA TYR A 370 -18.51 18.11 30.85
C TYR A 370 -17.27 17.26 31.10
N LEU A 371 -16.33 17.80 31.87
CA LEU A 371 -15.05 17.14 32.09
C LEU A 371 -15.22 16.04 33.14
N LEU A 372 -14.76 14.83 32.82
CA LEU A 372 -14.92 13.67 33.66
C LEU A 372 -13.56 13.12 34.09
N CYS A 373 -13.42 12.87 35.38
CA CYS A 373 -12.23 12.31 36.00
C CYS A 373 -12.67 11.18 36.91
N THR A 374 -11.72 10.37 37.39
CA THR A 374 -12.13 9.15 38.09
C THR A 374 -12.13 9.29 39.61
N ASN A 375 -10.96 9.44 40.23
CA ASN A 375 -10.89 9.61 41.68
C ASN A 375 -10.88 11.11 41.99
N ILE A 376 -11.93 11.59 42.62
CA ILE A 376 -12.12 13.02 42.88
C ILE A 376 -12.27 13.23 44.38
N GLY A 377 -11.65 14.29 44.89
CA GLY A 377 -11.76 14.63 46.28
C GLY A 377 -13.02 15.42 46.58
N ASN A 378 -13.15 15.80 47.85
CA ASN A 378 -14.33 16.54 48.30
C ASN A 378 -14.27 18.00 47.90
N ILE A 379 -13.08 18.59 47.85
CA ILE A 379 -12.94 20.03 47.63
C ILE A 379 -12.02 20.28 46.44
N PRO A 380 -12.27 21.33 45.66
CA PRO A 380 -11.41 21.62 44.50
C PRO A 380 -10.09 22.24 44.94
N ARG A 381 -9.08 22.04 44.09
CA ARG A 381 -7.77 22.62 44.36
C ARG A 381 -7.82 24.14 44.32
N LEU A 382 -8.63 24.70 43.43
CA LEU A 382 -8.76 26.15 43.31
C LEU A 382 -10.23 26.48 43.09
N GLY A 383 -10.62 27.69 43.50
CA GLY A 383 -12.02 28.03 43.42
C GLY A 383 -12.85 27.26 44.45
N GLU A 384 -14.16 27.36 44.28
CA GLU A 384 -15.11 26.69 45.16
C GLU A 384 -16.15 25.95 44.32
N LEU A 385 -16.60 24.82 44.85
CA LEU A 385 -17.48 23.93 44.10
C LEU A 385 -18.89 24.49 44.07
N ASP A 386 -19.47 24.57 42.87
CA ASP A 386 -20.84 25.00 42.67
C ASP A 386 -21.72 23.77 42.56
N GLY A 387 -22.81 23.75 43.33
CA GLY A 387 -23.62 22.55 43.38
C GLY A 387 -22.88 21.48 44.16
N GLU A 388 -23.03 20.23 43.73
CA GLU A 388 -22.33 19.12 44.35
C GLU A 388 -21.51 18.36 43.32
N ILE A 389 -20.80 17.33 43.81
CA ILE A 389 -19.99 16.49 42.92
C ILE A 389 -20.89 15.57 42.09
N THR A 390 -20.33 15.08 41.00
CA THR A 390 -21.04 14.20 40.07
C THR A 390 -20.30 12.87 39.98
N SER A 391 -21.02 11.78 40.25
CA SER A 391 -20.46 10.44 40.17
C SER A 391 -21.43 9.56 39.40
N THR A 392 -20.95 8.95 38.31
CA THR A 392 -21.76 8.06 37.49
C THR A 392 -20.98 6.77 37.29
N LEU A 393 -21.61 5.65 37.62
CA LEU A 393 -20.98 4.35 37.48
C LEU A 393 -21.33 3.75 36.12
N VAL A 394 -20.31 3.32 35.37
CA VAL A 394 -20.51 2.73 34.06
C VAL A 394 -19.86 1.35 34.06
N VAL A 395 -20.59 0.34 33.60
CA VAL A 395 -20.11 -1.03 33.54
C VAL A 395 -20.01 -1.45 32.07
N GLN A 396 -18.83 -1.90 31.66
CA GLN A 396 -18.65 -2.46 30.33
C GLN A 396 -17.98 -3.82 30.46
N GLN A 397 -18.69 -4.87 30.05
CA GLN A 397 -18.18 -6.25 30.07
C GLN A 397 -17.61 -6.62 31.44
N GLY A 398 -18.31 -6.21 32.50
CA GLY A 398 -17.91 -6.50 33.85
C GLY A 398 -16.95 -5.52 34.47
N ARG A 399 -16.44 -4.55 33.71
CA ARG A 399 -15.54 -3.54 34.26
C ARG A 399 -16.36 -2.37 34.79
N THR A 400 -16.13 -2.01 36.04
CA THR A 400 -16.80 -0.88 36.67
C THR A 400 -15.87 0.34 36.66
N LEU A 401 -16.37 1.45 36.14
CA LEU A 401 -15.63 2.71 36.10
C LEU A 401 -16.48 3.79 36.73
N ASN A 402 -15.90 4.52 37.68
CA ASN A 402 -16.56 5.65 38.33
C ASN A 402 -16.12 6.93 37.63
N CYS A 403 -17.07 7.59 36.98
CA CYS A 403 -16.82 8.82 36.23
C CYS A 403 -17.34 9.99 37.06
N SER A 404 -16.43 10.83 37.55
CA SER A 404 -16.77 11.92 38.44
C SER A 404 -16.35 13.25 37.84
N GLY A 405 -17.10 14.30 38.16
CA GLY A 405 -16.79 15.64 37.72
C GLY A 405 -17.41 16.65 38.66
N GLY A 406 -17.15 17.92 38.37
CA GLY A 406 -17.72 18.99 39.16
C GLY A 406 -17.57 20.33 38.48
N HIS A 407 -18.45 21.25 38.89
CA HIS A 407 -18.42 22.62 38.40
C HIS A 407 -17.64 23.46 39.41
N VAL A 408 -16.53 24.04 38.95
CA VAL A 408 -15.65 24.82 39.80
C VAL A 408 -15.62 26.25 39.28
N LYS A 409 -15.89 27.20 40.16
CA LYS A 409 -16.05 28.60 39.77
C LYS A 409 -14.86 29.44 40.17
N LEU A 410 -14.30 30.15 39.18
CA LEU A 410 -13.37 31.26 39.39
C LEU A 410 -14.07 32.59 39.19
N GLU A 411 -14.52 32.87 37.97
CA GLU A 411 -15.30 34.06 37.63
C GLU A 411 -16.66 33.57 37.14
N GLU A 412 -17.67 34.44 37.24
CA GLU A 412 -19.04 34.04 36.94
C GLU A 412 -19.16 33.34 35.59
N ASP A 413 -18.50 33.87 34.57
CA ASP A 413 -18.56 33.31 33.22
C ASP A 413 -17.55 32.19 32.98
N VAL A 414 -16.58 32.00 33.87
CA VAL A 414 -15.53 31.00 33.68
C VAL A 414 -15.78 29.87 34.66
N ASP A 415 -16.01 28.67 34.12
CA ASP A 415 -16.35 27.49 34.91
C ASP A 415 -15.40 26.37 34.57
N LEU A 416 -14.62 25.91 35.55
CA LEU A 416 -13.85 24.69 35.36
C LEU A 416 -14.79 23.49 35.37
N GLY A 417 -14.31 22.38 34.82
CA GLY A 417 -15.14 21.23 34.56
C GLY A 417 -15.77 21.21 33.19
N TYR A 418 -15.63 22.29 32.42
CA TYR A 418 -15.85 22.28 30.99
C TYR A 418 -14.49 22.20 30.31
N VAL A 419 -14.42 21.44 29.22
CA VAL A 419 -13.16 21.28 28.51
C VAL A 419 -12.65 22.65 28.08
N GLU A 420 -11.38 22.92 28.38
CA GLU A 420 -10.80 24.22 28.09
C GLU A 420 -10.66 24.43 26.59
N ASP A 421 -10.84 25.68 26.15
CA ASP A 421 -10.71 26.01 24.74
C ASP A 421 -9.30 25.68 24.25
N GLY A 422 -9.23 25.13 23.03
CA GLY A 422 -7.98 24.73 22.45
C GLY A 422 -7.57 23.29 22.75
N THR A 423 -8.34 22.57 23.56
CA THR A 423 -8.03 21.17 23.82
C THR A 423 -8.51 20.30 22.67
N PRO A 424 -7.66 19.44 22.12
CA PRO A 424 -8.08 18.64 20.96
C PRO A 424 -9.15 17.63 21.31
N CYS A 425 -10.17 17.55 20.45
CA CYS A 425 -11.18 16.51 20.51
C CYS A 425 -10.88 15.33 19.60
N GLY A 426 -9.78 15.38 18.86
CA GLY A 426 -9.42 14.34 17.93
C GLY A 426 -8.31 14.80 17.01
N PRO A 427 -7.94 13.98 16.03
CA PRO A 427 -6.89 14.38 15.09
C PRO A 427 -7.30 15.62 14.32
N GLN A 428 -6.40 16.60 14.28
CA GLN A 428 -6.62 17.88 13.58
C GLN A 428 -7.93 18.52 14.00
N MET A 429 -8.31 18.34 15.26
CA MET A 429 -9.57 18.87 15.80
C MET A 429 -9.31 19.48 17.16
N MET A 430 -10.15 20.43 17.55
CA MET A 430 -10.00 21.11 18.83
C MET A 430 -11.37 21.54 19.35
N CYS A 431 -11.44 21.70 20.68
CA CYS A 431 -12.67 22.10 21.35
C CYS A 431 -12.73 23.61 21.46
N LEU A 432 -13.84 24.19 21.02
CA LEU A 432 -14.15 25.59 21.28
C LEU A 432 -15.62 25.71 21.59
N GLU A 433 -15.97 26.41 22.65
CA GLU A 433 -17.40 26.57 23.00
C GLU A 433 -18.04 25.18 23.12
N HIS A 434 -17.32 24.23 23.71
CA HIS A 434 -17.85 22.89 23.92
C HIS A 434 -18.30 22.23 22.61
N ARG A 435 -17.64 22.57 21.50
CA ARG A 435 -17.92 21.95 20.22
C ARG A 435 -16.61 21.63 19.51
N CYS A 436 -16.61 20.54 18.75
CA CYS A 436 -15.41 20.04 18.08
C CYS A 436 -15.30 20.65 16.69
N LEU A 437 -14.23 21.40 16.46
CA LEU A 437 -14.04 22.14 15.23
C LEU A 437 -12.68 21.82 14.61
N PRO A 438 -12.54 21.97 13.30
CA PRO A 438 -11.24 21.75 12.66
C PRO A 438 -10.26 22.85 13.01
N VAL A 439 -8.97 22.53 12.84
CA VAL A 439 -7.91 23.49 13.17
C VAL A 439 -8.00 24.72 12.29
N ALA A 440 -8.41 24.55 11.02
CA ALA A 440 -8.45 25.66 10.08
C ALA A 440 -9.41 26.76 10.52
N SER A 441 -10.37 26.44 11.38
CA SER A 441 -11.32 27.44 11.87
C SER A 441 -10.68 28.40 12.87
N PHE A 442 -9.51 28.08 13.42
CA PHE A 442 -8.85 28.96 14.37
C PHE A 442 -7.99 30.03 13.69
N ASN A 443 -7.76 29.90 12.39
CA ASN A 443 -7.01 30.88 11.61
C ASN A 443 -5.65 31.18 12.24
N PHE A 444 -4.94 30.11 12.61
CA PHE A 444 -3.58 30.22 13.14
C PHE A 444 -2.64 30.85 12.13
N SER A 445 -1.66 31.60 12.64
CA SER A 445 -0.61 32.15 11.80
C SER A 445 0.40 31.06 11.44
N THR A 446 1.43 31.45 10.68
CA THR A 446 2.43 30.49 10.23
C THR A 446 3.75 31.20 9.99
N CYS A 447 4.81 30.41 9.91
CA CYS A 447 6.14 30.91 9.60
C CYS A 447 6.36 30.93 8.09
N LEU A 448 7.55 31.34 7.67
CA LEU A 448 7.92 31.28 6.26
C LEU A 448 8.27 29.84 5.89
N SER A 449 7.86 29.43 4.69
CA SER A 449 8.15 28.08 4.21
C SER A 449 8.42 28.11 2.71
N SER A 450 9.38 27.29 2.29
CA SER A 450 9.69 27.10 0.87
C SER A 450 8.84 25.96 0.30
N LYS A 451 9.07 24.74 0.78
CA LYS A 451 8.25 23.61 0.38
C LYS A 451 6.82 23.82 0.88
N GLU A 452 5.86 23.70 -0.03
CA GLU A 452 4.47 24.00 0.30
C GLU A 452 3.85 22.89 1.16
N GLY A 453 2.95 23.30 2.04
CA GLY A 453 2.30 22.35 2.93
C GLY A 453 3.14 21.88 4.09
N THR A 454 4.20 22.60 4.43
CA THR A 454 5.09 22.24 5.52
C THR A 454 5.37 23.45 6.38
N ILE A 455 5.84 23.20 7.60
CA ILE A 455 6.21 24.27 8.53
C ILE A 455 7.73 24.40 8.52
N CYS A 456 8.21 25.59 8.16
CA CYS A 456 9.64 25.87 8.05
C CYS A 456 10.33 24.85 7.15
N SER A 457 9.62 24.46 6.09
CA SER A 457 10.07 23.48 5.09
C SER A 457 10.37 22.12 5.71
N GLY A 458 9.77 21.81 6.85
CA GLY A 458 9.97 20.55 7.53
C GLY A 458 11.32 20.42 8.22
N ASN A 459 12.22 21.38 8.03
CA ASN A 459 13.55 21.34 8.61
C ASN A 459 13.67 22.12 9.91
N GLY A 460 12.58 22.71 10.41
CA GLY A 460 12.64 23.54 11.58
C GLY A 460 11.32 23.60 12.30
N VAL A 461 11.31 24.31 13.43
CA VAL A 461 10.13 24.48 14.26
C VAL A 461 9.74 25.96 14.24
N CYS A 462 8.44 26.22 14.09
CA CYS A 462 7.92 27.58 14.05
C CYS A 462 7.66 28.07 15.47
N SER A 463 8.19 29.25 15.78
CA SER A 463 8.09 29.80 17.12
C SER A 463 6.77 30.54 17.31
N ASN A 464 6.57 31.08 18.52
CA ASN A 464 5.41 31.91 18.80
C ASN A 464 5.57 33.32 18.28
N GLU A 465 6.79 33.72 17.92
CA GLU A 465 7.07 34.98 17.25
C GLU A 465 7.01 34.85 15.74
N LEU A 466 6.67 33.66 15.23
CA LEU A 466 6.63 33.37 13.79
C LEU A 466 8.02 33.49 13.15
N LYS A 467 9.02 32.96 13.83
CA LYS A 467 10.36 32.84 13.28
C LYS A 467 10.80 31.39 13.36
N CYS A 468 11.46 30.92 12.30
CA CYS A 468 11.85 29.52 12.20
C CYS A 468 13.13 29.25 12.98
N VAL A 469 13.11 28.19 13.79
CA VAL A 469 14.32 27.67 14.41
C VAL A 469 14.69 26.40 13.65
N CYS A 470 15.78 26.44 12.90
CA CYS A 470 16.14 25.34 12.02
C CYS A 470 16.77 24.20 12.80
N ASN A 471 16.61 22.99 12.27
CA ASN A 471 17.30 21.83 12.80
C ASN A 471 18.75 21.83 12.32
N ARG A 472 19.49 20.77 12.62
CA ARG A 472 20.87 20.65 12.16
C ARG A 472 20.92 20.65 10.64
N HIS A 473 22.00 21.22 10.10
CA HIS A 473 22.27 21.29 8.67
C HIS A 473 21.24 22.15 7.92
N TRP A 474 20.66 23.16 8.56
CA TRP A 474 19.77 24.07 7.85
C TRP A 474 19.91 25.49 8.37
N ILE A 475 19.88 26.46 7.43
CA ILE A 475 20.04 27.87 7.72
C ILE A 475 19.04 28.63 6.85
N GLY A 476 18.75 29.86 7.24
CA GLY A 476 17.79 30.69 6.53
C GLY A 476 16.47 30.82 7.26
N SER A 477 15.76 31.90 6.94
CA SER A 477 14.48 32.18 7.58
C SER A 477 13.44 31.11 7.26
N ASP A 478 13.51 30.52 6.07
CA ASP A 478 12.68 29.36 5.73
C ASP A 478 13.38 28.03 5.98
N CYS A 479 14.63 28.06 6.44
CA CYS A 479 15.43 26.86 6.67
C CYS A 479 15.63 26.07 5.38
N ASN A 480 15.56 26.75 4.24
CA ASN A 480 15.75 26.11 2.94
C ASN A 480 17.23 25.83 2.66
N THR A 481 18.09 26.83 2.87
CA THR A 481 19.49 26.68 2.52
C THR A 481 20.16 25.58 3.36
N TYR A 482 20.98 24.77 2.70
CA TYR A 482 21.67 23.63 3.30
C TYR A 482 22.99 24.10 3.92
N PHE A 483 23.68 23.15 4.57
CA PHE A 483 24.98 23.44 5.23
C PHE A 483 26.12 23.01 4.30
N PRO A 484 27.38 23.42 4.56
CA PRO A 484 28.52 23.05 3.71
C PRO A 484 28.75 21.53 3.70
N HIS A 485 28.63 20.89 4.87
CA HIS A 485 28.82 19.42 4.98
C HIS A 485 27.55 18.78 5.58
N ASN A 486 27.07 17.70 4.95
CA ASN A 486 25.85 16.99 5.43
C ASN A 486 26.02 16.66 6.93
N LYS B 10 36.53 91.32 134.33
CA LYS B 10 35.91 90.05 133.97
C LYS B 10 35.30 90.12 132.57
N CYS B 11 35.98 90.84 131.67
CA CYS B 11 35.54 91.02 130.30
C CYS B 11 36.65 90.58 129.35
N PRO B 12 36.29 89.96 128.22
CA PRO B 12 37.32 89.49 127.28
C PRO B 12 38.11 90.65 126.67
N ALA B 13 39.39 90.37 126.40
CA ALA B 13 40.26 91.38 125.81
C ALA B 13 39.86 91.74 124.39
N VAL B 14 39.19 90.83 123.68
CA VAL B 14 38.79 91.09 122.30
C VAL B 14 37.65 92.10 122.19
N CYS B 15 37.02 92.46 123.30
CA CYS B 15 35.84 93.30 123.29
C CYS B 15 36.09 94.61 124.05
N THR B 16 35.41 95.66 123.60
CA THR B 16 35.39 96.94 124.30
C THR B 16 34.10 96.99 125.12
N CYS B 17 34.24 97.01 126.45
CA CYS B 17 33.12 96.77 127.35
C CYS B 17 33.04 97.87 128.38
N THR B 18 31.93 98.61 128.38
CA THR B 18 31.58 99.48 129.49
C THR B 18 30.79 98.65 130.51
N LYS B 19 30.22 99.30 131.52
CA LYS B 19 29.59 98.56 132.61
C LYS B 19 28.43 97.70 132.10
N ASP B 20 27.44 98.32 131.46
CA ASP B 20 26.28 97.58 130.97
C ASP B 20 26.37 97.17 129.50
N ASN B 21 27.44 97.52 128.78
CA ASN B 21 27.52 97.24 127.36
C ASN B 21 28.84 96.54 127.02
N ALA B 22 28.82 95.78 125.93
CA ALA B 22 30.02 95.14 125.39
C ALA B 22 29.99 95.25 123.87
N LEU B 23 31.11 95.63 123.29
CA LEU B 23 31.25 95.77 121.84
C LEU B 23 32.45 94.95 121.40
N CYS B 24 32.22 93.96 120.56
CA CYS B 24 33.26 93.02 120.15
C CYS B 24 33.50 93.15 118.65
N GLU B 25 34.75 93.39 118.28
CA GLU B 25 35.16 93.47 116.88
C GLU B 25 36.28 92.47 116.64
N ASN B 26 36.20 91.78 115.48
CA ASN B 26 37.25 90.86 115.04
C ASN B 26 37.46 89.72 116.05
N ALA B 27 36.36 89.19 116.58
CA ALA B 27 36.40 88.07 117.50
C ALA B 27 36.36 86.76 116.73
N ARG B 28 37.26 85.84 117.08
CA ARG B 28 37.32 84.55 116.39
C ARG B 28 36.21 83.61 116.85
N SER B 29 35.93 83.57 118.15
CA SER B 29 34.92 82.69 118.71
C SER B 29 34.13 83.46 119.76
N ILE B 30 32.90 83.00 119.98
CA ILE B 30 32.00 83.62 120.94
C ILE B 30 32.48 83.32 122.36
N PRO B 31 32.83 84.33 123.15
CA PRO B 31 33.10 84.09 124.57
C PRO B 31 31.80 83.75 125.30
N ARG B 32 31.88 82.73 126.16
CA ARG B 32 30.74 82.31 126.95
C ARG B 32 30.69 82.96 128.33
N THR B 33 31.63 83.83 128.65
CA THR B 33 31.73 84.46 129.96
C THR B 33 31.59 85.97 129.81
N VAL B 34 30.54 86.53 130.39
CA VAL B 34 30.33 87.98 130.38
C VAL B 34 30.20 88.44 131.83
N PRO B 35 30.48 89.71 132.11
CA PRO B 35 30.21 90.24 133.44
C PRO B 35 28.73 90.15 133.74
N PRO B 36 28.36 90.05 135.02
CA PRO B 36 26.94 89.86 135.35
C PRO B 36 26.06 91.04 134.96
N ASP B 37 26.59 92.26 134.93
CA ASP B 37 25.78 93.46 134.70
C ASP B 37 25.67 93.84 133.23
N VAL B 38 26.25 93.06 132.31
CA VAL B 38 26.18 93.36 130.89
C VAL B 38 24.78 93.06 130.37
N ILE B 39 24.20 94.01 129.65
CA ILE B 39 22.87 93.87 129.12
C ILE B 39 22.99 93.61 127.63
N SER B 40 23.50 94.60 126.92
CA SER B 40 23.58 94.53 125.47
C SER B 40 24.95 94.04 125.02
N LEU B 41 24.95 93.22 123.96
CA LEU B 41 26.17 92.66 123.39
C LEU B 41 26.08 92.72 121.88
N SER B 42 27.19 93.12 121.25
CA SER B 42 27.25 93.30 119.80
C SER B 42 28.52 92.69 119.23
N PHE B 43 28.43 92.24 117.98
CA PHE B 43 29.55 91.66 117.25
C PHE B 43 29.63 92.33 115.88
N VAL B 44 30.77 92.96 115.59
CA VAL B 44 30.96 93.69 114.35
C VAL B 44 32.16 93.11 113.63
N ARG B 45 31.98 92.71 112.38
CA ARG B 45 33.12 92.25 111.55
C ARG B 45 33.92 91.17 112.29
N SER B 46 33.26 90.27 113.00
CA SER B 46 33.99 89.20 113.65
C SER B 46 34.40 88.14 112.64
N GLY B 47 35.41 87.37 113.01
CA GLY B 47 35.95 86.35 112.13
C GLY B 47 35.24 85.03 112.25
N PHE B 48 34.04 85.05 112.82
CA PHE B 48 33.22 83.85 112.98
C PHE B 48 33.03 83.15 111.64
N THR B 49 33.19 81.83 111.65
CA THR B 49 32.76 81.02 110.52
C THR B 49 31.25 80.85 110.57
N GLU B 50 30.76 80.14 111.59
CA GLU B 50 29.34 79.96 111.83
C GLU B 50 29.03 80.33 113.28
N ILE B 51 27.74 80.55 113.55
CA ILE B 51 27.30 80.67 114.93
C ILE B 51 27.51 79.34 115.64
N SER B 52 27.89 79.41 116.91
CA SER B 52 28.08 78.18 117.68
C SER B 52 26.73 77.49 117.88
N GLU B 53 26.74 76.16 117.80
CA GLU B 53 25.51 75.40 117.97
C GLU B 53 25.07 75.44 119.43
N GLY B 54 23.83 75.85 119.66
CA GLY B 54 23.36 76.04 121.02
C GLY B 54 24.14 77.10 121.78
N SER B 55 24.52 78.17 121.10
CA SER B 55 25.44 79.15 121.65
C SER B 55 24.76 80.04 122.68
N PHE B 56 25.52 80.99 123.22
CA PHE B 56 25.02 82.04 124.11
C PHE B 56 24.41 81.47 125.38
N LEU B 57 24.89 80.32 125.84
CA LEU B 57 24.49 79.86 127.16
C LEU B 57 25.32 80.60 128.21
N PHE B 58 25.04 80.32 129.48
CA PHE B 58 25.82 80.83 130.61
C PHE B 58 25.68 82.35 130.75
N THR B 59 25.04 82.99 129.78
CA THR B 59 24.88 84.45 129.76
C THR B 59 23.40 84.78 129.56
N PRO B 60 22.56 84.46 130.55
CA PRO B 60 21.12 84.74 130.42
C PRO B 60 20.78 86.22 130.44
N SER B 61 21.68 87.07 130.93
CA SER B 61 21.34 88.44 131.28
C SER B 61 21.12 89.36 130.08
N LEU B 62 21.38 88.91 128.85
CA LEU B 62 21.36 89.81 127.71
C LEU B 62 19.93 90.13 127.31
N GLN B 63 19.57 91.42 127.32
CA GLN B 63 18.34 91.87 126.71
C GLN B 63 18.48 92.29 125.25
N LEU B 64 19.71 92.38 124.74
CA LEU B 64 19.92 92.86 123.38
C LEU B 64 21.10 92.14 122.75
N LEU B 65 20.94 91.79 121.47
CA LEU B 65 22.00 91.17 120.68
C LEU B 65 21.97 91.76 119.28
N LEU B 66 23.13 92.15 118.75
CA LEU B 66 23.18 92.64 117.38
C LEU B 66 24.45 92.18 116.69
N PHE B 67 24.32 91.84 115.40
CA PHE B 67 25.42 91.40 114.55
C PHE B 67 25.42 92.23 113.28
N THR B 68 26.58 92.77 112.92
CA THR B 68 26.68 93.61 111.72
C THR B 68 28.03 93.38 111.04
N SER B 69 28.00 93.36 109.70
CA SER B 69 29.19 93.26 108.87
C SER B 69 29.96 91.95 109.07
N ASN B 70 29.25 90.86 109.35
CA ASN B 70 29.88 89.56 109.55
C ASN B 70 29.70 88.69 108.32
N SER B 71 30.26 87.48 108.39
CA SER B 71 30.12 86.48 107.33
C SER B 71 29.64 85.18 107.96
N PHE B 72 28.44 84.74 107.58
CA PHE B 72 27.82 83.56 108.15
C PHE B 72 27.29 82.68 107.03
N ASP B 73 27.79 81.44 106.94
CA ASP B 73 27.24 80.50 105.98
C ASP B 73 25.93 79.89 106.47
N VAL B 74 25.86 79.53 107.75
CA VAL B 74 24.67 78.89 108.31
C VAL B 74 24.51 79.32 109.76
N ILE B 75 23.26 79.47 110.19
CA ILE B 75 22.93 79.72 111.59
C ILE B 75 22.19 78.50 112.11
N SER B 76 22.80 77.79 113.04
CA SER B 76 22.33 76.49 113.49
C SER B 76 21.04 76.61 114.29
N ASP B 77 20.31 75.50 114.35
CA ASP B 77 19.10 75.41 115.16
C ASP B 77 19.43 75.64 116.63
N ASP B 78 18.48 76.27 117.33
CA ASP B 78 18.57 76.48 118.77
C ASP B 78 19.87 77.20 119.16
N ALA B 79 20.31 78.12 118.30
CA ALA B 79 21.55 78.84 118.58
C ALA B 79 21.39 79.84 119.71
N PHE B 80 20.20 80.43 119.84
CA PHE B 80 19.94 81.49 120.82
C PHE B 80 19.39 80.97 122.13
N ILE B 81 19.24 79.66 122.29
CA ILE B 81 18.72 79.10 123.55
C ILE B 81 19.61 79.54 124.71
N GLY B 82 18.99 79.74 125.87
CA GLY B 82 19.67 80.24 127.04
C GLY B 82 19.56 81.73 127.24
N LEU B 83 18.64 82.40 126.55
CA LEU B 83 18.45 83.85 126.64
C LEU B 83 16.99 84.13 126.96
N PRO B 84 16.54 83.82 128.18
CA PRO B 84 15.14 84.06 128.52
C PRO B 84 14.80 85.54 128.60
N HIS B 85 15.77 86.40 128.88
CA HIS B 85 15.56 87.83 128.99
C HIS B 85 15.83 88.59 127.69
N LEU B 86 16.21 87.90 126.63
CA LEU B 86 16.53 88.58 125.38
C LEU B 86 15.27 89.21 124.77
N GLU B 87 15.36 90.50 124.46
CA GLU B 87 14.23 91.23 123.89
C GLU B 87 14.54 91.69 122.48
N TYR B 88 15.50 92.59 122.29
CA TYR B 88 15.86 93.08 120.96
C TYR B 88 16.96 92.21 120.36
N LEU B 89 16.73 91.73 119.13
CA LEU B 89 17.74 91.00 118.37
C LEU B 89 17.80 91.57 116.96
N PHE B 90 18.96 92.11 116.58
CA PHE B 90 19.18 92.66 115.25
C PHE B 90 20.30 91.87 114.58
N ILE B 91 19.98 91.13 113.54
CA ILE B 91 20.99 90.54 112.66
C ILE B 91 20.83 91.21 111.30
N GLU B 92 21.81 92.03 110.93
CA GLU B 92 21.63 92.83 109.73
C GLU B 92 22.99 93.20 109.15
N ASN B 93 22.99 93.65 107.90
CA ASN B 93 24.24 94.10 107.21
C ASN B 93 25.29 92.99 107.17
N ASN B 94 24.90 91.76 106.84
CA ASN B 94 25.85 90.65 106.71
C ASN B 94 25.63 89.99 105.35
N ASN B 95 26.37 88.91 105.10
CA ASN B 95 26.11 88.05 103.95
C ASN B 95 25.80 86.66 104.48
N ILE B 96 24.57 86.19 104.28
CA ILE B 96 24.12 84.91 104.78
C ILE B 96 23.35 84.21 103.66
N LYS B 97 23.60 82.91 103.50
CA LYS B 97 22.90 82.12 102.48
C LYS B 97 21.60 81.54 103.05
N SER B 98 21.73 80.63 104.02
CA SER B 98 20.56 79.98 104.60
C SER B 98 20.71 79.90 106.11
N ILE B 99 19.58 80.01 106.80
CA ILE B 99 19.50 79.86 108.24
C ILE B 99 18.49 78.76 108.54
N SER B 100 18.67 78.11 109.69
CA SER B 100 17.80 77.01 110.09
C SER B 100 16.47 77.54 110.64
N ARG B 101 15.43 76.70 110.53
CA ARG B 101 14.07 77.11 110.90
C ARG B 101 13.93 77.35 112.40
N HIS B 102 14.58 76.53 113.22
CA HIS B 102 14.39 76.58 114.66
C HIS B 102 15.38 77.51 115.36
N THR B 103 16.21 78.22 114.60
CA THR B 103 17.19 79.14 115.17
C THR B 103 16.56 80.08 116.20
N PHE B 104 15.44 80.71 115.84
CA PHE B 104 14.81 81.66 116.74
C PHE B 104 14.00 81.00 117.84
N ARG B 105 13.79 79.68 117.77
CA ARG B 105 13.08 78.99 118.84
C ARG B 105 13.88 79.06 120.13
N GLY B 106 13.16 79.15 121.25
CA GLY B 106 13.78 79.29 122.56
C GLY B 106 13.68 80.67 123.16
N LEU B 107 13.30 81.69 122.39
CA LEU B 107 13.04 83.01 122.94
C LEU B 107 11.54 83.31 122.77
N LYS B 108 10.81 83.33 123.88
CA LYS B 108 9.46 83.88 123.90
C LYS B 108 9.45 85.36 124.28
N SER B 109 10.58 85.90 124.70
CA SER B 109 10.67 87.29 125.12
C SER B 109 11.03 88.24 123.98
N LEU B 110 11.35 87.72 122.79
CA LEU B 110 11.81 88.57 121.70
C LEU B 110 10.66 89.47 121.24
N ILE B 111 10.95 90.78 121.16
CA ILE B 111 9.98 91.77 120.71
C ILE B 111 10.37 92.28 119.33
N HIS B 112 11.50 92.98 119.25
CA HIS B 112 11.98 93.54 117.99
C HIS B 112 13.02 92.61 117.37
N LEU B 113 12.83 92.27 116.11
CA LEU B 113 13.74 91.41 115.36
C LEU B 113 13.97 91.99 113.99
N SER B 114 15.23 92.15 113.60
CA SER B 114 15.58 92.67 112.28
C SER B 114 16.52 91.68 111.61
N LEU B 115 16.05 91.09 110.52
CA LEU B 115 16.86 90.34 109.57
C LEU B 115 17.32 91.20 108.40
N ALA B 116 17.00 92.49 108.40
CA ALA B 116 17.09 93.32 107.21
C ALA B 116 18.50 93.42 106.65
N ASN B 117 18.61 93.65 105.35
CA ASN B 117 19.86 94.09 104.69
C ASN B 117 20.99 93.05 104.66
N ASN B 118 20.77 91.81 105.07
CA ASN B 118 21.82 90.82 104.94
C ASN B 118 21.79 90.08 103.60
N ASN B 119 20.88 90.45 102.70
CA ASN B 119 20.74 89.83 101.37
C ASN B 119 20.36 88.36 101.47
N LEU B 120 19.40 88.05 102.35
CA LEU B 120 18.83 86.71 102.38
C LEU B 120 17.95 86.49 101.16
N GLN B 121 18.21 85.40 100.42
CA GLN B 121 17.32 85.00 99.34
C GLN B 121 16.28 83.97 99.76
N THR B 122 16.31 83.50 101.01
CA THR B 122 15.37 82.47 101.44
C THR B 122 15.13 82.57 102.94
N LEU B 123 13.95 82.08 103.36
CA LEU B 123 13.67 81.80 104.77
C LEU B 123 12.93 80.48 104.86
N PRO B 124 13.21 79.68 105.89
CA PRO B 124 12.49 78.41 106.07
C PRO B 124 11.08 78.61 106.61
N LYS B 125 10.21 77.66 106.25
CA LYS B 125 8.80 77.75 106.63
C LYS B 125 8.62 77.85 108.13
N ASP B 126 7.85 78.84 108.56
CA ASP B 126 7.53 79.07 109.98
C ASP B 126 8.80 79.30 110.80
N ILE B 127 9.69 80.15 110.28
CA ILE B 127 10.87 80.57 111.03
C ILE B 127 10.46 81.36 112.26
N PHE B 128 9.34 82.08 112.18
CA PHE B 128 8.89 82.96 113.24
C PHE B 128 7.97 82.25 114.23
N LYS B 129 7.70 80.97 114.04
CA LYS B 129 6.90 80.22 115.01
C LYS B 129 7.65 80.08 116.33
N GLY B 130 6.92 80.23 117.42
CA GLY B 130 7.46 80.08 118.75
C GLY B 130 7.67 81.38 119.50
N LEU B 131 7.74 82.52 118.81
CA LEU B 131 7.73 83.82 119.46
C LEU B 131 6.33 84.42 119.30
N ASP B 132 5.58 84.50 120.40
CA ASP B 132 4.31 85.18 120.40
C ASP B 132 4.39 86.65 120.82
N SER B 133 5.56 87.10 121.27
CA SER B 133 5.71 88.45 121.82
C SER B 133 6.20 89.46 120.80
N LEU B 134 6.39 89.05 119.55
CA LEU B 134 7.02 89.92 118.57
C LEU B 134 6.15 91.12 118.26
N THR B 135 6.78 92.28 118.09
CA THR B 135 6.08 93.53 117.80
C THR B 135 6.52 94.09 116.45
N ASN B 136 7.78 94.47 116.30
CA ASN B 136 8.32 94.94 115.03
C ASN B 136 9.24 93.88 114.44
N VAL B 137 9.15 93.70 113.12
CA VAL B 137 10.09 92.87 112.37
C VAL B 137 10.42 93.60 111.08
N ASP B 138 11.70 93.62 110.72
CA ASP B 138 12.14 94.30 109.50
C ASP B 138 12.91 93.31 108.63
N LEU B 139 12.34 92.98 107.48
CA LEU B 139 12.99 92.18 106.46
C LEU B 139 13.65 93.00 105.34
N ARG B 140 13.62 94.32 105.43
CA ARG B 140 13.86 95.18 104.28
C ARG B 140 15.31 95.06 103.78
N GLY B 141 15.49 95.40 102.50
CA GLY B 141 16.82 95.43 101.93
C GLY B 141 17.39 94.09 101.54
N ASN B 142 16.53 93.09 101.35
CA ASN B 142 16.96 91.77 100.93
C ASN B 142 16.46 91.48 99.53
N SER B 143 17.22 90.67 98.80
CA SER B 143 16.80 90.20 97.48
C SER B 143 16.12 88.85 97.69
N PHE B 144 14.82 88.81 97.43
CA PHE B 144 13.98 87.66 97.77
C PHE B 144 13.50 87.03 96.48
N ASN B 145 13.93 85.79 96.22
CA ASN B 145 13.39 85.04 95.10
C ASN B 145 12.04 84.47 95.54
N CYS B 146 10.98 84.83 94.82
CA CYS B 146 9.62 84.64 95.29
C CYS B 146 9.07 83.32 94.75
N ASP B 147 8.84 82.38 95.65
CA ASP B 147 8.34 81.04 95.38
C ASP B 147 7.66 80.55 96.66
N CYS B 148 7.31 79.26 96.69
CA CYS B 148 6.43 78.73 97.74
C CYS B 148 6.90 79.08 99.15
N LYS B 149 8.21 79.15 99.38
CA LYS B 149 8.71 79.67 100.65
C LYS B 149 8.18 81.08 100.90
N LEU B 150 8.34 81.97 99.92
CA LEU B 150 7.77 83.29 100.12
C LEU B 150 6.26 83.29 100.01
N LYS B 151 5.65 82.17 99.60
CA LYS B 151 4.20 82.03 99.72
C LYS B 151 3.79 81.86 101.18
N TRP B 152 4.44 80.93 101.91
CA TRP B 152 4.18 80.89 103.34
C TRP B 152 4.51 82.23 103.98
N LEU B 153 5.56 82.91 103.48
CA LEU B 153 5.88 84.22 104.01
C LEU B 153 4.77 85.23 103.75
N VAL B 154 4.07 85.10 102.62
CA VAL B 154 2.90 85.94 102.39
C VAL B 154 1.81 85.61 103.39
N GLU B 155 1.57 84.32 103.64
CA GLU B 155 0.59 83.93 104.65
C GLU B 155 0.91 84.57 106.00
N TRP B 156 2.18 84.52 106.41
CA TRP B 156 2.56 85.07 107.70
C TRP B 156 2.47 86.59 107.70
N LEU B 157 2.82 87.24 106.60
CA LEU B 157 2.68 88.69 106.51
C LEU B 157 1.23 89.12 106.66
N GLY B 158 0.31 88.38 106.05
CA GLY B 158 -1.10 88.70 106.20
C GLY B 158 -1.62 88.42 107.60
N HIS B 159 -1.16 87.31 108.21
CA HIS B 159 -1.76 86.84 109.45
C HIS B 159 -1.14 87.40 110.72
N THR B 160 -0.04 88.15 110.64
CA THR B 160 0.64 88.61 111.83
C THR B 160 0.11 89.96 112.28
N ASN B 161 -0.10 90.10 113.59
CA ASN B 161 -0.46 91.39 114.15
C ASN B 161 0.73 92.35 114.14
N ALA B 162 1.93 91.80 114.17
CA ALA B 162 3.14 92.60 114.23
C ALA B 162 3.26 93.49 113.00
N THR B 163 3.73 94.72 113.21
CA THR B 163 3.94 95.64 112.11
C THR B 163 5.22 95.27 111.37
N VAL B 164 5.13 95.16 110.05
CA VAL B 164 6.24 94.76 109.20
C VAL B 164 6.31 95.74 108.03
N GLU B 165 7.45 96.41 107.87
CA GLU B 165 7.63 97.31 106.74
C GLU B 165 7.67 96.52 105.43
N ASP B 166 7.30 97.19 104.34
CA ASP B 166 7.11 96.52 103.08
C ASP B 166 8.42 95.95 102.54
N ILE B 167 8.32 94.77 101.92
CA ILE B 167 9.44 94.13 101.23
C ILE B 167 9.00 93.77 99.82
N TYR B 168 9.98 93.54 98.95
CA TYR B 168 9.71 93.40 97.53
C TYR B 168 10.38 92.14 96.98
N CYS B 169 9.76 91.56 95.96
CA CYS B 169 10.36 90.44 95.23
C CYS B 169 11.44 90.98 94.30
N GLU B 170 12.66 90.49 94.45
CA GLU B 170 13.72 90.74 93.48
C GLU B 170 13.86 89.62 92.45
N GLY B 171 13.06 88.57 92.57
CA GLY B 171 13.10 87.46 91.64
C GLY B 171 11.93 86.52 91.84
N PRO B 172 11.57 85.72 90.81
CA PRO B 172 12.16 85.64 89.46
C PRO B 172 11.94 86.93 88.67
N PRO B 173 12.76 87.17 87.62
CA PRO B 173 12.68 88.44 86.89
C PRO B 173 11.28 88.80 86.42
N GLU B 174 10.42 87.78 86.24
CA GLU B 174 9.02 88.04 85.93
C GLU B 174 8.37 88.91 87.00
N TYR B 175 8.72 88.69 88.26
CA TYR B 175 8.22 89.50 89.38
C TYR B 175 9.40 90.27 89.96
N LYS B 176 9.39 91.60 89.77
CA LYS B 176 10.49 92.44 90.19
C LYS B 176 9.93 93.71 90.81
N LYS B 177 10.48 94.11 91.96
CA LYS B 177 9.99 95.27 92.71
C LYS B 177 8.50 95.15 93.00
N ARG B 178 8.04 93.93 93.25
CA ARG B 178 6.64 93.65 93.56
C ARG B 178 6.50 93.39 95.05
N LYS B 179 5.48 94.00 95.67
CA LYS B 179 5.30 93.84 97.10
C LYS B 179 4.97 92.40 97.44
N ILE B 180 5.71 91.83 98.40
CA ILE B 180 5.37 90.52 98.92
C ILE B 180 4.06 90.57 99.69
N ASN B 181 3.70 91.76 100.21
CA ASN B 181 2.41 91.94 100.85
C ASN B 181 1.25 91.93 99.85
N SER B 182 1.52 92.23 98.58
CA SER B 182 0.49 92.39 97.57
C SER B 182 0.16 91.10 96.83
N LEU B 183 0.78 89.99 97.20
CA LEU B 183 0.65 88.75 96.43
C LEU B 183 -0.48 87.89 96.97
N SER B 184 -1.21 87.26 96.06
CA SER B 184 -2.30 86.35 96.37
C SER B 184 -1.95 84.94 95.91
N SER B 185 -2.89 84.01 96.11
CA SER B 185 -2.67 82.63 95.69
C SER B 185 -2.52 82.50 94.18
N LYS B 186 -3.03 83.46 93.41
CA LYS B 186 -2.95 83.37 91.96
C LYS B 186 -1.50 83.43 91.49
N ASP B 187 -1.23 82.75 90.37
CA ASP B 187 0.09 82.69 89.74
C ASP B 187 1.13 82.05 90.65
N PHE B 188 0.67 81.20 91.57
CA PHE B 188 1.53 80.27 92.29
C PHE B 188 0.91 78.88 92.15
N ASP B 189 1.61 77.97 91.49
CA ASP B 189 1.30 76.55 91.61
C ASP B 189 2.49 75.91 92.32
N CYS B 190 2.26 75.51 93.57
CA CYS B 190 3.20 74.67 94.31
C CYS B 190 2.83 73.20 94.25
N ILE B 191 1.72 72.86 93.60
CA ILE B 191 1.22 71.49 93.48
C ILE B 191 1.53 71.02 92.08
N ILE B 192 2.45 70.06 91.97
CA ILE B 192 2.92 69.56 90.69
C ILE B 192 2.79 68.05 90.68
N THR B 193 2.54 67.50 89.50
CA THR B 193 2.37 66.07 89.29
C THR B 193 3.49 65.56 88.40
N GLU B 194 3.84 64.29 88.57
CA GLU B 194 4.87 63.65 87.78
C GLU B 194 4.55 62.17 87.61
N PHE B 195 5.15 61.57 86.60
CA PHE B 195 5.07 60.12 86.37
C PHE B 195 6.48 59.55 86.43
N ALA B 196 6.75 58.74 87.45
CA ALA B 196 8.00 58.01 87.59
C ALA B 196 7.68 56.53 87.56
N LYS B 197 8.47 55.76 86.80
CA LYS B 197 8.11 54.38 86.56
C LYS B 197 8.29 53.56 87.84
N SER B 198 7.21 52.88 88.25
CA SER B 198 7.29 52.01 89.41
C SER B 198 7.93 50.67 89.07
N GLN B 199 7.59 50.10 87.91
CA GLN B 199 8.01 48.72 87.66
C GLN B 199 8.26 48.52 86.17
N ASP B 200 9.23 47.66 85.87
CA ASP B 200 9.50 47.19 84.52
C ASP B 200 9.05 45.75 84.40
N LEU B 201 8.54 45.38 83.23
CA LEU B 201 8.05 44.02 83.04
C LEU B 201 8.84 43.31 81.94
N PRO B 202 9.02 42.00 82.06
CA PRO B 202 9.88 41.28 81.11
C PRO B 202 9.32 41.20 79.70
N TYR B 203 8.03 41.39 79.50
CA TYR B 203 7.37 41.04 78.25
C TYR B 203 6.91 42.27 77.48
N GLN B 204 6.88 42.14 76.16
CA GLN B 204 6.34 43.18 75.29
C GLN B 204 4.82 43.11 75.28
N SER B 205 4.17 44.27 75.21
CA SER B 205 2.74 44.36 75.40
C SER B 205 2.10 45.13 74.24
N LEU B 206 0.78 45.00 74.13
CA LEU B 206 0.01 45.68 73.10
C LEU B 206 -1.15 46.47 73.70
N SER B 207 -2.13 45.77 74.27
CA SER B 207 -3.31 46.40 74.85
C SER B 207 -3.40 46.09 76.34
N ILE B 208 -4.00 47.02 77.09
CA ILE B 208 -4.16 46.89 78.53
C ILE B 208 -5.55 47.37 78.91
N ASP B 209 -6.19 46.67 79.85
CA ASP B 209 -7.46 47.09 80.41
C ASP B 209 -7.60 46.52 81.80
N THR B 210 -8.49 47.12 82.61
CA THR B 210 -8.64 46.76 84.01
C THR B 210 -10.10 46.46 84.32
N PHE B 211 -10.30 45.70 85.39
CA PHE B 211 -11.65 45.42 85.89
C PHE B 211 -11.59 45.21 87.40
N SER B 212 -12.74 45.32 88.04
CA SER B 212 -12.85 45.26 89.50
C SER B 212 -13.75 44.10 89.89
N TYR B 213 -13.23 43.20 90.73
CA TYR B 213 -14.02 42.12 91.29
C TYR B 213 -13.68 41.97 92.77
N LEU B 214 -14.71 41.97 93.62
CA LEU B 214 -14.59 41.82 95.07
C LEU B 214 -13.50 42.71 95.66
N ASN B 215 -13.53 43.99 95.27
CA ASN B 215 -12.66 45.03 95.79
C ASN B 215 -11.21 44.84 95.32
N ASP B 216 -10.92 43.70 94.70
CA ASP B 216 -9.61 43.46 94.11
C ASP B 216 -9.61 43.95 92.67
N GLU B 217 -8.52 44.61 92.27
CA GLU B 217 -8.38 45.17 90.94
C GLU B 217 -7.41 44.31 90.13
N TYR B 218 -7.80 43.98 88.90
CA TYR B 218 -6.99 43.15 88.02
C TYR B 218 -6.76 43.89 86.71
N VAL B 219 -5.70 43.48 86.00
CA VAL B 219 -5.27 44.13 84.77
C VAL B 219 -4.98 43.07 83.73
N VAL B 220 -5.42 43.31 82.50
CA VAL B 220 -5.32 42.35 81.41
C VAL B 220 -4.37 42.89 80.36
N ILE B 221 -3.31 42.13 80.06
CA ILE B 221 -2.31 42.49 79.06
C ILE B 221 -2.34 41.46 77.95
N ALA B 222 -2.25 41.94 76.70
CA ALA B 222 -2.18 41.07 75.52
C ALA B 222 -0.76 41.13 74.97
N GLN B 223 -0.06 39.99 75.01
CA GLN B 223 1.29 39.92 74.46
C GLN B 223 1.20 39.29 73.08
N PRO B 224 1.41 40.06 72.01
CA PRO B 224 1.05 39.56 70.68
C PRO B 224 1.86 38.38 70.17
N PHE B 225 3.17 38.37 70.39
CA PHE B 225 4.02 37.44 69.64
C PHE B 225 3.96 36.02 70.19
N THR B 226 4.05 35.85 71.50
CA THR B 226 3.91 34.52 72.08
C THR B 226 2.46 34.14 72.33
N GLY B 227 1.54 35.06 72.09
CA GLY B 227 0.13 34.79 72.25
C GLY B 227 -0.30 34.52 73.68
N LYS B 228 0.04 35.43 74.59
CA LYS B 228 -0.33 35.32 75.99
C LYS B 228 -1.23 36.49 76.37
N CYS B 229 -2.40 36.16 76.92
CA CYS B 229 -3.32 37.14 77.48
C CYS B 229 -3.15 37.07 78.99
N ILE B 230 -2.58 38.14 79.57
CA ILE B 230 -2.01 38.10 80.91
C ILE B 230 -2.96 38.79 81.89
N PHE B 231 -3.29 38.09 82.97
CA PHE B 231 -4.09 38.64 84.06
C PHE B 231 -3.19 38.78 85.28
N LEU B 232 -3.07 40.00 85.79
CA LEU B 232 -2.27 40.25 86.99
C LEU B 232 -3.10 41.01 88.01
N GLU B 233 -2.75 40.82 89.28
CA GLU B 233 -3.47 41.44 90.39
C GLU B 233 -2.48 42.15 91.31
N TRP B 234 -3.01 43.09 92.08
CA TRP B 234 -2.23 43.72 93.14
C TRP B 234 -2.02 42.73 94.27
N ASP B 235 -0.76 42.50 94.64
CA ASP B 235 -0.45 41.44 95.59
C ASP B 235 -0.75 41.85 97.03
N HIS B 236 -0.61 43.13 97.34
CA HIS B 236 -0.99 43.73 98.62
C HIS B 236 -0.09 43.32 99.78
N VAL B 237 0.79 42.34 99.60
CA VAL B 237 1.90 42.14 100.53
C VAL B 237 3.19 42.41 99.76
N GLU B 238 3.84 43.53 100.07
CA GLU B 238 5.25 43.83 99.75
C GLU B 238 5.55 43.63 98.26
N LYS B 239 4.55 43.82 97.41
CA LYS B 239 4.72 43.63 95.97
C LYS B 239 3.91 44.68 95.22
N THR B 240 4.53 45.32 94.23
CA THR B 240 3.78 46.26 93.40
C THR B 240 2.79 45.52 92.50
N PHE B 241 3.26 44.54 91.73
CA PHE B 241 2.39 43.81 90.82
C PHE B 241 2.87 42.38 90.66
N ARG B 242 1.92 41.45 90.51
CA ARG B 242 2.22 40.06 90.24
C ARG B 242 1.14 39.50 89.32
N ASN B 243 1.56 38.64 88.38
CA ASN B 243 0.64 38.03 87.41
C ASN B 243 0.22 36.67 87.94
N TYR B 244 -1.07 36.54 88.28
CA TYR B 244 -1.60 35.30 88.82
C TYR B 244 -2.16 34.33 87.77
N ASP B 245 -2.30 34.74 86.51
CA ASP B 245 -2.90 33.85 85.53
C ASP B 245 -2.48 34.23 84.12
N ASN B 246 -2.62 33.29 83.20
CA ASN B 246 -2.42 33.51 81.78
C ASN B 246 -3.55 32.84 81.00
N ILE B 247 -3.81 33.35 79.80
CA ILE B 247 -4.67 32.70 78.81
C ILE B 247 -3.88 32.58 77.52
N THR B 248 -3.71 31.35 77.03
CA THR B 248 -2.84 31.17 75.85
C THR B 248 -3.66 31.06 74.56
N GLY B 249 -3.49 32.05 73.69
CA GLY B 249 -4.08 32.12 72.34
C GLY B 249 -3.01 32.59 71.37
N THR B 250 -2.74 31.87 70.30
CA THR B 250 -1.69 32.33 69.37
C THR B 250 -2.18 33.58 68.64
N SER B 251 -1.28 34.51 68.36
CA SER B 251 -1.61 35.77 67.66
C SER B 251 -2.74 36.51 68.37
N THR B 252 -2.67 36.61 69.69
CA THR B 252 -3.68 37.36 70.50
C THR B 252 -3.48 38.85 70.18
N VAL B 253 -4.54 39.64 70.09
CA VAL B 253 -4.36 41.04 69.73
C VAL B 253 -4.93 41.92 70.83
N VAL B 254 -6.25 41.87 71.02
CA VAL B 254 -6.94 42.68 72.01
C VAL B 254 -7.60 41.75 73.02
N CYS B 255 -7.32 41.98 74.30
CA CYS B 255 -8.02 41.30 75.39
C CYS B 255 -8.83 42.34 76.16
N LYS B 256 -10.16 42.26 76.04
CA LYS B 256 -11.08 43.15 76.74
C LYS B 256 -11.95 42.37 77.72
N PRO B 257 -11.78 42.54 79.04
CA PRO B 257 -12.68 41.89 79.99
C PRO B 257 -14.03 42.61 80.07
N ILE B 258 -15.05 41.83 80.42
CA ILE B 258 -16.40 42.34 80.65
C ILE B 258 -16.99 41.59 81.85
N VAL B 259 -17.64 42.33 82.74
CA VAL B 259 -18.32 41.76 83.89
C VAL B 259 -19.79 42.16 83.82
N ILE B 260 -20.67 41.17 83.73
CA ILE B 260 -22.11 41.39 83.71
C ILE B 260 -22.74 40.55 84.81
N GLU B 261 -23.42 41.21 85.74
CA GLU B 261 -24.08 40.58 86.89
C GLU B 261 -23.13 39.62 87.62
N THR B 262 -22.10 40.22 88.20
CA THR B 262 -21.15 39.53 89.07
C THR B 262 -20.58 38.27 88.40
N GLN B 263 -20.38 38.35 87.09
CA GLN B 263 -19.81 37.24 86.33
C GLN B 263 -18.79 37.78 85.35
N LEU B 264 -17.59 37.21 85.36
CA LEU B 264 -16.47 37.70 84.58
C LEU B 264 -16.41 36.99 83.24
N TYR B 265 -16.46 37.77 82.15
CA TYR B 265 -16.29 37.26 80.80
C TYR B 265 -15.15 38.00 80.13
N VAL B 266 -14.40 37.29 79.29
CA VAL B 266 -13.21 37.84 78.64
C VAL B 266 -13.25 37.50 77.16
N ILE B 267 -13.11 38.51 76.31
CA ILE B 267 -13.06 38.33 74.87
C ILE B 267 -11.62 38.46 74.41
N VAL B 268 -11.16 37.49 73.62
CA VAL B 268 -9.84 37.53 73.02
C VAL B 268 -9.99 37.52 71.51
N ALA B 269 -9.06 38.19 70.82
CA ALA B 269 -9.09 38.30 69.38
C ALA B 269 -7.71 37.95 68.82
N GLN B 270 -7.69 37.10 67.79
CA GLN B 270 -6.46 36.67 67.17
C GLN B 270 -6.62 36.71 65.65
N LEU B 271 -5.55 36.36 64.93
CA LEU B 271 -5.62 36.33 63.47
C LEU B 271 -6.28 35.06 62.95
N PHE B 272 -5.98 33.91 63.52
CA PHE B 272 -6.58 32.63 63.11
C PHE B 272 -7.44 32.10 64.24
N GLY B 273 -8.70 31.84 63.95
CA GLY B 273 -9.63 31.37 65.00
C GLY B 273 -9.61 32.38 66.13
N GLY B 274 -9.47 33.65 65.77
CA GLY B 274 -9.40 34.74 66.76
C GLY B 274 -10.67 34.91 67.55
N SER B 275 -11.84 34.82 66.92
CA SER B 275 -13.08 35.08 67.69
C SER B 275 -13.22 34.03 68.78
N HIS B 276 -13.31 34.49 70.02
CA HIS B 276 -13.46 33.63 71.23
C HIS B 276 -14.08 34.47 72.35
N ILE B 277 -14.69 33.83 73.33
CA ILE B 277 -15.24 34.47 74.51
C ILE B 277 -15.14 33.48 75.65
N TYR B 278 -14.64 33.94 76.80
CA TYR B 278 -14.41 33.06 77.92
C TYR B 278 -15.33 33.41 79.09
N LYS B 279 -15.19 32.62 80.15
CA LYS B 279 -15.86 32.85 81.42
C LYS B 279 -14.99 32.26 82.51
N ARG B 280 -15.02 32.86 83.69
CA ARG B 280 -14.20 32.32 84.80
C ARG B 280 -15.10 31.59 85.77
N ASP B 281 -14.79 30.33 86.06
CA ASP B 281 -15.56 29.51 86.98
C ASP B 281 -15.47 30.08 88.39
N SER B 282 -16.59 30.07 89.10
CA SER B 282 -16.64 30.64 90.44
C SER B 282 -15.63 29.99 91.37
N PHE B 283 -15.33 28.72 91.16
CA PHE B 283 -14.36 27.98 91.95
C PHE B 283 -13.15 27.62 91.10
N ALA B 284 -11.99 27.61 91.75
CA ALA B 284 -10.66 27.28 91.23
C ALA B 284 -10.05 28.41 90.39
N ASN B 285 -10.79 29.48 90.10
CA ASN B 285 -10.28 30.64 89.36
C ASN B 285 -9.68 30.22 88.01
N LYS B 286 -10.44 29.43 87.25
CA LYS B 286 -10.01 28.95 85.95
C LYS B 286 -10.96 29.48 84.88
N PHE B 287 -10.40 30.08 83.83
CA PHE B 287 -11.20 30.59 82.73
C PHE B 287 -11.55 29.46 81.77
N ILE B 288 -12.79 29.46 81.29
CA ILE B 288 -13.31 28.42 80.42
C ILE B 288 -13.91 29.07 79.18
N LYS B 289 -13.51 28.56 78.01
CA LYS B 289 -14.02 29.09 76.75
C LYS B 289 -15.51 28.76 76.59
N ILE B 290 -16.30 29.75 76.20
CA ILE B 290 -17.73 29.55 75.97
C ILE B 290 -18.02 29.48 74.47
N GLN B 291 -17.82 30.61 73.77
CA GLN B 291 -18.27 30.76 72.40
C GLN B 291 -17.09 30.96 71.46
N ASP B 292 -17.29 30.56 70.20
CA ASP B 292 -16.38 30.86 69.11
C ASP B 292 -17.19 31.47 67.97
N ILE B 293 -16.92 32.73 67.66
CA ILE B 293 -17.59 33.40 66.54
C ILE B 293 -16.94 32.93 65.24
N GLU B 294 -17.72 32.98 64.16
CA GLU B 294 -17.30 32.42 62.88
C GLU B 294 -16.02 33.09 62.37
N ILE B 295 -15.06 32.27 61.94
CA ILE B 295 -13.81 32.78 61.39
C ILE B 295 -14.07 33.48 60.06
N LEU B 296 -15.13 33.09 59.35
CA LEU B 296 -15.37 33.61 58.01
C LEU B 296 -15.75 35.09 58.04
N LYS B 297 -16.64 35.47 58.96
CA LYS B 297 -17.15 36.85 58.97
C LYS B 297 -16.15 37.82 59.58
N ILE B 298 -15.43 37.41 60.62
CA ILE B 298 -14.47 38.27 61.31
C ILE B 298 -13.07 37.77 61.01
N ARG B 299 -12.27 38.59 60.32
CA ARG B 299 -10.91 38.25 59.96
C ARG B 299 -10.00 39.42 60.29
N LYS B 300 -8.92 39.14 61.03
CA LYS B 300 -7.88 40.11 61.40
C LYS B 300 -8.43 41.33 62.13
N PRO B 301 -9.19 41.18 63.22
CA PRO B 301 -9.64 42.36 63.96
C PRO B 301 -8.48 43.09 64.61
N ASN B 302 -8.43 44.41 64.42
CA ASN B 302 -7.42 45.21 65.10
C ASN B 302 -7.90 45.87 66.40
N ASP B 303 -9.17 45.74 66.78
CA ASP B 303 -9.62 46.44 67.97
C ASP B 303 -10.87 45.79 68.55
N ILE B 304 -11.10 46.07 69.84
CA ILE B 304 -12.34 45.71 70.53
C ILE B 304 -12.66 46.82 71.51
N GLU B 305 -13.95 47.16 71.63
CA GLU B 305 -14.42 48.12 72.63
C GLU B 305 -15.70 47.61 73.27
N THR B 306 -15.86 47.90 74.55
CA THR B 306 -17.01 47.45 75.34
C THR B 306 -17.90 48.63 75.70
N PHE B 307 -19.19 48.50 75.43
CA PHE B 307 -20.16 49.54 75.76
C PHE B 307 -21.50 48.92 76.09
N LYS B 308 -22.21 49.54 77.04
CA LYS B 308 -23.55 49.13 77.45
C LYS B 308 -24.52 50.26 77.17
N ILE B 309 -25.63 49.95 76.52
CA ILE B 309 -26.63 50.95 76.14
C ILE B 309 -27.99 50.48 76.63
N GLU B 310 -28.60 51.25 77.53
CA GLU B 310 -29.98 51.08 77.98
C GLU B 310 -30.26 49.66 78.44
N ASN B 311 -29.59 49.29 79.55
CA ASN B 311 -29.82 48.02 80.23
C ASN B 311 -29.54 46.82 79.32
N ASN B 312 -28.69 47.01 78.31
CA ASN B 312 -28.24 45.93 77.45
C ASN B 312 -26.76 46.09 77.18
N TRP B 313 -26.00 45.01 77.40
CA TRP B 313 -24.58 45.02 77.09
C TRP B 313 -24.36 44.67 75.63
N TYR B 314 -23.58 45.49 74.93
CA TYR B 314 -23.19 45.17 73.57
C TYR B 314 -21.69 44.95 73.51
N PHE B 315 -21.22 44.60 72.32
CA PHE B 315 -19.82 44.26 72.07
C PHE B 315 -19.52 44.66 70.63
N VAL B 316 -18.30 45.14 70.37
CA VAL B 316 -17.96 45.62 69.04
C VAL B 316 -16.51 45.26 68.72
N VAL B 317 -16.28 44.91 67.46
CA VAL B 317 -14.96 44.51 66.97
C VAL B 317 -14.65 45.32 65.71
N ALA B 318 -13.37 45.65 65.54
CA ALA B 318 -12.89 46.36 64.36
C ALA B 318 -12.20 45.37 63.43
N ASP B 319 -12.64 45.31 62.18
CA ASP B 319 -12.10 44.38 61.19
C ASP B 319 -11.18 45.15 60.25
N SER B 320 -9.88 44.87 60.32
CA SER B 320 -8.92 45.57 59.47
C SER B 320 -8.87 45.02 58.05
N SER B 321 -9.35 43.79 57.84
CA SER B 321 -9.42 43.24 56.49
C SER B 321 -10.61 43.81 55.75
N LYS B 322 -10.50 43.85 54.42
CA LYS B 322 -11.62 44.34 53.62
C LYS B 322 -12.72 43.30 53.49
N ALA B 323 -12.38 42.02 53.58
CA ALA B 323 -13.39 40.96 53.48
C ALA B 323 -14.37 41.01 54.65
N GLY B 324 -13.85 41.01 55.88
CA GLY B 324 -14.71 41.07 57.04
C GLY B 324 -15.34 42.44 57.22
N PHE B 325 -16.45 42.45 57.94
CA PHE B 325 -17.20 43.66 58.23
C PHE B 325 -17.19 43.92 59.73
N THR B 326 -17.34 45.19 60.11
CA THR B 326 -17.46 45.52 61.52
C THR B 326 -18.74 44.89 62.07
N THR B 327 -18.68 44.39 63.30
CA THR B 327 -19.82 43.67 63.86
C THR B 327 -20.05 44.06 65.30
N ILE B 328 -21.29 44.42 65.62
CA ILE B 328 -21.73 44.69 66.99
C ILE B 328 -22.56 43.49 67.45
N TYR B 329 -22.34 43.08 68.70
CA TYR B 329 -22.91 41.87 69.26
C TYR B 329 -23.74 42.18 70.49
N LYS B 330 -25.03 41.92 70.42
CA LYS B 330 -25.90 41.98 71.59
C LYS B 330 -25.71 40.74 72.46
N TRP B 331 -25.97 40.89 73.75
CA TRP B 331 -25.78 39.82 74.72
C TRP B 331 -27.11 39.45 75.35
N ASN B 332 -27.58 38.23 75.08
CA ASN B 332 -28.69 37.65 75.82
C ASN B 332 -28.13 36.91 77.03
N GLY B 333 -28.99 36.19 77.75
CA GLY B 333 -28.56 35.55 78.99
C GLY B 333 -27.36 34.63 78.81
N ASN B 334 -27.42 33.76 77.80
CA ASN B 334 -26.41 32.72 77.66
C ASN B 334 -25.10 33.23 77.08
N GLY B 335 -25.15 34.08 76.05
CA GLY B 335 -23.91 34.50 75.43
C GLY B 335 -24.11 35.62 74.43
N PHE B 336 -23.01 35.98 73.77
CA PHE B 336 -23.02 37.03 72.77
C PHE B 336 -23.43 36.48 71.41
N TYR B 337 -24.22 37.26 70.68
CA TYR B 337 -24.64 36.89 69.34
C TYR B 337 -24.73 38.13 68.47
N SER B 338 -24.68 37.92 67.16
CA SER B 338 -24.59 39.02 66.20
C SER B 338 -25.78 39.96 66.32
N HIS B 339 -25.48 41.26 66.35
CA HIS B 339 -26.51 42.30 66.34
C HIS B 339 -26.50 43.06 65.03
N GLN B 340 -25.43 43.79 64.72
CA GLN B 340 -25.39 44.64 63.53
C GLN B 340 -24.03 44.52 62.86
N SER B 341 -23.95 45.01 61.63
CA SER B 341 -22.70 45.07 60.88
C SER B 341 -22.54 46.45 60.25
N LEU B 342 -21.30 46.93 60.22
CA LEU B 342 -21.00 48.28 59.78
C LEU B 342 -19.79 48.29 58.85
N HIS B 343 -19.79 49.24 57.92
CA HIS B 343 -18.66 49.59 57.05
C HIS B 343 -18.20 48.38 56.24
N ALA B 344 -19.06 47.98 55.32
CA ALA B 344 -18.74 46.87 54.43
C ALA B 344 -17.62 47.25 53.47
N TRP B 345 -16.67 46.33 53.31
CA TRP B 345 -15.59 46.47 52.33
C TRP B 345 -14.69 47.66 52.62
N TYR B 346 -14.44 47.91 53.90
CA TYR B 346 -13.48 48.91 54.34
C TYR B 346 -12.48 48.27 55.30
N ARG B 347 -11.29 48.84 55.38
CA ARG B 347 -10.28 48.42 56.34
C ARG B 347 -10.40 49.31 57.57
N ASP B 348 -10.81 48.73 58.69
CA ASP B 348 -11.13 49.50 59.90
C ASP B 348 -10.01 49.33 60.91
N THR B 349 -9.30 50.43 61.20
CA THR B 349 -8.18 50.39 62.13
C THR B 349 -8.65 50.38 63.59
N ASP B 350 -9.66 51.18 63.92
CA ASP B 350 -10.01 51.41 65.31
C ASP B 350 -11.49 51.72 65.42
N VAL B 351 -12.05 51.50 66.62
CA VAL B 351 -13.42 51.85 66.94
C VAL B 351 -13.45 52.48 68.32
N GLU B 352 -14.37 53.44 68.51
CA GLU B 352 -14.52 54.12 69.79
C GLU B 352 -15.98 54.41 70.06
N TYR B 353 -16.39 54.26 71.32
CA TYR B 353 -17.74 54.54 71.75
C TYR B 353 -17.75 55.80 72.61
N LEU B 354 -18.60 56.76 72.27
CA LEU B 354 -18.70 58.01 73.00
C LEU B 354 -20.15 58.45 73.07
N GLU B 355 -20.56 58.92 74.25
CA GLU B 355 -21.89 59.47 74.47
C GLU B 355 -21.80 60.99 74.44
N ILE B 356 -22.49 61.61 73.49
CA ILE B 356 -22.45 63.05 73.30
C ILE B 356 -23.87 63.59 73.25
N VAL B 357 -23.99 64.91 73.43
CA VAL B 357 -25.27 65.59 73.37
C VAL B 357 -25.46 66.11 71.96
N ARG B 358 -26.44 65.56 71.27
CA ARG B 358 -26.73 66.01 69.89
C ARG B 358 -27.95 66.94 69.95
N THR B 359 -27.74 68.19 69.61
CA THR B 359 -28.80 69.20 69.60
C THR B 359 -29.88 68.84 68.57
N PRO B 360 -31.13 69.28 68.80
CA PRO B 360 -31.66 70.06 69.92
C PRO B 360 -31.71 69.31 71.25
N GLN B 361 -31.64 67.98 71.20
CA GLN B 361 -31.84 67.16 72.40
C GLN B 361 -30.85 67.54 73.50
N THR B 362 -31.35 67.61 74.73
CA THR B 362 -30.50 67.75 75.91
C THR B 362 -29.99 66.42 76.44
N LEU B 363 -30.55 65.30 75.96
CA LEU B 363 -30.09 63.98 76.38
C LEU B 363 -28.80 63.60 75.67
N ARG B 364 -28.04 62.73 76.31
CA ARG B 364 -26.80 62.22 75.72
C ARG B 364 -27.13 61.01 74.85
N THR B 365 -26.80 61.12 73.57
CA THR B 365 -27.07 60.04 72.63
C THR B 365 -25.80 59.24 72.38
N PRO B 366 -25.84 57.92 72.54
CA PRO B 366 -24.64 57.12 72.28
C PRO B 366 -24.27 57.13 70.80
N HIS B 367 -22.96 57.25 70.54
CA HIS B 367 -22.45 57.30 69.18
C HIS B 367 -21.27 56.34 69.05
N LEU B 368 -20.91 56.07 67.80
CA LEU B 368 -19.76 55.23 67.48
C LEU B 368 -18.89 55.96 66.48
N ILE B 369 -17.58 55.90 66.71
CA ILE B 369 -16.59 56.52 65.82
C ILE B 369 -15.57 55.45 65.48
N LEU B 370 -15.48 55.08 64.20
CA LEU B 370 -14.52 54.11 63.73
C LEU B 370 -13.68 54.72 62.61
N SER B 371 -12.39 54.38 62.60
CA SER B 371 -11.44 54.96 61.67
C SER B 371 -10.97 53.89 60.69
N SER B 372 -10.79 54.30 59.44
CA SER B 372 -10.29 53.41 58.41
C SER B 372 -8.82 53.70 58.13
N SER B 373 -8.25 52.94 57.18
CA SER B 373 -6.86 53.14 56.80
C SER B 373 -6.71 54.34 55.88
N SER B 374 -7.30 54.25 54.69
CA SER B 374 -7.22 55.31 53.68
C SER B 374 -8.38 56.28 53.74
N GLN B 375 -9.30 56.12 54.69
CA GLN B 375 -10.54 56.87 54.71
C GLN B 375 -10.64 57.74 55.97
N ARG B 376 -11.43 58.80 55.86
CA ARG B 376 -11.73 59.66 56.99
C ARG B 376 -12.54 58.91 58.05
N PRO B 377 -12.47 59.35 59.30
CA PRO B 377 -13.31 58.72 60.34
C PRO B 377 -14.78 58.99 60.09
N VAL B 378 -15.62 58.06 60.54
CA VAL B 378 -17.06 58.15 60.38
C VAL B 378 -17.75 58.01 61.72
N ILE B 379 -18.86 58.72 61.89
CA ILE B 379 -19.61 58.76 63.13
C ILE B 379 -21.00 58.19 62.90
N TYR B 380 -21.49 57.39 63.85
CA TYR B 380 -22.82 56.75 63.74
C TYR B 380 -23.72 57.23 64.88
N GLN B 381 -24.97 57.59 64.56
CA GLN B 381 -25.94 58.07 65.59
C GLN B 381 -26.89 56.92 65.96
N TRP B 382 -27.04 56.65 67.25
CA TRP B 382 -27.90 55.56 67.71
C TRP B 382 -29.37 55.90 67.50
N ASN B 383 -30.13 54.90 67.08
CA ASN B 383 -31.57 55.02 66.87
C ASN B 383 -32.27 54.03 67.79
N LYS B 384 -33.05 54.57 68.74
CA LYS B 384 -33.67 53.72 69.76
C LYS B 384 -34.81 52.90 69.17
N ALA B 385 -35.58 53.47 68.24
CA ALA B 385 -36.75 52.79 67.70
C ALA B 385 -36.37 51.51 66.98
N THR B 386 -35.37 51.60 66.10
CA THR B 386 -34.93 50.45 65.30
C THR B 386 -33.78 49.68 65.95
N GLN B 387 -33.28 50.14 67.10
CA GLN B 387 -32.18 49.46 67.80
C GLN B 387 -30.95 49.37 66.91
N LEU B 388 -30.69 50.42 66.12
CA LEU B 388 -29.58 50.43 65.17
C LEU B 388 -28.90 51.79 65.21
N PHE B 389 -27.93 51.97 64.32
CA PHE B 389 -27.27 53.25 64.09
C PHE B 389 -27.62 53.72 62.69
N THR B 390 -28.24 54.90 62.59
CA THR B 390 -28.81 55.37 61.33
C THR B 390 -27.93 56.42 60.65
N ASN B 391 -27.79 57.59 61.26
CA ASN B 391 -26.95 58.65 60.71
C ASN B 391 -25.54 58.13 60.48
N GLN B 392 -25.03 58.33 59.26
CA GLN B 392 -23.64 58.01 58.96
C GLN B 392 -23.00 59.27 58.39
N THR B 393 -22.02 59.82 59.11
CA THR B 393 -21.36 61.05 58.70
C THR B 393 -19.87 60.94 58.97
N ASP B 394 -19.07 61.53 58.09
CA ASP B 394 -17.62 61.55 58.22
C ASP B 394 -17.17 62.94 58.65
N ILE B 395 -16.13 62.98 59.49
CA ILE B 395 -15.61 64.25 59.99
C ILE B 395 -14.64 64.82 58.96
N PRO B 396 -14.94 66.00 58.42
CA PRO B 396 -14.17 66.52 57.28
C PRO B 396 -12.77 67.01 57.67
N ASN B 397 -11.94 67.13 56.63
CA ASN B 397 -10.65 67.82 56.68
C ASN B 397 -9.62 67.14 57.58
N MET B 398 -9.71 65.82 57.75
CA MET B 398 -8.57 65.05 58.25
C MET B 398 -8.60 63.68 57.62
N GLU B 399 -7.41 63.16 57.29
CA GLU B 399 -7.27 61.88 56.63
C GLU B 399 -6.21 61.05 57.34
N ASP B 400 -6.20 59.75 57.03
CA ASP B 400 -5.23 58.80 57.58
C ASP B 400 -5.26 58.78 59.11
N VAL B 401 -6.46 58.86 59.67
CA VAL B 401 -6.61 58.77 61.13
C VAL B 401 -6.57 57.30 61.52
N TYR B 402 -5.61 56.93 62.36
CA TYR B 402 -5.52 55.55 62.83
C TYR B 402 -6.52 55.24 63.93
N ALA B 403 -6.69 56.16 64.89
CA ALA B 403 -7.52 55.90 66.05
C ALA B 403 -8.08 57.21 66.58
N VAL B 404 -9.21 57.11 67.27
CA VAL B 404 -9.88 58.26 67.88
C VAL B 404 -10.29 57.86 69.29
N LYS B 405 -9.89 58.67 70.27
CA LYS B 405 -10.30 58.49 71.66
C LYS B 405 -11.13 59.70 72.09
N HIS B 406 -11.59 59.70 73.34
CA HIS B 406 -12.52 60.72 73.79
C HIS B 406 -12.28 61.04 75.26
N PHE B 407 -12.68 62.26 75.65
CA PHE B 407 -12.68 62.68 77.04
C PHE B 407 -13.69 63.80 77.21
N SER B 408 -14.09 64.04 78.45
CA SER B 408 -15.08 65.05 78.77
C SER B 408 -14.53 65.95 79.86
N VAL B 409 -14.51 67.26 79.60
CA VAL B 409 -14.11 68.27 80.57
C VAL B 409 -15.35 69.10 80.88
N LYS B 410 -15.84 68.97 82.12
CA LYS B 410 -17.08 69.61 82.56
C LYS B 410 -18.18 69.18 81.61
N GLY B 411 -18.99 70.08 81.06
CA GLY B 411 -20.08 69.68 80.19
C GLY B 411 -19.66 69.33 78.78
N ASP B 412 -18.56 69.92 78.31
CA ASP B 412 -18.12 69.68 76.94
C ASP B 412 -17.52 68.28 76.80
N VAL B 413 -17.57 67.77 75.56
CA VAL B 413 -16.99 66.49 75.20
C VAL B 413 -16.05 66.68 74.03
N TYR B 414 -14.81 66.24 74.19
CA TYR B 414 -13.77 66.40 73.17
C TYR B 414 -13.23 65.03 72.77
N ILE B 415 -12.61 64.98 71.59
CA ILE B 415 -12.03 63.75 71.07
C ILE B 415 -10.59 64.00 70.66
N CYS B 416 -9.76 62.98 70.81
CA CYS B 416 -8.36 63.01 70.39
C CYS B 416 -8.20 62.06 69.19
N LEU B 417 -7.79 62.61 68.05
CA LEU B 417 -7.65 61.84 66.82
C LEU B 417 -6.18 61.59 66.55
N THR B 418 -5.83 60.32 66.32
CA THR B 418 -4.44 59.89 66.18
C THR B 418 -4.04 59.83 64.72
N ARG B 419 -2.85 60.35 64.42
CA ARG B 419 -2.26 60.26 63.09
C ARG B 419 -0.82 59.83 63.24
N PHE B 420 -0.39 58.87 62.41
CA PHE B 420 0.96 58.32 62.55
C PHE B 420 2.03 59.37 62.25
N ILE B 421 1.95 60.00 61.08
CA ILE B 421 2.81 61.12 60.74
C ILE B 421 1.92 62.23 60.21
N GLY B 422 1.91 63.36 60.91
CA GLY B 422 0.99 64.43 60.60
C GLY B 422 0.73 65.24 61.87
N ASP B 423 -0.41 65.93 61.85
CA ASP B 423 -0.89 66.64 63.03
C ASP B 423 -2.02 65.83 63.65
N SER B 424 -1.78 65.29 64.85
CA SER B 424 -2.85 64.77 65.67
C SER B 424 -3.51 65.94 66.37
N LYS B 425 -4.84 66.03 66.27
CA LYS B 425 -5.55 67.20 66.76
C LYS B 425 -6.71 66.81 67.65
N VAL B 426 -7.00 67.67 68.61
CA VAL B 426 -8.15 67.56 69.50
C VAL B 426 -9.25 68.47 68.97
N MET B 427 -10.49 68.00 69.05
CA MET B 427 -11.63 68.74 68.52
C MET B 427 -12.74 68.83 69.55
N LYS B 428 -13.46 69.95 69.53
CA LYS B 428 -14.59 70.18 70.40
C LYS B 428 -15.88 69.73 69.72
N TRP B 429 -16.75 69.08 70.48
CA TRP B 429 -18.07 68.71 69.98
C TRP B 429 -19.03 69.87 70.20
N GLY B 430 -19.59 70.38 69.12
CA GLY B 430 -20.62 71.39 69.16
C GLY B 430 -21.99 70.78 69.07
N GLY B 431 -22.96 71.57 68.59
CA GLY B 431 -24.29 71.04 68.40
C GLY B 431 -24.40 70.10 67.21
N SER B 432 -23.63 70.36 66.15
CA SER B 432 -23.72 69.60 64.91
C SER B 432 -22.48 68.73 64.71
N SER B 433 -21.31 69.34 64.51
CA SER B 433 -20.10 68.62 64.16
C SER B 433 -18.99 68.97 65.14
N PHE B 434 -17.80 68.44 64.88
CA PHE B 434 -16.63 68.70 65.71
C PHE B 434 -15.89 69.94 65.21
N GLN B 435 -15.42 70.76 66.15
CA GLN B 435 -14.76 72.02 65.85
C GLN B 435 -13.29 71.93 66.23
N ASP B 436 -12.43 72.50 65.38
CA ASP B 436 -10.99 72.44 65.62
C ASP B 436 -10.62 73.17 66.90
N ILE B 437 -9.75 72.54 67.69
CA ILE B 437 -9.26 73.14 68.94
C ILE B 437 -7.76 73.35 68.85
N GLN B 438 -7.00 72.26 68.79
CA GLN B 438 -5.55 72.31 68.87
C GLN B 438 -4.95 71.29 67.91
N ARG B 439 -3.88 71.68 67.22
CA ARG B 439 -3.16 70.81 66.30
C ARG B 439 -1.79 70.49 66.90
N MET B 440 -1.58 69.23 67.26
CA MET B 440 -0.35 68.79 67.89
C MET B 440 0.41 67.85 66.97
N PRO B 441 1.57 68.23 66.45
CA PRO B 441 2.31 67.32 65.57
C PRO B 441 2.91 66.16 66.36
N SER B 442 2.89 64.99 65.74
CA SER B 442 3.46 63.79 66.34
C SER B 442 4.14 62.97 65.26
N ARG B 443 5.28 62.39 65.63
CA ARG B 443 6.03 61.54 64.67
C ARG B 443 5.94 60.09 65.13
N GLY B 444 5.30 59.26 64.33
CA GLY B 444 5.18 57.83 64.59
C GLY B 444 4.30 57.48 65.77
N SER B 445 3.11 58.08 65.84
CA SER B 445 2.20 57.91 66.97
C SER B 445 1.12 56.88 66.62
N MET B 446 1.13 55.75 67.33
CA MET B 446 0.09 54.75 67.17
C MET B 446 -1.05 54.92 68.17
N VAL B 447 -0.97 55.86 69.10
CA VAL B 447 -2.03 56.08 70.07
C VAL B 447 -2.07 57.55 70.45
N PHE B 448 -3.27 58.07 70.69
CA PHE B 448 -3.46 59.32 71.42
C PHE B 448 -4.45 59.01 72.53
N GLN B 449 -4.00 59.07 73.78
CA GLN B 449 -4.83 58.66 74.91
C GLN B 449 -5.13 59.81 75.86
N PRO B 450 -6.36 60.30 75.95
CA PRO B 450 -6.75 61.12 77.09
C PRO B 450 -6.94 60.26 78.34
N LEU B 451 -6.58 60.83 79.48
CA LEU B 451 -6.75 60.18 80.78
C LEU B 451 -7.16 61.21 81.82
N GLN B 452 -8.11 60.85 82.67
CA GLN B 452 -8.60 61.72 83.74
C GLN B 452 -8.27 61.07 85.08
N ILE B 453 -7.39 61.70 85.86
CA ILE B 453 -7.00 61.20 87.19
C ILE B 453 -7.18 62.34 88.18
N ASN B 454 -8.12 62.17 89.12
CA ASN B 454 -8.39 63.12 90.19
C ASN B 454 -8.42 64.56 89.68
N ASN B 455 -9.41 64.83 88.83
CA ASN B 455 -9.66 66.15 88.25
C ASN B 455 -8.47 66.68 87.47
N TYR B 456 -7.61 65.79 86.98
CA TYR B 456 -6.50 66.15 86.10
C TYR B 456 -6.69 65.38 84.80
N GLN B 457 -6.94 66.11 83.71
CA GLN B 457 -7.07 65.50 82.39
C GLN B 457 -5.72 65.60 81.70
N TYR B 458 -5.08 64.46 81.47
CA TYR B 458 -3.86 64.47 80.68
C TYR B 458 -4.17 64.01 79.26
N ALA B 459 -3.12 64.01 78.43
CA ALA B 459 -3.14 63.35 77.14
C ALA B 459 -1.75 62.78 76.91
N ILE B 460 -1.68 61.54 76.43
CA ILE B 460 -0.41 60.91 76.15
C ILE B 460 -0.33 60.64 74.65
N LEU B 461 0.73 61.15 74.02
CA LEU B 461 0.97 60.95 72.59
C LEU B 461 2.31 60.22 72.46
N GLY B 462 2.26 58.98 71.98
CA GLY B 462 3.44 58.15 71.94
C GLY B 462 4.17 58.24 70.61
N SER B 463 5.43 57.82 70.62
CA SER B 463 6.23 57.74 69.41
C SER B 463 7.08 56.48 69.44
N ASP B 464 7.07 55.73 68.33
CA ASP B 464 8.01 54.63 68.16
C ASP B 464 9.41 55.12 67.83
N TYR B 465 9.56 56.41 67.55
CA TYR B 465 10.82 57.02 67.12
C TYR B 465 11.48 57.81 68.25
N SER B 466 10.83 58.89 68.69
CA SER B 466 11.35 59.82 69.68
C SER B 466 10.54 59.72 70.96
N PHE B 467 10.88 60.57 71.93
CA PHE B 467 10.25 60.50 73.25
C PHE B 467 8.73 60.65 73.14
N THR B 468 8.02 59.94 74.02
CA THR B 468 6.58 60.04 74.10
C THR B 468 6.21 61.33 74.83
N GLN B 469 5.40 62.15 74.19
CA GLN B 469 5.08 63.49 74.71
C GLN B 469 3.77 63.42 75.48
N VAL B 470 3.85 63.67 76.78
CA VAL B 470 2.67 63.74 77.65
C VAL B 470 2.22 65.20 77.72
N TYR B 471 0.91 65.41 77.65
CA TYR B 471 0.33 66.73 77.72
C TYR B 471 -0.58 66.85 78.93
N ASN B 472 -0.73 68.07 79.44
CA ASN B 472 -1.58 68.35 80.58
C ASN B 472 -2.62 69.40 80.19
N TRP B 473 -3.80 69.31 80.81
CA TRP B 473 -4.89 70.21 80.51
C TRP B 473 -4.74 71.51 81.31
N ASP B 474 -4.92 72.63 80.64
CA ASP B 474 -4.93 73.94 81.28
C ASP B 474 -6.36 74.46 81.26
N ALA B 475 -6.96 74.64 82.44
CA ALA B 475 -8.35 75.09 82.50
C ALA B 475 -8.50 76.50 81.98
N GLU B 476 -7.58 77.40 82.33
CA GLU B 476 -7.69 78.78 81.88
C GLU B 476 -7.42 78.89 80.39
N LYS B 477 -6.37 78.25 79.91
CA LYS B 477 -6.04 78.26 78.48
C LYS B 477 -7.03 77.45 77.67
N ALA B 478 -7.64 76.43 78.28
CA ALA B 478 -8.57 75.51 77.60
C ALA B 478 -7.90 74.75 76.47
N LYS B 479 -6.57 74.56 76.57
CA LYS B 479 -5.79 73.90 75.55
C LYS B 479 -4.70 73.07 76.22
N PHE B 480 -4.42 71.89 75.66
CA PHE B 480 -3.38 71.03 76.21
C PHE B 480 -2.02 71.70 76.12
N VAL B 481 -1.22 71.53 77.16
CA VAL B 481 0.13 72.09 77.23
C VAL B 481 1.11 70.94 77.46
N LYS B 482 2.31 71.10 76.90
CA LYS B 482 3.34 70.08 77.06
C LYS B 482 3.70 69.90 78.53
N PHE B 483 3.77 68.65 78.97
CA PHE B 483 3.86 68.33 80.39
C PHE B 483 5.12 67.54 80.71
N GLN B 484 5.24 66.30 80.23
CA GLN B 484 6.37 65.44 80.56
C GLN B 484 6.70 64.58 79.35
N GLU B 485 7.95 64.10 79.31
CA GLU B 485 8.43 63.22 78.26
C GLU B 485 8.70 61.85 78.86
N LEU B 486 8.09 60.82 78.26
CA LEU B 486 8.24 59.41 78.71
C LEU B 486 8.95 58.61 77.60
N ASN B 487 9.93 57.80 77.96
CA ASN B 487 10.66 57.01 76.94
C ASN B 487 10.06 55.60 76.85
N VAL B 488 9.51 55.24 75.70
CA VAL B 488 8.91 53.89 75.46
C VAL B 488 9.42 53.39 74.10
N GLN B 489 9.86 52.15 74.01
CA GLN B 489 10.44 51.72 72.71
C GLN B 489 9.35 51.81 71.65
N ALA B 490 8.19 51.26 71.93
CA ALA B 490 7.03 51.34 71.02
C ALA B 490 5.74 51.38 71.83
N PRO B 491 5.05 52.51 71.87
CA PRO B 491 3.85 52.45 72.68
C PRO B 491 2.56 52.31 71.87
N ARG B 492 1.80 51.26 72.12
CA ARG B 492 0.52 51.05 71.40
C ARG B 492 -0.64 51.36 72.33
N SER B 493 -0.39 51.71 73.58
CA SER B 493 -1.50 51.96 74.49
C SER B 493 -1.03 52.74 75.71
N PHE B 494 -1.98 53.37 76.38
CA PHE B 494 -1.78 53.90 77.73
C PHE B 494 -3.05 53.67 78.53
N THR B 495 -2.91 53.15 79.77
CA THR B 495 -4.06 52.77 80.57
C THR B 495 -3.92 53.30 81.98
N HIS B 496 -5.03 53.80 82.54
CA HIS B 496 -5.08 54.30 83.91
C HIS B 496 -5.59 53.21 84.85
N VAL B 497 -4.80 52.93 85.89
CA VAL B 497 -5.12 51.90 86.87
C VAL B 497 -5.21 52.55 88.25
N SER B 498 -6.33 52.35 88.92
CA SER B 498 -6.57 52.91 90.25
C SER B 498 -6.66 51.78 91.27
N ILE B 499 -5.69 51.73 92.17
CA ILE B 499 -5.75 50.89 93.36
C ILE B 499 -6.36 51.78 94.44
N ASN B 500 -6.37 51.33 95.70
CA ASN B 500 -6.96 52.16 96.74
C ASN B 500 -5.95 53.22 97.15
N LYS B 501 -6.35 54.49 96.98
CA LYS B 501 -5.49 55.65 97.25
C LYS B 501 -4.13 55.51 96.56
N ARG B 502 -4.12 54.87 95.39
CA ARG B 502 -2.91 54.67 94.60
C ARG B 502 -3.26 54.79 93.13
N ASN B 503 -2.42 55.47 92.36
CA ASN B 503 -2.67 55.67 90.95
C ASN B 503 -1.44 55.28 90.13
N PHE B 504 -1.65 54.39 89.16
CA PHE B 504 -0.62 53.93 88.24
C PHE B 504 -1.09 54.15 86.82
N LEU B 505 -0.13 54.20 85.89
CA LEU B 505 -0.42 54.14 84.47
C LEU B 505 0.43 53.04 83.85
N PHE B 506 -0.17 52.30 82.93
CA PHE B 506 0.50 51.24 82.20
C PHE B 506 0.76 51.69 80.77
N ALA B 507 1.99 51.46 80.29
CA ALA B 507 2.36 51.77 78.92
C ALA B 507 2.87 50.50 78.26
N SER B 508 2.16 50.04 77.24
CA SER B 508 2.61 48.90 76.46
C SER B 508 3.83 49.29 75.63
N SER B 509 4.64 48.29 75.28
CA SER B 509 5.73 48.48 74.33
C SER B 509 5.72 47.32 73.36
N PHE B 510 5.57 47.63 72.07
CA PHE B 510 5.52 46.57 71.06
C PHE B 510 6.89 45.99 70.78
N LYS B 511 7.89 46.86 70.60
CA LYS B 511 9.25 46.44 70.28
C LYS B 511 10.15 46.30 71.52
N GLY B 512 9.61 46.52 72.71
CA GLY B 512 10.42 46.48 73.91
C GLY B 512 9.59 46.11 75.12
N ASN B 513 10.24 46.10 76.28
CA ASN B 513 9.56 45.73 77.52
C ASN B 513 8.61 46.83 77.97
N THR B 514 7.42 46.43 78.41
CA THR B 514 6.40 47.39 78.79
C THR B 514 6.72 48.03 80.14
N GLN B 515 6.17 49.23 80.36
CA GLN B 515 6.51 50.06 81.49
C GLN B 515 5.29 50.28 82.40
N ILE B 516 5.56 50.38 83.70
CA ILE B 516 4.55 50.72 84.69
C ILE B 516 5.03 51.97 85.44
N TYR B 517 4.28 53.06 85.29
CA TYR B 517 4.59 54.34 85.90
C TYR B 517 3.70 54.60 87.10
N LYS B 518 4.26 55.24 88.13
CA LYS B 518 3.53 55.60 89.33
C LYS B 518 3.20 57.09 89.31
N HIS B 519 1.96 57.41 89.66
CA HIS B 519 1.46 58.79 89.65
C HIS B 519 1.65 59.38 91.05
N VAL B 520 2.51 60.39 91.16
CA VAL B 520 2.83 61.03 92.42
C VAL B 520 2.50 62.52 92.32
N ILE B 521 1.79 63.03 93.31
CA ILE B 521 1.46 64.45 93.41
C ILE B 521 2.32 65.06 94.50
N VAL B 522 3.01 66.15 94.17
CA VAL B 522 3.97 66.78 95.08
C VAL B 522 3.52 68.20 95.35
N ASP B 523 3.84 68.69 96.56
CA ASP B 523 3.57 70.05 96.97
C ASP B 523 4.88 70.71 97.37
N LEU B 524 5.29 71.73 96.62
CA LEU B 524 6.52 72.44 96.94
C LEU B 524 6.36 73.44 98.08
N SER B 525 5.12 73.72 98.48
CA SER B 525 4.87 74.68 99.55
C SER B 525 5.27 74.15 100.92
N ALA B 526 5.62 72.86 101.00
CA ALA B 526 6.10 72.24 102.23
C ALA B 526 7.53 71.70 102.04
N ASN C 1 -40.88 -35.85 -4.46
CA ASN C 1 -41.25 -37.19 -4.02
C ASN C 1 -40.00 -38.06 -3.86
N VAL C 2 -39.97 -38.84 -2.77
CA VAL C 2 -38.78 -39.64 -2.46
C VAL C 2 -38.64 -40.81 -3.44
N GLU C 3 -39.73 -41.25 -4.07
CA GLU C 3 -39.63 -42.33 -5.04
C GLU C 3 -39.09 -41.84 -6.37
N GLU C 4 -39.48 -40.62 -6.77
CA GLU C 4 -39.10 -40.08 -8.07
C GLU C 4 -37.66 -39.56 -8.09
N GLU C 5 -37.08 -39.28 -6.94
CA GLU C 5 -35.69 -38.88 -6.88
C GLU C 5 -34.78 -40.02 -7.33
N THR C 6 -33.60 -39.66 -7.82
CA THR C 6 -32.63 -40.66 -8.27
C THR C 6 -31.71 -41.00 -7.10
N LYS C 7 -31.79 -42.24 -6.64
CA LYS C 7 -30.91 -42.74 -5.61
C LYS C 7 -29.55 -43.10 -6.22
N TYR C 8 -28.52 -43.05 -5.37
CA TYR C 8 -27.19 -43.48 -5.75
C TYR C 8 -26.64 -44.39 -4.67
N ILE C 9 -26.16 -45.56 -5.07
CA ILE C 9 -25.56 -46.52 -4.14
C ILE C 9 -24.06 -46.41 -4.31
N GLU C 10 -23.39 -45.89 -3.29
CA GLU C 10 -21.94 -45.89 -3.26
C GLU C 10 -21.46 -47.27 -2.83
N LEU C 11 -20.69 -47.93 -3.67
CA LEU C 11 -20.40 -49.35 -3.53
C LEU C 11 -18.90 -49.58 -3.48
N MET C 12 -18.49 -50.43 -2.55
CA MET C 12 -17.12 -50.90 -2.45
C MET C 12 -17.10 -52.40 -2.67
N ILE C 13 -16.21 -52.85 -3.54
CA ILE C 13 -16.05 -54.26 -3.87
C ILE C 13 -14.75 -54.77 -3.25
N VAL C 14 -14.80 -55.97 -2.70
CA VAL C 14 -13.62 -56.65 -2.15
C VAL C 14 -13.41 -57.94 -2.91
N ASN C 15 -12.27 -58.09 -3.57
CA ASN C 15 -11.91 -59.30 -4.31
C ASN C 15 -11.00 -60.16 -3.44
N ASP C 16 -11.44 -61.37 -3.14
CA ASP C 16 -10.64 -62.28 -2.31
C ASP C 16 -9.53 -62.93 -3.16
N HIS C 17 -8.76 -63.80 -2.52
CA HIS C 17 -7.60 -64.40 -3.18
C HIS C 17 -8.03 -65.33 -4.31
N LEU C 18 -9.14 -66.05 -4.13
CA LEU C 18 -9.58 -66.98 -5.16
C LEU C 18 -10.04 -66.26 -6.43
N MET C 19 -10.70 -65.11 -6.27
CA MET C 19 -11.04 -64.27 -7.42
C MET C 19 -9.78 -63.80 -8.12
N PHE C 20 -8.80 -63.33 -7.34
CA PHE C 20 -7.52 -62.90 -7.89
C PHE C 20 -6.88 -64.02 -8.70
N LYS C 21 -7.03 -65.26 -8.24
CA LYS C 21 -6.54 -66.41 -9.01
C LYS C 21 -7.37 -66.60 -10.28
N LYS C 22 -8.69 -66.40 -10.19
CA LYS C 22 -9.55 -66.55 -11.36
C LYS C 22 -9.21 -65.55 -12.45
N HIS C 23 -8.59 -64.44 -12.11
CA HIS C 23 -8.10 -63.45 -13.07
C HIS C 23 -6.63 -63.64 -13.43
N ARG C 24 -5.98 -64.70 -12.95
CA ARG C 24 -4.57 -64.98 -13.23
C ARG C 24 -3.64 -63.92 -12.61
N LEU C 25 -3.99 -63.49 -11.39
CA LEU C 25 -3.11 -62.68 -10.55
C LEU C 25 -2.82 -61.31 -11.17
N SER C 26 -3.83 -60.70 -11.78
CA SER C 26 -3.69 -59.45 -12.50
C SER C 26 -4.58 -58.41 -11.85
N VAL C 27 -3.99 -57.25 -11.53
CA VAL C 27 -4.77 -56.20 -10.90
C VAL C 27 -5.69 -55.53 -11.91
N VAL C 28 -5.19 -55.32 -13.13
CA VAL C 28 -5.99 -54.67 -14.17
C VAL C 28 -7.19 -55.54 -14.54
N HIS C 29 -7.01 -56.85 -14.56
CA HIS C 29 -8.10 -57.74 -14.94
C HIS C 29 -9.17 -57.80 -13.85
N THR C 30 -8.77 -57.95 -12.59
CA THR C 30 -9.75 -57.94 -11.50
C THR C 30 -10.50 -56.61 -11.46
N ASN C 31 -9.76 -55.51 -11.58
CA ASN C 31 -10.37 -54.18 -11.50
C ASN C 31 -11.36 -53.96 -12.64
N THR C 32 -10.91 -54.16 -13.88
CA THR C 32 -11.79 -53.91 -15.03
C THR C 32 -12.97 -54.88 -15.05
N TYR C 33 -12.74 -56.13 -14.63
CA TYR C 33 -13.82 -57.12 -14.60
C TYR C 33 -14.89 -56.69 -13.60
N ALA C 34 -14.49 -56.42 -12.36
CA ALA C 34 -15.45 -55.98 -11.36
C ALA C 34 -16.16 -54.71 -11.81
N LYS C 35 -15.43 -53.77 -12.40
CA LYS C 35 -16.06 -52.54 -12.89
C LYS C 35 -17.10 -52.85 -13.97
N SER C 36 -16.86 -53.87 -14.81
CA SER C 36 -17.85 -54.23 -15.81
C SER C 36 -19.10 -54.81 -15.16
N VAL C 37 -18.92 -55.68 -14.16
CA VAL C 37 -20.05 -56.21 -13.40
C VAL C 37 -20.89 -55.06 -12.83
N VAL C 38 -20.22 -54.12 -12.15
CA VAL C 38 -20.92 -52.98 -11.58
C VAL C 38 -21.62 -52.16 -12.66
N ASN C 39 -21.02 -52.06 -13.85
CA ASN C 39 -21.67 -51.32 -14.93
C ASN C 39 -22.99 -51.95 -15.33
N MET C 40 -23.00 -53.28 -15.51
CA MET C 40 -24.23 -53.94 -15.94
C MET C 40 -25.31 -53.86 -14.85
N ALA C 41 -24.92 -54.16 -13.60
CA ALA C 41 -25.87 -54.01 -12.49
C ALA C 41 -26.43 -52.60 -12.44
N ASP C 42 -25.56 -51.60 -12.64
CA ASP C 42 -26.01 -50.22 -12.68
C ASP C 42 -27.00 -49.99 -13.82
N LEU C 43 -26.84 -50.69 -14.95
CA LEU C 43 -27.82 -50.55 -16.01
C LEU C 43 -29.19 -51.07 -15.57
N ILE C 44 -29.19 -52.18 -14.81
CA ILE C 44 -30.46 -52.73 -14.34
C ILE C 44 -31.14 -51.76 -13.37
N TYR C 45 -30.41 -51.36 -12.33
CA TYR C 45 -31.02 -50.48 -11.32
C TYR C 45 -31.39 -49.14 -11.93
N LYS C 46 -30.56 -48.65 -12.85
CA LYS C 46 -30.79 -47.37 -13.50
C LYS C 46 -32.12 -47.39 -14.26
N ASP C 47 -32.33 -48.43 -15.07
CA ASP C 47 -33.59 -48.52 -15.80
C ASP C 47 -34.77 -48.63 -14.86
N GLN C 48 -34.74 -49.62 -13.96
CA GLN C 48 -35.96 -49.94 -13.19
C GLN C 48 -36.15 -49.03 -11.97
N LEU C 49 -35.22 -49.08 -11.02
CA LEU C 49 -35.42 -48.56 -9.67
C LEU C 49 -35.07 -47.09 -9.52
N LYS C 50 -34.67 -46.42 -10.61
CA LYS C 50 -34.25 -45.02 -10.57
C LYS C 50 -33.12 -44.84 -9.56
N THR C 51 -32.22 -45.82 -9.51
CA THR C 51 -31.09 -45.84 -8.60
C THR C 51 -29.84 -46.19 -9.39
N ARG C 52 -28.77 -45.45 -9.16
CA ARG C 52 -27.51 -45.69 -9.85
C ARG C 52 -26.56 -46.41 -8.93
N ILE C 53 -25.76 -47.32 -9.49
CA ILE C 53 -24.75 -48.05 -8.73
C ILE C 53 -23.40 -47.54 -9.17
N VAL C 54 -22.71 -46.86 -8.26
CA VAL C 54 -21.40 -46.27 -8.50
C VAL C 54 -20.40 -46.96 -7.58
N LEU C 55 -19.24 -47.33 -8.12
CA LEU C 55 -18.22 -47.98 -7.31
C LEU C 55 -17.28 -46.90 -6.82
N VAL C 56 -17.32 -46.62 -5.50
CA VAL C 56 -16.45 -45.61 -4.93
C VAL C 56 -15.10 -46.14 -4.45
N ALA C 57 -14.94 -47.46 -4.33
CA ALA C 57 -13.70 -48.01 -3.79
C ALA C 57 -13.56 -49.45 -4.25
N MET C 58 -12.32 -49.94 -4.19
CA MET C 58 -12.08 -51.36 -4.42
C MET C 58 -10.88 -51.80 -3.59
N GLU C 59 -10.95 -53.01 -3.07
CA GLU C 59 -9.83 -53.65 -2.38
C GLU C 59 -9.69 -55.08 -2.87
N THR C 60 -8.51 -55.41 -3.39
CA THR C 60 -8.19 -56.77 -3.79
C THR C 60 -7.06 -57.28 -2.91
N TRP C 61 -7.19 -58.51 -2.42
CA TRP C 61 -6.14 -59.13 -1.63
C TRP C 61 -5.33 -59.97 -2.60
N ALA C 62 -4.08 -59.56 -2.85
CA ALA C 62 -3.21 -60.37 -3.70
C ALA C 62 -2.54 -61.52 -2.96
N THR C 63 -2.30 -61.39 -1.66
CA THR C 63 -1.51 -62.41 -0.95
C THR C 63 -2.38 -63.57 -0.47
N ASP C 64 -3.17 -63.34 0.57
CA ASP C 64 -4.03 -64.36 1.15
C ASP C 64 -5.35 -63.74 1.58
N ASN C 65 -6.34 -64.60 1.77
CA ASN C 65 -7.61 -64.17 2.32
C ASN C 65 -7.42 -63.75 3.78
N LYS C 66 -8.05 -62.64 4.17
CA LYS C 66 -7.85 -62.12 5.52
C LYS C 66 -8.48 -63.04 6.57
N PHE C 67 -9.70 -63.50 6.31
CA PHE C 67 -10.40 -64.42 7.20
C PHE C 67 -10.63 -65.74 6.47
N ALA C 68 -11.31 -66.66 7.15
CA ALA C 68 -11.52 -68.00 6.61
C ALA C 68 -12.84 -68.01 5.85
N ILE C 69 -12.76 -68.25 4.54
CA ILE C 69 -13.93 -68.28 3.68
C ILE C 69 -14.58 -69.65 3.79
N SER C 70 -15.91 -69.67 3.69
CA SER C 70 -16.69 -70.89 3.85
C SER C 70 -17.51 -71.17 2.60
N GLU C 71 -17.84 -72.45 2.41
CA GLU C 71 -18.77 -72.83 1.36
C GLU C 71 -20.20 -72.39 1.67
N ASN C 72 -20.49 -72.08 2.93
CA ASN C 72 -21.79 -71.56 3.30
C ASN C 72 -21.80 -70.04 3.10
N PRO C 73 -22.70 -69.51 2.26
CA PRO C 73 -22.68 -68.05 2.03
C PRO C 73 -23.03 -67.23 3.26
N LEU C 74 -23.84 -67.76 4.17
CA LEU C 74 -24.23 -66.99 5.34
C LEU C 74 -23.07 -66.80 6.30
N ILE C 75 -22.32 -67.87 6.59
CA ILE C 75 -21.12 -67.75 7.43
C ILE C 75 -20.13 -66.78 6.79
N THR C 76 -19.90 -66.92 5.49
CA THR C 76 -18.99 -66.00 4.80
C THR C 76 -19.48 -64.56 4.90
N LEU C 77 -20.81 -64.35 4.89
CA LEU C 77 -21.34 -63.00 5.06
C LEU C 77 -21.08 -62.47 6.46
N ARG C 78 -21.34 -63.27 7.49
CA ARG C 78 -21.09 -62.85 8.87
C ARG C 78 -19.62 -62.49 9.06
N GLU C 79 -18.72 -63.39 8.70
CA GLU C 79 -17.29 -63.13 8.88
C GLU C 79 -16.84 -61.93 8.07
N PHE C 80 -17.36 -61.80 6.85
CA PHE C 80 -16.97 -60.67 6.01
C PHE C 80 -17.42 -59.35 6.62
N MET C 81 -18.61 -59.32 7.20
CA MET C 81 -19.07 -58.09 7.85
C MET C 81 -18.31 -57.84 9.15
N LYS C 82 -17.82 -58.88 9.81
CA LYS C 82 -16.90 -58.67 10.93
C LYS C 82 -15.63 -57.99 10.45
N TYR C 83 -15.08 -58.44 9.32
CA TYR C 83 -13.89 -57.80 8.77
C TYR C 83 -14.19 -56.36 8.35
N ARG C 84 -15.35 -56.13 7.76
CA ARG C 84 -15.75 -54.78 7.39
C ARG C 84 -15.85 -53.89 8.61
N ARG C 85 -16.40 -54.41 9.70
CA ARG C 85 -16.56 -53.62 10.91
C ARG C 85 -15.21 -53.28 11.53
N ASP C 86 -14.33 -54.28 11.68
CA ASP C 86 -13.07 -54.05 12.38
C ASP C 86 -11.97 -53.48 11.51
N PHE C 87 -12.12 -53.48 10.18
CA PHE C 87 -10.99 -53.17 9.33
C PHE C 87 -11.28 -52.07 8.30
N ILE C 88 -12.19 -52.31 7.37
CA ILE C 88 -12.36 -51.36 6.27
C ILE C 88 -12.69 -49.99 6.86
N LYS C 89 -11.89 -48.98 6.51
CA LYS C 89 -12.15 -47.61 6.91
C LYS C 89 -12.86 -46.79 5.83
N GLU C 90 -13.13 -47.37 4.66
CA GLU C 90 -13.65 -46.61 3.55
C GLU C 90 -15.11 -46.22 3.78
N LYS C 91 -15.46 -45.03 3.27
CA LYS C 91 -16.83 -44.53 3.31
C LYS C 91 -17.59 -45.02 2.09
N SER C 92 -18.78 -45.58 2.32
CA SER C 92 -19.62 -46.06 1.23
C SER C 92 -20.95 -46.55 1.78
N ASP C 93 -21.92 -46.70 0.88
CA ASP C 93 -23.25 -47.16 1.24
C ASP C 93 -23.31 -48.67 1.42
N ALA C 94 -22.49 -49.42 0.69
CA ALA C 94 -22.49 -50.86 0.82
C ALA C 94 -21.09 -51.40 0.51
N VAL C 95 -20.78 -52.55 1.08
CA VAL C 95 -19.52 -53.25 0.85
C VAL C 95 -19.85 -54.69 0.51
N HIS C 96 -19.50 -55.12 -0.69
CA HIS C 96 -19.82 -56.47 -1.15
C HIS C 96 -18.53 -57.21 -1.50
N LEU C 97 -18.55 -58.52 -1.22
CA LEU C 97 -17.39 -59.37 -1.47
C LEU C 97 -17.60 -60.12 -2.77
N PHE C 98 -16.57 -60.09 -3.63
CA PHE C 98 -16.52 -60.94 -4.82
C PHE C 98 -15.60 -62.11 -4.50
N SER C 99 -16.17 -63.31 -4.46
CA SER C 99 -15.44 -64.51 -4.05
C SER C 99 -15.23 -65.42 -5.25
N GLY C 100 -13.98 -65.86 -5.44
CA GLY C 100 -13.69 -66.83 -6.47
C GLY C 100 -14.15 -68.23 -6.12
N SER C 101 -14.37 -68.51 -4.85
CA SER C 101 -14.87 -69.81 -4.43
C SER C 101 -16.33 -69.96 -4.83
N GLN C 102 -16.76 -71.21 -4.98
CA GLN C 102 -18.16 -71.53 -5.25
C GLN C 102 -18.81 -71.95 -3.95
N PHE C 103 -19.89 -71.27 -3.58
CA PHE C 103 -20.69 -71.70 -2.45
C PHE C 103 -21.45 -72.98 -2.79
N GLU C 104 -21.76 -73.76 -1.76
CA GLU C 104 -22.73 -74.83 -1.89
C GLU C 104 -24.01 -74.32 -1.25
N SER C 105 -25.02 -74.06 -2.09
CA SER C 105 -26.28 -73.48 -1.66
C SER C 105 -27.14 -73.30 -2.89
N SER C 106 -28.44 -73.10 -2.65
CA SER C 106 -29.33 -72.68 -3.73
C SER C 106 -29.00 -71.26 -4.20
N ARG C 107 -28.46 -70.43 -3.32
CA ARG C 107 -28.25 -69.02 -3.61
C ARG C 107 -26.84 -68.74 -4.12
N SER C 108 -26.74 -67.84 -5.08
CA SER C 108 -25.45 -67.39 -5.58
C SER C 108 -24.78 -66.38 -4.64
N GLY C 109 -25.50 -65.88 -3.65
CA GLY C 109 -24.95 -64.93 -2.71
C GLY C 109 -25.90 -64.68 -1.57
N ALA C 110 -25.43 -63.90 -0.60
CA ALA C 110 -26.22 -63.58 0.57
C ALA C 110 -26.00 -62.12 0.93
N ALA C 111 -27.08 -61.44 1.30
CA ALA C 111 -27.00 -60.04 1.71
C ALA C 111 -28.10 -59.79 2.74
N TYR C 112 -27.81 -58.88 3.67
CA TYR C 112 -28.74 -58.58 4.74
C TYR C 112 -29.89 -57.73 4.23
N ILE C 113 -31.11 -58.15 4.56
CA ILE C 113 -32.30 -57.44 4.09
C ILE C 113 -32.40 -56.09 4.79
N GLY C 114 -32.62 -55.03 4.02
CA GLY C 114 -32.72 -53.70 4.56
C GLY C 114 -31.47 -53.23 5.28
N GLY C 115 -30.32 -53.83 4.97
CA GLY C 115 -29.09 -53.51 5.65
C GLY C 115 -28.30 -52.36 5.04
N ILE C 116 -28.88 -51.65 4.06
CA ILE C 116 -28.15 -50.56 3.44
C ILE C 116 -27.86 -49.49 4.49
N CYS C 117 -26.75 -48.77 4.30
CA CYS C 117 -26.32 -47.67 5.16
C CYS C 117 -25.84 -48.15 6.53
N SER C 118 -26.05 -49.43 6.84
CA SER C 118 -25.61 -50.00 8.11
C SER C 118 -24.13 -50.38 8.05
N LEU C 119 -23.44 -50.21 9.18
CA LEU C 119 -22.05 -50.66 9.24
C LEU C 119 -21.96 -52.19 9.26
N LEU C 120 -22.70 -52.84 10.16
CA LEU C 120 -22.65 -54.29 10.33
C LEU C 120 -23.45 -55.03 9.26
N LYS C 121 -24.63 -54.52 8.92
CA LYS C 121 -25.59 -55.11 7.99
C LYS C 121 -25.43 -54.63 6.55
N GLY C 122 -24.40 -53.84 6.27
CA GLY C 122 -24.36 -52.98 5.11
C GLY C 122 -23.84 -53.55 3.80
N GLY C 123 -23.83 -54.87 3.65
CA GLY C 123 -23.26 -55.42 2.43
C GLY C 123 -23.58 -56.88 2.27
N GLY C 124 -22.88 -57.50 1.32
CA GLY C 124 -23.20 -58.86 0.94
C GLY C 124 -22.01 -59.57 0.34
N VAL C 125 -22.26 -60.81 -0.07
CA VAL C 125 -21.23 -61.68 -0.64
C VAL C 125 -21.77 -62.27 -1.93
N ASN C 126 -20.93 -62.30 -2.98
CA ASN C 126 -21.34 -62.77 -4.30
C ASN C 126 -20.31 -63.75 -4.84
N GLU C 127 -20.78 -64.93 -5.25
CA GLU C 127 -19.89 -65.94 -5.83
C GLU C 127 -19.47 -65.56 -7.24
N PHE C 128 -18.37 -66.17 -7.69
CA PHE C 128 -17.80 -65.84 -8.98
C PHE C 128 -18.63 -66.41 -10.13
N GLY C 129 -18.60 -65.71 -11.25
CA GLY C 129 -19.26 -66.18 -12.45
C GLY C 129 -18.88 -65.32 -13.65
N LYS C 130 -19.63 -65.50 -14.73
CA LYS C 130 -19.47 -64.63 -15.88
C LYS C 130 -19.97 -63.22 -15.56
N THR C 131 -19.51 -62.26 -16.38
CA THR C 131 -19.78 -60.85 -16.11
C THR C 131 -21.26 -60.58 -15.94
N ASP C 132 -22.09 -61.00 -16.90
CA ASP C 132 -23.53 -60.76 -16.80
C ASP C 132 -24.15 -61.51 -15.63
N LEU C 133 -23.73 -62.76 -15.42
CA LEU C 133 -24.26 -63.54 -14.31
C LEU C 133 -23.92 -62.90 -12.97
N MET C 134 -22.65 -62.50 -12.80
CA MET C 134 -22.25 -61.83 -11.58
C MET C 134 -22.94 -60.48 -11.44
N ALA C 135 -23.30 -59.84 -12.55
CA ALA C 135 -24.09 -58.62 -12.48
C ALA C 135 -25.47 -58.89 -11.91
N VAL C 136 -26.09 -60.00 -12.31
CA VAL C 136 -27.38 -60.37 -11.74
C VAL C 136 -27.24 -60.68 -10.25
N THR C 137 -26.18 -61.42 -9.89
CA THR C 137 -25.95 -61.76 -8.48
C THR C 137 -25.81 -60.50 -7.63
N LEU C 138 -24.96 -59.56 -8.07
CA LEU C 138 -24.82 -58.30 -7.38
C LEU C 138 -26.15 -57.55 -7.32
N ALA C 139 -26.93 -57.62 -8.41
CA ALA C 139 -28.22 -56.93 -8.44
C ALA C 139 -29.17 -57.46 -7.36
N GLN C 140 -29.21 -58.78 -7.17
CA GLN C 140 -30.12 -59.31 -6.16
C GLN C 140 -29.58 -59.14 -4.75
N SER C 141 -28.26 -59.18 -4.57
CA SER C 141 -27.69 -58.91 -3.24
C SER C 141 -28.00 -57.48 -2.82
N LEU C 142 -27.67 -56.50 -3.67
CA LEU C 142 -28.04 -55.12 -3.38
C LEU C 142 -29.54 -54.95 -3.26
N ALA C 143 -30.31 -55.77 -3.97
CA ALA C 143 -31.77 -55.75 -3.82
C ALA C 143 -32.16 -56.10 -2.40
N HIS C 144 -31.52 -57.11 -1.82
CA HIS C 144 -31.74 -57.40 -0.40
C HIS C 144 -31.33 -56.22 0.46
N ASN C 145 -30.16 -55.64 0.19
CA ASN C 145 -29.69 -54.53 1.02
C ASN C 145 -30.65 -53.35 1.00
N ILE C 146 -31.34 -53.11 -0.13
CA ILE C 146 -32.21 -51.96 -0.25
C ILE C 146 -33.64 -52.27 0.16
N GLY C 147 -33.92 -53.48 0.62
CA GLY C 147 -35.24 -53.83 1.12
C GLY C 147 -36.10 -54.63 0.18
N ILE C 148 -35.60 -54.96 -1.00
CA ILE C 148 -36.39 -55.75 -1.94
C ILE C 148 -36.27 -57.22 -1.58
N ILE C 149 -37.40 -57.87 -1.37
CA ILE C 149 -37.48 -59.29 -1.11
C ILE C 149 -38.51 -59.89 -2.05
N SER C 150 -38.37 -61.18 -2.33
CA SER C 150 -39.46 -61.87 -2.99
C SER C 150 -40.49 -62.14 -1.91
N ASP C 151 -41.72 -61.69 -2.10
CA ASP C 151 -42.71 -61.77 -1.03
C ASP C 151 -43.46 -63.07 -1.23
N LYS C 152 -43.24 -64.01 -0.31
CA LYS C 152 -43.67 -65.38 -0.53
C LYS C 152 -45.15 -65.57 -0.28
N ARG C 153 -45.74 -64.76 0.60
CA ARG C 153 -47.18 -64.85 0.84
C ARG C 153 -47.97 -64.41 -0.38
N LYS C 154 -47.52 -63.33 -1.04
CA LYS C 154 -48.15 -62.93 -2.29
C LYS C 154 -47.75 -63.83 -3.46
N LEU C 155 -46.52 -64.36 -3.45
CA LEU C 155 -46.09 -65.24 -4.53
C LEU C 155 -46.90 -66.53 -4.55
N ALA C 156 -47.17 -67.09 -3.37
CA ALA C 156 -47.98 -68.30 -3.30
C ALA C 156 -49.43 -68.01 -3.68
N SER C 157 -49.93 -66.84 -3.30
CA SER C 157 -51.31 -66.47 -3.65
C SER C 157 -51.48 -66.13 -5.12
N GLY C 158 -50.39 -65.89 -5.85
CA GLY C 158 -50.48 -65.44 -7.22
C GLY C 158 -50.61 -63.95 -7.36
N GLU C 159 -50.65 -63.22 -6.25
CA GLU C 159 -50.79 -61.77 -6.30
C GLU C 159 -49.58 -61.12 -6.96
N CYS C 160 -48.38 -61.55 -6.62
CA CYS C 160 -47.16 -61.08 -7.26
C CYS C 160 -46.64 -62.15 -8.19
N LYS C 161 -46.41 -61.79 -9.45
CA LYS C 161 -45.95 -62.75 -10.44
C LYS C 161 -44.98 -62.07 -11.39
N CYS C 162 -43.92 -62.79 -11.76
CA CYS C 162 -43.00 -62.34 -12.79
C CYS C 162 -43.62 -62.60 -14.16
N GLU C 163 -43.74 -61.56 -14.98
CA GLU C 163 -44.43 -61.65 -16.25
C GLU C 163 -43.52 -62.12 -17.38
N ASP C 164 -42.24 -62.40 -17.09
CA ASP C 164 -41.33 -62.97 -18.07
C ASP C 164 -41.31 -64.48 -17.84
N THR C 165 -41.84 -65.22 -18.81
CA THR C 165 -41.86 -66.68 -18.72
C THR C 165 -40.52 -67.29 -19.09
N TRP C 166 -39.77 -66.63 -19.97
CA TRP C 166 -38.54 -67.21 -20.50
C TRP C 166 -37.37 -66.99 -19.54
N SER C 167 -36.99 -65.74 -19.31
CA SER C 167 -35.81 -65.42 -18.51
C SER C 167 -36.09 -65.24 -17.03
N GLY C 168 -37.35 -65.23 -16.62
CA GLY C 168 -37.66 -64.99 -15.22
C GLY C 168 -37.40 -63.53 -14.85
N CYS C 169 -37.35 -63.30 -13.54
CA CYS C 169 -37.04 -61.97 -13.02
C CYS C 169 -35.81 -62.04 -12.13
N ILE C 170 -35.39 -60.88 -11.64
CA ILE C 170 -34.09 -60.75 -10.99
C ILE C 170 -34.02 -61.61 -9.72
N MET C 171 -35.06 -61.55 -8.90
CA MET C 171 -35.03 -62.19 -7.59
C MET C 171 -35.20 -63.71 -7.64
N GLY C 172 -35.59 -64.27 -8.78
CA GLY C 172 -35.80 -65.70 -8.89
C GLY C 172 -34.51 -66.48 -9.15
N ASP C 173 -34.67 -67.79 -9.25
CA ASP C 173 -33.55 -68.65 -9.60
C ASP C 173 -33.02 -68.28 -10.98
N THR C 174 -31.70 -68.23 -11.10
CA THR C 174 -31.06 -67.82 -12.34
C THR C 174 -30.54 -69.07 -13.06
N GLY C 175 -30.99 -69.27 -14.28
CA GLY C 175 -30.55 -70.33 -15.15
C GLY C 175 -29.52 -69.84 -16.16
N TYR C 176 -29.52 -70.47 -17.33
CA TYR C 176 -28.63 -70.00 -18.40
C TYR C 176 -29.12 -68.68 -18.98
N TYR C 177 -30.43 -68.50 -19.09
CA TYR C 177 -30.99 -67.26 -19.62
C TYR C 177 -31.22 -66.31 -18.45
N LEU C 178 -30.54 -65.17 -18.48
CA LEU C 178 -30.46 -64.30 -17.31
C LEU C 178 -31.58 -63.26 -17.32
N PRO C 179 -32.26 -63.07 -16.19
CA PRO C 179 -33.29 -62.03 -16.12
C PRO C 179 -32.68 -60.64 -16.16
N LYS C 180 -33.29 -59.76 -16.96
CA LYS C 180 -32.95 -58.33 -16.95
C LYS C 180 -33.87 -57.47 -16.09
N LYS C 181 -34.90 -58.02 -15.44
CA LYS C 181 -35.99 -57.18 -14.96
C LYS C 181 -36.47 -57.57 -13.57
N PHE C 182 -36.91 -56.57 -12.84
CA PHE C 182 -37.54 -56.69 -11.52
C PHE C 182 -39.06 -56.77 -11.66
N THR C 183 -39.68 -57.58 -10.80
CA THR C 183 -41.12 -57.57 -10.69
C THR C 183 -41.61 -56.22 -10.15
N GLN C 184 -42.82 -55.83 -10.56
CA GLN C 184 -43.41 -54.60 -10.04
C GLN C 184 -43.54 -54.63 -8.52
N CYS C 185 -43.77 -55.82 -7.95
CA CYS C 185 -43.85 -55.92 -6.49
C CYS C 185 -42.51 -55.59 -5.85
N ASN C 186 -41.40 -55.94 -6.52
CA ASN C 186 -40.09 -55.56 -6.01
C ASN C 186 -39.91 -54.04 -6.05
N ILE C 187 -40.38 -53.40 -7.12
CA ILE C 187 -40.34 -51.94 -7.20
C ILE C 187 -41.11 -51.33 -6.03
N GLU C 188 -42.33 -51.81 -5.80
CA GLU C 188 -43.15 -51.25 -4.74
C GLU C 188 -42.56 -51.54 -3.35
N GLU C 189 -41.83 -52.64 -3.20
CA GLU C 189 -41.16 -52.90 -1.94
C GLU C 189 -39.99 -51.95 -1.73
N TYR C 190 -39.27 -51.62 -2.80
CA TYR C 190 -38.22 -50.61 -2.70
C TYR C 190 -38.82 -49.28 -2.28
N HIS C 191 -39.93 -48.90 -2.92
CA HIS C 191 -40.59 -47.64 -2.55
C HIS C 191 -41.09 -47.68 -1.11
N ASP C 192 -41.54 -48.85 -0.63
CA ASP C 192 -41.96 -48.96 0.76
C ASP C 192 -40.78 -48.81 1.71
N PHE C 193 -39.64 -49.42 1.37
CA PHE C 193 -38.45 -49.27 2.19
C PHE C 193 -38.01 -47.81 2.28
N LEU C 194 -38.08 -47.10 1.16
CA LEU C 194 -37.73 -45.68 1.19
C LEU C 194 -38.75 -44.86 1.97
N ASN C 195 -40.03 -45.19 1.83
CA ASN C 195 -41.07 -44.46 2.54
C ASN C 195 -41.09 -44.77 4.03
N SER C 196 -40.43 -45.83 4.47
CA SER C 196 -40.33 -46.15 5.88
C SER C 196 -39.15 -45.46 6.56
N GLY C 197 -38.34 -44.71 5.82
CA GLY C 197 -37.20 -44.01 6.38
C GLY C 197 -35.86 -44.65 6.11
N GLY C 198 -35.83 -45.84 5.51
CA GLY C 198 -34.57 -46.50 5.27
C GLY C 198 -33.83 -45.97 4.06
N GLY C 199 -32.53 -46.21 4.04
CA GLY C 199 -31.69 -45.84 2.91
C GLY C 199 -31.53 -44.35 2.67
N ALA C 200 -31.32 -43.57 3.73
CA ALA C 200 -31.08 -42.14 3.54
C ALA C 200 -29.71 -41.88 2.92
N CYS C 201 -28.73 -42.74 3.24
CA CYS C 201 -27.37 -42.55 2.76
C CYS C 201 -27.28 -42.67 1.24
N LEU C 202 -28.36 -43.09 0.60
CA LEU C 202 -28.41 -43.29 -0.84
C LEU C 202 -28.70 -42.00 -1.59
N PHE C 203 -28.93 -40.89 -0.88
CA PHE C 203 -29.38 -39.68 -1.57
C PHE C 203 -28.28 -38.70 -1.96
N ASN C 204 -27.02 -38.97 -1.63
CA ASN C 204 -25.92 -38.10 -2.06
C ASN C 204 -25.38 -38.56 -3.40
N LYS C 205 -25.12 -37.60 -4.29
CA LYS C 205 -24.64 -37.90 -5.63
C LYS C 205 -23.13 -37.92 -5.66
N PRO C 206 -22.49 -39.03 -6.03
CA PRO C 206 -21.02 -39.11 -5.98
C PRO C 206 -20.37 -38.12 -6.92
N SER C 207 -19.35 -37.43 -6.40
CA SER C 207 -18.59 -36.47 -7.20
C SER C 207 -17.46 -37.16 -7.96
N LYS C 208 -16.49 -37.71 -7.24
CA LYS C 208 -15.26 -38.21 -7.85
C LYS C 208 -15.41 -39.70 -8.12
N LEU C 209 -15.40 -40.06 -9.41
CA LEU C 209 -15.41 -41.46 -9.82
C LEU C 209 -14.02 -42.07 -9.66
N LEU C 210 -13.99 -43.39 -9.49
CA LEU C 210 -12.74 -44.13 -9.36
C LEU C 210 -12.00 -44.25 -10.69
N ASP C 211 -12.62 -43.86 -11.81
CA ASP C 211 -12.15 -43.99 -13.18
C ASP C 211 -11.90 -42.61 -13.79
N PRO C 212 -11.02 -42.52 -14.80
CA PRO C 212 -10.70 -41.22 -15.38
C PRO C 212 -11.97 -40.54 -15.90
N PRO C 213 -11.99 -39.20 -15.88
CA PRO C 213 -13.23 -38.48 -16.20
C PRO C 213 -13.71 -38.71 -17.63
N GLU C 214 -15.02 -38.52 -17.81
CA GLU C 214 -15.70 -38.61 -19.08
C GLU C 214 -16.82 -37.59 -19.10
N CYS C 215 -17.05 -36.96 -20.25
CA CYS C 215 -18.10 -35.95 -20.37
C CYS C 215 -19.39 -36.59 -20.85
N GLY C 216 -20.51 -36.16 -20.27
CA GLY C 216 -21.81 -36.70 -20.61
C GLY C 216 -22.01 -38.08 -20.02
N ASN C 217 -21.44 -38.27 -18.83
CA ASN C 217 -21.60 -39.53 -18.05
C ASN C 217 -22.60 -39.24 -16.93
N GLY C 218 -23.04 -37.99 -16.82
CA GLY C 218 -24.00 -37.57 -15.79
C GLY C 218 -23.38 -37.29 -14.44
N PHE C 219 -22.08 -37.41 -14.26
CA PHE C 219 -21.51 -37.10 -12.93
C PHE C 219 -20.42 -36.03 -13.08
N ILE C 220 -20.45 -34.95 -12.33
CA ILE C 220 -19.36 -33.94 -12.46
C ILE C 220 -18.06 -34.61 -12.01
N GLU C 221 -16.99 -34.41 -12.77
CA GLU C 221 -15.65 -35.02 -12.50
C GLU C 221 -14.56 -33.94 -12.59
N THR C 222 -13.36 -34.16 -12.06
CA THR C 222 -12.33 -33.09 -12.08
C THR C 222 -12.20 -32.59 -13.52
N GLY C 223 -12.15 -31.28 -13.70
CA GLY C 223 -12.07 -30.68 -15.04
C GLY C 223 -13.45 -30.48 -15.67
N GLU C 224 -14.51 -30.81 -14.94
CA GLU C 224 -15.88 -30.63 -15.47
C GLU C 224 -16.63 -29.69 -14.53
N GLU C 225 -17.33 -28.67 -15.06
CA GLU C 225 -18.07 -27.70 -14.18
C GLU C 225 -19.57 -27.96 -14.25
N CYS C 226 -20.05 -28.65 -15.29
CA CYS C 226 -21.49 -29.00 -15.45
C CYS C 226 -21.59 -30.31 -16.25
N ASP C 227 -22.45 -31.27 -15.88
CA ASP C 227 -22.54 -32.47 -16.68
C ASP C 227 -23.88 -33.19 -16.63
N CYS C 228 -24.38 -33.63 -17.78
CA CYS C 228 -25.60 -34.49 -17.84
C CYS C 228 -25.37 -35.58 -18.89
N GLY C 229 -25.70 -36.82 -18.58
CA GLY C 229 -25.31 -37.99 -19.40
C GLY C 229 -25.83 -38.03 -20.82
N THR C 230 -27.09 -37.76 -21.07
CA THR C 230 -27.58 -37.88 -22.47
C THR C 230 -27.79 -36.49 -23.02
N PRO C 231 -27.33 -36.24 -24.24
CA PRO C 231 -27.65 -34.91 -24.76
C PRO C 231 -29.17 -34.78 -24.88
N ALA C 232 -29.89 -35.77 -25.36
CA ALA C 232 -31.37 -35.65 -25.43
C ALA C 232 -31.91 -35.48 -24.01
N GLU C 233 -31.41 -36.21 -23.04
CA GLU C 233 -31.86 -36.02 -21.64
C GLU C 233 -31.39 -34.66 -21.11
N CYS C 234 -30.25 -34.14 -21.57
CA CYS C 234 -29.75 -32.81 -21.14
C CYS C 234 -30.77 -31.74 -21.54
N VAL C 235 -31.41 -31.85 -22.71
CA VAL C 235 -32.47 -30.90 -23.15
C VAL C 235 -33.67 -30.96 -22.19
N LEU C 236 -33.97 -32.11 -21.59
CA LEU C 236 -35.09 -32.15 -20.61
C LEU C 236 -34.70 -31.20 -19.47
N GLU C 237 -33.46 -31.27 -19.00
CA GLU C 237 -33.00 -30.34 -17.93
C GLU C 237 -31.53 -29.95 -18.15
N GLY C 238 -31.19 -28.67 -18.00
CA GLY C 238 -29.82 -28.22 -18.09
C GLY C 238 -29.33 -27.78 -19.47
N ALA C 239 -30.13 -27.95 -20.52
CA ALA C 239 -29.64 -27.64 -21.85
C ALA C 239 -29.30 -26.16 -21.99
N GLU C 240 -30.12 -25.29 -21.40
CA GLU C 240 -29.85 -23.85 -21.42
C GLU C 240 -28.59 -23.47 -20.64
N CYS C 241 -28.06 -24.35 -19.80
CA CYS C 241 -26.91 -24.04 -18.96
C CYS C 241 -25.67 -24.76 -19.46
N CYS C 242 -25.64 -26.08 -19.39
CA CYS C 242 -24.44 -26.86 -19.67
C CYS C 242 -24.17 -26.93 -21.17
N LYS C 243 -22.93 -26.57 -21.52
CA LYS C 243 -22.43 -26.66 -22.91
C LYS C 243 -21.10 -27.44 -22.87
N LYS C 244 -21.00 -28.55 -23.59
CA LYS C 244 -19.76 -29.33 -23.63
C LYS C 244 -19.16 -29.52 -22.24
N CYS C 245 -20.03 -29.87 -21.28
CA CYS C 245 -19.63 -30.04 -19.89
C CYS C 245 -19.02 -28.75 -19.32
N THR C 246 -19.60 -27.62 -19.70
CA THR C 246 -19.18 -26.30 -19.26
C THR C 246 -20.41 -25.42 -19.08
N LEU C 247 -20.36 -24.52 -18.11
CA LEU C 247 -21.49 -23.67 -17.76
C LEU C 247 -21.46 -22.36 -18.52
N THR C 248 -22.65 -21.89 -18.91
CA THR C 248 -22.79 -20.58 -19.51
C THR C 248 -22.52 -19.50 -18.46
N GLN C 249 -22.23 -18.28 -18.94
CA GLN C 249 -21.72 -17.24 -18.06
C GLN C 249 -22.73 -16.88 -16.97
N ASP C 250 -24.02 -16.89 -17.30
CA ASP C 250 -25.06 -16.49 -16.37
C ASP C 250 -25.62 -17.64 -15.54
N SER C 251 -25.13 -18.86 -15.73
CA SER C 251 -25.72 -20.05 -15.12
C SER C 251 -24.84 -20.54 -13.97
N GLN C 252 -25.41 -20.59 -12.76
CA GLN C 252 -24.70 -21.13 -11.61
C GLN C 252 -24.71 -22.66 -11.59
N CYS C 253 -25.86 -23.28 -11.87
CA CYS C 253 -26.02 -24.73 -11.76
C CYS C 253 -26.64 -25.30 -13.02
N SER C 254 -26.31 -26.56 -13.31
CA SER C 254 -26.89 -27.26 -14.45
C SER C 254 -28.26 -27.83 -14.13
N ASP C 255 -28.32 -28.79 -13.20
CA ASP C 255 -29.57 -29.47 -12.89
C ASP C 255 -29.53 -29.98 -11.45
N GLY C 256 -30.71 -30.21 -10.91
CA GLY C 256 -30.86 -30.73 -9.57
C GLY C 256 -32.17 -30.30 -8.96
N LEU C 257 -32.40 -30.76 -7.73
CA LEU C 257 -33.59 -30.33 -7.01
C LEU C 257 -33.46 -28.87 -6.56
N CYS C 258 -32.24 -28.42 -6.29
CA CYS C 258 -31.98 -27.06 -5.85
C CYS C 258 -31.66 -26.12 -7.01
N CYS C 259 -31.70 -26.61 -8.24
CA CYS C 259 -31.39 -25.81 -9.42
C CYS C 259 -32.70 -25.47 -10.14
N LYS C 260 -33.04 -24.18 -10.16
CA LYS C 260 -34.22 -23.69 -10.85
C LYS C 260 -33.76 -22.83 -12.01
N LYS C 261 -33.99 -23.31 -13.24
CA LYS C 261 -33.60 -22.63 -14.47
C LYS C 261 -32.20 -22.04 -14.41
N CYS C 262 -31.19 -22.91 -14.33
CA CYS C 262 -29.78 -22.51 -14.38
C CYS C 262 -29.41 -21.55 -13.24
N LYS C 263 -30.12 -21.62 -12.12
CA LYS C 263 -29.85 -20.74 -10.98
C LYS C 263 -30.06 -21.52 -9.69
N PHE C 264 -29.22 -21.26 -8.69
CA PHE C 264 -29.45 -21.89 -7.39
C PHE C 264 -30.76 -21.40 -6.83
N GLN C 265 -31.62 -22.32 -6.39
CA GLN C 265 -32.76 -21.79 -5.67
C GLN C 265 -32.36 -21.45 -4.24
N PRO C 266 -33.01 -20.45 -3.63
CA PRO C 266 -32.48 -19.85 -2.40
C PRO C 266 -32.34 -20.80 -1.22
N MET C 267 -31.44 -20.42 -0.32
CA MET C 267 -31.20 -21.16 0.92
C MET C 267 -32.45 -21.19 1.78
N GLY C 268 -32.76 -22.38 2.31
CA GLY C 268 -33.93 -22.59 3.12
C GLY C 268 -35.10 -23.20 2.39
N THR C 269 -35.07 -23.19 1.05
CA THR C 269 -36.08 -23.89 0.27
C THR C 269 -36.01 -25.38 0.54
N VAL C 270 -37.17 -26.02 0.64
CA VAL C 270 -37.23 -27.41 1.06
C VAL C 270 -37.22 -28.29 -0.19
N CYS C 271 -36.14 -29.04 -0.39
CA CYS C 271 -36.11 -30.00 -1.47
C CYS C 271 -36.82 -31.31 -1.10
N ARG C 272 -36.63 -31.80 0.12
CA ARG C 272 -37.15 -33.10 0.54
C ARG C 272 -37.80 -32.97 1.91
N GLU C 273 -39.08 -33.30 1.99
CA GLU C 273 -39.76 -33.29 3.27
C GLU C 273 -39.51 -34.61 4.01
N ALA C 274 -40.05 -34.71 5.23
CA ALA C 274 -39.87 -35.90 6.03
C ALA C 274 -40.87 -36.99 5.64
N VAL C 275 -40.36 -38.21 5.43
CA VAL C 275 -41.23 -39.32 5.05
C VAL C 275 -41.96 -39.93 6.25
N ASN C 276 -41.48 -39.70 7.47
CA ASN C 276 -42.08 -40.28 8.66
C ASN C 276 -41.67 -39.46 9.88
N ASP C 277 -42.09 -39.92 11.06
CA ASP C 277 -41.77 -39.20 12.29
C ASP C 277 -40.29 -39.24 12.61
N CYS C 278 -39.54 -40.19 12.06
CA CYS C 278 -38.12 -40.31 12.30
C CYS C 278 -37.27 -39.45 11.39
N ASP C 279 -37.85 -38.87 10.34
CA ASP C 279 -37.11 -38.19 9.30
C ASP C 279 -37.09 -36.68 9.56
N ILE C 280 -35.96 -36.06 9.24
CA ILE C 280 -35.81 -34.61 9.32
C ILE C 280 -35.88 -34.02 7.91
N ARG C 281 -36.64 -32.93 7.78
CA ARG C 281 -36.76 -32.21 6.52
C ARG C 281 -35.39 -31.71 6.07
N GLU C 282 -35.16 -31.71 4.75
CA GLU C 282 -33.93 -31.17 4.17
C GLU C 282 -34.22 -29.92 3.37
N THR C 283 -33.30 -28.96 3.43
CA THR C 283 -33.43 -27.69 2.71
C THR C 283 -32.21 -27.45 1.85
N CYS C 284 -32.41 -26.69 0.77
CA CYS C 284 -31.32 -26.30 -0.10
C CYS C 284 -30.39 -25.33 0.62
N SER C 285 -29.08 -25.54 0.46
CA SER C 285 -28.11 -24.61 1.04
C SER C 285 -28.00 -23.33 0.23
N GLY C 286 -28.36 -23.38 -1.05
CA GLY C 286 -28.22 -22.28 -1.98
C GLY C 286 -26.84 -22.09 -2.55
N ASN C 287 -25.81 -22.73 -1.98
CA ASN C 287 -24.53 -22.85 -2.65
C ASN C 287 -24.42 -24.09 -3.53
N SER C 288 -25.36 -25.02 -3.41
CA SER C 288 -25.24 -26.34 -4.04
C SER C 288 -26.42 -26.59 -4.98
N SER C 289 -26.14 -27.30 -6.07
CA SER C 289 -27.20 -27.68 -6.99
C SER C 289 -28.02 -28.86 -6.47
N GLN C 290 -27.35 -29.81 -5.82
CA GLN C 290 -27.99 -31.02 -5.32
C GLN C 290 -28.55 -30.83 -3.92
N CYS C 291 -29.71 -31.43 -3.66
CA CYS C 291 -30.31 -31.39 -2.33
C CYS C 291 -29.36 -32.00 -1.31
N ALA C 292 -29.42 -31.48 -0.08
CA ALA C 292 -28.46 -31.83 0.95
C ALA C 292 -28.53 -33.32 1.25
N PRO C 293 -27.45 -33.88 1.82
CA PRO C 293 -27.47 -35.28 2.24
C PRO C 293 -28.66 -35.58 3.14
N ASN C 294 -29.34 -36.68 2.86
CA ASN C 294 -30.57 -37.01 3.57
C ASN C 294 -30.26 -37.34 5.02
N ILE C 295 -31.00 -36.72 5.93
CA ILE C 295 -30.76 -36.84 7.36
C ILE C 295 -32.08 -37.17 8.05
N HIS C 296 -31.99 -37.94 9.13
CA HIS C 296 -33.14 -38.27 9.95
C HIS C 296 -32.76 -38.12 11.42
N LYS C 297 -33.74 -38.35 12.29
CA LYS C 297 -33.52 -38.23 13.73
C LYS C 297 -32.59 -39.32 14.24
N MET C 298 -31.85 -39.00 15.29
CA MET C 298 -30.97 -39.97 15.92
C MET C 298 -31.79 -41.08 16.58
N ASP C 299 -31.16 -42.24 16.75
CA ASP C 299 -31.85 -43.37 17.36
C ASP C 299 -32.32 -43.02 18.76
N GLY C 300 -33.52 -43.50 19.09
CA GLY C 300 -34.14 -43.29 20.39
C GLY C 300 -35.28 -42.29 20.40
N TYR C 301 -35.45 -41.50 19.35
CA TYR C 301 -36.59 -40.59 19.27
C TYR C 301 -37.87 -41.39 19.10
N SER C 302 -38.97 -40.85 19.63
CA SER C 302 -40.25 -41.55 19.57
C SER C 302 -40.89 -41.38 18.19
N CYS C 303 -41.52 -42.46 17.72
CA CYS C 303 -42.22 -42.47 16.45
C CYS C 303 -43.52 -43.25 16.62
N ASP C 304 -44.48 -42.96 15.73
CA ASP C 304 -45.82 -43.56 15.81
C ASP C 304 -46.42 -43.35 17.19
N GLY C 305 -46.35 -42.11 17.66
CA GLY C 305 -46.76 -41.83 19.03
C GLY C 305 -45.76 -42.42 20.00
N VAL C 306 -46.27 -43.06 21.05
CA VAL C 306 -45.41 -43.76 22.00
C VAL C 306 -45.26 -45.23 21.66
N GLN C 307 -45.85 -45.69 20.55
CA GLN C 307 -45.83 -47.10 20.20
C GLN C 307 -44.52 -47.56 19.56
N GLY C 308 -43.62 -46.64 19.22
CA GLY C 308 -42.39 -47.05 18.55
C GLY C 308 -41.23 -46.12 18.87
N ILE C 309 -40.04 -46.55 18.45
CA ILE C 309 -38.81 -45.82 18.66
C ILE C 309 -37.94 -45.93 17.42
N CYS C 310 -37.35 -44.80 17.01
CA CYS C 310 -36.62 -44.73 15.74
C CYS C 310 -35.29 -45.46 15.83
N PHE C 311 -35.00 -46.28 14.82
CA PHE C 311 -33.68 -46.88 14.65
C PHE C 311 -33.32 -46.77 13.17
N GLY C 312 -32.18 -46.16 12.88
CA GLY C 312 -31.74 -46.00 11.50
C GLY C 312 -32.75 -45.31 10.62
N GLY C 313 -33.50 -44.36 11.17
CA GLY C 313 -34.53 -43.66 10.42
C GLY C 313 -35.82 -44.43 10.27
N ARG C 314 -35.89 -45.66 10.77
CA ARG C 314 -37.05 -46.52 10.63
C ARG C 314 -37.71 -46.70 12.01
N CYS C 315 -39.04 -46.78 12.00
CA CYS C 315 -39.82 -46.88 13.23
C CYS C 315 -40.01 -48.35 13.60
N LYS C 316 -39.58 -48.73 14.81
CA LYS C 316 -39.69 -50.09 15.30
C LYS C 316 -40.87 -50.18 16.27
N THR C 317 -41.92 -50.89 15.87
CA THR C 317 -43.04 -51.18 16.76
C THR C 317 -43.31 -52.68 16.75
N ARG C 318 -44.27 -53.09 17.56
CA ARG C 318 -44.78 -54.49 17.53
C ARG C 318 -45.66 -54.68 16.29
N ASP C 319 -46.52 -53.71 15.98
CA ASP C 319 -47.46 -53.81 14.88
C ASP C 319 -46.75 -53.82 13.53
N ARG C 320 -45.73 -52.97 13.36
CA ARG C 320 -44.97 -52.99 12.12
C ARG C 320 -44.22 -54.30 11.95
N GLN C 321 -43.82 -54.94 13.05
CA GLN C 321 -43.15 -56.23 12.94
C GLN C 321 -44.14 -57.32 12.54
N CYS C 322 -45.33 -57.32 13.13
CA CYS C 322 -46.36 -58.27 12.74
C CYS C 322 -46.71 -58.10 11.27
N LYS C 323 -46.99 -56.86 10.85
CA LYS C 323 -47.32 -56.60 9.45
C LYS C 323 -46.15 -56.91 8.53
N TYR C 324 -44.93 -56.79 9.04
CA TYR C 324 -43.76 -57.07 8.23
C TYR C 324 -43.61 -58.56 7.98
N ILE C 325 -43.68 -59.38 9.02
CA ILE C 325 -43.52 -60.82 8.84
C ILE C 325 -44.75 -61.41 8.15
N TRP C 326 -45.93 -61.15 8.71
CA TRP C 326 -47.14 -61.85 8.30
C TRP C 326 -48.01 -61.11 7.28
N GLY C 327 -47.65 -59.90 6.87
CA GLY C 327 -48.46 -59.20 5.89
C GLY C 327 -49.32 -58.10 6.50
N GLN C 328 -49.89 -57.29 5.61
CA GLN C 328 -50.53 -56.03 6.03
C GLN C 328 -51.87 -56.28 6.73
N LYS C 329 -52.57 -57.36 6.39
CA LYS C 329 -53.86 -57.65 7.01
C LYS C 329 -53.74 -57.94 8.50
N VAL C 330 -52.54 -58.23 8.97
CA VAL C 330 -52.30 -58.60 10.36
C VAL C 330 -52.21 -57.36 11.24
N THR C 331 -52.68 -57.49 12.49
CA THR C 331 -52.51 -56.47 13.51
C THR C 331 -51.85 -57.09 14.72
N ALA C 332 -51.14 -56.28 15.49
CA ALA C 332 -50.51 -56.77 16.70
C ALA C 332 -51.56 -57.04 17.76
N SER C 333 -51.35 -58.08 18.55
CA SER C 333 -52.33 -58.44 19.58
C SER C 333 -52.35 -57.40 20.70
N ASP C 334 -53.47 -57.37 21.41
CA ASP C 334 -53.61 -56.50 22.56
C ASP C 334 -52.62 -56.88 23.65
N LYS C 335 -52.21 -55.90 24.45
CA LYS C 335 -51.18 -56.15 25.46
C LYS C 335 -51.59 -57.25 26.43
N TYR C 336 -52.89 -57.45 26.62
CA TYR C 336 -53.35 -58.53 27.51
C TYR C 336 -52.93 -59.90 26.99
N CYS C 337 -52.85 -60.07 25.66
CA CYS C 337 -52.31 -61.30 25.11
C CYS C 337 -50.91 -61.57 25.63
N TYR C 338 -50.01 -60.59 25.51
CA TYR C 338 -48.66 -60.76 26.00
C TYR C 338 -48.64 -60.96 27.50
N GLU C 339 -49.42 -60.17 28.23
CA GLU C 339 -49.41 -60.25 29.70
C GLU C 339 -49.82 -61.63 30.19
N LYS C 340 -50.90 -62.17 29.63
CA LYS C 340 -51.37 -63.48 30.09
C LYS C 340 -50.55 -64.64 29.53
N LEU C 341 -50.19 -64.58 28.24
CA LEU C 341 -49.59 -65.73 27.56
C LEU C 341 -48.11 -65.91 27.90
N ASN C 342 -47.33 -64.84 27.87
CA ASN C 342 -45.88 -64.99 27.91
C ASN C 342 -45.36 -65.36 29.29
N ILE C 343 -46.16 -65.16 30.33
CA ILE C 343 -45.77 -65.61 31.67
C ILE C 343 -45.79 -67.13 31.75
N GLU C 344 -46.65 -67.78 30.96
CA GLU C 344 -46.86 -69.21 31.09
C GLU C 344 -45.62 -70.02 30.74
N GLY C 345 -44.85 -69.56 29.75
CA GLY C 345 -43.68 -70.32 29.34
C GLY C 345 -44.04 -71.59 28.60
N THR C 346 -45.12 -71.56 27.83
CA THR C 346 -45.55 -72.67 26.99
C THR C 346 -45.08 -72.44 25.56
N GLU C 347 -45.49 -73.34 24.67
CA GLU C 347 -45.31 -73.09 23.25
C GLU C 347 -46.09 -71.87 22.81
N LYS C 348 -47.21 -71.57 23.49
CA LYS C 348 -48.11 -70.51 23.06
C LYS C 348 -47.64 -69.12 23.45
N GLY C 349 -46.75 -69.01 24.44
CA GLY C 349 -46.04 -67.76 24.68
C GLY C 349 -44.88 -67.99 25.60
N ASN C 350 -43.89 -67.10 25.51
CA ASN C 350 -42.65 -67.31 26.22
C ASN C 350 -41.71 -66.13 25.97
N CYS C 351 -40.62 -66.13 26.73
CA CYS C 351 -39.45 -65.27 26.62
C CYS C 351 -38.36 -65.88 25.75
N GLY C 352 -38.63 -67.03 25.14
CA GLY C 352 -37.66 -67.78 24.36
C GLY C 352 -37.24 -69.04 25.09
N LYS C 353 -36.29 -69.74 24.47
CA LYS C 353 -35.96 -71.11 24.85
C LYS C 353 -34.53 -71.19 25.35
N ASP C 354 -34.36 -71.79 26.53
CA ASP C 354 -33.06 -72.05 27.13
C ASP C 354 -32.86 -73.56 27.16
N LYS C 355 -31.91 -74.04 26.36
CA LYS C 355 -31.54 -75.46 26.29
C LYS C 355 -32.78 -76.37 26.24
N ASP C 356 -33.50 -76.26 25.13
CA ASP C 356 -34.64 -77.12 24.81
C ASP C 356 -35.77 -77.02 25.84
N THR C 357 -35.87 -75.89 26.53
CA THR C 357 -36.97 -75.64 27.45
C THR C 357 -37.41 -74.20 27.30
N TRP C 358 -38.71 -73.96 27.48
CA TRP C 358 -39.27 -72.63 27.30
C TRP C 358 -39.07 -71.80 28.56
N ILE C 359 -38.57 -70.57 28.38
CA ILE C 359 -38.41 -69.64 29.49
C ILE C 359 -39.72 -68.90 29.69
N GLN C 360 -40.25 -68.96 30.91
CA GLN C 360 -41.42 -68.15 31.26
C GLN C 360 -40.99 -66.72 31.54
N CYS C 361 -41.69 -65.76 30.93
CA CYS C 361 -41.32 -64.37 31.07
C CYS C 361 -41.55 -63.87 32.49
N ASN C 362 -40.70 -62.95 32.91
CA ASN C 362 -41.01 -62.17 34.10
C ASN C 362 -42.18 -61.24 33.79
N LYS C 363 -42.86 -60.80 34.85
CA LYS C 363 -44.08 -60.01 34.69
C LYS C 363 -43.83 -58.76 33.85
N ARG C 364 -42.68 -58.10 34.04
CA ARG C 364 -42.37 -56.87 33.32
C ARG C 364 -41.84 -57.11 31.92
N ASP C 365 -41.41 -58.33 31.59
CA ASP C 365 -40.81 -58.61 30.29
C ASP C 365 -41.81 -59.11 29.26
N VAL C 366 -43.10 -59.19 29.60
CA VAL C 366 -44.10 -59.81 28.73
C VAL C 366 -44.05 -59.23 27.32
N LEU C 367 -43.92 -57.91 27.19
CA LEU C 367 -44.02 -57.29 25.87
C LEU C 367 -42.74 -57.42 25.06
N CYS C 368 -41.65 -57.89 25.66
CA CYS C 368 -40.40 -58.14 24.97
C CYS C 368 -40.23 -59.58 24.51
N GLY C 369 -41.23 -60.41 24.73
CA GLY C 369 -41.14 -61.84 24.51
C GLY C 369 -41.66 -62.28 23.15
N TYR C 370 -42.20 -63.49 23.12
CA TYR C 370 -42.78 -64.04 21.90
C TYR C 370 -43.81 -63.09 21.31
N LEU C 371 -43.67 -62.82 20.01
CA LEU C 371 -44.51 -61.83 19.36
C LEU C 371 -45.88 -62.42 19.05
N LEU C 372 -46.92 -61.70 19.46
CA LEU C 372 -48.29 -62.16 19.29
C LEU C 372 -49.03 -61.21 18.37
N CYS C 373 -49.65 -61.75 17.33
CA CYS C 373 -50.38 -60.98 16.35
C CYS C 373 -51.74 -61.61 16.09
N THR C 374 -52.60 -60.83 15.43
CA THR C 374 -53.97 -61.21 15.13
C THR C 374 -54.10 -61.56 13.65
N ASN C 375 -54.98 -62.53 13.36
CA ASN C 375 -55.30 -62.93 11.99
C ASN C 375 -54.05 -63.33 11.20
N ILE C 376 -53.31 -64.29 11.75
CA ILE C 376 -52.04 -64.68 11.17
C ILE C 376 -52.28 -65.71 10.08
N GLY C 377 -51.57 -65.55 8.96
CA GLY C 377 -51.69 -66.45 7.83
C GLY C 377 -50.86 -67.70 7.99
N ASN C 378 -50.90 -68.53 6.95
CA ASN C 378 -50.19 -69.80 6.98
C ASN C 378 -48.69 -69.64 6.73
N ILE C 379 -48.29 -68.71 5.87
CA ILE C 379 -46.88 -68.60 5.49
C ILE C 379 -46.36 -67.18 5.62
N PRO C 380 -45.11 -67.00 6.04
CA PRO C 380 -44.54 -65.66 6.22
C PRO C 380 -44.15 -64.99 4.91
N ARG C 381 -44.12 -63.65 4.94
CA ARG C 381 -43.67 -62.90 3.77
C ARG C 381 -42.20 -63.15 3.46
N LEU C 382 -41.38 -63.31 4.50
CA LEU C 382 -39.96 -63.57 4.33
C LEU C 382 -39.52 -64.62 5.34
N GLY C 383 -38.43 -65.29 5.02
CA GLY C 383 -37.97 -66.40 5.82
C GLY C 383 -38.90 -67.60 5.67
N GLU C 384 -38.67 -68.60 6.52
CA GLU C 384 -39.46 -69.82 6.48
C GLU C 384 -39.94 -70.18 7.89
N LEU C 385 -41.16 -70.72 7.94
CA LEU C 385 -41.81 -71.01 9.22
C LEU C 385 -41.23 -72.27 9.84
N ASP C 386 -40.86 -72.19 11.12
CA ASP C 386 -40.39 -73.33 11.88
C ASP C 386 -41.55 -73.90 12.68
N GLY C 387 -41.77 -75.21 12.55
CA GLY C 387 -42.93 -75.79 13.20
C GLY C 387 -44.20 -75.32 12.52
N GLU C 388 -45.24 -75.10 13.32
CA GLU C 388 -46.51 -74.58 12.85
C GLU C 388 -46.82 -73.30 13.61
N ILE C 389 -47.95 -72.67 13.27
CA ILE C 389 -48.34 -71.45 13.95
C ILE C 389 -48.86 -71.76 15.34
N THR C 390 -49.19 -70.71 16.09
CA THR C 390 -49.73 -70.81 17.43
C THR C 390 -51.00 -69.97 17.50
N SER C 391 -52.10 -70.57 17.96
CA SER C 391 -53.35 -69.84 18.14
C SER C 391 -53.92 -70.16 19.51
N THR C 392 -54.09 -69.14 20.34
CA THR C 392 -54.65 -69.27 21.69
C THR C 392 -55.71 -68.21 21.92
N LEU C 393 -56.88 -68.63 22.40
CA LEU C 393 -57.97 -67.71 22.69
C LEU C 393 -57.87 -67.24 24.13
N VAL C 394 -57.93 -65.92 24.33
CA VAL C 394 -57.77 -65.29 25.63
C VAL C 394 -59.00 -64.43 25.90
N VAL C 395 -59.48 -64.48 27.14
CA VAL C 395 -60.67 -63.74 27.54
C VAL C 395 -60.25 -62.59 28.45
N GLN C 396 -60.65 -61.37 28.08
CA GLN C 396 -60.46 -60.19 28.90
C GLN C 396 -61.81 -59.50 29.06
N GLN C 397 -62.30 -59.44 30.30
CA GLN C 397 -63.57 -58.77 30.61
C GLN C 397 -64.68 -59.26 29.68
N GLY C 398 -64.67 -60.56 29.40
CA GLY C 398 -65.67 -61.17 28.55
C GLY C 398 -65.38 -61.09 27.07
N ARG C 399 -64.36 -60.35 26.66
CA ARG C 399 -63.99 -60.23 25.26
C ARG C 399 -63.00 -61.33 24.90
N THR C 400 -63.22 -61.96 23.75
CA THR C 400 -62.35 -63.03 23.29
C THR C 400 -61.27 -62.45 22.38
N LEU C 401 -60.03 -62.80 22.65
CA LEU C 401 -58.88 -62.35 21.87
C LEU C 401 -58.14 -63.55 21.34
N ASN C 402 -57.91 -63.57 20.03
CA ASN C 402 -57.12 -64.61 19.40
C ASN C 402 -55.70 -64.10 19.29
N CYS C 403 -54.79 -64.71 20.04
CA CYS C 403 -53.39 -64.30 20.06
C CYS C 403 -52.61 -65.36 19.29
N SER C 404 -52.09 -64.97 18.13
CA SER C 404 -51.40 -65.91 17.26
C SER C 404 -49.97 -65.46 17.01
N GLY C 405 -49.10 -66.44 16.82
CA GLY C 405 -47.70 -66.18 16.52
C GLY C 405 -47.08 -67.36 15.82
N GLY C 406 -45.81 -67.20 15.47
CA GLY C 406 -45.07 -68.27 14.83
C GLY C 406 -43.59 -67.96 14.83
N HIS C 407 -42.80 -69.02 14.70
CA HIS C 407 -41.35 -68.89 14.63
C HIS C 407 -40.93 -68.88 13.17
N VAL C 408 -40.34 -67.77 12.74
CA VAL C 408 -39.89 -67.59 11.37
C VAL C 408 -38.40 -67.36 11.40
N LYS C 409 -37.65 -68.20 10.68
CA LYS C 409 -36.21 -68.11 10.63
C LYS C 409 -35.80 -67.46 9.32
N LEU C 410 -35.27 -66.23 9.40
CA LEU C 410 -34.62 -65.62 8.25
C LEU C 410 -33.28 -66.29 7.99
N GLU C 411 -32.47 -66.41 9.05
CA GLU C 411 -31.24 -67.17 9.05
C GLU C 411 -31.21 -67.96 10.35
N GLU C 412 -30.30 -68.94 10.43
CA GLU C 412 -30.33 -69.88 11.55
C GLU C 412 -30.18 -69.18 12.90
N ASP C 413 -29.30 -68.19 12.99
CA ASP C 413 -29.03 -67.56 14.27
C ASP C 413 -30.05 -66.51 14.68
N VAL C 414 -30.85 -66.00 13.75
CA VAL C 414 -31.80 -64.92 14.01
C VAL C 414 -33.22 -65.44 13.84
N ASP C 415 -34.07 -65.25 14.85
CA ASP C 415 -35.43 -65.75 14.82
C ASP C 415 -36.41 -64.59 14.93
N LEU C 416 -37.18 -64.37 13.87
CA LEU C 416 -38.32 -63.47 13.88
C LEU C 416 -39.47 -64.12 14.65
N GLY C 417 -40.41 -63.30 15.09
CA GLY C 417 -41.47 -63.77 15.95
C GLY C 417 -41.21 -63.57 17.42
N TYR C 418 -40.01 -63.13 17.80
CA TYR C 418 -39.77 -62.51 19.08
C TYR C 418 -39.67 -61.01 18.87
N VAL C 419 -40.18 -60.23 19.83
CA VAL C 419 -40.23 -58.78 19.68
C VAL C 419 -38.83 -58.25 19.40
N GLU C 420 -38.73 -57.39 18.39
CA GLU C 420 -37.43 -56.89 17.94
C GLU C 420 -36.82 -55.98 19.01
N ASP C 421 -35.49 -56.05 19.13
CA ASP C 421 -34.79 -55.19 20.07
C ASP C 421 -35.03 -53.72 19.73
N GLY C 422 -35.20 -52.90 20.76
CA GLY C 422 -35.49 -51.50 20.59
C GLY C 422 -36.97 -51.17 20.53
N THR C 423 -37.85 -52.15 20.58
CA THR C 423 -39.28 -51.89 20.61
C THR C 423 -39.68 -51.49 22.04
N PRO C 424 -40.37 -50.36 22.22
CA PRO C 424 -40.69 -49.93 23.58
C PRO C 424 -41.64 -50.89 24.27
N CYS C 425 -41.30 -51.27 25.51
CA CYS C 425 -42.19 -52.01 26.39
C CYS C 425 -42.96 -51.12 27.35
N GLY C 426 -42.73 -49.80 27.32
CA GLY C 426 -43.36 -48.88 28.22
C GLY C 426 -42.67 -47.53 28.19
N PRO C 427 -43.12 -46.61 29.04
CA PRO C 427 -42.46 -45.29 29.08
C PRO C 427 -41.00 -45.41 29.49
N GLN C 428 -40.13 -44.77 28.71
CA GLN C 428 -38.68 -44.79 28.96
C GLN C 428 -38.15 -46.21 29.09
N MET C 429 -38.74 -47.15 28.36
CA MET C 429 -38.38 -48.55 28.44
C MET C 429 -38.25 -49.12 27.03
N MET C 430 -37.41 -50.15 26.89
CA MET C 430 -37.16 -50.76 25.59
C MET C 430 -36.79 -52.22 25.76
N CYS C 431 -36.98 -52.98 24.69
CA CYS C 431 -36.69 -54.41 24.69
C CYS C 431 -35.24 -54.64 24.26
N LEU C 432 -34.51 -55.39 25.08
CA LEU C 432 -33.19 -55.90 24.70
C LEU C 432 -33.05 -57.31 25.23
N GLU C 433 -32.60 -58.23 24.37
CA GLU C 433 -32.42 -59.64 24.72
C GLU C 433 -33.65 -60.22 25.42
N HIS C 434 -34.83 -59.86 24.91
CA HIS C 434 -36.11 -60.36 25.44
C HIS C 434 -36.35 -59.93 26.88
N ARG C 435 -35.83 -58.77 27.26
CA ARG C 435 -36.07 -58.20 28.58
C ARG C 435 -36.35 -56.72 28.45
N CYS C 436 -37.19 -56.21 29.35
CA CYS C 436 -37.59 -54.81 29.32
C CYS C 436 -36.64 -54.01 30.19
N LEU C 437 -35.91 -53.10 29.57
CA LEU C 437 -34.85 -52.33 30.21
C LEU C 437 -35.09 -50.85 29.98
N PRO C 438 -34.57 -50.00 30.86
CA PRO C 438 -34.67 -48.56 30.65
C PRO C 438 -33.79 -48.11 29.48
N VAL C 439 -34.10 -46.92 28.96
CA VAL C 439 -33.40 -46.39 27.80
C VAL C 439 -31.91 -46.26 28.07
N ALA C 440 -31.54 -45.95 29.32
CA ALA C 440 -30.13 -45.76 29.65
C ALA C 440 -29.30 -47.01 29.39
N SER C 441 -29.93 -48.18 29.32
CA SER C 441 -29.19 -49.41 29.04
C SER C 441 -28.73 -49.50 27.59
N PHE C 442 -29.28 -48.68 26.69
CA PHE C 442 -28.85 -48.73 25.30
C PHE C 442 -27.65 -47.84 24.99
N ASN C 443 -27.24 -46.97 25.92
CA ASN C 443 -26.06 -46.12 25.74
C ASN C 443 -26.16 -45.31 24.46
N PHE C 444 -27.33 -44.73 24.21
CA PHE C 444 -27.51 -43.90 23.03
C PHE C 444 -26.51 -42.75 23.03
N SER C 445 -26.05 -42.38 21.84
CA SER C 445 -25.19 -41.22 21.73
C SER C 445 -26.04 -39.97 21.89
N THR C 446 -25.40 -38.80 21.82
CA THR C 446 -26.16 -37.58 22.00
C THR C 446 -25.45 -36.42 21.30
N CYS C 447 -26.19 -35.35 21.12
CA CYS C 447 -25.66 -34.12 20.55
C CYS C 447 -25.15 -33.23 21.68
N LEU C 448 -24.68 -32.04 21.33
CA LEU C 448 -24.29 -31.07 22.33
C LEU C 448 -25.54 -30.45 22.94
N SER C 449 -25.49 -30.19 24.25
CA SER C 449 -26.58 -29.56 24.96
C SER C 449 -26.03 -28.62 26.03
N SER C 450 -26.67 -27.46 26.18
CA SER C 450 -26.32 -26.53 27.23
C SER C 450 -27.23 -26.72 28.44
N LYS C 451 -28.53 -26.45 28.27
CA LYS C 451 -29.49 -26.71 29.32
C LYS C 451 -29.45 -28.18 29.75
N GLU C 452 -29.43 -28.40 31.06
CA GLU C 452 -29.33 -29.75 31.61
C GLU C 452 -30.64 -30.51 31.43
N GLY C 453 -30.52 -31.79 31.10
CA GLY C 453 -31.70 -32.63 30.96
C GLY C 453 -32.47 -32.42 29.68
N THR C 454 -31.85 -31.82 28.66
CA THR C 454 -32.51 -31.52 27.41
C THR C 454 -31.62 -31.98 26.24
N ILE C 455 -32.25 -32.12 25.08
CA ILE C 455 -31.56 -32.46 23.85
C ILE C 455 -31.38 -31.19 23.04
N CYS C 456 -30.12 -30.87 22.72
CA CYS C 456 -29.79 -29.63 22.00
C CYS C 456 -30.32 -28.41 22.72
N SER C 457 -30.21 -28.43 24.05
CA SER C 457 -30.65 -27.34 24.92
C SER C 457 -32.14 -27.08 24.76
N GLY C 458 -32.89 -28.10 24.35
CA GLY C 458 -34.32 -28.00 24.16
C GLY C 458 -34.77 -27.19 22.95
N ASN C 459 -33.84 -26.54 22.26
CA ASN C 459 -34.13 -25.73 21.09
C ASN C 459 -33.95 -26.46 19.76
N GLY C 460 -33.58 -27.74 19.77
CA GLY C 460 -33.28 -28.41 18.52
C GLY C 460 -33.47 -29.91 18.57
N VAL C 461 -33.26 -30.54 17.41
CA VAL C 461 -33.37 -31.98 17.23
C VAL C 461 -31.99 -32.53 16.88
N CYS C 462 -31.63 -33.64 17.51
CA CYS C 462 -30.34 -34.28 17.30
C CYS C 462 -30.44 -35.23 16.11
N SER C 463 -29.54 -35.05 15.15
CA SER C 463 -29.60 -35.81 13.91
C SER C 463 -28.87 -37.14 14.06
N ASN C 464 -28.89 -37.93 12.97
CA ASN C 464 -28.15 -39.19 12.93
C ASN C 464 -26.66 -38.98 12.71
N GLU C 465 -26.24 -37.77 12.35
CA GLU C 465 -24.85 -37.37 12.29
C GLU C 465 -24.34 -36.84 13.63
N LEU C 466 -25.20 -36.84 14.66
CA LEU C 466 -24.87 -36.28 15.98
C LEU C 466 -24.57 -34.79 15.87
N LYS C 467 -25.37 -34.09 15.08
CA LYS C 467 -25.33 -32.64 14.97
C LYS C 467 -26.72 -32.09 15.25
N CYS C 468 -26.78 -30.96 15.96
CA CYS C 468 -28.06 -30.40 16.34
C CYS C 468 -28.68 -29.66 15.16
N VAL C 469 -29.95 -29.95 14.91
CA VAL C 469 -30.74 -29.15 13.97
C VAL C 469 -31.64 -28.26 14.83
N CYS C 470 -31.35 -26.97 14.82
CA CYS C 470 -32.03 -26.03 15.71
C CYS C 470 -33.42 -25.69 15.19
N ASN C 471 -34.30 -25.33 16.10
CA ASN C 471 -35.61 -24.83 15.71
C ASN C 471 -35.49 -23.40 15.20
N ARG C 472 -36.61 -22.77 14.88
CA ARG C 472 -36.57 -21.37 14.39
C ARG C 472 -36.00 -20.48 15.49
N HIS C 473 -35.22 -19.47 15.10
CA HIS C 473 -34.58 -18.44 15.96
C HIS C 473 -33.40 -18.98 16.78
N TRP C 474 -32.83 -20.13 16.47
CA TRP C 474 -31.64 -20.56 17.25
C TRP C 474 -30.48 -20.81 16.27
N ILE C 475 -29.34 -20.16 16.44
CA ILE C 475 -28.22 -20.32 15.47
C ILE C 475 -27.01 -21.00 16.10
N GLY C 476 -27.06 -21.36 17.37
CA GLY C 476 -25.86 -21.96 18.00
C GLY C 476 -25.59 -23.38 17.54
N SER C 477 -24.35 -23.86 17.68
CA SER C 477 -23.99 -25.26 17.34
C SER C 477 -24.78 -26.20 18.27
N ASP C 478 -24.93 -25.82 19.53
CA ASP C 478 -25.73 -26.52 20.53
C ASP C 478 -27.13 -25.90 20.60
N CYS C 479 -27.42 -24.98 19.66
CA CYS C 479 -28.72 -24.27 19.55
C CYS C 479 -29.05 -23.55 20.85
N ASN C 480 -28.07 -22.93 21.50
CA ASN C 480 -28.29 -22.21 22.78
C ASN C 480 -28.24 -20.69 22.58
N THR C 481 -28.13 -20.22 21.34
CA THR C 481 -28.14 -18.76 21.07
C THR C 481 -29.51 -18.38 20.49
N TYR C 482 -29.84 -17.11 20.45
CA TYR C 482 -31.12 -16.71 19.85
C TYR C 482 -30.86 -15.80 18.65
N PHE C 483 -31.85 -15.74 17.75
CA PHE C 483 -31.72 -14.81 16.66
C PHE C 483 -32.66 -13.61 16.87
N PRO C 484 -32.11 -12.40 16.80
CA PRO C 484 -32.87 -11.21 17.22
C PRO C 484 -34.35 -11.20 16.82
N HIS C 485 -34.70 -11.28 15.53
CA HIS C 485 -36.09 -11.16 15.11
C HIS C 485 -36.41 -12.15 13.99
N ASN C 486 -37.64 -12.04 13.46
CA ASN C 486 -38.26 -13.06 12.57
C ASN C 486 -37.39 -13.42 11.37
N ASN D 1 -3.92 9.28 -16.05
CA ASN D 1 -3.09 8.27 -16.72
C ASN D 1 -1.61 8.45 -16.36
N VAL D 2 -0.93 7.34 -16.09
CA VAL D 2 0.48 7.40 -15.67
C VAL D 2 1.41 7.77 -16.82
N GLU D 3 1.00 7.53 -18.06
CA GLU D 3 1.83 7.90 -19.20
C GLU D 3 1.75 9.40 -19.50
N GLU D 4 0.56 9.99 -19.32
CA GLU D 4 0.36 11.40 -19.65
C GLU D 4 0.91 12.33 -18.58
N GLU D 5 1.18 11.84 -17.39
CA GLU D 5 1.79 12.65 -16.35
C GLU D 5 3.21 13.04 -16.76
N THR D 6 3.69 14.16 -16.21
CA THR D 6 5.03 14.64 -16.54
C THR D 6 6.00 14.10 -15.51
N LYS D 7 6.91 13.24 -15.96
CA LYS D 7 7.95 12.68 -15.12
C LYS D 7 9.08 13.70 -14.94
N TYR D 8 9.80 13.56 -13.83
CA TYR D 8 10.98 14.38 -13.55
C TYR D 8 12.08 13.47 -13.04
N ILE D 9 13.27 13.59 -13.63
CA ILE D 9 14.43 12.81 -13.21
C ILE D 9 15.33 13.73 -12.39
N GLU D 10 15.43 13.46 -11.09
CA GLU D 10 16.40 14.16 -10.26
C GLU D 10 17.76 13.52 -10.49
N LEU D 11 18.72 14.32 -10.93
CA LEU D 11 19.98 13.79 -11.43
C LEU D 11 21.15 14.41 -10.66
N MET D 12 22.09 13.57 -10.26
CA MET D 12 23.35 14.01 -9.68
C MET D 12 24.48 13.57 -10.61
N ILE D 13 25.34 14.51 -10.96
CA ILE D 13 26.48 14.25 -11.83
C ILE D 13 27.75 14.29 -11.00
N VAL D 14 28.65 13.35 -11.25
CA VAL D 14 29.94 13.29 -10.59
C VAL D 14 31.00 13.44 -11.66
N ASN D 15 31.82 14.48 -11.56
CA ASN D 15 32.89 14.74 -12.50
C ASN D 15 34.20 14.22 -11.91
N ASP D 16 34.84 13.28 -12.61
CA ASP D 16 36.10 12.73 -12.14
C ASP D 16 37.24 13.72 -12.41
N HIS D 17 38.45 13.33 -12.03
CA HIS D 17 39.59 14.23 -12.13
C HIS D 17 39.94 14.51 -13.59
N LEU D 18 39.78 13.52 -14.47
CA LEU D 18 40.15 13.70 -15.88
C LEU D 18 39.25 14.73 -16.56
N MET D 19 37.96 14.72 -16.23
CA MET D 19 37.06 15.77 -16.73
C MET D 19 37.52 17.13 -16.22
N PHE D 20 37.89 17.20 -14.94
CA PHE D 20 38.41 18.42 -14.35
C PHE D 20 39.64 18.91 -15.13
N LYS D 21 40.48 17.99 -15.60
CA LYS D 21 41.59 18.40 -16.45
C LYS D 21 41.12 18.88 -17.82
N LYS D 22 40.10 18.23 -18.38
CA LYS D 22 39.57 18.64 -19.68
C LYS D 22 38.98 20.04 -19.63
N HIS D 23 38.59 20.51 -18.45
CA HIS D 23 38.13 21.87 -18.23
C HIS D 23 39.23 22.83 -17.78
N ARG D 24 40.50 22.38 -17.74
CA ARG D 24 41.62 23.18 -17.28
C ARG D 24 41.52 23.51 -15.79
N LEU D 25 41.06 22.53 -15.01
CA LEU D 25 41.14 22.58 -13.55
C LEU D 25 40.32 23.72 -12.95
N SER D 26 39.14 23.96 -13.52
CA SER D 26 38.28 25.06 -13.13
C SER D 26 36.94 24.48 -12.69
N VAL D 27 36.48 24.90 -11.51
CA VAL D 27 35.23 24.37 -11.00
C VAL D 27 34.03 25.00 -11.71
N VAL D 28 34.09 26.29 -11.98
CA VAL D 28 32.97 26.97 -12.64
C VAL D 28 32.80 26.45 -14.06
N HIS D 29 33.90 26.15 -14.74
CA HIS D 29 33.82 25.67 -16.12
C HIS D 29 33.20 24.27 -16.16
N THR D 30 33.68 23.37 -15.30
CA THR D 30 33.09 22.04 -15.22
C THR D 30 31.60 22.10 -14.87
N ASN D 31 31.26 22.96 -13.91
CA ASN D 31 29.86 23.06 -13.49
C ASN D 31 28.97 23.53 -14.62
N THR D 32 29.33 24.66 -15.25
CA THR D 32 28.50 25.21 -16.32
C THR D 32 28.44 24.27 -17.51
N TYR D 33 29.55 23.61 -17.84
CA TYR D 33 29.58 22.69 -18.97
C TYR D 33 28.64 21.52 -18.74
N ALA D 34 28.79 20.85 -17.59
CA ALA D 34 27.88 19.74 -17.25
C ALA D 34 26.44 20.22 -17.25
N LYS D 35 26.18 21.41 -16.71
CA LYS D 35 24.83 21.96 -16.70
C LYS D 35 24.29 22.10 -18.12
N SER D 36 25.16 22.47 -19.07
CA SER D 36 24.72 22.56 -20.45
C SER D 36 24.37 21.19 -21.02
N VAL D 37 25.20 20.18 -20.72
CA VAL D 37 24.90 18.81 -21.14
C VAL D 37 23.52 18.40 -20.65
N VAL D 38 23.27 18.59 -19.34
CA VAL D 38 21.97 18.24 -18.78
C VAL D 38 20.86 19.06 -19.43
N ASN D 39 21.16 20.31 -19.83
CA ASN D 39 20.14 21.14 -20.48
C ASN D 39 19.71 20.53 -21.81
N MET D 40 20.68 20.13 -22.64
CA MET D 40 20.33 19.57 -23.94
C MET D 40 19.61 18.23 -23.80
N ALA D 41 20.14 17.35 -22.93
CA ALA D 41 19.44 16.10 -22.65
C ALA D 41 18.01 16.36 -22.21
N ASP D 42 17.83 17.37 -21.37
CA ASP D 42 16.49 17.78 -20.94
C ASP D 42 15.65 18.23 -22.13
N LEU D 43 16.27 18.88 -23.12
CA LEU D 43 15.51 19.27 -24.30
C LEU D 43 15.01 18.04 -25.07
N ILE D 44 15.81 16.98 -25.14
CA ILE D 44 15.35 15.77 -25.83
C ILE D 44 14.22 15.11 -25.05
N TYR D 45 14.46 14.84 -23.76
CA TYR D 45 13.48 14.13 -22.95
C TYR D 45 12.19 14.92 -22.78
N LYS D 46 12.29 16.25 -22.73
CA LYS D 46 11.11 17.08 -22.50
C LYS D 46 10.06 16.87 -23.56
N ASP D 47 10.43 17.05 -24.83
CA ASP D 47 9.45 16.83 -25.88
C ASP D 47 9.09 15.36 -26.03
N GLN D 48 10.07 14.46 -26.22
CA GLN D 48 9.70 13.11 -26.64
C GLN D 48 9.08 12.30 -25.51
N LEU D 49 9.76 12.24 -24.34
CA LEU D 49 9.37 11.32 -23.29
C LEU D 49 8.45 11.92 -22.25
N LYS D 50 8.08 13.20 -22.39
CA LYS D 50 7.31 13.92 -21.38
C LYS D 50 7.98 13.79 -20.01
N THR D 51 9.31 13.82 -20.03
CA THR D 51 10.13 13.66 -18.83
C THR D 51 11.19 14.75 -18.82
N ARG D 52 11.34 15.40 -17.67
CA ARG D 52 12.33 16.46 -17.51
C ARG D 52 13.54 15.94 -16.74
N ILE D 53 14.71 16.41 -17.13
CA ILE D 53 15.96 16.09 -16.45
C ILE D 53 16.41 17.34 -15.71
N VAL D 54 16.37 17.28 -14.39
CA VAL D 54 16.76 18.39 -13.52
C VAL D 54 17.96 17.93 -12.71
N LEU D 55 18.98 18.77 -12.60
CA LEU D 55 20.16 18.40 -11.84
C LEU D 55 19.98 18.94 -10.42
N VAL D 56 19.79 18.03 -9.47
CA VAL D 56 19.62 18.41 -8.07
C VAL D 56 20.95 18.66 -7.36
N ALA D 57 22.03 18.03 -7.82
CA ALA D 57 23.29 18.09 -7.10
C ALA D 57 24.42 17.82 -8.08
N MET D 58 25.63 18.21 -7.67
CA MET D 58 26.83 17.92 -8.43
C MET D 58 27.99 17.70 -7.48
N GLU D 59 28.88 16.79 -7.85
CA GLU D 59 30.12 16.54 -7.13
C GLU D 59 31.25 16.50 -8.15
N THR D 60 32.23 17.38 -7.97
CA THR D 60 33.43 17.39 -8.79
C THR D 60 34.62 17.08 -7.90
N TRP D 61 35.52 16.22 -8.38
CA TRP D 61 36.73 15.89 -7.66
C TRP D 61 37.88 16.68 -8.26
N ALA D 62 38.41 17.63 -7.48
CA ALA D 62 39.63 18.31 -7.88
C ALA D 62 40.86 17.45 -7.60
N THR D 63 40.74 16.55 -6.64
CA THR D 63 41.82 15.66 -6.22
C THR D 63 41.83 14.44 -7.15
N ASP D 64 42.63 13.44 -6.81
CA ASP D 64 42.72 12.24 -7.62
C ASP D 64 41.40 11.46 -7.57
N ASN D 65 41.21 10.59 -8.56
CA ASN D 65 40.00 9.77 -8.62
C ASN D 65 39.88 8.88 -7.39
N LYS D 66 38.66 8.78 -6.88
CA LYS D 66 38.41 8.13 -5.60
C LYS D 66 38.65 6.62 -5.70
N PHE D 67 38.16 6.00 -6.76
CA PHE D 67 38.32 4.58 -7.02
C PHE D 67 39.17 4.40 -8.28
N ALA D 68 39.37 3.16 -8.69
CA ALA D 68 40.21 2.87 -9.84
C ALA D 68 39.35 2.82 -11.08
N ILE D 69 39.58 3.76 -12.00
CA ILE D 69 38.82 3.85 -13.24
C ILE D 69 39.41 2.88 -14.25
N SER D 70 38.54 2.31 -15.09
CA SER D 70 38.93 1.32 -16.06
C SER D 70 38.54 1.77 -17.47
N GLU D 71 39.29 1.26 -18.46
CA GLU D 71 38.92 1.47 -19.85
C GLU D 71 37.66 0.72 -20.24
N ASN D 72 37.26 -0.27 -19.44
CA ASN D 72 36.02 -0.99 -19.68
C ASN D 72 34.88 -0.23 -19.03
N PRO D 73 33.85 0.18 -19.79
CA PRO D 73 32.76 0.95 -19.18
C PRO D 73 31.96 0.17 -18.15
N LEU D 74 31.84 -1.15 -18.30
CA LEU D 74 31.08 -1.93 -17.32
C LEU D 74 31.80 -2.00 -15.98
N ILE D 75 33.12 -2.22 -16.01
CA ILE D 75 33.91 -2.25 -14.78
C ILE D 75 33.78 -0.91 -14.06
N THR D 76 33.95 0.19 -14.80
CA THR D 76 33.79 1.53 -14.23
C THR D 76 32.39 1.72 -13.68
N LEU D 77 31.38 1.12 -14.32
CA LEU D 77 30.02 1.22 -13.81
C LEU D 77 29.89 0.53 -12.45
N ARG D 78 30.39 -0.70 -12.35
CA ARG D 78 30.28 -1.44 -11.10
C ARG D 78 31.04 -0.73 -9.98
N GLU D 79 32.29 -0.33 -10.24
CA GLU D 79 33.07 0.33 -9.21
C GLU D 79 32.45 1.67 -8.81
N PHE D 80 31.96 2.42 -9.80
CA PHE D 80 31.33 3.70 -9.51
C PHE D 80 30.07 3.51 -8.67
N MET D 81 29.31 2.46 -8.93
CA MET D 81 28.12 2.23 -8.12
C MET D 81 28.48 1.72 -6.73
N LYS D 82 29.62 1.04 -6.58
CA LYS D 82 30.12 0.74 -5.25
C LYS D 82 30.42 2.03 -4.49
N TYR D 83 31.04 3.00 -5.17
CA TYR D 83 31.28 4.28 -4.54
C TYR D 83 29.96 4.99 -4.19
N ARG D 84 28.97 4.91 -5.08
CA ARG D 84 27.69 5.54 -4.80
C ARG D 84 27.01 4.94 -3.57
N ARG D 85 27.02 3.61 -3.46
CA ARG D 85 26.36 2.99 -2.32
C ARG D 85 27.13 3.27 -1.03
N ASP D 86 28.46 3.19 -1.07
CA ASP D 86 29.24 3.34 0.15
C ASP D 86 29.50 4.80 0.54
N PHE D 87 29.28 5.76 -0.36
CA PHE D 87 29.70 7.12 -0.07
C PHE D 87 28.60 8.17 -0.22
N ILE D 88 28.10 8.39 -1.44
CA ILE D 88 27.22 9.52 -1.68
C ILE D 88 25.98 9.40 -0.79
N LYS D 89 25.72 10.45 -0.01
CA LYS D 89 24.50 10.56 0.78
C LYS D 89 23.41 11.39 0.11
N GLU D 90 23.65 11.95 -1.07
CA GLU D 90 22.68 12.84 -1.67
C GLU D 90 21.46 12.06 -2.13
N LYS D 91 20.29 12.67 -2.00
CA LYS D 91 19.06 12.06 -2.48
C LYS D 91 18.87 12.45 -3.93
N SER D 92 18.76 11.46 -4.81
CA SER D 92 18.54 11.70 -6.22
C SER D 92 17.94 10.45 -6.84
N ASP D 93 17.33 10.64 -8.02
CA ASP D 93 16.75 9.52 -8.75
C ASP D 93 17.81 8.72 -9.49
N ALA D 94 18.87 9.38 -9.94
CA ALA D 94 19.96 8.70 -10.64
C ALA D 94 21.25 9.45 -10.39
N VAL D 95 22.36 8.73 -10.48
CA VAL D 95 23.70 9.30 -10.31
C VAL D 95 24.56 8.84 -11.48
N HIS D 96 25.06 9.78 -12.26
CA HIS D 96 25.85 9.47 -13.44
C HIS D 96 27.23 10.09 -13.34
N LEU D 97 28.23 9.37 -13.85
CA LEU D 97 29.62 9.79 -13.81
C LEU D 97 30.02 10.40 -15.14
N PHE D 98 30.65 11.57 -15.09
CA PHE D 98 31.26 12.19 -16.26
C PHE D 98 32.76 11.94 -16.19
N SER D 99 33.28 11.13 -17.10
CA SER D 99 34.66 10.70 -17.09
C SER D 99 35.42 11.34 -18.25
N GLY D 100 36.56 11.95 -17.94
CA GLY D 100 37.41 12.49 -19.00
C GLY D 100 38.17 11.45 -19.77
N SER D 101 38.32 10.25 -19.22
CA SER D 101 38.98 9.17 -19.92
C SER D 101 38.13 8.66 -21.08
N GLN D 102 38.80 8.06 -22.05
CA GLN D 102 38.14 7.42 -23.18
C GLN D 102 38.07 5.92 -22.93
N PHE D 103 36.87 5.36 -22.95
CA PHE D 103 36.73 3.92 -22.95
C PHE D 103 37.17 3.37 -24.30
N GLU D 104 37.64 2.13 -24.30
CA GLU D 104 37.78 1.39 -25.54
C GLU D 104 36.60 0.42 -25.58
N SER D 105 35.66 0.69 -26.48
CA SER D 105 34.41 -0.05 -26.61
C SER D 105 33.64 0.59 -27.75
N SER D 106 32.63 -0.14 -28.25
CA SER D 106 31.69 0.47 -29.18
C SER D 106 30.79 1.49 -28.49
N ARG D 107 30.57 1.33 -27.18
CA ARG D 107 29.62 2.17 -26.46
C ARG D 107 30.33 3.34 -25.81
N SER D 108 29.68 4.50 -25.83
CA SER D 108 30.20 5.68 -25.15
C SER D 108 29.99 5.65 -23.64
N GLY D 109 29.19 4.72 -23.15
CA GLY D 109 28.93 4.62 -21.73
C GLY D 109 28.16 3.36 -21.41
N ALA D 110 27.96 3.13 -20.12
CA ALA D 110 27.26 1.95 -19.65
C ALA D 110 26.35 2.35 -18.50
N ALA D 111 25.14 1.80 -18.50
CA ALA D 111 24.17 2.07 -17.44
C ALA D 111 23.30 0.84 -17.25
N TYR D 112 22.84 0.64 -16.02
CA TYR D 112 22.04 -0.53 -15.70
C TYR D 112 20.63 -0.36 -16.24
N ILE D 113 20.15 -1.39 -16.94
CA ILE D 113 18.85 -1.35 -17.58
C ILE D 113 17.76 -1.39 -16.51
N GLY D 114 16.82 -0.45 -16.60
CA GLY D 114 15.73 -0.40 -15.64
C GLY D 114 16.16 -0.13 -14.22
N GLY D 115 17.34 0.45 -14.02
CA GLY D 115 17.89 0.70 -12.71
C GLY D 115 17.50 2.03 -12.08
N ILE D 116 16.54 2.76 -12.66
CA ILE D 116 16.18 4.05 -12.09
C ILE D 116 15.62 3.86 -10.68
N CYS D 117 15.82 4.87 -9.84
CA CYS D 117 15.34 4.92 -8.46
C CYS D 117 16.06 3.94 -7.54
N SER D 118 16.86 3.04 -8.09
CA SER D 118 17.55 2.05 -7.28
C SER D 118 18.84 2.58 -6.70
N LEU D 119 19.12 2.19 -5.45
CA LEU D 119 20.40 2.46 -4.82
C LEU D 119 21.48 1.56 -5.41
N LEU D 120 21.18 0.26 -5.55
CA LEU D 120 22.22 -0.68 -5.96
C LEU D 120 22.60 -0.48 -7.42
N LYS D 121 21.62 -0.39 -8.32
CA LYS D 121 21.95 0.03 -9.68
C LYS D 121 21.43 1.45 -9.76
N GLY D 122 22.34 2.42 -9.75
CA GLY D 122 21.89 3.80 -9.57
C GLY D 122 21.92 4.73 -10.75
N GLY D 123 22.39 4.26 -11.89
CA GLY D 123 22.83 5.19 -12.90
C GLY D 123 23.87 4.56 -13.79
N GLY D 124 24.67 5.42 -14.41
CA GLY D 124 25.61 4.98 -15.42
C GLY D 124 26.80 5.91 -15.49
N VAL D 125 27.70 5.55 -16.39
CA VAL D 125 28.99 6.28 -16.62
C VAL D 125 28.98 6.78 -18.06
N ASN D 126 29.49 7.97 -18.29
CA ASN D 126 29.53 8.55 -19.63
C ASN D 126 30.91 9.14 -19.92
N GLU D 127 31.48 8.75 -21.06
CA GLU D 127 32.78 9.25 -21.48
C GLU D 127 32.68 10.71 -21.95
N PHE D 128 33.83 11.38 -21.96
CA PHE D 128 33.89 12.80 -22.29
C PHE D 128 33.72 13.05 -23.78
N GLY D 129 33.14 14.20 -24.10
CA GLY D 129 33.01 14.63 -25.47
C GLY D 129 32.54 16.06 -25.55
N LYS D 130 32.14 16.46 -26.76
CA LYS D 130 31.53 17.77 -26.95
C LYS D 130 30.15 17.81 -26.30
N THR D 131 29.67 19.04 -26.07
CA THR D 131 28.43 19.26 -25.33
C THR D 131 27.28 18.44 -25.90
N ASP D 132 27.06 18.57 -27.20
CA ASP D 132 25.99 17.85 -27.86
C ASP D 132 26.18 16.35 -27.81
N LEU D 133 27.39 15.89 -28.06
CA LEU D 133 27.70 14.47 -28.05
C LEU D 133 27.48 13.88 -26.65
N MET D 134 28.00 14.55 -25.63
CA MET D 134 27.77 14.07 -24.26
C MET D 134 26.30 14.16 -23.88
N ALA D 135 25.56 15.12 -24.45
CA ALA D 135 24.13 15.15 -24.21
C ALA D 135 23.44 13.90 -24.76
N VAL D 136 23.85 13.46 -25.95
CA VAL D 136 23.29 12.23 -26.50
C VAL D 136 23.70 11.02 -25.65
N THR D 137 24.97 10.97 -25.25
CA THR D 137 25.44 9.86 -24.43
C THR D 137 24.67 9.76 -23.13
N LEU D 138 24.51 10.89 -22.43
CA LEU D 138 23.70 10.90 -21.22
C LEU D 138 22.26 10.51 -21.53
N ALA D 139 21.74 10.92 -22.69
CA ALA D 139 20.38 10.58 -23.06
C ALA D 139 20.20 9.06 -23.17
N GLN D 140 21.17 8.37 -23.77
CA GLN D 140 21.02 6.92 -23.89
C GLN D 140 21.34 6.20 -22.59
N SER D 141 22.24 6.73 -21.77
CA SER D 141 22.50 6.13 -20.46
C SER D 141 21.25 6.20 -19.58
N LEU D 142 20.68 7.39 -19.42
CA LEU D 142 19.43 7.52 -18.70
C LEU D 142 18.31 6.73 -19.36
N ALA D 143 18.35 6.58 -20.69
CA ALA D 143 17.36 5.75 -21.37
C ALA D 143 17.47 4.31 -20.90
N HIS D 144 18.69 3.80 -20.77
CA HIS D 144 18.88 2.47 -20.18
C HIS D 144 18.35 2.43 -18.75
N ASN D 145 18.70 3.43 -17.95
CA ASN D 145 18.24 3.47 -16.56
C ASN D 145 16.72 3.53 -16.48
N ILE D 146 16.08 4.16 -17.47
CA ILE D 146 14.63 4.37 -17.42
C ILE D 146 13.86 3.23 -18.08
N GLY D 147 14.55 2.20 -18.57
CA GLY D 147 13.92 1.05 -19.15
C GLY D 147 13.90 1.02 -20.66
N ILE D 148 14.45 2.04 -21.32
CA ILE D 148 14.49 2.08 -22.78
C ILE D 148 15.71 1.31 -23.25
N ILE D 149 15.49 0.35 -24.15
CA ILE D 149 16.55 -0.42 -24.77
C ILE D 149 16.35 -0.37 -26.28
N SER D 150 17.43 -0.57 -27.02
CA SER D 150 17.28 -0.81 -28.44
C SER D 150 16.89 -2.28 -28.58
N ASP D 151 15.74 -2.54 -29.20
CA ASP D 151 15.15 -3.88 -29.15
C ASP D 151 15.65 -4.66 -30.36
N LYS D 152 16.42 -5.71 -30.10
CA LYS D 152 17.11 -6.43 -31.18
C LYS D 152 16.17 -7.35 -31.93
N ARG D 153 15.24 -8.02 -31.23
CA ARG D 153 14.28 -8.87 -31.90
C ARG D 153 13.38 -8.07 -32.82
N LYS D 154 12.93 -6.89 -32.37
CA LYS D 154 12.04 -6.07 -33.18
C LYS D 154 12.77 -5.31 -34.27
N LEU D 155 14.00 -4.86 -34.02
CA LEU D 155 14.75 -4.18 -35.08
C LEU D 155 15.19 -5.16 -36.16
N ALA D 156 15.52 -6.40 -35.77
CA ALA D 156 15.90 -7.39 -36.76
C ALA D 156 14.72 -7.78 -37.64
N SER D 157 13.52 -7.85 -37.06
CA SER D 157 12.33 -8.19 -37.83
C SER D 157 11.87 -7.04 -38.73
N GLY D 158 12.35 -5.82 -38.48
CA GLY D 158 11.89 -4.66 -39.20
C GLY D 158 10.66 -4.00 -38.61
N GLU D 159 10.12 -4.56 -37.53
CA GLU D 159 8.95 -3.96 -36.88
C GLU D 159 9.29 -2.59 -36.30
N CYS D 160 10.43 -2.47 -35.64
CA CYS D 160 10.89 -1.21 -35.08
C CYS D 160 12.01 -0.66 -35.96
N LYS D 161 11.85 0.58 -36.43
CA LYS D 161 12.83 1.19 -37.30
C LYS D 161 12.92 2.69 -36.98
N CYS D 162 14.14 3.21 -36.97
CA CYS D 162 14.34 4.65 -36.83
C CYS D 162 14.05 5.32 -38.16
N GLU D 163 13.13 6.29 -38.14
CA GLU D 163 12.63 6.89 -39.37
C GLU D 163 13.46 8.09 -39.84
N ASP D 164 14.51 8.45 -39.11
CA ASP D 164 15.47 9.47 -39.57
C ASP D 164 16.66 8.75 -40.18
N THR D 165 16.84 8.89 -41.49
CA THR D 165 17.94 8.23 -42.17
C THR D 165 19.27 8.95 -41.98
N TRP D 166 19.25 10.27 -41.80
CA TRP D 166 20.51 11.03 -41.75
C TRP D 166 21.15 10.95 -40.37
N SER D 167 20.49 11.53 -39.36
CA SER D 167 21.06 11.59 -38.02
C SER D 167 20.90 10.30 -37.21
N GLY D 168 19.93 9.46 -37.54
CA GLY D 168 19.69 8.29 -36.74
C GLY D 168 18.83 8.59 -35.52
N CYS D 169 18.82 7.65 -34.58
CA CYS D 169 18.11 7.79 -33.32
C CYS D 169 19.08 7.60 -32.16
N ILE D 170 18.66 8.03 -30.96
CA ILE D 170 19.58 8.11 -29.82
C ILE D 170 20.18 6.75 -29.50
N MET D 171 19.36 5.70 -29.50
CA MET D 171 19.86 4.40 -29.06
C MET D 171 20.81 3.73 -30.05
N GLY D 172 20.89 4.23 -31.28
CA GLY D 172 21.78 3.67 -32.27
C GLY D 172 23.20 4.20 -32.14
N ASP D 173 24.06 3.70 -33.03
CA ASP D 173 25.44 4.19 -33.07
C ASP D 173 25.44 5.67 -33.45
N THR D 174 26.27 6.45 -32.76
CA THR D 174 26.34 7.88 -32.94
C THR D 174 27.57 8.25 -33.75
N GLY D 175 27.36 8.91 -34.88
CA GLY D 175 28.41 9.41 -35.75
C GLY D 175 28.68 10.89 -35.52
N TYR D 176 29.12 11.56 -36.58
CA TYR D 176 29.35 13.00 -36.48
C TYR D 176 28.03 13.78 -36.41
N TYR D 177 27.01 13.30 -37.10
CA TYR D 177 25.70 13.93 -37.08
C TYR D 177 24.87 13.29 -35.97
N LEU D 178 24.46 14.10 -34.99
CA LEU D 178 23.90 13.57 -33.73
C LEU D 178 22.39 13.38 -33.84
N PRO D 179 21.88 12.22 -33.43
CA PRO D 179 20.41 12.02 -33.45
C PRO D 179 19.72 12.91 -32.43
N LYS D 180 18.64 13.57 -32.86
CA LYS D 180 17.79 14.33 -31.96
C LYS D 180 16.55 13.59 -31.46
N LYS D 181 16.29 12.35 -31.89
CA LYS D 181 14.97 11.77 -31.67
C LYS D 181 15.02 10.31 -31.27
N PHE D 182 14.04 9.92 -30.45
CA PHE D 182 13.81 8.55 -30.00
C PHE D 182 12.84 7.84 -30.93
N THR D 183 13.09 6.56 -31.17
CA THR D 183 12.12 5.73 -31.89
C THR D 183 10.83 5.60 -31.09
N GLN D 184 9.71 5.45 -31.81
CA GLN D 184 8.42 5.22 -31.15
C GLN D 184 8.45 3.96 -30.30
N CYS D 185 9.22 2.95 -30.73
CA CYS D 185 9.34 1.73 -29.95
C CYS D 185 10.02 2.00 -28.61
N ASN D 186 10.98 2.92 -28.59
CA ASN D 186 11.58 3.31 -27.31
C ASN D 186 10.56 3.99 -26.41
N ILE D 187 9.70 4.82 -26.99
CA ILE D 187 8.61 5.42 -26.24
C ILE D 187 7.73 4.33 -25.63
N GLU D 188 7.35 3.34 -26.44
CA GLU D 188 6.49 2.27 -25.95
C GLU D 188 7.18 1.41 -24.90
N GLU D 189 8.51 1.30 -24.96
CA GLU D 189 9.24 0.59 -23.92
C GLU D 189 9.24 1.37 -22.62
N TYR D 190 9.36 2.70 -22.72
CA TYR D 190 9.25 3.56 -21.53
C TYR D 190 7.87 3.42 -20.90
N HIS D 191 6.82 3.48 -21.72
CA HIS D 191 5.46 3.34 -21.20
C HIS D 191 5.24 1.95 -20.60
N ASP D 192 5.85 0.92 -21.18
CA ASP D 192 5.75 -0.41 -20.60
C ASP D 192 6.46 -0.47 -19.25
N PHE D 193 7.63 0.15 -19.15
CA PHE D 193 8.35 0.19 -17.89
C PHE D 193 7.53 0.90 -16.81
N LEU D 194 6.88 2.01 -17.17
CA LEU D 194 6.07 2.71 -16.18
C LEU D 194 4.83 1.91 -15.81
N ASN D 195 4.22 1.23 -16.78
CA ASN D 195 3.04 0.42 -16.52
C ASN D 195 3.36 -0.87 -15.78
N SER D 196 4.63 -1.26 -15.71
CA SER D 196 5.06 -2.42 -14.95
C SER D 196 5.39 -2.08 -13.50
N GLY D 197 5.27 -0.79 -13.12
CA GLY D 197 5.51 -0.35 -11.76
C GLY D 197 6.84 0.33 -11.53
N GLY D 198 7.71 0.36 -12.52
CA GLY D 198 9.02 0.97 -12.34
C GLY D 198 8.99 2.49 -12.39
N GLY D 199 10.01 3.09 -11.82
CA GLY D 199 10.17 4.53 -11.86
C GLY D 199 9.18 5.33 -11.03
N ALA D 200 8.92 4.89 -9.79
CA ALA D 200 8.01 5.65 -8.93
C ALA D 200 8.63 6.95 -8.47
N CYS D 201 9.95 6.97 -8.27
CA CYS D 201 10.65 8.16 -7.77
C CYS D 201 10.63 9.33 -8.74
N LEU D 202 10.18 9.15 -9.98
CA LEU D 202 10.24 10.21 -10.98
C LEU D 202 9.06 11.18 -10.91
N PHE D 203 8.09 10.96 -10.02
CA PHE D 203 6.87 11.75 -10.04
C PHE D 203 6.91 12.96 -9.11
N ASN D 204 7.98 13.16 -8.36
CA ASN D 204 8.10 14.32 -7.51
C ASN D 204 8.76 15.45 -8.28
N LYS D 205 8.20 16.64 -8.18
CA LYS D 205 8.67 17.80 -8.90
C LYS D 205 9.69 18.55 -8.05
N PRO D 206 10.90 18.79 -8.56
CA PRO D 206 11.96 19.38 -7.73
C PRO D 206 11.56 20.75 -7.20
N SER D 207 11.82 20.95 -5.91
CA SER D 207 11.45 22.20 -5.24
C SER D 207 12.43 23.32 -5.51
N LYS D 208 13.71 23.03 -5.73
CA LYS D 208 14.65 24.09 -6.04
C LYS D 208 15.71 23.58 -7.02
N LEU D 209 16.31 24.52 -7.74
CA LEU D 209 17.40 24.27 -8.66
C LEU D 209 18.62 25.03 -8.17
N LEU D 210 19.82 24.55 -8.55
CA LEU D 210 21.03 25.22 -8.13
C LEU D 210 21.27 26.55 -8.84
N ASP D 211 20.52 26.82 -9.91
CA ASP D 211 20.70 28.02 -10.73
C ASP D 211 19.84 29.16 -10.22
N PRO D 212 20.21 30.40 -10.53
CA PRO D 212 19.42 31.53 -10.05
C PRO D 212 17.99 31.43 -10.56
N PRO D 213 17.03 31.95 -9.80
CA PRO D 213 15.62 31.75 -10.17
C PRO D 213 15.27 32.40 -11.50
N GLU D 214 14.24 31.84 -12.14
CA GLU D 214 13.71 32.37 -13.39
C GLU D 214 12.21 32.14 -13.39
N CYS D 215 11.46 33.11 -13.91
CA CYS D 215 10.01 33.02 -13.94
C CYS D 215 9.55 32.49 -15.28
N GLY D 216 8.55 31.61 -15.25
CA GLY D 216 8.02 31.01 -16.46
C GLY D 216 8.78 29.81 -16.98
N ASN D 217 9.73 29.28 -16.22
CA ASN D 217 10.49 28.11 -16.66
C ASN D 217 9.79 26.80 -16.36
N GLY D 218 8.74 26.82 -15.54
CA GLY D 218 8.01 25.62 -15.18
C GLY D 218 8.34 25.04 -13.83
N PHE D 219 9.21 25.69 -13.05
CA PHE D 219 9.61 25.22 -11.73
C PHE D 219 9.51 26.35 -10.73
N ILE D 220 9.25 26.00 -9.48
CA ILE D 220 9.13 26.98 -8.40
C ILE D 220 10.50 27.19 -7.77
N GLU D 221 10.94 28.43 -7.73
CA GLU D 221 12.23 28.83 -7.18
C GLU D 221 12.02 29.84 -6.06
N THR D 222 13.07 30.04 -5.27
CA THR D 222 13.01 31.02 -4.20
C THR D 222 12.71 32.40 -4.77
N GLY D 223 11.69 33.07 -4.20
CA GLY D 223 11.24 34.37 -4.65
C GLY D 223 9.93 34.36 -5.41
N GLU D 224 9.40 33.19 -5.78
CA GLU D 224 8.14 33.08 -6.49
C GLU D 224 7.28 32.01 -5.84
N GLU D 225 6.00 32.32 -5.63
CA GLU D 225 5.07 31.40 -5.00
C GLU D 225 4.33 30.50 -5.98
N CYS D 226 4.45 30.75 -7.29
CA CYS D 226 3.81 29.88 -8.28
C CYS D 226 4.57 29.95 -9.59
N ASP D 227 4.40 28.93 -10.41
CA ASP D 227 4.94 28.95 -11.77
C ASP D 227 4.13 27.98 -12.64
N CYS D 228 4.26 28.20 -13.95
CA CYS D 228 3.65 27.35 -14.96
C CYS D 228 4.69 27.13 -16.06
N GLY D 229 4.42 26.20 -16.97
CA GLY D 229 5.44 25.79 -17.91
C GLY D 229 5.86 26.89 -18.87
N THR D 230 4.90 27.51 -19.53
CA THR D 230 5.16 28.69 -20.35
C THR D 230 4.02 29.68 -20.16
N PRO D 231 4.29 30.98 -20.30
CA PRO D 231 3.20 31.96 -20.24
C PRO D 231 2.08 31.65 -21.22
N ALA D 232 2.38 30.98 -22.32
CA ALA D 232 1.34 30.50 -23.21
C ALA D 232 0.62 29.27 -22.66
N GLU D 233 1.30 28.49 -21.82
CA GLU D 233 0.66 27.33 -21.20
C GLU D 233 -0.11 27.69 -19.93
N CYS D 234 0.08 28.88 -19.37
CA CYS D 234 -0.60 29.22 -18.12
C CYS D 234 -2.10 29.44 -18.34
N VAL D 235 -2.45 29.77 -19.58
CA VAL D 235 -3.89 29.96 -19.93
C VAL D 235 -4.57 28.62 -19.65
N LEU D 236 -3.89 27.53 -19.96
CA LEU D 236 -4.43 26.16 -19.74
C LEU D 236 -4.69 26.06 -18.24
N GLU D 237 -3.68 26.19 -17.37
CA GLU D 237 -3.99 26.05 -15.91
C GLU D 237 -3.68 27.23 -14.99
N GLY D 238 -2.41 27.63 -14.89
CA GLY D 238 -1.95 28.66 -13.93
C GLY D 238 -2.44 30.07 -14.18
N ALA D 239 -2.98 30.38 -15.35
CA ALA D 239 -3.40 31.78 -15.63
C ALA D 239 -4.44 32.27 -14.63
N GLU D 240 -5.44 31.46 -14.29
CA GLU D 240 -6.47 31.91 -13.36
C GLU D 240 -5.89 32.30 -12.01
N CYS D 241 -4.69 31.79 -11.68
CA CYS D 241 -4.06 32.04 -10.39
C CYS D 241 -2.77 32.83 -10.56
N CYS D 242 -1.76 32.24 -11.20
CA CYS D 242 -0.41 32.82 -11.22
C CYS D 242 -0.35 34.05 -12.12
N LYS D 243 0.14 35.15 -11.56
CA LYS D 243 0.40 36.38 -12.30
C LYS D 243 1.76 36.91 -11.87
N LYS D 244 2.66 37.12 -12.83
CA LYS D 244 4.04 37.52 -12.54
C LYS D 244 4.68 36.56 -11.54
N CYS D 245 4.41 35.27 -11.72
CA CYS D 245 4.89 34.23 -10.81
C CYS D 245 4.43 34.52 -9.38
N THR D 246 3.21 35.03 -9.25
CA THR D 246 2.61 35.34 -7.96
C THR D 246 1.11 35.04 -8.02
N LEU D 247 0.58 34.58 -6.90
CA LEU D 247 -0.82 34.16 -6.84
C LEU D 247 -1.76 35.33 -6.60
N THR D 248 -2.95 35.25 -7.22
CA THR D 248 -4.02 36.20 -6.92
C THR D 248 -4.55 35.97 -5.51
N GLN D 249 -5.24 36.99 -4.98
CA GLN D 249 -5.58 37.01 -3.57
C GLN D 249 -6.46 35.81 -3.17
N ASP D 250 -7.36 35.40 -4.05
CA ASP D 250 -8.29 34.31 -3.76
C ASP D 250 -7.76 32.94 -4.16
N SER D 251 -6.52 32.87 -4.67
CA SER D 251 -5.99 31.66 -5.30
C SER D 251 -5.03 30.94 -4.35
N GLN D 252 -5.32 29.66 -4.09
CA GLN D 252 -4.44 28.81 -3.30
C GLN D 252 -3.27 28.28 -4.14
N CYS D 253 -3.56 27.49 -5.18
CA CYS D 253 -2.54 26.84 -5.98
C CYS D 253 -2.67 27.25 -7.44
N SER D 254 -1.53 27.38 -8.12
CA SER D 254 -1.57 27.73 -9.54
C SER D 254 -1.98 26.57 -10.43
N ASP D 255 -1.32 25.42 -10.29
CA ASP D 255 -1.58 24.30 -11.19
C ASP D 255 -1.18 22.98 -10.53
N GLY D 256 -1.73 21.91 -11.06
CA GLY D 256 -1.35 20.58 -10.63
C GLY D 256 -2.49 19.59 -10.85
N LEU D 257 -2.20 18.33 -10.53
CA LEU D 257 -3.25 17.31 -10.56
C LEU D 257 -4.19 17.48 -9.37
N CYS D 258 -3.69 18.00 -8.25
CA CYS D 258 -4.46 18.24 -7.05
C CYS D 258 -5.04 19.65 -6.97
N CYS D 259 -4.84 20.47 -7.99
CA CYS D 259 -5.29 21.86 -7.98
C CYS D 259 -6.55 21.99 -8.84
N LYS D 260 -7.64 22.41 -8.21
CA LYS D 260 -8.91 22.68 -8.89
C LYS D 260 -9.18 24.18 -8.81
N LYS D 261 -9.09 24.85 -9.97
CA LYS D 261 -9.42 26.27 -10.13
C LYS D 261 -8.87 27.11 -8.98
N CYS D 262 -7.54 27.20 -8.89
CA CYS D 262 -6.86 28.04 -7.92
C CYS D 262 -7.22 27.69 -6.48
N LYS D 263 -7.61 26.45 -6.23
CA LYS D 263 -7.93 25.98 -4.90
C LYS D 263 -7.49 24.53 -4.74
N PHE D 264 -7.02 24.19 -3.55
CA PHE D 264 -6.62 22.82 -3.24
C PHE D 264 -7.82 21.89 -3.34
N GLN D 265 -7.63 20.75 -3.98
CA GLN D 265 -8.66 19.73 -3.98
C GLN D 265 -8.71 19.04 -2.62
N PRO D 266 -9.89 18.59 -2.18
CA PRO D 266 -10.03 18.11 -0.80
C PRO D 266 -9.13 16.91 -0.54
N MET D 267 -8.77 16.76 0.74
CA MET D 267 -7.93 15.64 1.15
C MET D 267 -8.66 14.33 0.92
N GLY D 268 -7.93 13.36 0.34
CA GLY D 268 -8.48 12.06 0.04
C GLY D 268 -8.85 11.84 -1.42
N THR D 269 -8.96 12.91 -2.21
CA THR D 269 -9.18 12.73 -3.64
C THR D 269 -7.99 12.03 -4.27
N VAL D 270 -8.27 11.09 -5.18
CA VAL D 270 -7.24 10.23 -5.73
C VAL D 270 -6.72 10.84 -7.02
N CYS D 271 -5.46 11.28 -7.01
CA CYS D 271 -4.81 11.76 -8.22
C CYS D 271 -4.32 10.61 -9.09
N ARG D 272 -3.75 9.57 -8.48
CA ARG D 272 -3.10 8.49 -9.21
C ARG D 272 -3.57 7.15 -8.66
N GLU D 273 -4.11 6.30 -9.54
CA GLU D 273 -4.52 4.96 -9.16
C GLU D 273 -3.31 4.01 -9.17
N ALA D 274 -3.56 2.76 -8.80
CA ALA D 274 -2.50 1.75 -8.77
C ALA D 274 -2.29 1.18 -10.17
N VAL D 275 -1.02 1.14 -10.59
CA VAL D 275 -0.73 0.62 -11.92
C VAL D 275 -0.70 -0.91 -11.95
N ASN D 276 -0.54 -1.56 -10.79
CA ASN D 276 -0.49 -3.02 -10.71
C ASN D 276 -0.74 -3.41 -9.26
N ASP D 277 -0.62 -4.71 -8.98
CA ASP D 277 -0.85 -5.20 -7.62
C ASP D 277 0.19 -4.70 -6.63
N CYS D 278 1.36 -4.28 -7.11
CA CYS D 278 2.41 -3.77 -6.24
C CYS D 278 2.26 -2.28 -5.93
N ASP D 279 1.39 -1.57 -6.61
CA ASP D 279 1.28 -0.14 -6.50
C ASP D 279 0.21 0.26 -5.49
N ILE D 280 0.49 1.31 -4.73
CA ILE D 280 -0.48 1.92 -3.81
C ILE D 280 -0.99 3.20 -4.44
N ARG D 281 -2.31 3.36 -4.47
CA ARG D 281 -2.88 4.58 -5.05
C ARG D 281 -2.54 5.78 -4.17
N GLU D 282 -2.28 6.91 -4.83
CA GLU D 282 -1.86 8.17 -4.17
C GLU D 282 -3.04 9.16 -4.14
N THR D 283 -3.28 9.78 -3.00
CA THR D 283 -4.38 10.71 -2.82
C THR D 283 -3.84 12.10 -2.58
N CYS D 284 -4.62 13.10 -2.97
CA CYS D 284 -4.24 14.48 -2.73
C CYS D 284 -4.28 14.79 -1.24
N SER D 285 -3.24 15.46 -0.76
CA SER D 285 -3.21 15.87 0.65
C SER D 285 -4.07 17.09 0.91
N GLY D 286 -4.35 17.89 -0.12
CA GLY D 286 -5.02 19.16 0.06
C GLY D 286 -4.11 20.25 0.55
N ASN D 287 -2.90 19.91 0.98
CA ASN D 287 -1.87 20.91 1.27
C ASN D 287 -1.18 21.40 0.01
N SER D 288 -0.94 20.52 -0.95
CA SER D 288 -0.03 20.75 -2.06
C SER D 288 -0.74 20.77 -3.39
N SER D 289 -0.16 21.52 -4.33
CA SER D 289 -0.71 21.61 -5.68
C SER D 289 -0.43 20.35 -6.49
N GLN D 290 0.69 19.68 -6.23
CA GLN D 290 1.11 18.51 -6.99
C GLN D 290 0.78 17.22 -6.23
N CYS D 291 0.41 16.19 -6.98
CA CYS D 291 0.08 14.89 -6.40
C CYS D 291 1.25 14.33 -5.62
N ALA D 292 0.93 13.58 -4.58
CA ALA D 292 1.92 13.11 -3.62
C ALA D 292 2.98 12.26 -4.31
N PRO D 293 4.17 12.16 -3.72
CA PRO D 293 5.21 11.31 -4.28
C PRO D 293 4.70 9.89 -4.51
N ASN D 294 5.01 9.34 -5.68
CA ASN D 294 4.50 8.04 -6.05
C ASN D 294 5.13 6.97 -5.17
N ILE D 295 4.30 6.13 -4.56
CA ILE D 295 4.75 5.10 -3.65
C ILE D 295 4.10 3.79 -4.06
N HIS D 296 4.81 2.70 -3.79
CA HIS D 296 4.34 1.35 -4.07
C HIS D 296 4.58 0.49 -2.83
N LYS D 297 4.00 -0.71 -2.85
CA LYS D 297 4.12 -1.60 -1.72
C LYS D 297 5.59 -1.96 -1.50
N MET D 298 5.95 -2.19 -0.25
CA MET D 298 7.31 -2.55 0.09
C MET D 298 7.67 -3.91 -0.49
N ASP D 299 8.97 -4.11 -0.68
CA ASP D 299 9.46 -5.38 -1.23
C ASP D 299 9.05 -6.54 -0.34
N GLY D 300 8.66 -7.64 -0.98
CA GLY D 300 8.21 -8.83 -0.29
C GLY D 300 6.72 -9.08 -0.33
N TYR D 301 5.92 -8.11 -0.76
CA TYR D 301 4.48 -8.33 -0.90
C TYR D 301 4.21 -9.26 -2.08
N SER D 302 3.11 -10.00 -1.97
CA SER D 302 2.72 -10.94 -3.02
C SER D 302 2.07 -10.21 -4.19
N CYS D 303 2.38 -10.66 -5.40
CA CYS D 303 1.78 -10.09 -6.60
C CYS D 303 1.46 -11.20 -7.60
N ASP D 304 0.48 -10.91 -8.46
CA ASP D 304 -0.02 -11.84 -9.47
C ASP D 304 -0.45 -13.18 -8.89
N GLY D 305 -1.29 -13.11 -7.86
CA GLY D 305 -1.90 -14.28 -7.19
C GLY D 305 -0.93 -15.29 -6.62
N VAL D 306 0.01 -14.86 -5.78
CA VAL D 306 1.01 -15.76 -5.13
C VAL D 306 1.91 -16.45 -6.18
N GLN D 307 2.28 -15.78 -7.27
CA GLN D 307 3.23 -16.42 -8.23
C GLN D 307 4.41 -15.45 -8.22
N GLY D 308 4.30 -14.29 -7.59
CA GLY D 308 5.39 -13.34 -7.67
C GLY D 308 5.49 -12.55 -6.38
N ILE D 309 6.56 -11.78 -6.29
CA ILE D 309 6.86 -10.95 -5.12
C ILE D 309 7.36 -9.60 -5.60
N CYS D 310 6.85 -8.53 -5.01
CA CYS D 310 7.13 -7.18 -5.49
C CYS D 310 8.56 -6.79 -5.15
N PHE D 311 9.26 -6.21 -6.14
CA PHE D 311 10.56 -5.60 -5.92
C PHE D 311 10.59 -4.27 -6.67
N GLY D 312 10.88 -3.19 -5.95
CA GLY D 312 10.91 -1.88 -6.57
C GLY D 312 9.65 -1.49 -7.31
N GLY D 313 8.48 -1.94 -6.83
CA GLY D 313 7.23 -1.67 -7.49
C GLY D 313 6.90 -2.58 -8.64
N ARG D 314 7.80 -3.49 -9.01
CA ARG D 314 7.62 -4.39 -10.14
C ARG D 314 7.45 -5.82 -9.66
N CYS D 315 6.62 -6.58 -10.37
CA CYS D 315 6.30 -7.95 -9.99
C CYS D 315 7.28 -8.89 -10.68
N LYS D 316 8.01 -9.68 -9.89
CA LYS D 316 8.99 -10.61 -10.40
C LYS D 316 8.40 -12.03 -10.38
N THR D 317 8.14 -12.57 -11.56
CA THR D 317 7.71 -13.95 -11.72
C THR D 317 8.57 -14.63 -12.78
N ARG D 318 8.29 -15.92 -13.02
CA ARG D 318 8.92 -16.62 -14.13
C ARG D 318 8.25 -16.28 -15.46
N ASP D 319 6.93 -16.14 -15.47
CA ASP D 319 6.22 -15.83 -16.71
C ASP D 319 6.57 -14.44 -17.22
N ARG D 320 6.61 -13.44 -16.32
CA ARG D 320 7.00 -12.10 -16.74
C ARG D 320 8.45 -12.06 -17.23
N GLN D 321 9.31 -12.91 -16.68
CA GLN D 321 10.69 -12.97 -17.14
C GLN D 321 10.76 -13.62 -18.52
N CYS D 322 10.00 -14.68 -18.75
CA CYS D 322 9.93 -15.29 -20.07
C CYS D 322 9.44 -14.27 -21.10
N LYS D 323 8.34 -13.58 -20.79
CA LYS D 323 7.81 -12.58 -21.71
C LYS D 323 8.78 -11.42 -21.89
N TYR D 324 9.60 -11.12 -20.88
CA TYR D 324 10.56 -10.03 -21.02
C TYR D 324 11.70 -10.42 -21.96
N ILE D 325 12.32 -11.57 -21.73
CA ILE D 325 13.44 -11.97 -22.57
C ILE D 325 12.96 -12.38 -23.95
N TRP D 326 12.01 -13.30 -24.04
CA TRP D 326 11.65 -13.93 -25.29
C TRP D 326 10.44 -13.32 -25.99
N GLY D 327 9.80 -12.31 -25.43
CA GLY D 327 8.65 -11.69 -26.05
C GLY D 327 7.34 -12.12 -25.42
N GLN D 328 6.29 -11.37 -25.73
CA GLN D 328 5.03 -11.54 -25.01
C GLN D 328 4.30 -12.82 -25.38
N LYS D 329 4.46 -13.30 -26.62
CA LYS D 329 3.76 -14.52 -27.00
C LYS D 329 4.26 -15.74 -26.23
N VAL D 330 5.42 -15.64 -25.59
CA VAL D 330 6.01 -16.76 -24.87
C VAL D 330 5.37 -16.86 -23.50
N THR D 331 5.20 -18.08 -23.01
CA THR D 331 4.71 -18.33 -21.66
C THR D 331 5.68 -19.22 -20.89
N ALA D 332 5.62 -19.12 -19.57
CA ALA D 332 6.50 -19.91 -18.72
C ALA D 332 6.12 -21.38 -18.78
N SER D 333 7.13 -22.24 -18.71
CA SER D 333 6.90 -23.68 -18.80
C SER D 333 6.17 -24.20 -17.56
N ASP D 334 5.53 -25.35 -17.73
CA ASP D 334 4.87 -26.00 -16.62
C ASP D 334 5.89 -26.41 -15.56
N LYS D 335 5.46 -26.46 -14.30
CA LYS D 335 6.39 -26.77 -13.22
C LYS D 335 7.04 -28.13 -13.39
N TYR D 336 6.33 -29.09 -14.00
CA TYR D 336 6.92 -30.40 -14.24
C TYR D 336 8.11 -30.31 -15.19
N CYS D 337 8.11 -29.36 -16.11
CA CYS D 337 9.28 -29.13 -16.95
C CYS D 337 10.53 -28.91 -16.11
N TYR D 338 10.45 -27.97 -15.15
CA TYR D 338 11.58 -27.73 -14.27
C TYR D 338 11.89 -28.95 -13.42
N GLU D 339 10.86 -29.58 -12.86
CA GLU D 339 11.07 -30.70 -11.94
C GLU D 339 11.83 -31.84 -12.60
N LYS D 340 11.40 -32.23 -13.80
CA LYS D 340 12.07 -33.32 -14.50
C LYS D 340 13.39 -32.87 -15.13
N LEU D 341 13.39 -31.72 -15.79
CA LEU D 341 14.51 -31.34 -16.66
C LEU D 341 15.71 -30.82 -15.88
N ASN D 342 15.50 -30.10 -14.78
CA ASN D 342 16.63 -29.44 -14.13
C ASN D 342 17.48 -30.39 -13.30
N ILE D 343 16.99 -31.60 -12.99
CA ILE D 343 17.73 -32.49 -12.11
C ILE D 343 18.91 -33.13 -12.83
N GLU D 344 18.80 -33.40 -14.13
CA GLU D 344 19.85 -34.13 -14.83
C GLU D 344 21.16 -33.34 -14.89
N GLY D 345 21.08 -32.02 -14.97
CA GLY D 345 22.30 -31.22 -15.06
C GLY D 345 22.99 -31.25 -16.39
N THR D 346 22.24 -31.32 -17.48
CA THR D 346 22.78 -31.20 -18.83
C THR D 346 22.62 -29.75 -19.29
N GLU D 347 22.95 -29.49 -20.56
CA GLU D 347 22.61 -28.18 -21.12
C GLU D 347 21.11 -27.97 -21.20
N LYS D 348 20.33 -29.05 -21.08
CA LYS D 348 18.87 -28.92 -21.19
C LYS D 348 18.29 -28.24 -19.95
N GLY D 349 18.79 -28.59 -18.76
CA GLY D 349 18.64 -27.71 -17.62
C GLY D 349 19.71 -27.94 -16.60
N ASN D 350 19.97 -26.90 -15.81
CA ASN D 350 21.05 -26.90 -14.84
C ASN D 350 20.77 -25.86 -13.78
N CYS D 351 21.45 -25.97 -12.64
CA CYS D 351 21.44 -24.91 -11.64
C CYS D 351 22.60 -23.94 -11.78
N GLY D 352 23.49 -24.18 -12.73
CA GLY D 352 24.62 -23.29 -12.95
C GLY D 352 25.80 -24.05 -13.53
N LYS D 353 26.88 -23.32 -13.75
CA LYS D 353 28.09 -23.85 -14.35
C LYS D 353 29.27 -23.57 -13.42
N ASP D 354 29.95 -24.62 -12.99
CA ASP D 354 31.11 -24.51 -12.11
C ASP D 354 32.29 -25.19 -12.77
N LYS D 355 33.35 -24.42 -13.04
CA LYS D 355 34.58 -24.93 -13.64
C LYS D 355 34.30 -25.67 -14.95
N ASP D 356 33.50 -25.03 -15.80
CA ASP D 356 33.16 -25.54 -17.13
C ASP D 356 32.48 -26.92 -17.04
N THR D 357 31.61 -27.08 -16.06
CA THR D 357 30.80 -28.27 -15.90
C THR D 357 29.43 -27.85 -15.39
N TRP D 358 28.41 -28.62 -15.78
CA TRP D 358 27.03 -28.30 -15.41
C TRP D 358 26.69 -28.87 -14.05
N ILE D 359 26.11 -28.03 -13.19
CA ILE D 359 25.65 -28.43 -11.88
C ILE D 359 24.22 -28.96 -11.98
N GLN D 360 24.00 -30.17 -11.47
CA GLN D 360 22.66 -30.73 -11.38
C GLN D 360 21.89 -30.09 -10.24
N CYS D 361 20.66 -29.68 -10.52
CA CYS D 361 19.86 -28.97 -9.52
C CYS D 361 19.46 -29.89 -8.37
N ASN D 362 19.47 -29.33 -7.17
CA ASN D 362 18.88 -30.01 -6.02
C ASN D 362 17.35 -29.96 -6.11
N LYS D 363 16.71 -30.88 -5.41
CA LYS D 363 15.25 -30.98 -5.48
C LYS D 363 14.58 -29.69 -5.01
N ARG D 364 15.14 -29.04 -4.00
CA ARG D 364 14.54 -27.81 -3.49
C ARG D 364 14.84 -26.60 -4.36
N ASP D 365 15.91 -26.65 -5.14
CA ASP D 365 16.36 -25.54 -5.96
C ASP D 365 15.82 -25.60 -7.39
N VAL D 366 14.98 -26.60 -7.70
CA VAL D 366 14.55 -26.86 -9.06
C VAL D 366 14.02 -25.59 -9.74
N LEU D 367 13.19 -24.83 -9.03
CA LEU D 367 12.55 -23.68 -9.66
C LEU D 367 13.45 -22.44 -9.68
N CYS D 368 14.60 -22.48 -9.03
CA CYS D 368 15.56 -21.39 -9.03
C CYS D 368 16.64 -21.54 -10.08
N GLY D 369 16.59 -22.59 -10.90
CA GLY D 369 17.65 -22.93 -11.81
C GLY D 369 17.45 -22.35 -13.20
N TYR D 370 17.95 -23.09 -14.19
CA TYR D 370 17.81 -22.71 -15.59
C TYR D 370 16.35 -22.44 -15.92
N LEU D 371 16.09 -21.31 -16.56
CA LEU D 371 14.73 -20.87 -16.85
C LEU D 371 14.20 -21.57 -18.10
N LEU D 372 13.00 -22.14 -17.99
CA LEU D 372 12.36 -22.86 -19.09
C LEU D 372 11.05 -22.18 -19.47
N CYS D 373 10.87 -21.93 -20.76
CA CYS D 373 9.65 -21.35 -21.30
C CYS D 373 9.22 -22.16 -22.52
N THR D 374 7.97 -21.95 -22.95
CA THR D 374 7.38 -22.69 -24.05
C THR D 374 7.22 -21.79 -25.26
N ASN D 375 7.32 -22.38 -26.45
CA ASN D 375 7.13 -21.67 -27.72
C ASN D 375 8.07 -20.47 -27.83
N ILE D 376 9.36 -20.75 -27.68
CA ILE D 376 10.40 -19.74 -27.60
C ILE D 376 10.79 -19.28 -29.00
N GLY D 377 11.09 -17.99 -29.13
CA GLY D 377 11.48 -17.43 -30.41
C GLY D 377 12.92 -17.70 -30.78
N ASN D 378 13.30 -17.17 -31.94
CA ASN D 378 14.64 -17.45 -32.48
C ASN D 378 15.73 -16.61 -31.81
N ILE D 379 15.45 -15.34 -31.52
CA ILE D 379 16.46 -14.42 -31.00
C ILE D 379 15.90 -13.72 -29.77
N PRO D 380 16.73 -13.38 -28.77
CA PRO D 380 16.19 -12.72 -27.58
C PRO D 380 15.83 -11.27 -27.86
N ARG D 381 14.84 -10.78 -27.09
CA ARG D 381 14.41 -9.40 -27.22
C ARG D 381 15.51 -8.43 -26.80
N LEU D 382 16.31 -8.81 -25.81
CA LEU D 382 17.39 -7.96 -25.31
C LEU D 382 18.61 -8.84 -25.09
N GLY D 383 19.79 -8.23 -25.18
CA GLY D 383 21.02 -9.00 -25.13
C GLY D 383 21.19 -9.83 -26.39
N GLU D 384 22.18 -10.71 -26.36
CA GLU D 384 22.48 -11.57 -27.49
C GLU D 384 22.63 -13.02 -27.00
N LEU D 385 22.17 -13.95 -27.85
CA LEU D 385 22.09 -15.36 -27.48
C LEU D 385 23.46 -16.02 -27.58
N ASP D 386 23.86 -16.71 -26.50
CA ASP D 386 25.09 -17.48 -26.47
C ASP D 386 24.76 -18.94 -26.72
N GLY D 387 25.49 -19.57 -27.64
CA GLY D 387 25.19 -20.95 -28.01
C GLY D 387 23.90 -21.04 -28.80
N GLU D 388 23.15 -22.11 -28.56
CA GLU D 388 21.88 -22.35 -29.22
C GLU D 388 20.77 -22.54 -28.20
N ILE D 389 19.52 -22.43 -28.68
CA ILE D 389 18.39 -22.65 -27.79
C ILE D 389 18.28 -24.15 -27.50
N THR D 390 17.57 -24.46 -26.42
CA THR D 390 17.39 -25.83 -25.97
C THR D 390 15.90 -26.14 -25.92
N SER D 391 15.50 -27.23 -26.57
CA SER D 391 14.12 -27.69 -26.58
C SER D 391 14.10 -29.16 -26.24
N THR D 392 13.37 -29.51 -25.18
CA THR D 392 13.25 -30.90 -24.73
C THR D 392 11.78 -31.22 -24.53
N LEU D 393 11.34 -32.34 -25.09
CA LEU D 393 9.95 -32.76 -24.98
C LEU D 393 9.77 -33.64 -23.75
N VAL D 394 8.79 -33.30 -22.92
CA VAL D 394 8.50 -34.02 -21.70
C VAL D 394 7.03 -34.45 -21.73
N VAL D 395 6.77 -35.68 -21.31
CA VAL D 395 5.42 -36.24 -21.30
C VAL D 395 4.97 -36.42 -19.87
N GLN D 396 3.80 -35.87 -19.54
CA GLN D 396 3.16 -36.04 -18.25
C GLN D 396 1.73 -36.53 -18.47
N GLN D 397 1.46 -37.75 -18.00
CA GLN D 397 0.12 -38.38 -18.07
C GLN D 397 -0.46 -38.30 -19.49
N GLY D 398 0.40 -38.49 -20.49
CA GLY D 398 -0.02 -38.46 -21.86
C GLY D 398 0.00 -37.08 -22.52
N ARG D 399 0.29 -36.02 -21.75
CA ARG D 399 0.35 -34.67 -22.29
C ARG D 399 1.76 -34.39 -22.79
N THR D 400 1.86 -33.84 -24.00
CA THR D 400 3.14 -33.49 -24.58
C THR D 400 3.43 -32.02 -24.31
N LEU D 401 4.59 -31.75 -23.70
CA LEU D 401 5.03 -30.40 -23.37
C LEU D 401 6.44 -30.17 -23.88
N ASN D 402 6.64 -29.08 -24.64
CA ASN D 402 7.99 -28.70 -25.06
C ASN D 402 8.51 -27.65 -24.10
N CYS D 403 9.58 -27.98 -23.39
CA CYS D 403 10.20 -27.08 -22.41
C CYS D 403 11.47 -26.52 -23.03
N SER D 404 11.48 -25.21 -23.28
CA SER D 404 12.57 -24.56 -24.01
C SER D 404 13.25 -23.50 -23.16
N GLY D 405 14.54 -23.30 -23.43
CA GLY D 405 15.31 -22.27 -22.76
C GLY D 405 16.49 -21.84 -23.60
N GLY D 406 17.22 -20.85 -23.08
CA GLY D 406 18.41 -20.35 -23.77
C GLY D 406 19.23 -19.48 -22.86
N HIS D 407 20.52 -19.36 -23.20
CA HIS D 407 21.45 -18.51 -22.46
C HIS D 407 21.57 -17.16 -23.15
N VAL D 408 21.18 -16.10 -22.46
CA VAL D 408 21.22 -14.75 -23.00
C VAL D 408 22.14 -13.91 -22.11
N LYS D 409 23.11 -13.24 -22.73
CA LYS D 409 24.16 -12.52 -21.99
C LYS D 409 24.06 -11.03 -22.29
N LEU D 410 23.70 -10.25 -21.27
CA LEU D 410 23.82 -8.80 -21.34
C LEU D 410 25.25 -8.34 -21.07
N GLU D 411 25.90 -8.95 -20.09
CA GLU D 411 27.24 -8.58 -19.65
C GLU D 411 27.99 -9.86 -19.33
N GLU D 412 29.32 -9.76 -19.23
CA GLU D 412 30.12 -10.94 -18.94
C GLU D 412 29.70 -11.59 -17.63
N ASP D 413 29.48 -10.79 -16.59
CA ASP D 413 29.09 -11.30 -15.28
C ASP D 413 27.60 -11.55 -15.13
N VAL D 414 26.77 -11.03 -16.03
CA VAL D 414 25.31 -11.13 -15.90
C VAL D 414 24.78 -12.03 -17.01
N ASP D 415 24.09 -13.10 -16.63
CA ASP D 415 23.54 -14.07 -17.57
C ASP D 415 22.04 -14.21 -17.33
N LEU D 416 21.23 -13.82 -18.31
CA LEU D 416 19.82 -14.13 -18.26
C LEU D 416 19.61 -15.59 -18.62
N GLY D 417 18.37 -16.05 -18.57
CA GLY D 417 18.07 -17.45 -18.75
C GLY D 417 18.17 -18.26 -17.48
N TYR D 418 18.72 -17.67 -16.42
CA TYR D 418 18.59 -18.18 -15.07
C TYR D 418 17.54 -17.35 -14.33
N VAL D 419 16.77 -18.01 -13.48
CA VAL D 419 15.71 -17.34 -12.74
C VAL D 419 16.29 -16.17 -11.95
N GLU D 420 15.63 -15.02 -12.05
CA GLU D 420 16.10 -13.82 -11.38
C GLU D 420 15.99 -13.96 -9.88
N ASP D 421 16.95 -13.36 -9.16
CA ASP D 421 16.92 -13.38 -7.71
C ASP D 421 15.65 -12.69 -7.21
N GLY D 422 15.07 -13.27 -6.15
CA GLY D 422 13.83 -12.77 -5.59
C GLY D 422 12.57 -13.36 -6.16
N THR D 423 12.67 -14.25 -7.15
CA THR D 423 11.49 -14.91 -7.68
C THR D 423 11.09 -16.05 -6.75
N PRO D 424 9.83 -16.12 -6.33
CA PRO D 424 9.43 -17.18 -5.38
C PRO D 424 9.54 -18.56 -5.99
N CYS D 425 10.16 -19.49 -5.26
CA CYS D 425 10.17 -20.90 -5.59
C CYS D 425 9.07 -21.69 -4.87
N GLY D 426 8.28 -21.03 -4.04
CA GLY D 426 7.25 -21.68 -3.26
C GLY D 426 6.74 -20.75 -2.19
N PRO D 427 5.83 -21.25 -1.34
CA PRO D 427 5.32 -20.39 -0.26
C PRO D 427 6.44 -19.98 0.69
N GLN D 428 6.50 -18.68 0.98
CA GLN D 428 7.51 -18.12 1.89
C GLN D 428 8.93 -18.52 1.51
N MET D 429 9.18 -18.65 0.20
CA MET D 429 10.46 -19.05 -0.34
C MET D 429 10.82 -18.14 -1.50
N MET D 430 12.11 -17.97 -1.75
CA MET D 430 12.56 -17.09 -2.81
C MET D 430 13.89 -17.61 -3.36
N CYS D 431 14.17 -17.22 -4.60
CA CYS D 431 15.39 -17.64 -5.28
C CYS D 431 16.51 -16.65 -5.05
N LEU D 432 17.66 -17.15 -4.62
CA LEU D 432 18.90 -16.37 -4.58
C LEU D 432 20.04 -17.26 -5.04
N GLU D 433 20.85 -16.74 -5.97
CA GLU D 433 21.99 -17.49 -6.53
C GLU D 433 21.59 -18.90 -6.95
N HIS D 434 20.42 -19.01 -7.58
CA HIS D 434 19.89 -20.27 -8.11
C HIS D 434 19.63 -21.30 -7.00
N ARG D 435 19.25 -20.82 -5.81
CA ARG D 435 18.88 -21.72 -4.72
C ARG D 435 17.64 -21.17 -4.02
N CYS D 436 16.82 -22.09 -3.52
CA CYS D 436 15.56 -21.74 -2.88
C CYS D 436 15.78 -21.58 -1.39
N LEU D 437 15.56 -20.37 -0.88
CA LEU D 437 15.83 -20.02 0.50
C LEU D 437 14.58 -19.42 1.14
N PRO D 438 14.46 -19.51 2.46
CA PRO D 438 13.32 -18.89 3.14
C PRO D 438 13.41 -17.37 3.10
N VAL D 439 12.23 -16.74 3.29
CA VAL D 439 12.16 -15.28 3.25
C VAL D 439 12.98 -14.64 4.36
N ALA D 440 13.06 -15.30 5.52
CA ALA D 440 13.75 -14.71 6.66
C ALA D 440 15.23 -14.46 6.38
N SER D 441 15.82 -15.17 5.42
CA SER D 441 17.22 -14.94 5.08
C SER D 441 17.43 -13.66 4.30
N PHE D 442 16.36 -13.06 3.77
CA PHE D 442 16.48 -11.82 2.97
C PHE D 442 16.59 -10.58 3.88
N ASN D 443 16.36 -10.72 5.17
CA ASN D 443 16.49 -9.57 6.13
C ASN D 443 15.65 -8.38 5.70
N PHE D 444 14.42 -8.58 5.22
CA PHE D 444 13.57 -7.44 4.79
C PHE D 444 13.12 -6.61 5.99
N SER D 445 13.05 -5.30 5.83
CA SER D 445 12.57 -4.42 6.87
C SER D 445 11.03 -4.41 6.86
N THR D 446 10.43 -3.63 7.74
CA THR D 446 8.97 -3.57 7.82
C THR D 446 8.52 -2.24 8.40
N CYS D 447 7.21 -2.07 8.47
CA CYS D 447 6.59 -0.90 9.07
C CYS D 447 6.29 -1.14 10.56
N LEU D 448 5.71 -0.13 11.20
CA LEU D 448 5.22 -0.26 12.56
C LEU D 448 3.85 -0.93 12.58
N SER D 449 3.61 -1.75 13.60
CA SER D 449 2.30 -2.32 13.82
C SER D 449 2.00 -2.35 15.31
N SER D 450 0.79 -1.92 15.68
CA SER D 450 0.35 -1.97 17.07
C SER D 450 -0.44 -3.21 17.43
N LYS D 451 -0.72 -4.10 16.48
CA LYS D 451 -1.38 -5.37 16.77
C LYS D 451 -0.44 -6.53 16.47
N GLU D 452 -0.43 -7.51 17.37
CA GLU D 452 0.44 -8.67 17.24
C GLU D 452 0.06 -9.49 16.02
N GLY D 453 1.06 -9.88 15.24
CA GLY D 453 0.83 -10.73 14.09
C GLY D 453 0.21 -10.06 12.89
N THR D 454 0.29 -8.74 12.80
CA THR D 454 -0.29 -8.00 11.69
C THR D 454 0.70 -6.97 11.16
N ILE D 455 0.45 -6.52 9.93
CA ILE D 455 1.22 -5.48 9.28
C ILE D 455 0.43 -4.18 9.37
N CYS D 456 1.02 -3.14 9.96
CA CYS D 456 0.33 -1.87 10.18
C CYS D 456 -0.97 -2.07 10.95
N SER D 457 -0.94 -2.97 11.93
CA SER D 457 -2.07 -3.29 12.80
C SER D 457 -3.27 -3.82 12.02
N GLY D 458 -3.03 -4.41 10.85
CA GLY D 458 -4.08 -4.92 10.00
C GLY D 458 -4.89 -3.87 9.27
N ASN D 459 -4.69 -2.59 9.58
CA ASN D 459 -5.42 -1.50 8.96
C ASN D 459 -4.71 -0.85 7.78
N GLY D 460 -3.53 -1.31 7.40
CA GLY D 460 -2.82 -0.59 6.35
C GLY D 460 -1.83 -1.46 5.60
N VAL D 461 -1.24 -0.86 4.56
CA VAL D 461 -0.25 -1.49 3.71
C VAL D 461 1.08 -0.76 3.87
N CYS D 462 2.17 -1.52 3.98
CA CYS D 462 3.48 -0.93 4.19
C CYS D 462 4.10 -0.51 2.87
N SER D 463 4.52 0.75 2.78
CA SER D 463 5.03 1.32 1.55
C SER D 463 6.53 1.06 1.39
N ASN D 464 7.09 1.53 0.28
CA ASN D 464 8.52 1.42 0.03
C ASN D 464 9.33 2.42 0.84
N GLU D 465 8.68 3.39 1.46
CA GLU D 465 9.32 4.30 2.39
C GLU D 465 9.28 3.77 3.82
N LEU D 466 8.74 2.57 4.02
CA LEU D 466 8.58 1.97 5.34
C LEU D 466 7.69 2.83 6.23
N LYS D 467 6.63 3.37 5.63
CA LYS D 467 5.59 4.11 6.33
C LYS D 467 4.25 3.46 6.00
N CYS D 468 3.36 3.40 7.00
CA CYS D 468 2.08 2.74 6.81
C CYS D 468 1.13 3.64 6.03
N VAL D 469 0.49 3.08 5.01
CA VAL D 469 -0.59 3.73 4.31
C VAL D 469 -1.87 3.07 4.81
N CYS D 470 -2.67 3.82 5.56
CA CYS D 470 -3.81 3.26 6.24
C CYS D 470 -4.98 3.07 5.29
N ASN D 471 -5.85 2.11 5.63
CA ASN D 471 -7.09 1.94 4.90
C ASN D 471 -8.05 3.05 5.30
N ARG D 472 -9.24 2.99 4.72
CA ARG D 472 -10.28 4.01 5.05
C ARG D 472 -10.65 3.82 6.51
N HIS D 473 -10.93 4.92 7.21
CA HIS D 473 -11.35 5.01 8.64
C HIS D 473 -10.20 4.76 9.61
N TRP D 474 -8.95 4.70 9.16
CA TRP D 474 -7.83 4.44 10.12
C TRP D 474 -6.73 5.51 9.96
N ILE D 475 -6.26 6.09 11.06
CA ILE D 475 -5.19 7.13 11.01
C ILE D 475 -4.08 6.75 12.00
N GLY D 476 -2.87 7.27 11.82
CA GLY D 476 -1.74 7.00 12.74
C GLY D 476 -0.58 6.36 12.03
N SER D 477 0.60 6.38 12.65
CA SER D 477 1.82 5.77 12.04
C SER D 477 1.63 4.26 11.86
N ASP D 478 0.98 3.61 12.83
CA ASP D 478 0.73 2.19 12.75
C ASP D 478 -0.66 1.87 12.27
N CYS D 479 -1.40 2.91 11.88
CA CYS D 479 -2.79 2.81 11.36
C CYS D 479 -3.69 2.09 12.38
N ASN D 480 -3.53 2.37 13.67
CA ASN D 480 -4.34 1.70 14.73
C ASN D 480 -5.42 2.65 15.24
N THR D 481 -5.16 3.95 15.28
CA THR D 481 -6.21 4.89 15.75
C THR D 481 -7.37 4.83 14.76
N TYR D 482 -8.61 4.81 15.27
CA TYR D 482 -9.81 4.81 14.45
C TYR D 482 -10.24 6.24 14.15
N PHE D 483 -10.72 6.48 12.95
CA PHE D 483 -11.28 7.78 12.65
C PHE D 483 -12.31 7.64 11.54
N PRO D 484 -13.60 7.72 11.87
CA PRO D 484 -14.66 7.64 10.87
C PRO D 484 -14.73 8.94 10.07
N HIS D 485 -14.61 8.83 8.75
CA HIS D 485 -14.67 9.98 7.86
C HIS D 485 -15.20 9.54 6.50
N ASN D 486 -15.35 10.52 5.60
CA ASN D 486 -15.66 10.29 4.19
C ASN D 486 -16.84 9.33 4.00
N LYS E 10 -35.78 -79.86 -109.58
CA LYS E 10 -36.45 -79.07 -108.56
C LYS E 10 -35.47 -78.64 -107.47
N CYS E 11 -34.31 -78.17 -107.89
CA CYS E 11 -33.24 -77.72 -107.00
C CYS E 11 -33.41 -76.24 -106.66
N PRO E 12 -33.23 -75.86 -105.40
CA PRO E 12 -33.42 -74.47 -105.02
C PRO E 12 -32.37 -73.55 -105.63
N ALA E 13 -32.76 -72.30 -105.84
CA ALA E 13 -31.88 -71.32 -106.49
C ALA E 13 -30.72 -70.91 -105.61
N VAL E 14 -30.84 -71.05 -104.29
CA VAL E 14 -29.75 -70.71 -103.39
C VAL E 14 -28.55 -71.62 -103.58
N CYS E 15 -28.76 -72.82 -104.12
CA CYS E 15 -27.74 -73.84 -104.21
C CYS E 15 -27.38 -74.13 -105.66
N THR E 16 -26.11 -74.47 -105.89
CA THR E 16 -25.65 -74.97 -107.18
C THR E 16 -25.57 -76.49 -107.12
N CYS E 17 -26.21 -77.15 -108.08
CA CYS E 17 -26.54 -78.57 -107.96
C CYS E 17 -26.16 -79.29 -109.25
N THR E 18 -25.29 -80.29 -109.12
CA THR E 18 -25.03 -81.24 -110.20
C THR E 18 -25.98 -82.42 -110.03
N LYS E 19 -25.78 -83.48 -110.83
CA LYS E 19 -26.68 -84.62 -110.78
C LYS E 19 -26.66 -85.27 -109.40
N ASP E 20 -25.49 -85.70 -108.93
CA ASP E 20 -25.34 -86.32 -107.63
C ASP E 20 -24.91 -85.35 -106.53
N ASN E 21 -24.68 -84.08 -106.83
CA ASN E 21 -24.08 -83.15 -105.87
C ASN E 21 -24.97 -81.94 -105.63
N ALA E 22 -24.88 -81.39 -104.42
CA ALA E 22 -25.58 -80.17 -104.05
C ALA E 22 -24.67 -79.32 -103.19
N LEU E 23 -24.57 -78.04 -103.52
CA LEU E 23 -23.75 -77.08 -102.77
C LEU E 23 -24.56 -75.80 -102.55
N CYS E 24 -24.76 -75.44 -101.29
CA CYS E 24 -25.56 -74.28 -100.93
C CYS E 24 -24.69 -73.19 -100.31
N GLU E 25 -24.86 -71.96 -100.80
CA GLU E 25 -24.11 -70.81 -100.33
C GLU E 25 -25.07 -69.77 -99.78
N ASN E 26 -24.79 -69.30 -98.56
CA ASN E 26 -25.56 -68.21 -97.94
C ASN E 26 -27.05 -68.58 -97.83
N ALA E 27 -27.33 -69.83 -97.48
CA ALA E 27 -28.70 -70.28 -97.35
C ALA E 27 -29.30 -69.78 -96.04
N ARG E 28 -30.52 -69.22 -96.12
CA ARG E 28 -31.19 -68.75 -94.92
C ARG E 28 -31.80 -69.91 -94.13
N SER E 29 -32.39 -70.88 -94.81
CA SER E 29 -32.99 -72.05 -94.18
C SER E 29 -32.73 -73.27 -95.04
N ILE E 30 -32.90 -74.44 -94.44
CA ILE E 30 -32.57 -75.72 -95.09
C ILE E 30 -33.82 -76.20 -95.83
N PRO E 31 -33.80 -76.32 -97.15
CA PRO E 31 -34.93 -76.90 -97.86
C PRO E 31 -35.06 -78.39 -97.55
N ARG E 32 -36.30 -78.83 -97.37
CA ARG E 32 -36.60 -80.23 -97.12
C ARG E 32 -36.78 -81.03 -98.40
N THR E 33 -36.67 -80.40 -99.56
CA THR E 33 -36.87 -81.07 -100.84
C THR E 33 -35.53 -81.14 -101.57
N VAL E 34 -35.05 -82.36 -101.80
CA VAL E 34 -33.81 -82.59 -102.53
C VAL E 34 -34.11 -83.39 -103.79
N PRO E 35 -33.28 -83.25 -104.84
CA PRO E 35 -33.45 -84.12 -106.00
C PRO E 35 -33.24 -85.57 -105.60
N PRO E 36 -33.92 -86.51 -106.28
CA PRO E 36 -33.84 -87.91 -105.85
C PRO E 36 -32.47 -88.52 -105.99
N ASP E 37 -31.67 -88.09 -106.97
CA ASP E 37 -30.41 -88.74 -107.29
C ASP E 37 -29.21 -88.13 -106.58
N VAL E 38 -29.40 -87.14 -105.73
CA VAL E 38 -28.28 -86.44 -105.10
C VAL E 38 -27.86 -87.22 -103.85
N ILE E 39 -26.61 -87.69 -103.84
CA ILE E 39 -26.08 -88.45 -102.72
C ILE E 39 -25.37 -87.58 -101.68
N SER E 40 -25.15 -86.30 -101.96
CA SER E 40 -24.31 -85.48 -101.10
C SER E 40 -24.89 -84.08 -100.96
N LEU E 41 -24.92 -83.58 -99.73
CA LEU E 41 -25.43 -82.24 -99.43
C LEU E 41 -24.43 -81.52 -98.52
N SER E 42 -24.13 -80.26 -98.86
CA SER E 42 -23.18 -79.47 -98.09
C SER E 42 -23.71 -78.05 -97.95
N PHE E 43 -23.33 -77.40 -96.85
CA PHE E 43 -23.72 -76.03 -96.56
C PHE E 43 -22.47 -75.24 -96.17
N VAL E 44 -22.23 -74.13 -96.87
CA VAL E 44 -21.04 -73.31 -96.65
C VAL E 44 -21.48 -71.86 -96.45
N ARG E 45 -20.98 -71.24 -95.40
CA ARG E 45 -21.24 -69.80 -95.16
C ARG E 45 -22.75 -69.53 -95.17
N SER E 46 -23.54 -70.45 -94.64
CA SER E 46 -24.98 -70.24 -94.57
C SER E 46 -25.34 -69.34 -93.39
N GLY E 47 -26.51 -68.72 -93.49
CA GLY E 47 -27.01 -67.84 -92.45
C GLY E 47 -27.87 -68.56 -91.43
N PHE E 48 -27.70 -69.88 -91.33
CA PHE E 48 -28.54 -70.69 -90.45
C PHE E 48 -28.45 -70.20 -89.01
N THR E 49 -29.59 -70.20 -88.32
CA THR E 49 -29.60 -69.93 -86.89
C THR E 49 -29.29 -71.21 -86.12
N GLU E 50 -30.22 -72.17 -86.14
CA GLU E 50 -30.03 -73.47 -85.50
C GLU E 50 -30.54 -74.54 -86.45
N ILE E 51 -30.17 -75.79 -86.16
CA ILE E 51 -30.71 -76.92 -86.91
C ILE E 51 -32.17 -77.12 -86.55
N SER E 52 -32.99 -77.43 -87.56
CA SER E 52 -34.40 -77.67 -87.32
C SER E 52 -34.59 -78.93 -86.46
N GLU E 53 -35.65 -78.93 -85.68
CA GLU E 53 -35.92 -80.07 -84.81
C GLU E 53 -36.35 -81.26 -85.64
N GLY E 54 -35.66 -82.39 -85.47
CA GLY E 54 -35.98 -83.57 -86.26
C GLY E 54 -35.92 -83.33 -87.75
N SER E 55 -34.91 -82.62 -88.21
CA SER E 55 -34.83 -82.23 -89.61
C SER E 55 -34.39 -83.40 -90.47
N PHE E 56 -34.29 -83.13 -91.78
CA PHE E 56 -33.81 -84.10 -92.77
C PHE E 56 -34.66 -85.37 -92.80
N LEU E 57 -35.95 -85.25 -92.47
CA LEU E 57 -36.83 -86.41 -92.52
C LEU E 57 -37.27 -86.73 -93.94
N PHE E 58 -37.44 -85.71 -94.79
CA PHE E 58 -37.89 -85.89 -96.15
C PHE E 58 -36.76 -86.21 -97.13
N THR E 59 -35.51 -86.27 -96.66
CA THR E 59 -34.35 -86.43 -97.54
C THR E 59 -33.55 -87.67 -97.13
N PRO E 60 -34.12 -88.87 -97.33
CA PRO E 60 -33.39 -90.09 -96.97
C PRO E 60 -32.19 -90.37 -97.87
N SER E 61 -32.12 -89.75 -99.05
CA SER E 61 -31.17 -90.15 -100.08
C SER E 61 -29.73 -89.78 -99.78
N LEU E 62 -29.45 -89.02 -98.73
CA LEU E 62 -28.12 -88.46 -98.51
C LEU E 62 -27.23 -89.46 -97.80
N GLN E 63 -26.13 -89.85 -98.45
CA GLN E 63 -25.05 -90.58 -97.81
C GLN E 63 -23.96 -89.67 -97.25
N LEU E 64 -24.01 -88.37 -97.54
CA LEU E 64 -22.94 -87.45 -97.15
C LEU E 64 -23.54 -86.12 -96.72
N LEU E 65 -23.00 -85.55 -95.65
CA LEU E 65 -23.43 -84.26 -95.14
C LEU E 65 -22.21 -83.47 -94.68
N LEU E 66 -22.13 -82.21 -95.09
CA LEU E 66 -20.96 -81.37 -94.80
C LEU E 66 -21.41 -79.99 -94.33
N PHE E 67 -20.80 -79.51 -93.25
CA PHE E 67 -21.03 -78.16 -92.74
C PHE E 67 -19.69 -77.50 -92.47
N THR E 68 -19.43 -76.37 -93.12
CA THR E 68 -18.20 -75.63 -92.91
C THR E 68 -18.47 -74.13 -92.92
N SER E 69 -17.75 -73.41 -92.06
CA SER E 69 -17.77 -71.94 -92.02
C SER E 69 -19.17 -71.41 -91.72
N ASN E 70 -19.82 -71.97 -90.72
CA ASN E 70 -21.14 -71.55 -90.27
C ASN E 70 -21.07 -71.07 -88.82
N SER E 71 -22.22 -70.66 -88.29
CA SER E 71 -22.35 -70.27 -86.89
C SER E 71 -23.60 -70.93 -86.31
N PHE E 72 -23.41 -71.79 -85.31
CA PHE E 72 -24.50 -72.51 -84.67
C PHE E 72 -24.40 -72.32 -83.16
N ASP E 73 -25.47 -71.84 -82.55
CA ASP E 73 -25.48 -71.76 -81.09
C ASP E 73 -25.76 -73.11 -80.46
N VAL E 74 -26.70 -73.88 -81.00
CA VAL E 74 -27.08 -75.17 -80.44
C VAL E 74 -27.50 -76.10 -81.58
N ILE E 75 -27.24 -77.39 -81.40
CA ILE E 75 -27.65 -78.42 -82.33
C ILE E 75 -28.61 -79.35 -81.60
N SER E 76 -29.86 -79.38 -82.05
CA SER E 76 -30.93 -80.05 -81.33
C SER E 76 -30.78 -81.57 -81.37
N ASP E 77 -31.41 -82.22 -80.39
CA ASP E 77 -31.47 -83.68 -80.37
C ASP E 77 -32.24 -84.20 -81.58
N ASP E 78 -31.84 -85.39 -82.03
CA ASP E 78 -32.52 -86.08 -83.13
C ASP E 78 -32.60 -85.21 -84.37
N ALA E 79 -31.59 -84.37 -84.58
CA ALA E 79 -31.59 -83.48 -85.74
C ALA E 79 -31.40 -84.26 -87.03
N PHE E 80 -30.53 -85.26 -87.01
CA PHE E 80 -30.18 -86.02 -88.20
C PHE E 80 -31.02 -87.28 -88.40
N ILE E 81 -32.01 -87.54 -87.55
CA ILE E 81 -32.78 -88.77 -87.68
C ILE E 81 -33.54 -88.78 -89.00
N GLY E 82 -33.79 -89.98 -89.52
CA GLY E 82 -34.38 -90.14 -90.83
C GLY E 82 -33.39 -90.25 -91.95
N LEU E 83 -32.13 -90.60 -91.65
CA LEU E 83 -31.08 -90.76 -92.65
C LEU E 83 -30.48 -92.16 -92.50
N PRO E 84 -31.19 -93.19 -93.00
CA PRO E 84 -30.64 -94.54 -92.88
C PRO E 84 -29.41 -94.78 -93.73
N HIS E 85 -29.26 -94.06 -94.85
CA HIS E 85 -28.14 -94.26 -95.76
C HIS E 85 -26.97 -93.32 -95.49
N LEU E 86 -27.06 -92.45 -94.50
CA LEU E 86 -25.99 -91.50 -94.23
C LEU E 86 -24.74 -92.23 -93.76
N GLU E 87 -23.61 -91.95 -94.41
CA GLU E 87 -22.34 -92.58 -94.09
C GLU E 87 -21.36 -91.57 -93.50
N TYR E 88 -20.92 -90.58 -94.29
CA TYR E 88 -19.94 -89.59 -93.87
C TYR E 88 -20.65 -88.34 -93.38
N LEU E 89 -20.21 -87.80 -92.24
CA LEU E 89 -20.72 -86.54 -91.71
C LEU E 89 -19.55 -85.69 -91.25
N PHE E 90 -19.42 -84.50 -91.83
CA PHE E 90 -18.31 -83.59 -91.52
C PHE E 90 -18.86 -82.24 -91.12
N ILE E 91 -18.61 -81.84 -89.87
CA ILE E 91 -18.88 -80.49 -89.39
C ILE E 91 -17.55 -79.90 -88.94
N GLU E 92 -17.06 -78.87 -89.64
CA GLU E 92 -15.72 -78.38 -89.38
C GLU E 92 -15.66 -76.87 -89.55
N ASN E 93 -14.65 -76.26 -88.93
CA ASN E 93 -14.36 -74.80 -89.09
C ASN E 93 -15.60 -73.94 -88.82
N ASN E 94 -16.32 -74.20 -87.74
CA ASN E 94 -17.50 -73.43 -87.40
C ASN E 94 -17.27 -72.70 -86.09
N ASN E 95 -18.30 -71.96 -85.67
CA ASN E 95 -18.35 -71.35 -84.34
C ASN E 95 -19.56 -71.94 -83.63
N ILE E 96 -19.31 -72.73 -82.58
CA ILE E 96 -20.36 -73.44 -81.87
C ILE E 96 -20.05 -73.42 -80.39
N LYS E 97 -21.09 -73.22 -79.57
CA LYS E 97 -20.93 -73.19 -78.11
C LYS E 97 -21.19 -74.59 -77.54
N SER E 98 -22.41 -75.08 -77.65
CA SER E 98 -22.79 -76.37 -77.10
C SER E 98 -23.55 -77.19 -78.13
N ILE E 99 -23.48 -78.52 -77.97
CA ILE E 99 -24.21 -79.47 -78.80
C ILE E 99 -24.92 -80.44 -77.89
N SER E 100 -26.10 -80.90 -78.33
CA SER E 100 -26.91 -81.79 -77.52
C SER E 100 -26.32 -83.21 -77.49
N ARG E 101 -26.71 -83.96 -76.46
CA ARG E 101 -26.10 -85.26 -76.21
C ARG E 101 -26.57 -86.31 -77.22
N HIS E 102 -27.86 -86.33 -77.53
CA HIS E 102 -28.45 -87.35 -78.40
C HIS E 102 -28.52 -86.94 -79.86
N THR E 103 -27.98 -85.76 -80.21
CA THR E 103 -28.08 -85.25 -81.57
C THR E 103 -27.67 -86.28 -82.62
N PHE E 104 -26.57 -87.00 -82.36
CA PHE E 104 -26.09 -87.97 -83.35
C PHE E 104 -26.79 -89.32 -83.25
N ARG E 105 -27.66 -89.52 -82.25
CA ARG E 105 -28.43 -90.74 -82.16
C ARG E 105 -29.40 -90.85 -83.33
N GLY E 106 -29.61 -92.08 -83.79
CA GLY E 106 -30.53 -92.35 -84.88
C GLY E 106 -29.86 -92.67 -86.21
N LEU E 107 -28.54 -92.52 -86.31
CA LEU E 107 -27.81 -92.93 -87.50
C LEU E 107 -27.06 -94.22 -87.17
N LYS E 108 -27.51 -95.34 -87.75
CA LYS E 108 -26.80 -96.59 -87.60
C LYS E 108 -25.61 -96.70 -88.53
N SER E 109 -25.70 -96.11 -89.73
CA SER E 109 -24.76 -96.35 -90.80
C SER E 109 -23.60 -95.36 -90.83
N LEU E 110 -23.51 -94.44 -89.87
CA LEU E 110 -22.45 -93.45 -89.90
C LEU E 110 -21.09 -94.13 -89.74
N ILE E 111 -20.15 -93.75 -90.60
CA ILE E 111 -18.82 -94.36 -90.62
C ILE E 111 -17.78 -93.34 -90.21
N HIS E 112 -17.60 -92.30 -91.03
CA HIS E 112 -16.62 -91.25 -90.77
C HIS E 112 -17.34 -90.01 -90.24
N LEU E 113 -16.81 -89.44 -89.16
CA LEU E 113 -17.38 -88.25 -88.54
C LEU E 113 -16.27 -87.30 -88.15
N SER E 114 -16.40 -86.03 -88.51
CA SER E 114 -15.42 -85.02 -88.14
C SER E 114 -16.12 -83.81 -87.54
N LEU E 115 -15.84 -83.53 -86.27
CA LEU E 115 -16.23 -82.31 -85.58
C LEU E 115 -15.14 -81.24 -85.59
N ALA E 116 -14.02 -81.51 -86.27
CA ALA E 116 -12.75 -80.85 -85.99
C ALA E 116 -12.78 -79.36 -86.27
N ASN E 117 -11.90 -78.63 -85.57
CA ASN E 117 -11.63 -77.21 -85.75
C ASN E 117 -12.83 -76.31 -85.45
N ASN E 118 -13.78 -76.77 -84.63
CA ASN E 118 -14.87 -75.92 -84.17
C ASN E 118 -14.62 -75.26 -82.82
N ASN E 119 -13.49 -75.57 -82.17
CA ASN E 119 -13.13 -74.99 -80.87
C ASN E 119 -14.29 -75.10 -79.87
N LEU E 120 -14.80 -76.33 -79.72
CA LEU E 120 -16.05 -76.54 -78.98
C LEU E 120 -15.87 -76.29 -77.49
N GLN E 121 -14.83 -76.86 -76.89
CA GLN E 121 -14.44 -76.81 -75.48
C GLN E 121 -15.30 -77.73 -74.61
N THR E 122 -16.35 -78.35 -75.13
CA THR E 122 -17.16 -79.27 -74.32
C THR E 122 -17.76 -80.34 -75.22
N LEU E 123 -18.02 -81.50 -74.63
CA LEU E 123 -18.76 -82.57 -75.28
C LEU E 123 -19.66 -83.24 -74.26
N PRO E 124 -20.84 -83.69 -74.68
CA PRO E 124 -21.77 -84.36 -73.75
C PRO E 124 -21.32 -85.78 -73.45
N LYS E 125 -21.81 -86.29 -72.34
CA LYS E 125 -21.48 -87.68 -71.94
C LYS E 125 -22.14 -88.62 -72.95
N ASP E 126 -21.37 -89.54 -73.49
CA ASP E 126 -21.82 -90.55 -74.45
C ASP E 126 -22.56 -89.92 -75.63
N ILE E 127 -21.96 -88.86 -76.19
CA ILE E 127 -22.54 -88.24 -77.38
C ILE E 127 -22.47 -89.20 -78.57
N PHE E 128 -21.42 -90.02 -78.62
CA PHE E 128 -21.22 -90.98 -79.69
C PHE E 128 -21.96 -92.29 -79.46
N LYS E 129 -22.64 -92.45 -78.33
CA LYS E 129 -23.29 -93.72 -78.02
C LYS E 129 -24.40 -94.01 -79.03
N GLY E 130 -24.51 -95.28 -79.40
CA GLY E 130 -25.55 -95.74 -80.32
C GLY E 130 -25.14 -95.84 -81.77
N LEU E 131 -23.87 -95.61 -82.11
CA LEU E 131 -23.38 -95.81 -83.46
C LEU E 131 -22.38 -96.96 -83.43
N ASP E 132 -22.76 -98.09 -84.02
CA ASP E 132 -21.87 -99.24 -84.10
C ASP E 132 -21.10 -99.32 -85.41
N SER E 133 -21.34 -98.42 -86.35
CA SER E 133 -20.65 -98.43 -87.64
C SER E 133 -19.44 -97.50 -87.70
N LEU E 134 -19.15 -96.78 -86.62
CA LEU E 134 -18.20 -95.68 -86.69
C LEU E 134 -16.76 -96.18 -86.74
N THR E 135 -15.97 -95.61 -87.63
CA THR E 135 -14.57 -95.95 -87.78
C THR E 135 -13.66 -94.76 -87.52
N ASN E 136 -13.71 -93.72 -88.34
CA ASN E 136 -12.85 -92.55 -88.19
C ASN E 136 -13.61 -91.42 -87.50
N VAL E 137 -12.95 -90.77 -86.55
CA VAL E 137 -13.47 -89.56 -85.92
C VAL E 137 -12.32 -88.57 -85.78
N ASP E 138 -12.54 -87.32 -86.21
CA ASP E 138 -11.52 -86.28 -86.12
C ASP E 138 -12.01 -85.23 -85.13
N LEU E 139 -11.36 -85.17 -83.96
CA LEU E 139 -11.54 -84.11 -82.98
C LEU E 139 -10.50 -83.00 -83.09
N ARG E 140 -9.57 -83.08 -84.04
CA ARG E 140 -8.36 -82.28 -84.02
C ARG E 140 -8.64 -80.80 -84.17
N GLY E 141 -7.70 -79.99 -83.68
CA GLY E 141 -7.78 -78.55 -83.84
C GLY E 141 -8.81 -77.88 -82.96
N ASN E 142 -9.39 -78.61 -82.01
CA ASN E 142 -10.37 -78.06 -81.08
C ASN E 142 -9.68 -77.72 -79.76
N SER E 143 -10.11 -76.63 -79.16
CA SER E 143 -9.63 -76.24 -77.83
C SER E 143 -10.63 -76.82 -76.83
N PHE E 144 -10.18 -77.77 -76.03
CA PHE E 144 -11.05 -78.56 -75.16
C PHE E 144 -10.60 -78.41 -73.72
N ASN E 145 -11.48 -77.86 -72.89
CA ASN E 145 -11.27 -77.88 -71.45
C ASN E 145 -11.64 -79.25 -70.93
N CYS E 146 -10.71 -79.88 -70.20
CA CYS E 146 -10.84 -81.26 -69.79
C CYS E 146 -11.26 -81.31 -68.32
N ASP E 147 -12.48 -81.79 -68.08
CA ASP E 147 -13.09 -81.78 -66.76
C ASP E 147 -14.06 -82.96 -66.67
N CYS E 148 -14.84 -83.00 -65.59
CA CYS E 148 -15.67 -84.17 -65.31
C CYS E 148 -16.72 -84.40 -66.39
N LYS E 149 -17.28 -83.32 -66.96
CA LYS E 149 -18.25 -83.50 -68.03
C LYS E 149 -17.59 -84.07 -69.29
N LEU E 150 -16.29 -83.84 -69.47
CA LEU E 150 -15.51 -84.48 -70.52
C LEU E 150 -14.91 -85.80 -70.06
N LYS E 151 -15.12 -86.18 -68.79
CA LYS E 151 -14.50 -87.35 -68.20
C LYS E 151 -14.68 -88.59 -69.08
N TRP E 152 -15.92 -88.85 -69.48
CA TRP E 152 -16.22 -90.06 -70.25
C TRP E 152 -15.32 -90.21 -71.46
N LEU E 153 -14.94 -89.10 -72.09
CA LEU E 153 -14.14 -89.17 -73.31
C LEU E 153 -12.82 -89.90 -73.05
N VAL E 154 -12.23 -89.66 -71.88
CA VAL E 154 -10.98 -90.33 -71.52
C VAL E 154 -11.13 -91.84 -71.62
N GLU E 155 -12.28 -92.37 -71.20
CA GLU E 155 -12.50 -93.81 -71.35
C GLU E 155 -12.70 -94.17 -72.82
N TRP E 156 -13.52 -93.39 -73.53
CA TRP E 156 -13.88 -93.72 -74.91
C TRP E 156 -12.65 -93.96 -75.77
N LEU E 157 -11.72 -92.99 -75.76
CA LEU E 157 -10.49 -93.10 -76.55
C LEU E 157 -9.80 -94.43 -76.31
N GLY E 158 -9.79 -94.90 -75.07
CA GLY E 158 -9.14 -96.17 -74.80
C GLY E 158 -9.94 -97.36 -75.29
N HIS E 159 -11.25 -97.34 -75.03
CA HIS E 159 -12.05 -98.55 -75.20
C HIS E 159 -12.74 -98.65 -76.56
N THR E 160 -12.57 -97.66 -77.44
CA THR E 160 -13.11 -97.76 -78.79
C THR E 160 -11.99 -98.15 -79.73
N ASN E 161 -12.27 -99.09 -80.63
CA ASN E 161 -11.32 -99.45 -81.67
C ASN E 161 -11.29 -98.41 -82.79
N ALA E 162 -12.35 -97.61 -82.90
CA ALA E 162 -12.43 -96.58 -83.93
C ALA E 162 -11.25 -95.62 -83.81
N THR E 163 -10.62 -95.33 -84.94
CA THR E 163 -9.40 -94.54 -84.93
C THR E 163 -9.70 -93.07 -84.64
N VAL E 164 -8.88 -92.47 -83.78
CA VAL E 164 -8.95 -91.05 -83.47
C VAL E 164 -7.54 -90.51 -83.42
N GLU E 165 -7.28 -89.42 -84.14
CA GLU E 165 -5.98 -88.78 -84.07
C GLU E 165 -5.83 -88.02 -82.75
N ASP E 166 -4.58 -87.84 -82.33
CA ASP E 166 -4.30 -87.29 -81.01
C ASP E 166 -4.87 -85.90 -80.86
N ILE E 167 -5.45 -85.64 -79.68
CA ILE E 167 -6.03 -84.35 -79.34
C ILE E 167 -5.48 -83.92 -77.98
N TYR E 168 -5.52 -82.61 -77.75
CA TYR E 168 -4.89 -82.01 -76.58
C TYR E 168 -5.90 -81.27 -75.72
N CYS E 169 -5.63 -81.23 -74.41
CA CYS E 169 -6.40 -80.41 -73.49
C CYS E 169 -5.79 -79.02 -73.43
N GLU E 170 -6.58 -78.00 -73.80
CA GLU E 170 -6.15 -76.62 -73.62
C GLU E 170 -6.30 -76.14 -72.19
N GLY E 171 -7.19 -76.75 -71.43
CA GLY E 171 -7.39 -76.42 -70.02
C GLY E 171 -7.84 -77.66 -69.28
N PRO E 172 -7.77 -77.66 -67.93
CA PRO E 172 -7.50 -76.60 -66.96
C PRO E 172 -6.07 -76.03 -67.03
N PRO E 173 -5.85 -74.84 -66.45
CA PRO E 173 -4.52 -74.23 -66.52
C PRO E 173 -3.37 -75.14 -66.14
N GLU E 174 -3.60 -76.07 -65.21
CA GLU E 174 -2.51 -76.97 -64.79
C GLU E 174 -2.14 -77.94 -65.90
N TYR E 175 -3.12 -78.42 -66.66
CA TYR E 175 -2.88 -79.35 -67.77
C TYR E 175 -3.15 -78.62 -69.08
N LYS E 176 -2.09 -78.37 -69.86
CA LYS E 176 -2.23 -77.74 -71.16
C LYS E 176 -1.39 -78.50 -72.17
N LYS E 177 -1.94 -78.71 -73.37
CA LYS E 177 -1.25 -79.38 -74.46
C LYS E 177 -0.81 -80.78 -74.06
N ARG E 178 -1.72 -81.52 -73.44
CA ARG E 178 -1.47 -82.89 -73.00
C ARG E 178 -2.45 -83.83 -73.68
N LYS E 179 -1.96 -85.02 -74.05
CA LYS E 179 -2.80 -86.03 -74.68
C LYS E 179 -3.90 -86.48 -73.72
N ILE E 180 -5.11 -86.65 -74.26
CA ILE E 180 -6.26 -87.00 -73.44
C ILE E 180 -6.20 -88.46 -73.01
N ASN E 181 -5.67 -89.33 -73.88
CA ASN E 181 -5.60 -90.75 -73.54
C ASN E 181 -4.69 -91.00 -72.35
N SER E 182 -3.70 -90.13 -72.12
CA SER E 182 -2.83 -90.29 -70.95
C SER E 182 -3.58 -90.05 -69.64
N LEU E 183 -4.65 -89.26 -69.68
CA LEU E 183 -5.41 -88.95 -68.48
C LEU E 183 -6.11 -90.19 -67.94
N SER E 184 -6.41 -90.15 -66.64
CA SER E 184 -7.03 -91.28 -65.95
C SER E 184 -8.10 -90.76 -65.01
N SER E 185 -8.94 -91.70 -64.54
CA SER E 185 -10.07 -91.34 -63.69
C SER E 185 -9.63 -90.64 -62.41
N LYS E 186 -8.43 -90.93 -61.92
CA LYS E 186 -7.96 -90.35 -60.66
C LYS E 186 -7.68 -88.85 -60.75
N ASP E 187 -7.66 -88.28 -61.96
CA ASP E 187 -7.25 -86.88 -62.11
C ASP E 187 -8.32 -85.93 -61.59
N PHE E 188 -9.59 -86.22 -61.88
CA PHE E 188 -10.70 -85.33 -61.60
C PHE E 188 -11.62 -85.94 -60.55
N ASP E 189 -12.06 -85.12 -59.59
CA ASP E 189 -13.07 -85.53 -58.62
C ASP E 189 -14.43 -85.07 -59.13
N CYS E 190 -15.28 -86.03 -59.48
CA CYS E 190 -16.58 -85.76 -60.09
C CYS E 190 -17.74 -85.73 -59.10
N ILE E 191 -17.49 -85.99 -57.82
CA ILE E 191 -18.56 -86.11 -56.83
C ILE E 191 -18.57 -84.84 -56.00
N ILE E 192 -19.63 -84.05 -56.16
CA ILE E 192 -19.82 -82.80 -55.42
C ILE E 192 -20.99 -82.99 -54.47
N THR E 193 -20.74 -82.76 -53.19
CA THR E 193 -21.79 -82.76 -52.17
C THR E 193 -22.13 -81.32 -51.82
N GLU E 194 -23.43 -81.05 -51.64
CA GLU E 194 -23.88 -79.69 -51.37
C GLU E 194 -25.17 -79.74 -50.56
N PHE E 195 -25.41 -78.67 -49.81
CA PHE E 195 -26.65 -78.47 -49.08
C PHE E 195 -27.44 -77.36 -49.75
N ALA E 196 -28.68 -77.64 -50.12
CA ALA E 196 -29.55 -76.69 -50.80
C ALA E 196 -30.81 -76.47 -49.98
N LYS E 197 -31.44 -75.31 -50.20
CA LYS E 197 -32.66 -74.96 -49.49
C LYS E 197 -33.79 -75.92 -49.86
N SER E 198 -34.56 -76.34 -48.85
CA SER E 198 -35.75 -77.16 -49.07
C SER E 198 -37.00 -76.36 -48.74
N GLN E 199 -37.25 -76.05 -47.48
CA GLN E 199 -38.35 -75.17 -47.09
C GLN E 199 -37.83 -74.08 -46.17
N ASP E 200 -38.63 -73.03 -46.01
CA ASP E 200 -38.41 -71.99 -45.02
C ASP E 200 -39.58 -72.03 -44.04
N LEU E 201 -39.27 -72.13 -42.76
CA LEU E 201 -40.29 -72.26 -41.74
C LEU E 201 -40.31 -71.01 -40.87
N PRO E 202 -41.40 -70.24 -40.87
CA PRO E 202 -41.37 -68.92 -40.23
C PRO E 202 -41.14 -68.96 -38.73
N TYR E 203 -41.66 -69.97 -38.04
CA TYR E 203 -41.55 -70.02 -36.59
C TYR E 203 -40.11 -70.32 -36.16
N GLN E 204 -39.66 -69.60 -35.13
CA GLN E 204 -38.34 -69.81 -34.59
C GLN E 204 -38.28 -71.12 -33.80
N SER E 205 -37.07 -71.65 -33.65
CA SER E 205 -36.90 -72.96 -33.04
C SER E 205 -35.65 -72.99 -32.17
N LEU E 206 -35.59 -73.99 -31.29
CA LEU E 206 -34.48 -74.16 -30.37
C LEU E 206 -33.80 -75.50 -30.56
N SER E 207 -34.49 -76.61 -30.29
CA SER E 207 -33.93 -77.95 -30.46
C SER E 207 -34.80 -78.76 -31.40
N ILE E 208 -34.16 -79.59 -32.22
CA ILE E 208 -34.84 -80.43 -33.21
C ILE E 208 -34.32 -81.86 -33.09
N ASP E 209 -35.23 -82.83 -33.04
CA ASP E 209 -34.85 -84.23 -32.93
C ASP E 209 -35.75 -85.07 -33.83
N THR E 210 -35.31 -86.30 -34.10
CA THR E 210 -36.04 -87.25 -34.91
C THR E 210 -36.29 -88.54 -34.13
N PHE E 211 -37.29 -89.30 -34.58
CA PHE E 211 -37.58 -90.59 -34.00
C PHE E 211 -38.25 -91.47 -35.05
N SER E 212 -38.23 -92.77 -34.81
CA SER E 212 -38.82 -93.76 -35.71
C SER E 212 -39.97 -94.46 -34.98
N TYR E 213 -41.17 -94.36 -35.55
CA TYR E 213 -42.35 -94.97 -34.98
C TYR E 213 -43.11 -95.70 -36.08
N LEU E 214 -43.41 -96.98 -35.84
CA LEU E 214 -44.12 -97.84 -36.79
C LEU E 214 -43.49 -97.79 -38.19
N ASN E 215 -42.16 -97.83 -38.22
CA ASN E 215 -41.38 -97.78 -39.47
C ASN E 215 -41.68 -96.51 -40.26
N ASP E 216 -41.65 -95.38 -39.55
CA ASP E 216 -41.86 -94.08 -40.16
C ASP E 216 -41.01 -93.06 -39.43
N GLU E 217 -40.54 -92.06 -40.17
CA GLU E 217 -39.69 -91.01 -39.62
C GLU E 217 -40.52 -89.76 -39.38
N TYR E 218 -40.40 -89.21 -38.18
CA TYR E 218 -41.04 -87.96 -37.81
C TYR E 218 -40.00 -87.05 -37.17
N VAL E 219 -40.27 -85.75 -37.21
CA VAL E 219 -39.34 -84.74 -36.69
C VAL E 219 -40.11 -83.87 -35.70
N VAL E 220 -39.54 -83.70 -34.51
CA VAL E 220 -40.14 -82.89 -33.46
C VAL E 220 -39.28 -81.64 -33.27
N ILE E 221 -39.94 -80.49 -33.21
CA ILE E 221 -39.28 -79.20 -33.06
C ILE E 221 -39.83 -78.51 -31.83
N ALA E 222 -38.95 -77.91 -31.03
CA ALA E 222 -39.34 -77.15 -29.85
C ALA E 222 -39.26 -75.66 -30.17
N GLN E 223 -40.39 -74.97 -30.08
CA GLN E 223 -40.41 -73.52 -30.26
C GLN E 223 -40.53 -72.88 -28.89
N PRO E 224 -39.48 -72.23 -28.38
CA PRO E 224 -39.53 -71.71 -27.00
C PRO E 224 -40.56 -70.62 -26.79
N PHE E 225 -40.71 -69.70 -27.75
CA PHE E 225 -41.47 -68.48 -27.48
C PHE E 225 -42.98 -68.73 -27.54
N THR E 226 -43.43 -69.58 -28.45
CA THR E 226 -44.84 -69.95 -28.46
C THR E 226 -45.17 -71.02 -27.42
N GLY E 227 -44.14 -71.67 -26.87
CA GLY E 227 -44.39 -72.76 -25.95
C GLY E 227 -45.09 -73.91 -26.64
N LYS E 228 -44.57 -74.31 -27.79
CA LYS E 228 -45.15 -75.38 -28.58
C LYS E 228 -44.08 -76.39 -28.94
N CYS E 229 -44.33 -77.66 -28.62
CA CYS E 229 -43.51 -78.77 -29.09
C CYS E 229 -44.16 -79.28 -30.36
N ILE E 230 -43.47 -79.13 -31.49
CA ILE E 230 -44.07 -79.23 -32.81
C ILE E 230 -43.60 -80.52 -33.46
N PHE E 231 -44.53 -81.45 -33.66
CA PHE E 231 -44.28 -82.68 -34.38
C PHE E 231 -44.71 -82.50 -35.83
N LEU E 232 -43.79 -82.71 -36.76
CA LEU E 232 -44.12 -82.64 -38.18
C LEU E 232 -43.68 -83.93 -38.87
N GLU E 233 -44.41 -84.27 -39.93
CA GLU E 233 -44.18 -85.49 -40.69
C GLU E 233 -44.08 -85.16 -42.17
N TRP E 234 -43.56 -86.11 -42.93
CA TRP E 234 -43.43 -85.97 -44.37
C TRP E 234 -44.68 -86.50 -45.06
N ASP E 235 -45.31 -85.65 -45.87
CA ASP E 235 -46.42 -86.07 -46.72
C ASP E 235 -45.85 -86.47 -48.08
N HIS E 236 -46.14 -87.70 -48.50
CA HIS E 236 -45.56 -88.20 -49.75
C HIS E 236 -46.18 -87.52 -50.96
N VAL E 237 -47.46 -87.17 -50.90
CA VAL E 237 -48.12 -86.58 -52.07
C VAL E 237 -47.54 -85.20 -52.38
N GLU E 238 -47.10 -84.46 -51.36
CA GLU E 238 -46.42 -83.19 -51.59
C GLU E 238 -44.91 -83.41 -51.59
N LYS E 239 -44.16 -82.33 -51.83
CA LYS E 239 -42.71 -82.35 -51.77
C LYS E 239 -42.15 -81.90 -50.43
N THR E 240 -42.99 -81.56 -49.45
CA THR E 240 -42.55 -80.88 -48.25
C THR E 240 -43.11 -81.55 -47.00
N PHE E 241 -42.52 -81.18 -45.86
CA PHE E 241 -42.98 -81.66 -44.56
C PHE E 241 -44.26 -80.93 -44.14
N ARG E 242 -45.09 -81.64 -43.37
CA ARG E 242 -46.32 -81.08 -42.83
C ARG E 242 -46.35 -81.35 -41.33
N ASN E 243 -46.89 -80.42 -40.56
CA ASN E 243 -46.99 -80.61 -39.12
C ASN E 243 -48.37 -81.17 -38.80
N TYR E 244 -48.42 -82.43 -38.35
CA TYR E 244 -49.68 -83.06 -37.99
C TYR E 244 -50.12 -82.86 -36.54
N ASP E 245 -49.24 -82.40 -35.65
CA ASP E 245 -49.63 -82.36 -34.24
C ASP E 245 -48.79 -81.35 -33.46
N ASN E 246 -49.31 -80.96 -32.30
CA ASN E 246 -48.61 -80.09 -31.38
C ASN E 246 -48.76 -80.63 -29.96
N ILE E 247 -47.78 -80.30 -29.12
CA ILE E 247 -47.88 -80.47 -27.68
C ILE E 247 -47.73 -79.10 -27.03
N THR E 248 -48.67 -78.75 -26.17
CA THR E 248 -48.73 -77.42 -25.59
C THR E 248 -48.19 -77.43 -24.18
N GLY E 249 -47.10 -76.71 -23.96
CA GLY E 249 -46.63 -76.38 -22.62
C GLY E 249 -45.75 -75.16 -22.70
N THR E 250 -45.65 -74.47 -21.57
CA THR E 250 -45.11 -73.12 -21.58
C THR E 250 -43.58 -73.15 -21.49
N SER E 251 -42.93 -72.40 -22.38
CA SER E 251 -41.47 -72.24 -22.38
C SER E 251 -40.76 -73.59 -22.55
N THR E 252 -41.21 -74.36 -23.54
CA THR E 252 -40.56 -75.62 -23.86
C THR E 252 -39.16 -75.37 -24.40
N VAL E 253 -38.21 -76.19 -23.97
CA VAL E 253 -36.80 -76.01 -24.34
C VAL E 253 -36.35 -77.17 -25.21
N VAL E 254 -36.29 -78.37 -24.63
CA VAL E 254 -35.87 -79.58 -25.33
C VAL E 254 -37.07 -80.51 -25.46
N CYS E 255 -37.30 -81.03 -26.66
CA CYS E 255 -38.29 -82.08 -26.89
C CYS E 255 -37.53 -83.34 -27.32
N LYS E 256 -37.52 -84.34 -26.45
CA LYS E 256 -36.81 -85.59 -26.72
C LYS E 256 -37.78 -86.76 -26.82
N PRO E 257 -38.00 -87.33 -27.99
CA PRO E 257 -38.76 -88.58 -28.07
C PRO E 257 -37.92 -89.78 -27.66
N ILE E 258 -38.61 -90.80 -27.16
CA ILE E 258 -38.02 -92.10 -26.90
C ILE E 258 -39.07 -93.17 -27.20
N VAL E 259 -38.62 -94.31 -27.72
CA VAL E 259 -39.50 -95.42 -28.07
C VAL E 259 -39.07 -96.63 -27.25
N ILE E 260 -39.93 -97.07 -26.34
CA ILE E 260 -39.68 -98.26 -25.53
C ILE E 260 -40.74 -99.29 -25.86
N GLU E 261 -40.32 -100.41 -26.45
CA GLU E 261 -41.19 -101.54 -26.79
C GLU E 261 -42.47 -101.07 -27.49
N THR E 262 -42.26 -100.53 -28.70
CA THR E 262 -43.34 -100.08 -29.59
C THR E 262 -44.26 -99.07 -28.92
N GLN E 263 -43.72 -98.27 -28.01
CA GLN E 263 -44.47 -97.21 -27.34
C GLN E 263 -43.67 -95.92 -27.40
N LEU E 264 -44.31 -94.85 -27.86
CA LEU E 264 -43.66 -93.55 -28.04
C LEU E 264 -43.89 -92.68 -26.82
N TYR E 265 -42.82 -92.34 -26.13
CA TYR E 265 -42.83 -91.34 -25.07
C TYR E 265 -42.02 -90.13 -25.51
N VAL E 266 -42.44 -88.95 -25.07
CA VAL E 266 -41.67 -87.73 -25.32
C VAL E 266 -41.45 -87.04 -23.97
N ILE E 267 -40.31 -86.36 -23.87
CA ILE E 267 -39.94 -85.62 -22.66
C ILE E 267 -39.80 -84.16 -23.07
N VAL E 268 -40.67 -83.31 -22.54
CA VAL E 268 -40.59 -81.87 -22.76
C VAL E 268 -40.01 -81.23 -21.50
N ALA E 269 -38.98 -80.42 -21.68
CA ALA E 269 -38.38 -79.66 -20.60
C ALA E 269 -38.85 -78.22 -20.71
N GLN E 270 -39.44 -77.71 -19.63
CA GLN E 270 -40.00 -76.37 -19.62
C GLN E 270 -39.33 -75.53 -18.54
N LEU E 271 -39.00 -74.28 -18.88
CA LEU E 271 -38.46 -73.36 -17.89
C LEU E 271 -39.52 -72.86 -16.93
N PHE E 272 -40.80 -72.98 -17.29
CA PHE E 272 -41.89 -72.55 -16.44
C PHE E 272 -42.97 -73.62 -16.43
N GLY E 273 -43.44 -73.97 -15.23
CA GLY E 273 -44.45 -75.00 -15.08
C GLY E 273 -43.93 -76.41 -14.95
N GLY E 274 -42.62 -76.60 -14.90
CA GLY E 274 -42.03 -77.91 -14.75
C GLY E 274 -42.00 -78.69 -16.05
N SER E 275 -41.25 -79.80 -16.01
CA SER E 275 -41.12 -80.67 -17.17
C SER E 275 -42.13 -81.81 -17.08
N HIS E 276 -42.70 -82.18 -18.22
CA HIS E 276 -43.75 -83.18 -18.27
C HIS E 276 -43.36 -84.31 -19.22
N ILE E 277 -43.80 -85.51 -18.90
CA ILE E 277 -43.53 -86.71 -19.69
C ILE E 277 -44.83 -87.14 -20.35
N TYR E 278 -44.84 -87.12 -21.68
CA TYR E 278 -46.01 -87.49 -22.46
C TYR E 278 -45.79 -88.85 -23.12
N LYS E 279 -46.87 -89.61 -23.24
CA LYS E 279 -46.87 -90.90 -23.93
C LYS E 279 -47.93 -90.87 -25.01
N ARG E 280 -47.56 -91.29 -26.22
CA ARG E 280 -48.54 -91.37 -27.30
C ARG E 280 -49.49 -92.53 -27.04
N ASP E 281 -50.78 -92.29 -27.22
CA ASP E 281 -51.81 -93.32 -27.07
C ASP E 281 -52.24 -93.76 -28.45
N SER E 282 -51.96 -95.03 -28.79
CA SER E 282 -52.29 -95.54 -30.11
C SER E 282 -53.80 -95.57 -30.33
N PHE E 283 -54.56 -95.90 -29.28
CA PHE E 283 -56.00 -95.99 -29.40
C PHE E 283 -56.61 -94.64 -29.76
N ALA E 284 -56.33 -93.60 -28.96
CA ALA E 284 -56.93 -92.29 -29.16
C ALA E 284 -56.22 -91.44 -30.19
N ASN E 285 -55.01 -91.83 -30.61
CA ASN E 285 -54.23 -91.08 -31.60
C ASN E 285 -53.95 -89.66 -31.12
N LYS E 286 -53.68 -89.52 -29.83
CA LYS E 286 -53.32 -88.23 -29.24
C LYS E 286 -52.30 -88.46 -28.13
N PHE E 287 -51.54 -87.42 -27.83
CA PHE E 287 -50.57 -87.49 -26.74
C PHE E 287 -51.29 -87.35 -25.40
N ILE E 288 -50.79 -88.09 -24.40
CA ILE E 288 -51.37 -88.08 -23.06
C ILE E 288 -50.25 -87.86 -22.05
N LYS E 289 -50.46 -86.90 -21.15
CA LYS E 289 -49.50 -86.67 -20.08
C LYS E 289 -49.50 -87.84 -19.11
N ILE E 290 -48.31 -88.37 -18.81
CA ILE E 290 -48.15 -89.44 -17.85
C ILE E 290 -47.70 -88.86 -16.52
N GLN E 291 -46.51 -88.29 -16.48
CA GLN E 291 -45.90 -87.83 -15.24
C GLN E 291 -45.68 -86.32 -15.29
N ASP E 292 -45.63 -85.74 -14.10
CA ASP E 292 -45.19 -84.36 -13.91
C ASP E 292 -43.93 -84.40 -13.05
N ILE E 293 -42.79 -84.02 -13.64
CA ILE E 293 -41.55 -84.00 -12.89
C ILE E 293 -41.60 -82.87 -11.86
N GLU E 294 -41.01 -83.12 -10.69
CA GLU E 294 -41.11 -82.16 -9.60
C GLU E 294 -40.53 -80.81 -10.03
N ILE E 295 -41.33 -79.75 -9.83
CA ILE E 295 -40.87 -78.41 -10.16
C ILE E 295 -39.74 -77.98 -9.25
N LEU E 296 -39.63 -78.59 -8.07
CA LEU E 296 -38.56 -78.27 -7.14
C LEU E 296 -37.25 -78.91 -7.54
N LYS E 297 -37.29 -80.15 -8.06
CA LYS E 297 -36.06 -80.88 -8.36
C LYS E 297 -35.40 -80.41 -9.64
N ILE E 298 -36.17 -80.15 -10.69
CA ILE E 298 -35.63 -79.70 -11.96
C ILE E 298 -36.14 -78.28 -12.19
N ARG E 299 -35.25 -77.31 -12.19
CA ARG E 299 -35.65 -75.90 -12.18
C ARG E 299 -35.44 -75.27 -13.55
N LYS E 300 -34.20 -75.16 -14.02
CA LYS E 300 -33.88 -74.50 -15.29
C LYS E 300 -33.05 -75.41 -16.19
N PRO E 301 -33.62 -76.50 -16.68
CA PRO E 301 -32.85 -77.38 -17.58
C PRO E 301 -32.51 -76.69 -18.88
N ASN E 302 -31.25 -76.75 -19.28
CA ASN E 302 -30.87 -76.35 -20.63
C ASN E 302 -30.74 -77.50 -21.63
N ASP E 303 -30.89 -78.76 -21.20
CA ASP E 303 -30.65 -79.86 -22.13
C ASP E 303 -31.35 -81.12 -21.66
N ILE E 304 -31.53 -82.06 -22.61
CA ILE E 304 -31.94 -83.42 -22.32
C ILE E 304 -31.18 -84.36 -23.25
N GLU E 305 -30.66 -85.46 -22.69
CA GLU E 305 -29.98 -86.49 -23.47
C GLU E 305 -30.58 -87.85 -23.16
N THR E 306 -30.73 -88.67 -24.20
CA THR E 306 -31.33 -89.99 -24.10
C THR E 306 -30.28 -91.07 -24.33
N PHE E 307 -30.24 -92.07 -23.44
CA PHE E 307 -29.34 -93.19 -23.62
C PHE E 307 -29.91 -94.44 -23.01
N LYS E 308 -29.57 -95.59 -23.60
CA LYS E 308 -29.96 -96.90 -23.12
C LYS E 308 -28.71 -97.66 -22.70
N ILE E 309 -28.73 -98.20 -21.48
CA ILE E 309 -27.58 -98.91 -20.92
C ILE E 309 -28.06 -100.24 -20.35
N GLU E 310 -27.48 -101.34 -20.83
CA GLU E 310 -27.72 -102.67 -20.28
C GLU E 310 -29.20 -103.04 -20.32
N ASN E 311 -29.84 -102.75 -21.45
CA ASN E 311 -31.26 -103.05 -21.68
C ASN E 311 -32.15 -102.29 -20.69
N ASN E 312 -31.75 -101.06 -20.39
CA ASN E 312 -32.55 -100.15 -19.56
C ASN E 312 -32.43 -98.75 -20.12
N TRP E 313 -33.54 -98.03 -20.15
CA TRP E 313 -33.59 -96.68 -20.71
C TRP E 313 -33.43 -95.64 -19.61
N TYR E 314 -32.53 -94.68 -19.85
CA TYR E 314 -32.31 -93.56 -18.96
C TYR E 314 -32.37 -92.26 -19.76
N PHE E 315 -32.51 -91.15 -19.04
CA PHE E 315 -32.37 -89.83 -19.66
C PHE E 315 -31.80 -88.87 -18.62
N VAL E 316 -30.97 -87.95 -19.11
CA VAL E 316 -30.34 -86.93 -18.27
C VAL E 316 -30.96 -85.59 -18.58
N VAL E 317 -31.05 -84.76 -17.54
CA VAL E 317 -31.47 -83.37 -17.67
C VAL E 317 -30.33 -82.52 -17.13
N ALA E 318 -29.74 -81.71 -17.99
CA ALA E 318 -28.74 -80.76 -17.54
C ALA E 318 -29.45 -79.52 -17.02
N ASP E 319 -29.22 -79.19 -15.74
CA ASP E 319 -29.95 -78.12 -15.06
C ASP E 319 -29.01 -76.94 -14.89
N SER E 320 -29.31 -75.84 -15.59
CA SER E 320 -28.45 -74.67 -15.56
C SER E 320 -28.68 -73.80 -14.33
N SER E 321 -29.69 -74.12 -13.52
CA SER E 321 -29.89 -73.41 -12.26
C SER E 321 -28.97 -73.98 -11.19
N LYS E 322 -28.51 -73.11 -10.30
CA LYS E 322 -27.68 -73.55 -9.18
C LYS E 322 -28.49 -74.37 -8.19
N ALA E 323 -29.78 -74.07 -8.04
CA ALA E 323 -30.61 -74.77 -7.08
C ALA E 323 -30.92 -76.20 -7.52
N GLY E 324 -31.29 -76.37 -8.79
CA GLY E 324 -31.59 -77.70 -9.29
C GLY E 324 -30.34 -78.44 -9.73
N PHE E 325 -30.40 -79.76 -9.61
CA PHE E 325 -29.26 -80.62 -9.93
C PHE E 325 -29.51 -81.36 -11.24
N THR E 326 -28.43 -81.57 -12.00
CA THR E 326 -28.50 -82.48 -13.14
C THR E 326 -28.79 -83.88 -12.65
N THR E 327 -29.82 -84.50 -13.23
CA THR E 327 -30.39 -85.73 -12.68
C THR E 327 -30.58 -86.76 -13.79
N ILE E 328 -30.31 -88.02 -13.44
CA ILE E 328 -30.55 -89.16 -14.33
C ILE E 328 -31.82 -89.87 -13.86
N TYR E 329 -32.67 -90.23 -14.82
CA TYR E 329 -33.94 -90.88 -14.52
C TYR E 329 -33.96 -92.26 -15.17
N LYS E 330 -34.25 -93.27 -14.36
CA LYS E 330 -34.35 -94.65 -14.84
C LYS E 330 -35.80 -94.99 -15.11
N TRP E 331 -36.04 -95.75 -16.19
CA TRP E 331 -37.39 -96.12 -16.60
C TRP E 331 -37.66 -97.56 -16.19
N ASN E 332 -38.58 -97.73 -15.24
CA ASN E 332 -39.18 -99.03 -14.99
C ASN E 332 -40.44 -99.15 -15.84
N GLY E 333 -41.17 -100.24 -15.68
CA GLY E 333 -42.36 -100.46 -16.49
C GLY E 333 -43.32 -99.29 -16.48
N ASN E 334 -43.47 -98.65 -15.32
CA ASN E 334 -44.47 -97.59 -15.20
C ASN E 334 -44.01 -96.26 -15.81
N GLY E 335 -42.76 -95.87 -15.60
CA GLY E 335 -42.32 -94.58 -16.07
C GLY E 335 -40.94 -94.24 -15.55
N PHE E 336 -40.60 -92.95 -15.65
CA PHE E 336 -39.28 -92.46 -15.27
C PHE E 336 -39.29 -91.94 -13.84
N TYR E 337 -38.28 -92.34 -13.07
CA TYR E 337 -38.15 -91.93 -11.67
C TYR E 337 -36.69 -91.61 -11.39
N SER E 338 -36.46 -90.81 -10.35
CA SER E 338 -35.13 -90.28 -10.08
C SER E 338 -34.17 -91.41 -9.73
N HIS E 339 -33.01 -91.42 -10.40
CA HIS E 339 -32.00 -92.46 -10.21
C HIS E 339 -30.74 -91.88 -9.58
N GLN E 340 -30.01 -91.02 -10.30
CA GLN E 340 -28.77 -90.44 -9.80
C GLN E 340 -28.75 -88.95 -10.09
N SER E 341 -28.09 -88.20 -9.21
CA SER E 341 -27.91 -86.76 -9.38
C SER E 341 -26.42 -86.44 -9.44
N LEU E 342 -26.08 -85.43 -10.25
CA LEU E 342 -24.69 -85.09 -10.54
C LEU E 342 -24.47 -83.60 -10.40
N HIS E 343 -23.20 -83.24 -10.15
CA HIS E 343 -22.72 -81.87 -10.24
C HIS E 343 -23.56 -80.90 -9.42
N ALA E 344 -23.72 -81.24 -8.14
CA ALA E 344 -24.53 -80.41 -7.24
C ALA E 344 -24.00 -78.98 -7.20
N TRP E 345 -24.93 -78.03 -7.17
CA TRP E 345 -24.63 -76.59 -7.05
C TRP E 345 -23.83 -76.07 -8.23
N TYR E 346 -24.03 -76.63 -9.43
CA TYR E 346 -23.38 -76.14 -10.63
C TYR E 346 -24.43 -75.77 -11.67
N ARG E 347 -24.01 -74.93 -12.62
CA ARG E 347 -24.86 -74.53 -13.73
C ARG E 347 -24.43 -75.32 -14.95
N ASP E 348 -25.29 -76.25 -15.41
CA ASP E 348 -24.95 -77.19 -16.47
C ASP E 348 -25.64 -76.76 -17.76
N THR E 349 -24.84 -76.36 -18.75
CA THR E 349 -25.38 -75.91 -20.03
C THR E 349 -25.80 -77.08 -20.93
N ASP E 350 -25.05 -78.18 -20.92
CA ASP E 350 -25.27 -79.24 -21.90
C ASP E 350 -24.79 -80.56 -21.31
N VAL E 351 -25.30 -81.66 -21.86
CA VAL E 351 -24.88 -83.01 -21.48
C VAL E 351 -24.82 -83.88 -22.73
N GLU E 352 -23.91 -84.86 -22.70
CA GLU E 352 -23.67 -85.73 -23.86
C GLU E 352 -23.45 -87.15 -23.40
N TYR E 353 -24.03 -88.11 -24.12
CA TYR E 353 -23.81 -89.53 -23.86
C TYR E 353 -22.81 -90.08 -24.86
N LEU E 354 -21.78 -90.77 -24.35
CA LEU E 354 -20.66 -91.19 -25.16
C LEU E 354 -20.24 -92.59 -24.74
N GLU E 355 -20.02 -93.47 -25.71
CA GLU E 355 -19.53 -94.82 -25.46
C GLU E 355 -18.11 -94.94 -26.03
N ILE E 356 -17.15 -95.18 -25.15
CA ILE E 356 -15.74 -95.21 -25.52
C ILE E 356 -15.07 -96.40 -24.84
N VAL E 357 -13.89 -96.74 -25.35
CA VAL E 357 -13.07 -97.81 -24.79
C VAL E 357 -12.04 -97.20 -23.85
N ARG E 358 -12.14 -97.52 -22.57
CA ARG E 358 -11.17 -97.05 -21.58
C ARG E 358 -10.12 -98.14 -21.40
N THR E 359 -8.88 -97.84 -21.79
CA THR E 359 -7.80 -98.81 -21.72
C THR E 359 -7.52 -99.18 -20.28
N PRO E 360 -7.03 -100.40 -20.03
CA PRO E 360 -6.69 -101.51 -20.94
C PRO E 360 -7.87 -102.19 -21.66
N GLN E 361 -9.10 -101.99 -21.17
CA GLN E 361 -10.24 -102.76 -21.66
C GLN E 361 -10.43 -102.60 -23.17
N THR E 362 -10.84 -103.68 -23.81
CA THR E 362 -11.15 -103.69 -25.24
C THR E 362 -12.63 -103.46 -25.54
N LEU E 363 -13.46 -103.31 -24.52
CA LEU E 363 -14.90 -103.15 -24.70
C LEU E 363 -15.31 -101.71 -24.41
N ARG E 364 -16.25 -101.20 -25.20
CA ARG E 364 -16.75 -99.85 -24.98
C ARG E 364 -17.58 -99.79 -23.70
N THR E 365 -17.33 -98.76 -22.89
CA THR E 365 -18.15 -98.51 -21.72
C THR E 365 -18.82 -97.14 -21.84
N PRO E 366 -20.02 -96.98 -21.30
CA PRO E 366 -20.73 -95.71 -21.46
C PRO E 366 -20.15 -94.60 -20.59
N HIS E 367 -20.21 -93.38 -21.11
CA HIS E 367 -19.67 -92.21 -20.43
C HIS E 367 -20.65 -91.05 -20.55
N LEU E 368 -20.51 -90.09 -19.64
CA LEU E 368 -21.29 -88.87 -19.65
C LEU E 368 -20.35 -87.67 -19.59
N ILE E 369 -20.53 -86.72 -20.51
CA ILE E 369 -19.80 -85.46 -20.51
C ILE E 369 -20.81 -84.33 -20.42
N LEU E 370 -20.76 -83.58 -19.31
CA LEU E 370 -21.62 -82.42 -19.14
C LEU E 370 -20.77 -81.18 -18.93
N SER E 371 -21.25 -80.06 -19.49
CA SER E 371 -20.51 -78.81 -19.52
C SER E 371 -21.17 -77.80 -18.60
N SER E 372 -20.35 -76.93 -18.00
CA SER E 372 -20.82 -76.01 -16.98
C SER E 372 -20.35 -74.60 -17.25
N SER E 373 -21.12 -73.64 -16.75
CA SER E 373 -20.73 -72.24 -16.84
C SER E 373 -19.48 -71.99 -16.01
N SER E 374 -18.48 -71.36 -16.62
CA SER E 374 -17.24 -70.99 -15.94
C SER E 374 -16.55 -72.20 -15.32
N GLN E 375 -16.63 -73.34 -16.01
CA GLN E 375 -16.04 -74.57 -15.48
C GLN E 375 -15.57 -75.44 -16.64
N ARG E 376 -14.65 -76.35 -16.32
CA ARG E 376 -14.17 -77.31 -17.30
C ARG E 376 -15.18 -78.44 -17.46
N PRO E 377 -15.33 -78.97 -18.67
CA PRO E 377 -16.21 -80.13 -18.86
C PRO E 377 -15.69 -81.33 -18.09
N VAL E 378 -16.61 -82.11 -17.55
CA VAL E 378 -16.28 -83.27 -16.75
C VAL E 378 -16.79 -84.52 -17.45
N ILE E 379 -16.09 -85.63 -17.23
CA ILE E 379 -16.41 -86.91 -17.85
C ILE E 379 -16.70 -87.91 -16.75
N TYR E 380 -17.90 -88.47 -16.76
CA TYR E 380 -18.29 -89.50 -15.80
C TYR E 380 -18.16 -90.88 -16.44
N GLN E 381 -17.62 -91.83 -15.69
CA GLN E 381 -17.48 -93.20 -16.14
C GLN E 381 -18.56 -94.06 -15.48
N TRP E 382 -19.24 -94.87 -16.28
CA TRP E 382 -20.32 -95.70 -15.77
C TRP E 382 -19.76 -96.85 -14.95
N ASN E 383 -20.30 -97.02 -13.74
CA ASN E 383 -19.90 -98.10 -12.84
C ASN E 383 -20.90 -99.23 -13.00
N LYS E 384 -20.42 -100.37 -13.52
CA LYS E 384 -21.31 -101.50 -13.78
C LYS E 384 -21.82 -102.13 -12.48
N ALA E 385 -20.99 -102.12 -11.43
CA ALA E 385 -21.35 -102.79 -10.18
C ALA E 385 -22.41 -102.00 -9.40
N THR E 386 -22.22 -100.68 -9.29
CA THR E 386 -23.13 -99.85 -8.50
C THR E 386 -24.24 -99.22 -9.33
N GLN E 387 -24.25 -99.45 -10.65
CA GLN E 387 -25.24 -98.85 -11.56
C GLN E 387 -25.26 -97.33 -11.42
N LEU E 388 -24.08 -96.72 -11.37
CA LEU E 388 -23.92 -95.28 -11.16
C LEU E 388 -22.80 -94.76 -12.04
N PHE E 389 -22.51 -93.47 -11.91
CA PHE E 389 -21.42 -92.82 -12.61
C PHE E 389 -20.39 -92.33 -11.60
N THR E 390 -19.12 -92.60 -11.87
CA THR E 390 -18.05 -92.29 -10.94
C THR E 390 -16.84 -91.79 -11.73
N ASN E 391 -15.74 -91.57 -11.01
CA ASN E 391 -14.46 -91.09 -11.56
C ASN E 391 -14.67 -89.83 -12.39
N GLN E 392 -15.05 -88.76 -11.69
CA GLN E 392 -15.25 -87.47 -12.33
C GLN E 392 -13.88 -86.85 -12.62
N THR E 393 -13.63 -86.52 -13.88
CA THR E 393 -12.37 -85.93 -14.30
C THR E 393 -12.67 -84.81 -15.28
N ASP E 394 -11.87 -83.75 -15.22
CA ASP E 394 -12.09 -82.62 -16.11
C ASP E 394 -11.50 -82.89 -17.48
N ILE E 395 -11.67 -81.93 -18.38
CA ILE E 395 -10.95 -81.85 -19.64
C ILE E 395 -10.08 -80.60 -19.57
N PRO E 396 -8.76 -80.74 -19.48
CA PRO E 396 -7.91 -79.57 -19.19
C PRO E 396 -7.76 -78.64 -20.39
N ASN E 397 -7.37 -77.41 -20.06
CA ASN E 397 -6.87 -76.43 -21.03
C ASN E 397 -7.92 -76.02 -22.06
N MET E 398 -9.19 -75.94 -21.66
CA MET E 398 -10.20 -75.26 -22.47
C MET E 398 -11.19 -74.56 -21.56
N GLU E 399 -11.59 -73.36 -21.95
CA GLU E 399 -12.43 -72.50 -21.12
C GLU E 399 -13.73 -72.18 -21.84
N ASP E 400 -14.78 -71.96 -21.05
CA ASP E 400 -16.08 -71.51 -21.53
C ASP E 400 -16.65 -72.46 -22.60
N VAL E 401 -16.60 -73.75 -22.31
CA VAL E 401 -17.20 -74.73 -23.22
C VAL E 401 -18.70 -74.76 -22.96
N TYR E 402 -19.50 -74.44 -23.99
CA TYR E 402 -20.95 -74.50 -23.84
C TYR E 402 -21.48 -75.91 -23.98
N ALA E 403 -20.97 -76.68 -24.94
CA ALA E 403 -21.53 -77.99 -25.25
C ALA E 403 -20.43 -78.88 -25.81
N VAL E 404 -20.64 -80.19 -25.67
CA VAL E 404 -19.74 -81.18 -26.22
C VAL E 404 -20.56 -82.22 -26.98
N LYS E 405 -20.19 -82.42 -28.23
CA LYS E 405 -20.86 -83.39 -29.13
C LYS E 405 -19.81 -84.42 -29.55
N HIS E 406 -20.22 -85.65 -29.82
CA HIS E 406 -19.28 -86.71 -30.17
C HIS E 406 -19.62 -87.32 -31.53
N PHE E 407 -18.60 -87.88 -32.16
CA PHE E 407 -18.77 -88.64 -33.39
C PHE E 407 -17.62 -89.63 -33.52
N SER E 408 -17.82 -90.64 -34.36
CA SER E 408 -16.85 -91.71 -34.53
C SER E 408 -16.49 -91.87 -36.00
N VAL E 409 -15.19 -91.81 -36.29
CA VAL E 409 -14.64 -92.13 -37.60
C VAL E 409 -13.79 -93.39 -37.45
N LYS E 410 -14.05 -94.38 -38.30
CA LYS E 410 -13.44 -95.72 -38.18
C LYS E 410 -13.82 -96.23 -36.79
N GLY E 411 -12.89 -96.77 -36.01
CA GLY E 411 -13.18 -97.14 -34.63
C GLY E 411 -12.90 -96.07 -33.62
N ASP E 412 -12.19 -95.01 -34.01
CA ASP E 412 -11.86 -93.94 -33.09
C ASP E 412 -13.09 -93.09 -32.78
N VAL E 413 -13.04 -92.41 -31.64
CA VAL E 413 -14.11 -91.53 -31.18
C VAL E 413 -13.55 -90.13 -31.01
N TYR E 414 -14.24 -89.15 -31.57
CA TYR E 414 -13.86 -87.75 -31.47
C TYR E 414 -15.00 -86.96 -30.83
N ILE E 415 -14.66 -85.80 -30.28
CA ILE E 415 -15.65 -84.90 -29.71
C ILE E 415 -15.46 -83.51 -30.29
N CYS E 416 -16.54 -82.73 -30.30
CA CYS E 416 -16.53 -81.33 -30.70
C CYS E 416 -16.91 -80.46 -29.52
N LEU E 417 -16.07 -79.49 -29.20
CA LEU E 417 -16.28 -78.62 -28.05
C LEU E 417 -16.64 -77.22 -28.54
N THR E 418 -17.79 -76.72 -28.11
CA THR E 418 -18.31 -75.45 -28.57
C THR E 418 -17.88 -74.33 -27.64
N ARG E 419 -17.36 -73.25 -28.21
CA ARG E 419 -17.03 -72.04 -27.49
C ARG E 419 -17.65 -70.87 -28.23
N PHE E 420 -18.32 -69.98 -27.49
CA PHE E 420 -19.10 -68.92 -28.14
C PHE E 420 -18.19 -67.97 -28.92
N ILE E 421 -17.19 -67.41 -28.26
CA ILE E 421 -16.17 -66.60 -28.93
C ILE E 421 -14.81 -67.10 -28.46
N GLY E 422 -14.03 -67.61 -29.40
CA GLY E 422 -12.75 -68.20 -29.09
C GLY E 422 -12.42 -69.26 -30.12
N ASP E 423 -11.52 -70.15 -29.74
CA ASP E 423 -11.20 -71.31 -30.55
C ASP E 423 -12.05 -72.49 -30.09
N SER E 424 -12.92 -72.98 -30.97
CA SER E 424 -13.57 -74.27 -30.78
C SER E 424 -12.69 -75.33 -31.42
N LYS E 425 -12.43 -76.41 -30.70
CA LYS E 425 -11.52 -77.43 -31.19
C LYS E 425 -12.16 -78.81 -31.14
N VAL E 426 -11.54 -79.72 -31.89
CA VAL E 426 -11.95 -81.12 -31.99
C VAL E 426 -10.86 -81.98 -31.36
N MET E 427 -11.26 -82.98 -30.58
CA MET E 427 -10.32 -83.79 -29.82
C MET E 427 -10.53 -85.27 -30.10
N LYS E 428 -9.42 -86.00 -30.13
CA LYS E 428 -9.41 -87.45 -30.32
C LYS E 428 -9.25 -88.12 -28.98
N TRP E 429 -10.10 -89.11 -28.70
CA TRP E 429 -10.01 -89.85 -27.45
C TRP E 429 -8.86 -90.84 -27.53
N GLY E 430 -7.92 -90.73 -26.58
CA GLY E 430 -6.89 -91.72 -26.39
C GLY E 430 -7.33 -92.75 -25.38
N GLY E 431 -6.38 -93.53 -24.89
CA GLY E 431 -6.74 -94.45 -23.84
C GLY E 431 -7.15 -93.75 -22.55
N SER E 432 -6.26 -92.89 -22.02
CA SER E 432 -6.56 -92.18 -20.79
C SER E 432 -7.47 -90.98 -21.00
N SER E 433 -7.22 -90.19 -22.04
CA SER E 433 -7.77 -88.84 -22.11
C SER E 433 -7.85 -88.38 -23.56
N PHE E 434 -8.64 -87.33 -23.78
CA PHE E 434 -8.76 -86.72 -25.09
C PHE E 434 -7.49 -85.98 -25.47
N GLN E 435 -7.18 -85.98 -26.77
CA GLN E 435 -5.99 -85.34 -27.31
C GLN E 435 -6.38 -84.32 -28.37
N ASP E 436 -5.60 -83.25 -28.48
CA ASP E 436 -5.89 -82.19 -29.43
C ASP E 436 -5.73 -82.67 -30.86
N ILE E 437 -6.66 -82.29 -31.73
CA ILE E 437 -6.60 -82.60 -33.15
C ILE E 437 -6.53 -81.31 -33.95
N GLN E 438 -7.60 -80.52 -33.92
CA GLN E 438 -7.72 -79.33 -34.75
C GLN E 438 -8.45 -78.25 -33.96
N ARG E 439 -7.99 -77.01 -34.10
CA ARG E 439 -8.60 -75.86 -33.44
C ARG E 439 -9.12 -74.90 -34.51
N MET E 440 -10.35 -74.44 -34.33
CA MET E 440 -11.01 -73.62 -35.33
C MET E 440 -11.51 -72.32 -34.72
N PRO E 441 -11.45 -71.21 -35.46
CA PRO E 441 -12.00 -69.96 -34.93
C PRO E 441 -13.51 -69.98 -34.89
N SER E 442 -14.07 -69.39 -33.83
CA SER E 442 -15.51 -69.43 -33.59
C SER E 442 -15.98 -68.04 -33.20
N ARG E 443 -16.95 -67.50 -33.94
CA ARG E 443 -17.55 -66.21 -33.64
C ARG E 443 -19.04 -66.42 -33.39
N GLY E 444 -19.47 -66.20 -32.14
CA GLY E 444 -20.86 -66.36 -31.76
C GLY E 444 -21.47 -67.71 -32.09
N SER E 445 -20.82 -68.79 -31.65
CA SER E 445 -21.22 -70.15 -32.01
C SER E 445 -21.87 -70.82 -30.80
N MET E 446 -23.17 -71.09 -30.90
CA MET E 446 -23.90 -71.79 -29.85
C MET E 446 -23.96 -73.30 -30.06
N VAL E 447 -23.47 -73.82 -31.18
CA VAL E 447 -23.50 -75.26 -31.42
C VAL E 447 -22.29 -75.65 -32.27
N PHE E 448 -21.75 -76.84 -31.98
CA PHE E 448 -20.84 -77.53 -32.89
C PHE E 448 -21.42 -78.92 -33.09
N GLN E 449 -21.85 -79.21 -34.30
CA GLN E 449 -22.58 -80.46 -34.56
C GLN E 449 -21.83 -81.38 -35.52
N PRO E 450 -21.34 -82.54 -35.07
CA PRO E 450 -20.94 -83.58 -36.01
C PRO E 450 -22.16 -84.23 -36.65
N LEU E 451 -22.05 -84.55 -37.94
CA LEU E 451 -23.12 -85.25 -38.65
C LEU E 451 -22.50 -86.29 -39.57
N GLN E 452 -23.03 -87.51 -39.52
CA GLN E 452 -22.65 -88.56 -40.46
C GLN E 452 -23.86 -88.89 -41.31
N ILE E 453 -23.78 -88.56 -42.60
CA ILE E 453 -24.79 -88.94 -43.58
C ILE E 453 -24.12 -89.84 -44.61
N ASN E 454 -24.75 -90.97 -44.91
CA ASN E 454 -24.15 -92.03 -45.75
C ASN E 454 -22.77 -92.32 -45.17
N ASN E 455 -21.71 -92.28 -45.98
CA ASN E 455 -20.35 -92.47 -45.48
C ASN E 455 -19.64 -91.15 -45.18
N TYR E 456 -20.30 -90.01 -45.34
CA TYR E 456 -19.67 -88.71 -45.20
C TYR E 456 -19.81 -88.19 -43.77
N GLN E 457 -18.73 -87.58 -43.27
CA GLN E 457 -18.69 -86.99 -41.93
C GLN E 457 -18.60 -85.47 -42.06
N TYR E 458 -19.65 -84.77 -41.64
CA TYR E 458 -19.69 -83.32 -41.65
C TYR E 458 -19.69 -82.78 -40.23
N ALA E 459 -19.13 -81.58 -40.06
CA ALA E 459 -19.17 -80.86 -38.81
C ALA E 459 -19.63 -79.43 -39.10
N ILE E 460 -20.73 -79.02 -38.46
CA ILE E 460 -21.34 -77.72 -38.69
C ILE E 460 -21.10 -76.84 -37.48
N LEU E 461 -20.50 -75.67 -37.71
CA LEU E 461 -20.22 -74.71 -36.65
C LEU E 461 -21.09 -73.47 -36.90
N GLY E 462 -22.05 -73.25 -36.00
CA GLY E 462 -22.98 -72.15 -36.18
C GLY E 462 -22.38 -70.82 -35.81
N SER E 463 -23.00 -69.75 -36.32
CA SER E 463 -22.68 -68.40 -35.88
C SER E 463 -23.94 -67.57 -35.82
N ASP E 464 -24.09 -66.81 -34.74
CA ASP E 464 -25.13 -65.79 -34.70
C ASP E 464 -24.69 -64.54 -35.46
N TYR E 465 -23.40 -64.20 -35.36
CA TYR E 465 -22.89 -62.94 -35.92
C TYR E 465 -22.67 -63.02 -37.42
N SER E 466 -22.23 -64.17 -37.93
CA SER E 466 -21.78 -64.27 -39.32
C SER E 466 -22.27 -65.60 -39.90
N PHE E 467 -21.82 -65.89 -41.12
CA PHE E 467 -22.22 -67.11 -41.80
C PHE E 467 -21.84 -68.35 -40.99
N THR E 468 -22.74 -69.32 -40.97
CA THR E 468 -22.48 -70.61 -40.33
C THR E 468 -21.57 -71.43 -41.23
N GLN E 469 -20.43 -71.88 -40.70
CA GLN E 469 -19.41 -72.56 -41.48
C GLN E 469 -19.55 -74.06 -41.33
N VAL E 470 -19.79 -74.76 -42.45
CA VAL E 470 -19.86 -76.20 -42.48
C VAL E 470 -18.50 -76.74 -42.90
N TYR E 471 -18.06 -77.82 -42.23
CA TYR E 471 -16.78 -78.43 -42.49
C TYR E 471 -16.98 -79.86 -42.98
N ASN E 472 -15.99 -80.37 -43.71
CA ASN E 472 -16.01 -81.73 -44.22
C ASN E 472 -14.73 -82.43 -43.80
N TRP E 473 -14.80 -83.75 -43.72
CA TRP E 473 -13.70 -84.57 -43.22
C TRP E 473 -12.90 -85.11 -44.40
N ASP E 474 -11.58 -84.91 -44.35
CA ASP E 474 -10.66 -85.43 -45.35
C ASP E 474 -9.94 -86.64 -44.75
N ALA E 475 -10.08 -87.80 -45.41
CA ALA E 475 -9.52 -89.03 -44.87
C ALA E 475 -8.00 -88.95 -44.78
N GLU E 476 -7.35 -88.40 -45.80
CA GLU E 476 -5.89 -88.35 -45.81
C GLU E 476 -5.35 -87.37 -44.77
N LYS E 477 -6.03 -86.23 -44.60
CA LYS E 477 -5.57 -85.24 -43.64
C LYS E 477 -5.96 -85.56 -42.20
N ALA E 478 -6.88 -86.51 -41.99
CA ALA E 478 -7.35 -86.89 -40.66
C ALA E 478 -7.83 -85.68 -39.85
N LYS E 479 -8.40 -84.70 -40.54
CA LYS E 479 -8.94 -83.51 -39.88
C LYS E 479 -10.00 -82.90 -40.78
N PHE E 480 -10.84 -82.06 -40.19
CA PHE E 480 -11.86 -81.36 -40.97
C PHE E 480 -11.22 -80.27 -41.83
N VAL E 481 -11.94 -79.90 -42.89
CA VAL E 481 -11.54 -78.83 -43.79
C VAL E 481 -12.78 -78.02 -44.15
N LYS E 482 -12.57 -76.73 -44.41
CA LYS E 482 -13.68 -75.84 -44.72
C LYS E 482 -14.42 -76.31 -45.96
N PHE E 483 -15.74 -76.40 -45.86
CA PHE E 483 -16.55 -77.03 -46.90
C PHE E 483 -17.55 -76.06 -47.51
N GLN E 484 -18.58 -75.64 -46.77
CA GLN E 484 -19.60 -74.75 -47.30
C GLN E 484 -20.00 -73.75 -46.22
N GLU E 485 -20.65 -72.67 -46.66
CA GLU E 485 -21.18 -71.66 -45.77
C GLU E 485 -22.69 -71.63 -45.88
N LEU E 486 -23.36 -71.69 -44.73
CA LEU E 486 -24.82 -71.65 -44.65
C LEU E 486 -25.26 -70.35 -44.00
N ASN E 487 -26.45 -69.88 -44.38
CA ASN E 487 -27.01 -68.66 -43.83
C ASN E 487 -28.17 -69.06 -42.93
N VAL E 488 -27.97 -68.88 -41.62
CA VAL E 488 -28.98 -69.12 -40.60
C VAL E 488 -28.85 -68.02 -39.56
N GLN E 489 -29.98 -67.43 -39.17
CA GLN E 489 -29.95 -66.26 -38.29
C GLN E 489 -29.16 -66.52 -37.01
N ALA E 490 -29.68 -67.37 -36.13
CA ALA E 490 -28.95 -67.77 -34.92
C ALA E 490 -29.21 -69.24 -34.62
N PRO E 491 -28.56 -70.15 -35.36
CA PRO E 491 -28.82 -71.57 -35.13
C PRO E 491 -28.41 -72.01 -33.72
N ARG E 492 -29.32 -72.67 -33.02
CA ARG E 492 -28.96 -73.43 -31.83
C ARG E 492 -28.76 -74.92 -32.08
N SER E 493 -29.00 -75.44 -33.28
CA SER E 493 -28.94 -76.87 -33.47
C SER E 493 -28.73 -77.21 -34.94
N PHE E 494 -28.26 -78.43 -35.19
CA PHE E 494 -28.32 -79.04 -36.51
C PHE E 494 -28.67 -80.52 -36.36
N THR E 495 -29.62 -80.99 -37.16
CA THR E 495 -30.16 -82.34 -37.00
C THR E 495 -30.26 -83.02 -38.36
N HIS E 496 -29.79 -84.26 -38.43
CA HIS E 496 -29.87 -85.05 -39.65
C HIS E 496 -31.15 -85.86 -39.67
N VAL E 497 -31.90 -85.72 -40.76
CA VAL E 497 -33.13 -86.50 -40.99
C VAL E 497 -33.02 -87.16 -42.35
N SER E 498 -33.28 -88.47 -42.39
CA SER E 498 -33.22 -89.24 -43.62
C SER E 498 -34.56 -89.94 -43.83
N ILE E 499 -35.15 -89.75 -45.01
CA ILE E 499 -36.37 -90.44 -45.41
C ILE E 499 -36.09 -91.09 -46.75
N ASN E 500 -36.14 -92.42 -46.78
CA ASN E 500 -35.75 -93.23 -47.94
C ASN E 500 -34.34 -92.79 -48.35
N LYS E 501 -34.10 -92.48 -49.63
CA LYS E 501 -32.79 -92.01 -50.05
C LYS E 501 -32.55 -90.53 -49.73
N ARG E 502 -33.61 -89.76 -49.52
CA ARG E 502 -33.46 -88.33 -49.30
C ARG E 502 -32.83 -88.06 -47.93
N ASN E 503 -31.74 -87.31 -47.92
CA ASN E 503 -31.13 -86.83 -46.69
C ASN E 503 -31.38 -85.34 -46.55
N PHE E 504 -31.86 -84.94 -45.38
CA PHE E 504 -32.20 -83.55 -45.11
C PHE E 504 -31.44 -83.07 -43.88
N LEU E 505 -31.26 -81.75 -43.79
CA LEU E 505 -30.60 -81.12 -42.65
C LEU E 505 -31.53 -80.08 -42.05
N PHE E 506 -31.95 -80.30 -40.82
CA PHE E 506 -32.81 -79.36 -40.11
C PHE E 506 -31.94 -78.42 -39.28
N ALA E 507 -32.04 -77.13 -39.55
CA ALA E 507 -31.32 -76.10 -38.80
C ALA E 507 -32.33 -75.25 -38.05
N SER E 508 -32.24 -75.25 -36.73
CA SER E 508 -33.08 -74.37 -35.93
C SER E 508 -32.55 -72.95 -35.99
N SER E 509 -33.47 -71.99 -35.88
CA SER E 509 -33.09 -70.57 -35.85
C SER E 509 -33.74 -69.92 -34.63
N PHE E 510 -32.92 -69.43 -33.71
CA PHE E 510 -33.45 -68.75 -32.53
C PHE E 510 -34.01 -67.38 -32.89
N LYS E 511 -33.23 -66.58 -33.61
CA LYS E 511 -33.58 -65.19 -33.89
C LYS E 511 -34.30 -65.01 -35.22
N GLY E 512 -34.59 -66.08 -35.95
CA GLY E 512 -35.18 -65.94 -37.26
C GLY E 512 -35.93 -67.19 -37.66
N ASN E 513 -36.43 -67.18 -38.90
CA ASN E 513 -37.12 -68.35 -39.43
C ASN E 513 -36.14 -69.49 -39.64
N THR E 514 -36.51 -70.67 -39.15
CA THR E 514 -35.65 -71.84 -39.27
C THR E 514 -35.64 -72.37 -40.71
N GLN E 515 -34.59 -73.10 -41.03
CA GLN E 515 -34.35 -73.58 -42.39
C GLN E 515 -34.16 -75.10 -42.38
N ILE E 516 -34.78 -75.76 -43.35
CA ILE E 516 -34.56 -77.19 -43.60
C ILE E 516 -33.87 -77.31 -44.95
N TYR E 517 -32.77 -78.06 -44.99
CA TYR E 517 -31.90 -78.09 -46.16
C TYR E 517 -31.97 -79.43 -46.88
N LYS E 518 -31.80 -79.37 -48.20
CA LYS E 518 -31.73 -80.55 -49.05
C LYS E 518 -30.28 -80.97 -49.21
N HIS E 519 -30.01 -82.26 -49.02
CA HIS E 519 -28.69 -82.82 -49.31
C HIS E 519 -28.76 -83.61 -50.61
N VAL E 520 -28.00 -83.16 -51.61
CA VAL E 520 -27.98 -83.80 -52.93
C VAL E 520 -26.55 -84.22 -53.24
N ILE E 521 -26.43 -85.35 -53.93
CA ILE E 521 -25.16 -85.84 -54.44
C ILE E 521 -25.24 -85.82 -55.96
N VAL E 522 -24.43 -84.99 -56.59
CA VAL E 522 -24.47 -84.77 -58.03
C VAL E 522 -23.12 -85.19 -58.61
N ASP E 523 -23.16 -85.92 -59.72
CA ASP E 523 -21.95 -86.36 -60.40
C ASP E 523 -21.63 -85.37 -61.50
N LEU E 524 -20.41 -84.83 -61.51
CA LEU E 524 -20.17 -83.83 -62.54
C LEU E 524 -20.11 -84.45 -63.93
N SER E 525 -20.01 -85.79 -64.05
CA SER E 525 -20.06 -86.48 -65.34
C SER E 525 -21.47 -86.45 -65.94
N ALA E 526 -22.48 -86.85 -65.15
CA ALA E 526 -23.90 -86.82 -65.53
C ALA E 526 -24.20 -87.57 -66.82
N LYS F 10 27.80 82.72 -97.55
CA LYS F 10 27.57 81.30 -97.36
C LYS F 10 28.30 80.81 -96.11
N CYS F 11 28.65 81.76 -95.24
CA CYS F 11 29.34 81.48 -93.99
C CYS F 11 28.49 81.93 -92.82
N PRO F 12 28.56 81.23 -91.67
CA PRO F 12 27.71 81.60 -90.53
C PRO F 12 28.14 82.92 -89.91
N ALA F 13 27.17 83.60 -89.30
CA ALA F 13 27.42 84.87 -88.63
C ALA F 13 28.15 84.71 -87.30
N VAL F 14 28.14 83.51 -86.72
CA VAL F 14 28.84 83.28 -85.46
C VAL F 14 30.34 83.43 -85.66
N CYS F 15 30.86 83.04 -86.82
CA CYS F 15 32.28 83.01 -87.09
C CYS F 15 32.69 84.14 -88.02
N THR F 16 33.89 84.66 -87.79
CA THR F 16 34.51 85.60 -88.72
C THR F 16 35.29 84.80 -89.76
N CYS F 17 34.95 85.00 -91.03
CA CYS F 17 35.43 84.13 -92.10
C CYS F 17 35.96 84.98 -93.24
N THR F 18 37.24 84.80 -93.56
CA THR F 18 37.80 85.31 -94.80
C THR F 18 37.70 84.22 -95.87
N LYS F 19 38.24 84.49 -97.04
CA LYS F 19 38.32 83.46 -98.07
C LYS F 19 39.22 82.33 -97.58
N ASP F 20 38.73 81.10 -97.74
CA ASP F 20 39.44 79.85 -97.48
C ASP F 20 39.74 79.60 -95.99
N ASN F 21 39.47 80.57 -95.14
CA ASN F 21 39.76 80.45 -93.71
C ASN F 21 38.55 80.85 -92.88
N ALA F 22 38.36 80.14 -91.76
CA ALA F 22 37.21 80.36 -90.89
C ALA F 22 37.65 80.33 -89.43
N LEU F 23 37.25 81.36 -88.68
CA LEU F 23 37.58 81.48 -87.26
C LEU F 23 36.28 81.66 -86.47
N CYS F 24 36.04 80.75 -85.53
CA CYS F 24 34.79 80.70 -84.78
C CYS F 24 35.06 80.98 -83.31
N GLU F 25 34.34 81.95 -82.75
CA GLU F 25 34.47 82.34 -81.32
C GLU F 25 33.08 82.43 -80.67
N ASN F 26 32.91 81.85 -79.49
CA ASN F 26 31.66 81.88 -78.73
C ASN F 26 30.53 81.18 -79.46
N ALA F 27 30.85 80.05 -80.09
CA ALA F 27 29.88 79.28 -80.86
C ALA F 27 29.15 78.30 -79.95
N ARG F 28 27.82 78.24 -80.08
CA ARG F 28 27.03 77.30 -79.29
C ARG F 28 27.11 75.88 -79.83
N SER F 29 27.06 75.72 -81.16
CA SER F 29 27.14 74.40 -81.77
C SER F 29 27.85 74.54 -83.11
N ILE F 30 28.47 73.43 -83.54
CA ILE F 30 29.26 73.41 -84.77
C ILE F 30 28.36 73.59 -85.99
N PRO F 31 28.54 74.65 -86.78
CA PRO F 31 27.81 74.76 -88.05
C PRO F 31 28.30 73.70 -89.03
N ARG F 32 27.35 73.08 -89.73
CA ARG F 32 27.66 72.05 -90.71
C ARG F 32 27.79 72.59 -92.12
N THR F 33 27.64 73.90 -92.32
CA THR F 33 27.72 74.51 -93.64
C THR F 33 28.88 75.48 -93.66
N VAL F 34 29.89 75.18 -94.46
CA VAL F 34 31.02 76.08 -94.67
C VAL F 34 31.06 76.48 -96.14
N PRO F 35 31.61 77.64 -96.48
CA PRO F 35 31.82 77.97 -97.89
C PRO F 35 32.69 76.90 -98.54
N PRO F 36 32.49 76.66 -99.84
CA PRO F 36 33.20 75.55 -100.49
C PRO F 36 34.71 75.68 -100.50
N ASP F 37 35.24 76.90 -100.46
CA ASP F 37 36.68 77.12 -100.53
C ASP F 37 37.35 77.15 -99.16
N VAL F 38 36.59 77.04 -98.07
CA VAL F 38 37.18 77.11 -96.74
C VAL F 38 38.02 75.87 -96.48
N ILE F 39 39.28 76.08 -96.10
CA ILE F 39 40.20 74.99 -95.81
C ILE F 39 40.35 74.84 -94.30
N SER F 40 40.94 75.85 -93.65
CA SER F 40 41.20 75.80 -92.22
C SER F 40 40.01 76.27 -91.43
N LEU F 41 39.73 75.59 -90.31
CA LEU F 41 38.62 75.92 -89.43
C LEU F 41 39.11 75.88 -87.99
N SER F 42 38.70 76.87 -87.20
CA SER F 42 39.20 77.03 -85.84
C SER F 42 38.06 77.38 -84.91
N PHE F 43 38.07 76.79 -83.72
CA PHE F 43 37.09 77.06 -82.67
C PHE F 43 37.82 77.51 -81.41
N VAL F 44 37.44 78.68 -80.90
CA VAL F 44 38.09 79.28 -79.75
C VAL F 44 37.02 79.74 -78.77
N ARG F 45 37.10 79.26 -77.54
CA ARG F 45 36.19 79.72 -76.46
C ARG F 45 34.74 79.57 -76.91
N SER F 46 34.43 78.51 -77.62
CA SER F 46 33.06 78.23 -77.99
C SER F 46 32.29 77.65 -76.81
N GLY F 47 30.97 77.77 -76.87
CA GLY F 47 30.11 77.31 -75.79
C GLY F 47 29.67 75.86 -75.98
N PHE F 48 30.42 75.11 -76.80
CA PHE F 48 30.10 73.72 -77.06
C PHE F 48 30.02 72.92 -75.77
N THR F 49 29.01 72.06 -75.68
CA THR F 49 28.98 71.07 -74.59
C THR F 49 29.97 69.95 -74.90
N GLU F 50 29.69 69.18 -75.95
CA GLU F 50 30.57 68.10 -76.41
C GLU F 50 30.75 68.23 -77.91
N ILE F 51 31.75 67.51 -78.43
CA ILE F 51 31.91 67.40 -79.87
C ILE F 51 30.76 66.58 -80.44
N SER F 52 30.22 67.03 -81.56
CA SER F 52 29.07 66.34 -82.15
C SER F 52 29.46 64.95 -82.63
N GLU F 53 28.61 63.97 -82.34
CA GLU F 53 28.86 62.61 -82.78
C GLU F 53 28.74 62.52 -84.30
N GLY F 54 29.77 61.97 -84.93
CA GLY F 54 29.80 61.94 -86.39
C GLY F 54 29.75 63.33 -87.01
N SER F 55 30.52 64.27 -86.46
CA SER F 55 30.44 65.65 -86.90
C SER F 55 31.23 65.85 -88.19
N PHE F 56 31.20 67.10 -88.69
CA PHE F 56 31.94 67.51 -89.88
C PHE F 56 31.60 66.63 -91.08
N LEU F 57 30.33 66.22 -91.16
CA LEU F 57 29.90 65.34 -92.25
C LEU F 57 29.68 66.12 -93.55
N PHE F 58 29.09 67.31 -93.46
CA PHE F 58 28.76 68.10 -94.64
C PHE F 58 29.92 68.95 -95.15
N THR F 59 31.07 68.95 -94.47
CA THR F 59 32.21 69.79 -94.81
C THR F 59 33.44 68.93 -95.08
N PRO F 60 33.48 68.21 -96.20
CA PRO F 60 34.64 67.35 -96.48
C PRO F 60 35.92 68.11 -96.75
N SER F 61 35.84 69.40 -97.05
CA SER F 61 36.93 70.13 -97.70
C SER F 61 37.97 70.68 -96.73
N LEU F 62 37.84 70.45 -95.42
CA LEU F 62 38.78 71.04 -94.48
C LEU F 62 40.05 70.21 -94.43
N GLN F 63 41.19 70.84 -94.76
CA GLN F 63 42.49 70.24 -94.51
C GLN F 63 43.04 70.52 -93.12
N LEU F 64 42.46 71.47 -92.39
CA LEU F 64 43.00 71.90 -91.10
C LEU F 64 41.85 72.17 -90.14
N LEU F 65 41.97 71.64 -88.93
CA LEU F 65 40.96 71.84 -87.89
C LEU F 65 41.67 72.04 -86.56
N LEU F 66 41.27 73.06 -85.80
CA LEU F 66 41.92 73.31 -84.51
C LEU F 66 40.90 73.79 -83.48
N PHE F 67 41.12 73.36 -82.23
CA PHE F 67 40.27 73.72 -81.10
C PHE F 67 41.15 74.21 -79.96
N THR F 68 40.85 75.39 -79.43
CA THR F 68 41.59 75.96 -78.31
C THR F 68 40.64 76.61 -77.33
N SER F 69 40.89 76.38 -76.04
CA SER F 69 40.19 77.06 -74.95
C SER F 69 38.69 76.77 -74.97
N ASN F 70 38.33 75.51 -75.17
CA ASN F 70 36.94 75.10 -75.13
C ASN F 70 36.71 74.14 -73.97
N SER F 71 35.45 73.72 -73.81
CA SER F 71 35.04 72.84 -72.72
C SER F 71 34.45 71.56 -73.31
N PHE F 72 35.13 70.44 -73.08
CA PHE F 72 34.67 69.14 -73.56
C PHE F 72 34.77 68.13 -72.41
N ASP F 73 33.63 67.51 -72.07
CA ASP F 73 33.67 66.40 -71.12
C ASP F 73 34.22 65.14 -71.78
N VAL F 74 33.73 64.83 -72.98
CA VAL F 74 34.13 63.62 -73.69
C VAL F 74 34.15 63.94 -75.18
N ILE F 75 35.12 63.38 -75.89
CA ILE F 75 35.21 63.50 -77.34
C ILE F 75 34.70 62.18 -77.93
N SER F 76 33.57 62.26 -78.61
CA SER F 76 32.77 61.09 -78.94
C SER F 76 33.44 60.23 -80.03
N ASP F 77 33.04 58.95 -80.06
CA ASP F 77 33.46 58.06 -81.12
C ASP F 77 33.07 58.60 -82.49
N ASP F 78 33.93 58.38 -83.48
CA ASP F 78 33.68 58.76 -84.86
C ASP F 78 33.34 60.25 -85.00
N ALA F 79 33.92 61.09 -84.14
CA ALA F 79 33.62 62.51 -84.18
C ALA F 79 34.14 63.16 -85.45
N PHE F 80 35.34 62.78 -85.89
CA PHE F 80 36.01 63.41 -87.00
C PHE F 80 35.78 62.72 -88.34
N ILE F 81 34.97 61.66 -88.38
CA ILE F 81 34.74 60.95 -89.64
C ILE F 81 34.09 61.90 -90.65
N GLY F 82 34.39 61.67 -91.93
CA GLY F 82 33.92 62.53 -92.99
C GLY F 82 34.89 63.59 -93.44
N LEU F 83 36.17 63.48 -93.07
CA LEU F 83 37.19 64.45 -93.45
C LEU F 83 38.33 63.71 -94.14
N PRO F 84 38.13 63.29 -95.39
CA PRO F 84 39.22 62.59 -96.10
C PRO F 84 40.39 63.49 -96.42
N HIS F 85 40.17 64.79 -96.54
CA HIS F 85 41.23 65.74 -96.89
C HIS F 85 41.88 66.36 -95.66
N LEU F 86 41.47 65.99 -94.45
CA LEU F 86 42.03 66.60 -93.25
C LEU F 86 43.49 66.17 -93.07
N GLU F 87 44.35 67.14 -92.77
CA GLU F 87 45.78 66.90 -92.61
C GLU F 87 46.27 67.34 -91.24
N TYR F 88 46.22 68.64 -90.93
CA TYR F 88 46.60 69.14 -89.63
C TYR F 88 45.38 69.23 -88.72
N LEU F 89 45.48 68.65 -87.53
CA LEU F 89 44.43 68.76 -86.51
C LEU F 89 45.07 69.09 -85.17
N PHE F 90 44.70 70.23 -84.59
CA PHE F 90 45.23 70.66 -83.30
C PHE F 90 44.08 70.79 -82.30
N ILE F 91 44.05 69.94 -81.28
CA ILE F 91 43.18 70.15 -80.14
C ILE F 91 44.08 70.42 -78.95
N GLU F 92 44.10 71.66 -78.45
CA GLU F 92 45.08 72.02 -77.45
C GLU F 92 44.54 73.15 -76.57
N ASN F 93 45.07 73.21 -75.34
CA ASN F 93 44.76 74.27 -74.40
C ASN F 93 43.27 74.33 -74.09
N ASN F 94 42.69 73.17 -73.78
CA ASN F 94 41.30 73.05 -73.35
C ASN F 94 41.27 72.36 -71.99
N ASN F 95 40.06 72.12 -71.48
CA ASN F 95 39.87 71.26 -70.32
C ASN F 95 39.02 70.08 -70.76
N ILE F 96 39.61 68.88 -70.74
CA ILE F 96 38.94 67.65 -71.14
C ILE F 96 39.39 66.55 -70.19
N LYS F 97 38.47 65.66 -69.85
CA LYS F 97 38.79 64.53 -68.96
C LYS F 97 39.15 63.30 -69.78
N SER F 98 38.18 62.75 -70.51
CA SER F 98 38.37 61.54 -71.30
C SER F 98 37.94 61.78 -72.73
N ILE F 99 38.55 61.01 -73.64
CA ILE F 99 38.17 60.99 -75.05
C ILE F 99 37.90 59.55 -75.45
N SER F 100 37.09 59.38 -76.48
CA SER F 100 36.69 58.05 -76.91
C SER F 100 37.81 57.37 -77.71
N ARG F 101 37.80 56.04 -77.68
CA ARG F 101 38.86 55.26 -78.32
C ARG F 101 38.80 55.34 -79.84
N HIS F 102 37.60 55.42 -80.41
CA HIS F 102 37.41 55.47 -81.85
C HIS F 102 37.33 56.89 -82.40
N THR F 103 37.51 57.91 -81.56
CA THR F 103 37.38 59.31 -81.99
C THR F 103 38.16 59.59 -83.27
N PHE F 104 39.41 59.15 -83.33
CA PHE F 104 40.26 59.47 -84.47
C PHE F 104 40.06 58.53 -85.65
N ARG F 105 39.20 57.53 -85.53
CA ARG F 105 38.83 56.72 -86.67
C ARG F 105 38.27 57.60 -87.79
N GLY F 106 38.60 57.25 -89.02
CA GLY F 106 38.07 57.92 -90.19
C GLY F 106 39.02 58.84 -90.90
N LEU F 107 40.15 59.21 -90.29
CA LEU F 107 41.17 59.99 -90.98
C LEU F 107 42.39 59.09 -91.19
N LYS F 108 42.65 58.72 -92.45
CA LYS F 108 43.94 58.20 -92.83
C LYS F 108 44.89 59.28 -93.33
N SER F 109 44.40 60.50 -93.52
CA SER F 109 45.18 61.59 -94.09
C SER F 109 45.82 62.47 -93.03
N LEU F 110 45.62 62.17 -91.75
CA LEU F 110 46.10 63.07 -90.71
C LEU F 110 47.62 63.02 -90.62
N ILE F 111 48.23 64.20 -90.71
CA ILE F 111 49.68 64.32 -90.71
C ILE F 111 50.14 64.80 -89.33
N HIS F 112 49.77 66.02 -88.98
CA HIS F 112 50.13 66.62 -87.70
C HIS F 112 48.92 66.58 -86.77
N LEU F 113 49.15 66.14 -85.52
CA LEU F 113 48.10 66.06 -84.52
C LEU F 113 48.64 66.56 -83.20
N SER F 114 47.90 67.46 -82.54
CA SER F 114 48.33 68.00 -81.26
C SER F 114 47.20 67.84 -80.25
N LEU F 115 47.45 67.02 -79.23
CA LEU F 115 46.64 66.95 -78.01
C LEU F 115 47.19 67.82 -76.88
N ALA F 116 48.26 68.57 -77.13
CA ALA F 116 49.06 69.13 -76.05
C ALA F 116 48.28 70.12 -75.18
N ASN F 117 48.66 70.15 -73.89
CA ASN F 117 48.33 71.20 -72.94
C ASN F 117 46.84 71.35 -72.65
N ASN F 118 46.03 70.31 -72.84
CA ASN F 118 44.68 70.31 -72.28
C ASN F 118 44.59 69.60 -70.93
N ASN F 119 45.71 69.09 -70.40
CA ASN F 119 45.74 68.40 -69.12
C ASN F 119 44.84 67.16 -69.12
N LEU F 120 44.97 66.36 -70.17
CA LEU F 120 44.26 65.08 -70.23
C LEU F 120 44.80 64.13 -69.18
N GLN F 121 43.91 63.55 -68.37
CA GLN F 121 44.35 62.67 -67.30
C GLN F 121 44.83 61.33 -67.83
N THR F 122 44.22 60.83 -68.91
CA THR F 122 44.61 59.55 -69.47
C THR F 122 44.22 59.52 -70.95
N LEU F 123 44.82 58.58 -71.67
CA LEU F 123 44.50 58.34 -73.08
C LEU F 123 44.08 56.90 -73.30
N PRO F 124 43.13 56.65 -74.19
CA PRO F 124 42.65 55.28 -74.41
C PRO F 124 43.64 54.46 -75.24
N LYS F 125 43.55 53.14 -75.05
CA LYS F 125 44.35 52.22 -75.83
C LYS F 125 43.98 52.30 -77.30
N ASP F 126 45.00 52.26 -78.17
CA ASP F 126 44.83 52.26 -79.62
C ASP F 126 44.03 53.47 -80.11
N ILE F 127 44.20 54.61 -79.45
CA ILE F 127 43.58 55.84 -79.95
C ILE F 127 44.27 56.28 -81.24
N PHE F 128 45.56 55.99 -81.38
CA PHE F 128 46.32 56.31 -82.58
C PHE F 128 46.33 55.18 -83.59
N LYS F 129 45.69 54.05 -83.29
CA LYS F 129 45.57 52.97 -84.25
C LYS F 129 44.69 53.42 -85.42
N GLY F 130 45.15 53.15 -86.64
CA GLY F 130 44.41 53.47 -87.84
C GLY F 130 44.91 54.65 -88.63
N LEU F 131 45.80 55.47 -88.08
CA LEU F 131 46.40 56.58 -88.83
C LEU F 131 47.81 56.16 -89.24
N ASP F 132 48.01 55.92 -90.53
CA ASP F 132 49.33 55.61 -91.06
C ASP F 132 50.10 56.84 -91.54
N SER F 133 49.46 58.00 -91.58
CA SER F 133 50.07 59.21 -92.11
C SER F 133 50.70 60.09 -91.03
N LEU F 134 50.65 59.66 -89.78
CA LEU F 134 51.05 60.53 -88.68
C LEU F 134 52.55 60.78 -88.69
N THR F 135 52.94 62.05 -88.57
CA THR F 135 54.34 62.43 -88.52
C THR F 135 54.69 63.03 -87.17
N ASN F 136 54.12 64.17 -86.81
CA ASN F 136 54.31 64.79 -85.51
C ASN F 136 53.04 64.66 -84.68
N VAL F 137 53.19 64.32 -83.41
CA VAL F 137 52.08 64.31 -82.46
C VAL F 137 52.58 64.90 -81.15
N ASP F 138 51.83 65.85 -80.61
CA ASP F 138 52.25 66.59 -79.42
C ASP F 138 51.32 66.24 -78.26
N LEU F 139 51.86 65.51 -77.28
CA LEU F 139 51.20 65.21 -76.02
C LEU F 139 51.56 66.16 -74.89
N ARG F 140 52.41 67.16 -75.15
CA ARG F 140 53.08 67.91 -74.09
C ARG F 140 52.10 68.71 -73.26
N GLY F 141 52.52 69.01 -72.03
CA GLY F 141 51.75 69.88 -71.16
C GLY F 141 50.48 69.26 -70.64
N ASN F 142 50.42 67.93 -70.57
CA ASN F 142 49.26 67.22 -70.06
C ASN F 142 49.61 66.56 -68.75
N SER F 143 48.62 66.42 -67.88
CA SER F 143 48.84 65.77 -66.59
C SER F 143 48.48 64.30 -66.77
N PHE F 144 49.48 63.44 -66.69
CA PHE F 144 49.37 62.04 -67.10
C PHE F 144 49.63 61.18 -65.87
N ASN F 145 48.60 60.45 -65.43
CA ASN F 145 48.82 59.39 -64.47
C ASN F 145 49.33 58.18 -65.23
N CYS F 146 50.52 57.71 -64.87
CA CYS F 146 51.15 56.61 -65.58
C CYS F 146 50.81 55.32 -64.83
N ASP F 147 50.01 54.48 -65.47
CA ASP F 147 49.47 53.30 -64.82
C ASP F 147 49.14 52.29 -65.92
N CYS F 148 48.45 51.21 -65.52
CA CYS F 148 48.07 50.17 -66.46
C CYS F 148 47.29 50.71 -67.65
N LYS F 149 46.45 51.73 -67.43
CA LYS F 149 45.65 52.26 -68.53
C LYS F 149 46.53 52.91 -69.60
N LEU F 150 47.64 53.53 -69.21
CA LEU F 150 48.55 54.14 -70.16
C LEU F 150 49.71 53.24 -70.57
N LYS F 151 49.74 51.98 -70.10
CA LYS F 151 50.86 51.10 -70.42
C LYS F 151 51.07 50.94 -71.92
N TRP F 152 49.99 51.06 -72.71
CA TRP F 152 50.13 50.97 -74.15
C TRP F 152 51.02 52.08 -74.71
N LEU F 153 50.97 53.26 -74.09
CA LEU F 153 51.70 54.41 -74.62
C LEU F 153 53.21 54.23 -74.46
N VAL F 154 53.64 53.48 -73.44
CA VAL F 154 55.07 53.27 -73.24
C VAL F 154 55.67 52.48 -74.40
N GLU F 155 54.98 51.42 -74.82
CA GLU F 155 55.44 50.66 -75.98
C GLU F 155 55.22 51.43 -77.27
N TRP F 156 54.11 52.16 -77.35
CA TRP F 156 53.80 52.91 -78.56
C TRP F 156 54.88 53.96 -78.84
N LEU F 157 55.40 54.60 -77.80
CA LEU F 157 56.45 55.61 -78.01
C LEU F 157 57.71 54.99 -78.59
N GLY F 158 57.98 53.71 -78.30
CA GLY F 158 59.13 53.05 -78.85
C GLY F 158 58.91 52.43 -80.21
N HIS F 159 57.66 52.08 -80.53
CA HIS F 159 57.36 51.37 -81.77
C HIS F 159 56.93 52.30 -82.92
N THR F 160 56.85 53.61 -82.71
CA THR F 160 56.27 54.50 -83.69
C THR F 160 57.35 55.17 -84.54
N ASN F 161 57.05 55.33 -85.84
CA ASN F 161 57.89 56.10 -86.74
C ASN F 161 57.74 57.59 -86.54
N ALA F 162 56.64 58.03 -85.93
CA ALA F 162 56.34 59.45 -85.79
C ALA F 162 57.30 60.12 -84.81
N THR F 163 57.42 61.43 -84.95
CA THR F 163 58.25 62.23 -84.06
C THR F 163 57.40 62.73 -82.89
N VAL F 164 57.81 62.39 -81.67
CA VAL F 164 57.10 62.76 -80.46
C VAL F 164 58.08 63.42 -79.50
N GLU F 165 57.73 64.61 -79.02
CA GLU F 165 58.56 65.26 -78.02
C GLU F 165 58.38 64.58 -76.67
N ASP F 166 59.37 64.75 -75.80
CA ASP F 166 59.37 64.09 -74.51
C ASP F 166 58.20 64.53 -73.65
N ILE F 167 57.56 63.55 -73.00
CA ILE F 167 56.47 63.80 -72.07
C ILE F 167 56.79 63.09 -70.76
N TYR F 168 56.20 63.60 -69.68
CA TYR F 168 56.56 63.19 -68.33
C TYR F 168 55.34 62.74 -67.55
N CYS F 169 55.58 61.85 -66.57
CA CYS F 169 54.52 61.29 -65.74
C CYS F 169 54.26 62.21 -64.55
N GLU F 170 53.04 62.72 -64.45
CA GLU F 170 52.66 63.49 -63.27
C GLU F 170 52.34 62.60 -62.07
N GLY F 171 51.86 61.39 -62.31
CA GLY F 171 51.49 60.48 -61.24
C GLY F 171 51.62 59.03 -61.64
N PRO F 172 51.69 58.12 -60.65
CA PRO F 172 51.60 58.38 -59.21
C PRO F 172 52.87 59.04 -58.66
N PRO F 173 52.77 59.65 -57.48
CA PRO F 173 53.94 60.35 -56.91
C PRO F 173 55.14 59.46 -56.69
N GLU F 174 54.97 58.13 -56.66
CA GLU F 174 56.09 57.22 -56.47
C GLU F 174 57.25 57.54 -57.41
N TYR F 175 56.96 57.73 -58.69
CA TYR F 175 57.92 58.26 -59.65
C TYR F 175 57.24 59.37 -60.43
N LYS F 176 57.77 60.59 -60.30
CA LYS F 176 57.19 61.77 -60.93
C LYS F 176 58.27 62.46 -61.76
N LYS F 177 57.82 63.17 -62.80
CA LYS F 177 58.73 63.78 -63.76
C LYS F 177 59.66 62.73 -64.36
N ARG F 178 59.10 61.56 -64.60
CA ARG F 178 59.80 60.47 -65.27
C ARG F 178 59.41 60.44 -66.74
N LYS F 179 60.38 60.15 -67.60
CA LYS F 179 60.10 60.05 -69.01
C LYS F 179 59.27 58.81 -69.28
N ILE F 180 58.12 58.99 -69.94
CA ILE F 180 57.29 57.85 -70.31
C ILE F 180 58.05 56.92 -71.24
N ASN F 181 58.99 57.47 -72.02
CA ASN F 181 59.81 56.66 -72.91
C ASN F 181 60.80 55.78 -72.15
N SER F 182 61.09 56.10 -70.90
CA SER F 182 62.12 55.40 -70.12
C SER F 182 61.57 54.21 -69.34
N LEU F 183 60.28 53.91 -69.45
CA LEU F 183 59.68 52.84 -68.68
C LEU F 183 59.80 51.51 -69.41
N SER F 184 60.09 50.46 -68.66
CA SER F 184 60.23 49.11 -69.19
C SER F 184 58.93 48.34 -69.02
N SER F 185 58.95 47.06 -69.45
CA SER F 185 57.82 46.18 -69.19
C SER F 185 57.59 45.97 -67.70
N LYS F 186 58.59 46.26 -66.88
CA LYS F 186 58.42 46.22 -65.43
C LYS F 186 57.65 47.45 -64.96
N ASP F 187 57.51 47.57 -63.65
CA ASP F 187 56.76 48.66 -63.01
C ASP F 187 55.28 48.62 -63.37
N PHE F 188 54.74 47.43 -63.62
CA PHE F 188 53.33 47.27 -63.91
C PHE F 188 52.76 46.12 -63.10
N ASP F 189 51.76 46.41 -62.28
CA ASP F 189 51.08 45.46 -61.42
C ASP F 189 49.85 44.83 -62.06
N CYS F 190 49.59 45.15 -63.32
CA CYS F 190 48.25 45.06 -63.93
C CYS F 190 47.61 43.69 -63.85
N ILE F 191 48.39 42.61 -63.65
CA ILE F 191 47.79 41.28 -63.60
C ILE F 191 46.91 41.17 -62.36
N ILE F 192 45.65 40.80 -62.58
CA ILE F 192 44.68 40.63 -61.47
C ILE F 192 43.82 39.38 -61.73
N THR F 193 43.55 38.60 -60.69
CA THR F 193 42.73 37.40 -60.78
C THR F 193 41.47 37.58 -59.93
N GLU F 194 40.35 37.03 -60.40
CA GLU F 194 39.07 37.16 -59.73
C GLU F 194 38.27 35.88 -59.87
N PHE F 195 37.24 35.75 -59.02
CA PHE F 195 36.26 34.68 -59.10
C PHE F 195 34.89 35.30 -59.36
N ALA F 196 34.24 34.88 -60.43
CA ALA F 196 32.92 35.38 -60.79
C ALA F 196 31.91 34.24 -60.85
N LYS F 197 30.66 34.56 -60.57
CA LYS F 197 29.61 33.54 -60.53
C LYS F 197 29.25 33.08 -61.94
N SER F 198 29.25 31.76 -62.14
CA SER F 198 28.87 31.17 -63.43
C SER F 198 27.43 30.68 -63.39
N GLN F 199 27.18 29.67 -62.57
CA GLN F 199 25.91 28.95 -62.55
C GLN F 199 25.50 28.73 -61.10
N ASP F 200 24.20 28.53 -60.89
CA ASP F 200 23.66 28.21 -59.57
C ASP F 200 22.90 26.88 -59.67
N LEU F 201 23.39 25.87 -58.96
CA LEU F 201 22.75 24.56 -58.97
C LEU F 201 21.77 24.50 -57.80
N PRO F 202 20.43 24.38 -58.06
CA PRO F 202 19.43 24.55 -56.99
C PRO F 202 19.26 23.32 -56.11
N TYR F 203 20.36 22.87 -55.50
CA TYR F 203 20.28 21.76 -54.56
C TYR F 203 21.44 21.84 -53.58
N GLN F 204 21.25 21.19 -52.43
CA GLN F 204 22.28 21.13 -51.40
C GLN F 204 23.44 20.25 -51.85
N SER F 205 24.60 20.47 -51.22
CA SER F 205 25.80 19.75 -51.61
C SER F 205 26.66 19.53 -50.37
N LEU F 206 27.52 18.50 -50.44
CA LEU F 206 28.45 18.23 -49.35
C LEU F 206 29.88 18.13 -49.86
N SER F 207 30.16 17.11 -50.67
CA SER F 207 31.48 16.91 -51.26
C SER F 207 31.39 16.97 -52.78
N ILE F 208 32.44 17.48 -53.40
CA ILE F 208 32.52 17.61 -54.86
C ILE F 208 33.90 17.16 -55.32
N ASP F 209 33.94 16.26 -56.30
CA ASP F 209 35.18 15.72 -56.82
C ASP F 209 35.13 15.71 -58.34
N THR F 210 36.31 15.66 -58.96
CA THR F 210 36.43 15.64 -60.42
C THR F 210 37.29 14.46 -60.85
N PHE F 211 37.03 13.98 -62.06
CA PHE F 211 37.82 12.90 -62.64
C PHE F 211 37.88 13.10 -64.15
N SER F 212 38.88 12.49 -64.76
CA SER F 212 39.06 12.54 -66.20
C SER F 212 38.83 11.14 -66.76
N TYR F 213 37.75 10.97 -67.51
CA TYR F 213 37.41 9.72 -68.15
C TYR F 213 37.42 9.92 -69.66
N LEU F 214 38.13 9.05 -70.37
CA LEU F 214 38.49 9.26 -71.78
C LEU F 214 39.21 10.61 -71.86
N ASN F 215 38.92 11.45 -72.85
CA ASN F 215 39.49 12.78 -72.87
C ASN F 215 38.74 13.74 -71.94
N ASP F 216 37.43 13.54 -71.77
CA ASP F 216 36.58 14.54 -71.14
C ASP F 216 36.74 14.57 -69.62
N GLU F 217 36.45 15.73 -69.05
CA GLU F 217 36.49 15.95 -67.61
C GLU F 217 35.07 16.00 -67.06
N TYR F 218 34.84 15.29 -65.96
CA TYR F 218 33.55 15.26 -65.30
C TYR F 218 33.74 15.55 -63.82
N VAL F 219 32.64 15.89 -63.14
CA VAL F 219 32.65 16.14 -61.71
C VAL F 219 31.44 15.48 -61.07
N VAL F 220 31.56 15.16 -59.78
CA VAL F 220 30.54 14.43 -59.04
C VAL F 220 30.17 15.25 -57.80
N ILE F 221 28.87 15.35 -57.54
CA ILE F 221 28.36 16.08 -56.39
C ILE F 221 27.53 15.12 -55.55
N ALA F 222 27.82 15.07 -54.25
CA ALA F 222 27.06 14.25 -53.32
C ALA F 222 26.00 15.12 -52.64
N GLN F 223 24.72 14.83 -52.92
CA GLN F 223 23.62 15.53 -52.27
C GLN F 223 23.13 14.67 -51.12
N PRO F 224 23.37 15.06 -49.86
CA PRO F 224 23.00 14.18 -48.75
C PRO F 224 21.50 13.98 -48.57
N PHE F 225 20.71 15.04 -48.81
CA PHE F 225 19.30 14.98 -48.40
C PHE F 225 18.44 14.19 -49.38
N THR F 226 18.65 14.37 -50.69
CA THR F 226 17.90 13.58 -51.65
C THR F 226 18.48 12.21 -51.86
N GLY F 227 19.67 11.94 -51.33
CA GLY F 227 20.29 10.64 -51.46
C GLY F 227 20.68 10.33 -52.89
N LYS F 228 21.42 11.24 -53.52
CA LYS F 228 21.82 11.09 -54.90
C LYS F 228 23.30 11.41 -55.05
N CYS F 229 23.97 10.64 -55.88
CA CYS F 229 25.33 10.91 -56.32
C CYS F 229 25.20 11.48 -57.73
N ILE F 230 25.51 12.76 -57.88
CA ILE F 230 25.16 13.52 -59.08
C ILE F 230 26.39 13.68 -59.95
N PHE F 231 26.38 13.05 -61.12
CA PHE F 231 27.42 13.23 -62.14
C PHE F 231 26.93 14.26 -63.14
N LEU F 232 27.65 15.36 -63.27
CA LEU F 232 27.33 16.37 -64.28
C LEU F 232 28.53 16.63 -65.17
N GLU F 233 28.25 16.92 -66.44
CA GLU F 233 29.24 16.99 -67.49
C GLU F 233 29.14 18.33 -68.20
N TRP F 234 30.28 18.80 -68.72
CA TRP F 234 30.34 20.10 -69.37
C TRP F 234 29.70 20.04 -70.75
N ASP F 235 28.73 20.93 -70.98
CA ASP F 235 28.06 21.05 -72.26
C ASP F 235 28.78 22.12 -73.07
N HIS F 236 29.41 21.72 -74.17
CA HIS F 236 30.12 22.68 -75.01
C HIS F 236 29.17 23.53 -75.82
N VAL F 237 28.05 22.95 -76.26
CA VAL F 237 27.09 23.69 -77.07
C VAL F 237 26.46 24.82 -76.26
N GLU F 238 26.00 24.52 -75.06
CA GLU F 238 25.32 25.51 -74.22
C GLU F 238 26.26 26.29 -73.31
N LYS F 239 27.54 25.92 -73.25
CA LYS F 239 28.54 26.60 -72.42
C LYS F 239 28.12 26.68 -70.96
N THR F 240 27.47 25.63 -70.46
CA THR F 240 27.14 25.50 -69.05
C THR F 240 27.40 24.06 -68.62
N PHE F 241 27.13 23.78 -67.35
CA PHE F 241 27.24 22.43 -66.81
C PHE F 241 25.86 21.77 -66.81
N ARG F 242 25.81 20.52 -67.26
CA ARG F 242 24.57 19.75 -67.33
C ARG F 242 24.80 18.38 -66.71
N ASN F 243 23.80 17.87 -66.00
CA ASN F 243 23.91 16.61 -65.27
C ASN F 243 23.37 15.49 -66.15
N TYR F 244 24.26 14.60 -66.59
CA TYR F 244 23.88 13.48 -67.43
C TYR F 244 23.54 12.19 -66.70
N ASP F 245 23.81 12.10 -65.39
CA ASP F 245 23.54 10.84 -64.70
C ASP F 245 23.48 11.03 -63.20
N ASN F 246 22.79 10.10 -62.53
CA ASN F 246 22.70 10.05 -61.08
C ASN F 246 23.05 8.65 -60.61
N ILE F 247 23.46 8.56 -59.34
CA ILE F 247 23.53 7.31 -58.61
C ILE F 247 22.77 7.51 -57.31
N THR F 248 21.68 6.79 -57.13
CA THR F 248 20.74 7.04 -56.04
C THR F 248 20.93 6.04 -54.91
N GLY F 249 21.25 6.55 -53.72
CA GLY F 249 21.10 5.79 -52.51
C GLY F 249 20.96 6.75 -51.34
N THR F 250 20.34 6.25 -50.28
CA THR F 250 19.84 7.15 -49.24
C THR F 250 20.98 7.74 -48.42
N SER F 251 20.90 9.05 -48.18
CA SER F 251 21.83 9.78 -47.30
C SER F 251 23.28 9.58 -47.72
N THR F 252 23.54 9.85 -49.00
CA THR F 252 24.90 9.74 -49.52
C THR F 252 25.76 10.89 -48.99
N VAL F 253 26.99 10.56 -48.59
CA VAL F 253 27.89 11.53 -47.97
C VAL F 253 29.01 11.94 -48.91
N VAL F 254 29.88 10.98 -49.25
CA VAL F 254 31.05 11.23 -50.08
C VAL F 254 30.94 10.38 -51.33
N CYS F 255 31.19 10.99 -52.49
CA CYS F 255 31.30 10.27 -53.77
C CYS F 255 32.69 10.50 -54.32
N LYS F 256 33.51 9.44 -54.38
CA LYS F 256 34.88 9.56 -54.86
C LYS F 256 35.08 8.77 -56.16
N PRO F 257 35.26 9.43 -57.29
CA PRO F 257 35.65 8.71 -58.51
C PRO F 257 37.11 8.31 -58.49
N ILE F 258 37.39 7.17 -59.13
CA ILE F 258 38.75 6.75 -59.44
C ILE F 258 38.75 6.04 -60.79
N VAL F 259 39.87 6.15 -61.50
CA VAL F 259 40.05 5.48 -62.79
C VAL F 259 41.28 4.58 -62.68
N ILE F 260 41.07 3.28 -62.86
CA ILE F 260 42.15 2.29 -62.84
C ILE F 260 42.17 1.62 -64.21
N GLU F 261 43.24 1.84 -64.96
CA GLU F 261 43.44 1.25 -66.29
C GLU F 261 42.23 1.49 -67.19
N THR F 262 42.01 2.77 -67.49
CA THR F 262 40.95 3.21 -68.41
C THR F 262 39.58 2.68 -68.01
N GLN F 263 39.35 2.52 -66.71
CA GLN F 263 38.08 2.02 -66.21
C GLN F 263 37.66 2.83 -64.99
N LEU F 264 36.42 3.30 -65.00
CA LEU F 264 35.93 4.21 -63.97
C LEU F 264 35.28 3.43 -62.84
N TYR F 265 35.76 3.64 -61.62
CA TYR F 265 35.15 3.11 -60.42
C TYR F 265 34.74 4.27 -59.51
N VAL F 266 33.56 4.15 -58.92
CA VAL F 266 33.03 5.18 -58.03
C VAL F 266 32.75 4.55 -56.68
N ILE F 267 33.20 5.22 -55.62
CA ILE F 267 32.90 4.80 -54.26
C ILE F 267 31.90 5.78 -53.67
N VAL F 268 30.73 5.27 -53.31
CA VAL F 268 29.75 6.06 -52.58
C VAL F 268 29.73 5.55 -51.14
N ALA F 269 29.52 6.49 -50.22
CA ALA F 269 29.44 6.17 -48.80
C ALA F 269 28.20 6.85 -48.24
N GLN F 270 27.35 6.08 -47.57
CA GLN F 270 26.10 6.57 -47.03
C GLN F 270 26.04 6.31 -45.53
N LEU F 271 25.23 7.11 -44.85
CA LEU F 271 24.92 6.87 -43.44
C LEU F 271 23.77 5.89 -43.28
N PHE F 272 23.04 5.58 -44.35
CA PHE F 272 21.97 4.60 -44.33
C PHE F 272 22.28 3.54 -45.38
N GLY F 273 22.17 2.28 -44.99
CA GLY F 273 22.67 1.23 -45.83
C GLY F 273 24.17 1.15 -45.75
N GLY F 274 24.73 0.29 -46.60
CA GLY F 274 26.16 0.11 -46.61
C GLY F 274 26.85 1.01 -47.60
N SER F 275 28.18 1.01 -47.52
CA SER F 275 28.99 1.64 -48.55
C SER F 275 29.07 0.72 -49.75
N HIS F 276 28.96 1.31 -50.95
CA HIS F 276 28.90 0.54 -52.18
C HIS F 276 29.97 1.01 -53.16
N ILE F 277 30.36 0.12 -54.06
CA ILE F 277 31.33 0.42 -55.11
C ILE F 277 30.65 0.20 -56.45
N TYR F 278 30.74 1.20 -57.33
CA TYR F 278 30.16 1.12 -58.66
C TYR F 278 31.25 1.17 -59.72
N LYS F 279 30.98 0.52 -60.85
CA LYS F 279 31.86 0.55 -62.01
C LYS F 279 31.03 0.91 -63.23
N ARG F 280 31.61 1.73 -64.11
CA ARG F 280 30.91 2.13 -65.33
C ARG F 280 31.01 1.00 -66.36
N ASP F 281 29.87 0.67 -66.98
CA ASP F 281 29.87 -0.37 -67.99
C ASP F 281 30.49 0.17 -69.27
N SER F 282 31.43 -0.60 -69.85
CA SER F 282 32.05 -0.19 -71.10
C SER F 282 31.02 0.11 -72.17
N PHE F 283 29.95 -0.68 -72.22
CA PHE F 283 28.88 -0.50 -73.19
C PHE F 283 27.64 0.09 -72.53
N ALA F 284 27.05 1.07 -73.20
CA ALA F 284 25.82 1.75 -72.79
C ALA F 284 25.97 2.47 -71.43
N ASN F 285 27.20 2.83 -71.06
CA ASN F 285 27.48 3.91 -70.12
C ASN F 285 26.62 3.85 -68.85
N LYS F 286 26.39 2.65 -68.34
CA LYS F 286 25.60 2.46 -67.13
C LYS F 286 26.51 2.13 -65.96
N PHE F 287 26.16 2.66 -64.78
CA PHE F 287 26.85 2.27 -63.56
C PHE F 287 26.30 0.94 -63.06
N ILE F 288 27.20 0.06 -62.63
CA ILE F 288 26.84 -1.26 -62.15
C ILE F 288 27.42 -1.42 -60.75
N LYS F 289 26.56 -1.79 -59.80
CA LYS F 289 27.03 -2.01 -58.44
C LYS F 289 27.82 -3.31 -58.38
N ILE F 290 29.04 -3.22 -57.88
CA ILE F 290 29.95 -4.37 -57.82
C ILE F 290 29.96 -4.94 -56.41
N GLN F 291 30.47 -4.14 -55.46
CA GLN F 291 30.71 -4.60 -54.11
C GLN F 291 29.82 -3.86 -53.12
N ASP F 292 29.52 -4.51 -52.01
CA ASP F 292 28.86 -3.91 -50.87
C ASP F 292 29.80 -4.03 -49.67
N ILE F 293 30.09 -2.91 -49.03
CA ILE F 293 30.93 -2.92 -47.84
C ILE F 293 30.07 -3.25 -46.63
N GLU F 294 30.58 -4.11 -45.76
CA GLU F 294 29.79 -4.60 -44.63
C GLU F 294 29.28 -3.45 -43.78
N ILE F 295 27.98 -3.48 -43.47
CA ILE F 295 27.39 -2.43 -42.67
C ILE F 295 27.92 -2.46 -41.25
N LEU F 296 28.39 -3.62 -40.79
CA LEU F 296 28.95 -3.74 -39.45
C LEU F 296 30.35 -3.14 -39.39
N LYS F 297 31.14 -3.30 -40.44
CA LYS F 297 32.52 -2.85 -40.43
C LYS F 297 32.65 -1.34 -40.63
N ILE F 298 31.82 -0.76 -41.52
CA ILE F 298 31.80 0.67 -41.76
C ILE F 298 30.38 1.16 -41.51
N ARG F 299 30.22 2.01 -40.50
CA ARG F 299 28.92 2.38 -39.97
C ARG F 299 28.50 3.79 -40.41
N LYS F 300 29.19 4.84 -39.96
CA LYS F 300 28.84 6.21 -40.33
C LYS F 300 30.08 7.00 -40.76
N PRO F 301 30.69 6.63 -41.88
CA PRO F 301 31.85 7.41 -42.37
C PRO F 301 31.41 8.80 -42.82
N ASN F 302 32.13 9.82 -42.37
CA ASN F 302 31.95 11.16 -42.92
C ASN F 302 32.98 11.56 -43.99
N ASP F 303 33.97 10.73 -44.31
CA ASP F 303 34.95 11.12 -45.31
C ASP F 303 35.57 9.92 -46.02
N ILE F 304 36.05 10.16 -47.23
CA ILE F 304 36.79 9.19 -48.04
C ILE F 304 37.96 9.89 -48.74
N GLU F 305 39.13 9.25 -48.76
CA GLU F 305 40.30 9.78 -49.44
C GLU F 305 40.91 8.70 -50.33
N THR F 306 41.37 9.11 -51.51
CA THR F 306 41.92 8.21 -52.53
C THR F 306 43.42 8.43 -52.68
N PHE F 307 44.18 7.33 -52.68
CA PHE F 307 45.61 7.43 -52.91
C PHE F 307 46.14 6.18 -53.61
N LYS F 308 47.12 6.37 -54.49
CA LYS F 308 47.81 5.29 -55.18
C LYS F 308 49.25 5.27 -54.68
N ILE F 309 49.68 4.12 -54.15
CA ILE F 309 51.02 3.97 -53.58
C ILE F 309 51.74 2.90 -54.37
N GLU F 310 52.79 3.30 -55.08
CA GLU F 310 53.73 2.39 -55.76
C GLU F 310 52.99 1.35 -56.59
N ASN F 311 52.34 1.84 -57.65
CA ASN F 311 51.66 0.99 -58.64
C ASN F 311 50.55 0.15 -58.00
N ASN F 312 49.99 0.63 -56.90
CA ASN F 312 48.88 -0.03 -56.24
C ASN F 312 47.89 1.03 -55.77
N TRP F 313 46.60 0.80 -56.04
CA TRP F 313 45.55 1.71 -55.64
C TRP F 313 45.04 1.35 -54.24
N TYR F 314 44.85 2.38 -53.42
CA TYR F 314 44.32 2.23 -52.07
C TYR F 314 43.25 3.28 -51.82
N PHE F 315 42.29 2.95 -50.97
CA PHE F 315 41.22 3.87 -50.64
C PHE F 315 40.87 3.72 -49.16
N VAL F 316 40.70 4.85 -48.49
CA VAL F 316 40.63 4.91 -47.03
C VAL F 316 39.35 5.63 -46.61
N VAL F 317 38.72 5.13 -45.55
CA VAL F 317 37.43 5.61 -45.09
C VAL F 317 37.57 6.10 -43.65
N ALA F 318 37.17 7.34 -43.41
CA ALA F 318 37.17 7.89 -42.06
C ALA F 318 35.80 7.66 -41.43
N ASP F 319 35.77 6.86 -40.36
CA ASP F 319 34.53 6.43 -39.74
C ASP F 319 34.29 7.25 -38.48
N SER F 320 33.26 8.09 -38.49
CA SER F 320 32.99 8.97 -37.37
C SER F 320 32.27 8.28 -36.22
N SER F 321 31.82 7.05 -36.41
CA SER F 321 31.23 6.28 -35.32
C SER F 321 32.32 5.64 -34.47
N LYS F 322 32.04 5.54 -33.17
CA LYS F 322 33.00 4.93 -32.26
C LYS F 322 33.18 3.44 -32.56
N ALA F 323 32.09 2.76 -32.95
CA ALA F 323 32.18 1.33 -33.22
C ALA F 323 32.95 1.06 -34.51
N GLY F 324 32.60 1.77 -35.58
CA GLY F 324 33.29 1.57 -36.84
C GLY F 324 34.71 2.08 -36.81
N PHE F 325 35.57 1.45 -37.60
CA PHE F 325 37.00 1.74 -37.64
C PHE F 325 37.35 2.41 -38.96
N THR F 326 38.35 3.28 -38.91
CA THR F 326 38.91 3.83 -40.14
C THR F 326 39.68 2.72 -40.85
N THR F 327 39.33 2.46 -42.11
CA THR F 327 39.79 1.27 -42.80
C THR F 327 40.39 1.65 -44.15
N ILE F 328 41.43 0.93 -44.54
CA ILE F 328 42.08 1.08 -45.84
C ILE F 328 41.78 -0.17 -46.65
N TYR F 329 41.46 0.02 -47.93
CA TYR F 329 41.09 -1.07 -48.82
C TYR F 329 42.08 -1.13 -49.97
N LYS F 330 42.88 -2.20 -50.03
CA LYS F 330 43.71 -2.48 -51.19
C LYS F 330 42.84 -2.99 -52.33
N TRP F 331 43.36 -2.84 -53.55
CA TRP F 331 42.62 -3.21 -54.75
C TRP F 331 43.39 -4.29 -55.50
N ASN F 332 42.81 -5.49 -55.56
CA ASN F 332 43.27 -6.52 -56.48
C ASN F 332 42.49 -6.37 -57.80
N GLY F 333 42.64 -7.33 -58.70
CA GLY F 333 42.00 -7.20 -60.01
C GLY F 333 40.51 -6.99 -59.94
N ASN F 334 39.81 -7.82 -59.15
CA ASN F 334 38.35 -7.83 -59.19
C ASN F 334 37.72 -6.66 -58.43
N GLY F 335 38.23 -6.32 -57.27
CA GLY F 335 37.55 -5.30 -56.47
C GLY F 335 38.37 -4.83 -55.29
N PHE F 336 37.72 -4.05 -54.43
CA PHE F 336 38.32 -3.50 -53.23
C PHE F 336 38.02 -4.36 -52.02
N TYR F 337 39.04 -4.59 -51.20
CA TYR F 337 38.92 -5.48 -50.06
C TYR F 337 39.77 -4.95 -48.92
N SER F 338 39.32 -5.22 -47.69
CA SER F 338 39.93 -4.64 -46.49
C SER F 338 41.41 -4.95 -46.41
N HIS F 339 42.21 -3.90 -46.22
CA HIS F 339 43.66 -4.01 -46.11
C HIS F 339 44.11 -3.75 -44.69
N GLN F 340 43.94 -2.53 -44.18
CA GLN F 340 44.35 -2.14 -42.84
C GLN F 340 43.25 -1.34 -42.17
N SER F 341 43.19 -1.43 -40.85
CA SER F 341 42.28 -0.62 -40.03
C SER F 341 43.09 0.24 -39.07
N LEU F 342 42.59 1.44 -38.80
CA LEU F 342 43.34 2.43 -38.03
C LEU F 342 42.43 3.12 -37.02
N HIS F 343 43.06 3.59 -35.94
CA HIS F 343 42.43 4.45 -34.93
C HIS F 343 41.13 3.83 -34.41
N ALA F 344 41.33 2.72 -33.70
CA ALA F 344 40.19 1.97 -33.16
C ALA F 344 39.47 2.78 -32.07
N TRP F 345 38.14 2.75 -32.14
CA TRP F 345 37.27 3.38 -31.14
C TRP F 345 37.47 4.89 -31.07
N TYR F 346 37.80 5.51 -32.19
CA TYR F 346 37.87 6.96 -32.30
C TYR F 346 36.82 7.45 -33.29
N ARG F 347 36.37 8.69 -33.10
CA ARG F 347 35.49 9.33 -34.06
C ARG F 347 36.36 10.15 -34.99
N ASP F 348 36.43 9.74 -36.26
CA ASP F 348 37.34 10.35 -37.23
C ASP F 348 36.52 11.22 -38.17
N THR F 349 36.72 12.54 -38.07
CA THR F 349 36.01 13.46 -38.94
C THR F 349 36.65 13.60 -40.32
N ASP F 350 37.92 13.24 -40.48
CA ASP F 350 38.60 13.53 -41.73
C ASP F 350 39.78 12.57 -41.91
N VAL F 351 40.23 12.47 -43.15
CA VAL F 351 41.46 11.73 -43.49
C VAL F 351 42.11 12.45 -44.68
N GLU F 352 43.44 12.47 -44.67
CA GLU F 352 44.21 13.17 -45.69
C GLU F 352 45.44 12.36 -46.06
N TYR F 353 45.73 12.29 -47.35
CA TYR F 353 46.91 11.62 -47.87
C TYR F 353 47.88 12.64 -48.43
N LEU F 354 49.14 12.56 -47.99
CA LEU F 354 50.17 13.46 -48.47
C LEU F 354 51.49 12.72 -48.50
N GLU F 355 52.36 13.11 -49.43
CA GLU F 355 53.70 12.55 -49.56
C GLU F 355 54.70 13.60 -49.13
N ILE F 356 55.48 13.28 -48.10
CA ILE F 356 56.46 14.21 -47.53
C ILE F 356 57.79 13.49 -47.38
N VAL F 357 58.85 14.29 -47.27
CA VAL F 357 60.21 13.79 -47.11
C VAL F 357 60.55 13.78 -45.62
N ARG F 358 60.79 12.58 -45.12
CA ARG F 358 61.15 12.42 -43.69
C ARG F 358 62.67 12.33 -43.58
N THR F 359 63.28 13.32 -42.96
CA THR F 359 64.72 13.35 -42.73
C THR F 359 65.16 12.08 -41.99
N PRO F 360 66.33 11.52 -42.34
CA PRO F 360 67.31 11.89 -43.38
C PRO F 360 66.87 11.69 -44.84
N GLN F 361 65.84 10.87 -45.07
CA GLN F 361 65.50 10.46 -46.43
C GLN F 361 65.23 11.65 -47.34
N THR F 362 65.77 11.58 -48.56
CA THR F 362 65.50 12.58 -49.59
C THR F 362 64.30 12.22 -50.46
N LEU F 363 63.74 11.02 -50.32
CA LEU F 363 62.60 10.58 -51.09
C LEU F 363 61.31 10.79 -50.31
N ARG F 364 60.25 11.19 -51.03
CA ARG F 364 58.97 11.41 -50.39
C ARG F 364 58.36 10.09 -49.93
N THR F 365 58.01 10.01 -48.66
CA THR F 365 57.34 8.86 -48.07
C THR F 365 55.85 9.16 -47.94
N PRO F 366 54.98 8.28 -48.42
CA PRO F 366 53.54 8.52 -48.25
C PRO F 366 53.14 8.44 -46.78
N HIS F 367 52.24 9.35 -46.39
CA HIS F 367 51.76 9.43 -45.02
C HIS F 367 50.24 9.58 -45.03
N LEU F 368 49.64 9.35 -43.86
CA LEU F 368 48.22 9.58 -43.65
C LEU F 368 48.04 10.51 -42.46
N ILE F 369 47.14 11.47 -42.61
CA ILE F 369 46.75 12.37 -41.53
C ILE F 369 45.23 12.32 -41.41
N LEU F 370 44.75 11.83 -40.27
CA LEU F 370 43.32 11.79 -40.01
C LEU F 370 43.01 12.53 -38.72
N SER F 371 41.90 13.26 -38.73
CA SER F 371 41.52 14.13 -37.63
C SER F 371 40.32 13.54 -36.90
N SER F 372 40.28 13.79 -35.60
CA SER F 372 39.21 13.30 -34.74
C SER F 372 38.40 14.47 -34.21
N SER F 373 37.40 14.15 -33.39
CA SER F 373 36.50 15.19 -32.89
C SER F 373 37.10 15.88 -31.67
N SER F 374 37.21 15.16 -30.55
CA SER F 374 37.80 15.70 -29.33
C SER F 374 39.28 15.38 -29.19
N GLN F 375 39.88 14.69 -30.16
CA GLN F 375 41.28 14.33 -30.07
C GLN F 375 42.13 15.27 -30.95
N ARG F 376 43.47 15.04 -30.93
CA ARG F 376 44.51 15.67 -31.76
C ARG F 376 44.70 14.89 -33.05
N PRO F 377 45.09 15.56 -34.14
CA PRO F 377 45.32 14.84 -35.40
C PRO F 377 46.57 13.97 -35.32
N VAL F 378 46.51 12.83 -36.00
CA VAL F 378 47.58 11.84 -35.96
C VAL F 378 48.15 11.65 -37.37
N ILE F 379 49.42 11.25 -37.42
CA ILE F 379 50.14 11.02 -38.67
C ILE F 379 50.62 9.57 -38.69
N TYR F 380 50.44 8.91 -39.82
CA TYR F 380 50.91 7.51 -39.99
C TYR F 380 51.99 7.50 -41.08
N GLN F 381 53.13 6.89 -40.84
CA GLN F 381 54.21 6.84 -41.86
C GLN F 381 54.19 5.45 -42.51
N TRP F 382 54.04 5.38 -43.83
CA TRP F 382 53.97 4.08 -44.55
C TRP F 382 55.29 3.32 -44.45
N ASN F 383 55.22 2.01 -44.24
CA ASN F 383 56.38 1.14 -44.16
C ASN F 383 56.27 0.11 -45.27
N LYS F 384 57.19 0.19 -46.24
CA LYS F 384 57.11 -0.69 -47.41
C LYS F 384 57.42 -2.14 -47.08
N ALA F 385 58.17 -2.39 -46.01
CA ALA F 385 58.50 -3.77 -45.65
C ALA F 385 57.24 -4.55 -45.29
N THR F 386 56.42 -3.99 -44.39
CA THR F 386 55.18 -4.63 -43.96
C THR F 386 53.96 -4.20 -44.77
N GLN F 387 54.13 -3.29 -45.73
CA GLN F 387 53.05 -2.85 -46.62
C GLN F 387 51.88 -2.25 -45.85
N LEU F 388 52.15 -1.59 -44.73
CA LEU F 388 51.10 -1.00 -43.91
C LEU F 388 51.64 0.27 -43.25
N PHE F 389 50.85 0.84 -42.34
CA PHE F 389 51.18 2.10 -41.69
C PHE F 389 51.55 1.87 -40.22
N THR F 390 52.46 2.69 -39.73
CA THR F 390 52.94 2.57 -38.35
C THR F 390 53.45 3.94 -37.90
N ASN F 391 54.07 3.97 -36.72
CA ASN F 391 54.67 5.17 -36.14
C ASN F 391 53.68 6.32 -36.06
N GLN F 392 52.49 6.02 -35.54
CA GLN F 392 51.47 7.03 -35.32
C GLN F 392 51.97 8.09 -34.34
N THR F 393 51.83 9.36 -34.73
CA THR F 393 52.30 10.47 -33.91
C THR F 393 51.31 11.62 -33.98
N ASP F 394 51.07 12.24 -32.83
CA ASP F 394 50.17 13.39 -32.73
C ASP F 394 50.84 14.66 -33.22
N ILE F 395 50.02 15.61 -33.67
CA ILE F 395 50.46 16.97 -33.98
C ILE F 395 50.13 17.84 -32.76
N PRO F 396 51.13 18.32 -32.02
CA PRO F 396 50.85 18.97 -30.73
C PRO F 396 50.25 20.36 -30.88
N ASN F 397 49.66 20.83 -29.78
CA ASN F 397 49.28 22.23 -29.59
C ASN F 397 48.17 22.69 -30.53
N MET F 398 47.26 21.81 -30.90
CA MET F 398 45.98 22.27 -31.46
C MET F 398 44.89 21.27 -31.08
N GLU F 399 43.70 21.80 -30.82
CA GLU F 399 42.55 21.00 -30.41
C GLU F 399 41.38 21.23 -31.36
N ASP F 400 40.51 20.23 -31.44
CA ASP F 400 39.27 20.31 -32.22
C ASP F 400 39.54 20.62 -33.68
N VAL F 401 40.49 19.90 -34.27
CA VAL F 401 40.77 20.03 -35.70
C VAL F 401 39.77 19.16 -36.45
N TYR F 402 38.98 19.79 -37.32
CA TYR F 402 37.99 19.04 -38.09
C TYR F 402 38.63 18.30 -39.26
N ALA F 403 39.52 18.98 -39.98
CA ALA F 403 40.10 18.41 -41.19
C ALA F 403 41.49 18.99 -41.40
N VAL F 404 42.31 18.24 -42.13
CA VAL F 404 43.63 18.69 -42.55
C VAL F 404 43.76 18.50 -44.04
N LYS F 405 44.17 19.54 -44.75
CA LYS F 405 44.44 19.48 -46.18
C LYS F 405 45.86 19.97 -46.43
N HIS F 406 46.47 19.47 -47.50
CA HIS F 406 47.87 19.77 -47.80
C HIS F 406 47.99 20.45 -49.15
N PHE F 407 48.94 21.37 -49.25
CA PHE F 407 49.35 21.95 -50.51
C PHE F 407 50.87 22.03 -50.51
N SER F 408 51.44 22.26 -51.69
CA SER F 408 52.89 22.22 -51.84
C SER F 408 53.39 23.45 -52.58
N VAL F 409 54.62 23.85 -52.25
CA VAL F 409 55.39 24.82 -52.99
C VAL F 409 56.71 24.16 -53.35
N LYS F 410 57.41 24.76 -54.32
CA LYS F 410 58.73 24.26 -54.70
C LYS F 410 59.62 24.05 -53.48
N GLY F 411 59.57 24.98 -52.53
CA GLY F 411 60.42 24.86 -51.35
C GLY F 411 60.04 23.68 -50.46
N ASP F 412 58.78 23.60 -50.06
CA ASP F 412 58.37 22.62 -49.05
C ASP F 412 56.90 22.28 -49.25
N VAL F 413 56.34 21.52 -48.31
CA VAL F 413 54.95 21.11 -48.33
C VAL F 413 54.27 21.60 -47.06
N TYR F 414 53.10 22.21 -47.21
CA TYR F 414 52.38 22.83 -46.11
C TYR F 414 51.01 22.17 -45.94
N ILE F 415 50.44 22.31 -44.75
CA ILE F 415 49.12 21.78 -44.44
C ILE F 415 48.23 22.89 -43.91
N CYS F 416 46.92 22.69 -44.06
CA CYS F 416 45.90 23.60 -43.56
C CYS F 416 45.01 22.84 -42.59
N LEU F 417 44.93 23.32 -41.36
CA LEU F 417 44.18 22.64 -40.30
C LEU F 417 42.93 23.46 -39.98
N THR F 418 41.76 22.81 -40.08
CA THR F 418 40.48 23.49 -39.92
C THR F 418 39.99 23.39 -38.49
N ARG F 419 39.45 24.50 -37.98
CA ARG F 419 38.82 24.56 -36.68
C ARG F 419 37.54 25.36 -36.81
N PHE F 420 36.44 24.82 -36.27
CA PHE F 420 35.12 25.43 -36.48
C PHE F 420 35.08 26.86 -35.95
N ILE F 421 35.42 27.05 -34.68
CA ILE F 421 35.55 28.37 -34.09
C ILE F 421 36.87 28.43 -33.35
N GLY F 422 37.76 29.31 -33.79
CA GLY F 422 39.09 29.39 -33.25
C GLY F 422 40.03 29.94 -34.30
N ASP F 423 41.32 29.65 -34.12
CA ASP F 423 42.33 29.97 -35.12
C ASP F 423 42.62 28.70 -35.93
N SER F 424 42.29 28.72 -37.21
CA SER F 424 42.79 27.75 -38.16
C SER F 424 44.15 28.24 -38.66
N LYS F 425 45.14 27.34 -38.70
CA LYS F 425 46.49 27.76 -39.02
C LYS F 425 47.12 26.86 -40.07
N VAL F 426 48.20 27.37 -40.66
CA VAL F 426 48.97 26.68 -41.69
C VAL F 426 50.34 26.32 -41.11
N MET F 427 50.82 25.13 -41.43
CA MET F 427 52.08 24.63 -40.89
C MET F 427 52.99 24.16 -42.01
N LYS F 428 54.29 24.31 -41.79
CA LYS F 428 55.31 23.82 -42.72
C LYS F 428 55.91 22.53 -42.19
N TRP F 429 56.10 21.56 -43.09
CA TRP F 429 56.67 20.28 -42.70
C TRP F 429 58.18 20.40 -42.62
N GLY F 430 58.74 20.10 -41.44
CA GLY F 430 60.17 20.05 -41.25
C GLY F 430 60.71 18.66 -41.47
N GLY F 431 61.95 18.47 -41.04
CA GLY F 431 62.55 17.13 -41.11
C GLY F 431 61.81 16.13 -40.23
N SER F 432 61.37 16.57 -39.06
CA SER F 432 60.72 15.70 -38.08
C SER F 432 59.24 16.03 -37.94
N SER F 433 58.90 17.20 -37.44
CA SER F 433 57.52 17.58 -37.15
C SER F 433 57.13 18.80 -37.98
N PHE F 434 55.89 19.26 -37.79
CA PHE F 434 55.37 20.43 -38.46
C PHE F 434 55.69 21.69 -37.66
N GLN F 435 56.00 22.77 -38.37
CA GLN F 435 56.33 24.05 -37.76
C GLN F 435 55.21 25.05 -38.05
N ASP F 436 54.93 25.90 -37.06
CA ASP F 436 53.92 26.94 -37.24
C ASP F 436 54.36 27.94 -38.30
N ILE F 437 53.39 28.42 -39.08
CA ILE F 437 53.66 29.40 -40.13
C ILE F 437 52.73 30.60 -39.96
N GLN F 438 51.44 30.39 -40.19
CA GLN F 438 50.46 31.46 -40.17
C GLN F 438 49.19 30.99 -39.49
N ARG F 439 48.68 31.79 -38.56
CA ARG F 439 47.38 31.56 -37.93
C ARG F 439 46.34 32.48 -38.57
N MET F 440 45.14 31.97 -38.77
CA MET F 440 44.08 32.80 -39.31
C MET F 440 42.80 32.63 -38.50
N PRO F 441 42.05 33.71 -38.30
CA PRO F 441 40.76 33.58 -37.62
C PRO F 441 39.72 32.96 -38.53
N SER F 442 38.83 32.18 -37.93
CA SER F 442 37.72 31.60 -38.65
C SER F 442 36.52 31.49 -37.73
N ARG F 443 35.34 31.73 -38.29
CA ARG F 443 34.10 31.65 -37.53
C ARG F 443 33.18 30.69 -38.26
N GLY F 444 32.86 29.57 -37.60
CA GLY F 444 32.05 28.53 -38.21
C GLY F 444 32.61 28.01 -39.52
N SER F 445 33.87 27.57 -39.51
CA SER F 445 34.55 27.13 -40.73
C SER F 445 34.53 25.60 -40.78
N MET F 446 33.80 25.06 -41.76
CA MET F 446 33.81 23.62 -41.96
C MET F 446 34.87 23.14 -42.94
N VAL F 447 35.56 24.03 -43.66
CA VAL F 447 36.58 23.61 -44.60
C VAL F 447 37.68 24.67 -44.67
N PHE F 448 38.93 24.20 -44.76
CA PHE F 448 40.04 25.02 -45.23
C PHE F 448 40.61 24.34 -46.47
N GLN F 449 40.45 24.95 -47.64
CA GLN F 449 40.85 24.32 -48.89
C GLN F 449 41.96 25.07 -49.60
N PRO F 450 43.17 24.52 -49.67
CA PRO F 450 44.17 25.07 -50.60
C PRO F 450 43.87 24.66 -52.05
N LEU F 451 44.19 25.58 -52.97
CA LEU F 451 44.04 25.33 -54.39
C LEU F 451 45.23 25.93 -55.14
N GLN F 452 45.78 25.15 -56.09
CA GLN F 452 46.83 25.64 -56.97
C GLN F 452 46.26 25.71 -58.38
N ILE F 453 46.13 26.94 -58.88
CA ILE F 453 45.57 27.17 -60.20
C ILE F 453 46.53 28.07 -60.98
N ASN F 454 47.10 27.55 -62.07
CA ASN F 454 48.02 28.29 -62.93
C ASN F 454 49.06 29.08 -62.15
N ASN F 455 49.95 28.40 -61.43
CA ASN F 455 51.04 29.02 -60.69
C ASN F 455 50.52 30.01 -59.65
N TYR F 456 49.29 29.82 -59.19
CA TYR F 456 48.69 30.62 -58.14
C TYR F 456 48.14 29.68 -57.08
N GLN F 457 48.69 29.75 -55.87
CA GLN F 457 48.22 28.95 -54.76
C GLN F 457 47.22 29.79 -53.97
N TYR F 458 45.96 29.36 -53.96
CA TYR F 458 44.98 30.06 -53.14
C TYR F 458 44.72 29.28 -51.85
N ALA F 459 43.87 29.85 -51.01
CA ALA F 459 43.29 29.19 -49.86
C ALA F 459 41.87 29.70 -49.72
N ILE F 460 40.93 28.80 -49.44
CA ILE F 460 39.54 29.19 -49.22
C ILE F 460 39.10 28.67 -47.87
N LEU F 461 38.73 29.59 -46.98
CA LEU F 461 38.30 29.28 -45.62
C LEU F 461 36.82 29.64 -45.52
N GLY F 462 35.96 28.62 -45.38
CA GLY F 462 34.54 28.84 -45.40
C GLY F 462 34.00 29.31 -44.06
N SER F 463 32.82 29.91 -44.09
CA SER F 463 32.11 30.28 -42.87
C SER F 463 30.62 30.01 -43.03
N ASP F 464 30.02 29.36 -42.04
CA ASP F 464 28.58 29.18 -41.99
C ASP F 464 27.86 30.41 -41.47
N TYR F 465 28.61 31.40 -40.98
CA TYR F 465 28.08 32.60 -40.35
C TYR F 465 28.26 33.84 -41.23
N SER F 466 29.49 34.21 -41.50
CA SER F 466 29.84 35.40 -42.28
C SER F 466 30.47 34.97 -43.60
N PHE F 467 30.88 35.95 -44.39
CA PHE F 467 31.38 35.67 -45.73
C PHE F 467 32.59 34.75 -45.70
N THR F 468 32.69 33.92 -46.74
CA THR F 468 33.81 33.01 -46.92
C THR F 468 35.02 33.79 -47.42
N GLN F 469 36.17 33.58 -46.78
CA GLN F 469 37.39 34.33 -47.08
C GLN F 469 38.31 33.49 -47.95
N VAL F 470 38.64 34.00 -49.13
CA VAL F 470 39.62 33.39 -50.02
C VAL F 470 40.95 34.11 -49.82
N TYR F 471 42.01 33.34 -49.59
CA TYR F 471 43.35 33.87 -49.40
C TYR F 471 44.21 33.58 -50.61
N ASN F 472 45.10 34.51 -50.93
CA ASN F 472 46.05 34.37 -52.02
C ASN F 472 47.46 34.23 -51.45
N TRP F 473 48.26 33.39 -52.08
CA TRP F 473 49.63 33.16 -51.62
C TRP F 473 50.54 34.26 -52.16
N ASP F 474 51.39 34.80 -51.29
CA ASP F 474 52.41 35.77 -51.67
C ASP F 474 53.77 35.10 -51.55
N ALA F 475 54.51 35.05 -52.66
CA ALA F 475 55.78 34.34 -52.66
C ALA F 475 56.83 35.08 -51.83
N GLU F 476 56.86 36.41 -51.92
CA GLU F 476 57.88 37.16 -51.18
C GLU F 476 57.58 37.15 -49.68
N LYS F 477 56.30 37.28 -49.32
CA LYS F 477 55.91 37.24 -47.91
C LYS F 477 56.03 35.83 -47.34
N ALA F 478 55.93 34.82 -48.21
CA ALA F 478 55.90 33.41 -47.80
C ALA F 478 54.74 33.11 -46.85
N LYS F 479 53.64 33.85 -47.00
CA LYS F 479 52.43 33.66 -46.22
C LYS F 479 51.24 34.04 -47.09
N PHE F 480 50.05 33.60 -46.68
CA PHE F 480 48.87 33.97 -47.44
C PHE F 480 48.51 35.43 -47.17
N VAL F 481 47.46 35.91 -47.85
CA VAL F 481 46.96 37.26 -47.66
C VAL F 481 45.48 37.26 -48.02
N LYS F 482 44.76 38.23 -47.44
CA LYS F 482 43.32 38.37 -47.74
C LYS F 482 43.23 38.65 -49.24
N PHE F 483 42.28 38.03 -49.93
CA PHE F 483 42.22 38.17 -51.39
C PHE F 483 40.81 38.50 -51.87
N GLN F 484 39.86 37.57 -51.71
CA GLN F 484 38.49 37.80 -52.16
C GLN F 484 37.53 37.18 -51.15
N GLU F 485 36.34 37.74 -51.08
CA GLU F 485 35.27 37.26 -50.21
C GLU F 485 34.15 36.67 -51.06
N LEU F 486 33.74 35.46 -50.74
CA LEU F 486 32.69 34.75 -51.47
C LEU F 486 31.48 34.55 -50.57
N ASN F 487 30.29 34.69 -51.15
CA ASN F 487 29.04 34.50 -50.42
C ASN F 487 28.48 33.13 -50.80
N VAL F 488 28.50 32.21 -49.85
CA VAL F 488 27.89 30.89 -50.01
C VAL F 488 27.34 30.48 -48.66
N GLN F 489 26.16 29.85 -48.66
CA GLN F 489 25.41 29.67 -47.42
C GLN F 489 26.20 28.93 -46.33
N ALA F 490 26.47 27.65 -46.52
CA ALA F 490 27.28 26.88 -45.58
C ALA F 490 28.18 25.91 -46.34
N PRO F 491 29.26 26.39 -46.94
CA PRO F 491 30.10 25.50 -47.75
C PRO F 491 30.71 24.39 -46.91
N ARG F 492 30.55 23.15 -47.37
CA ARG F 492 31.37 22.04 -46.87
C ARG F 492 32.56 21.70 -47.76
N SER F 493 32.72 22.34 -48.92
CA SER F 493 33.81 21.93 -49.80
C SER F 493 34.17 23.04 -50.78
N PHE F 494 35.38 22.92 -51.33
CA PHE F 494 35.79 23.70 -52.49
C PHE F 494 36.63 22.81 -53.40
N THR F 495 36.32 22.82 -54.70
CA THR F 495 36.92 21.88 -55.63
C THR F 495 37.34 22.60 -56.92
N HIS F 496 38.56 22.34 -57.37
CA HIS F 496 39.09 22.92 -58.59
C HIS F 496 38.71 22.06 -59.78
N VAL F 497 38.23 22.69 -60.86
CA VAL F 497 37.81 22.01 -62.07
C VAL F 497 38.39 22.74 -63.27
N SER F 498 39.18 22.03 -64.08
CA SER F 498 39.79 22.60 -65.27
C SER F 498 39.29 21.83 -66.48
N ILE F 499 38.59 22.52 -67.39
CA ILE F 499 38.03 21.92 -68.59
C ILE F 499 38.41 22.80 -69.78
N ASN F 500 39.18 22.23 -70.72
CA ASN F 500 39.54 22.91 -71.96
C ASN F 500 40.10 24.30 -71.70
N LYS F 501 41.05 24.38 -70.78
CA LYS F 501 41.70 25.63 -70.38
C LYS F 501 40.71 26.63 -69.80
N ARG F 502 39.60 26.14 -69.24
CA ARG F 502 38.68 26.94 -68.46
C ARG F 502 38.74 26.45 -67.02
N ASN F 503 39.07 27.36 -66.10
CA ASN F 503 39.22 27.01 -64.69
C ASN F 503 37.98 27.41 -63.93
N PHE F 504 37.42 26.47 -63.17
CA PHE F 504 36.20 26.67 -62.42
C PHE F 504 36.44 26.40 -60.94
N LEU F 505 35.59 26.99 -60.11
CA LEU F 505 35.62 26.78 -58.67
C LEU F 505 34.25 26.31 -58.21
N PHE F 506 34.17 25.08 -57.71
CA PHE F 506 32.92 24.51 -57.23
C PHE F 506 32.86 24.66 -55.72
N ALA F 507 31.75 25.22 -55.23
CA ALA F 507 31.54 25.44 -53.80
C ALA F 507 30.26 24.75 -53.37
N SER F 508 30.39 23.76 -52.49
CA SER F 508 29.23 23.13 -51.90
C SER F 508 28.47 24.12 -51.02
N SER F 509 27.17 23.93 -50.90
CA SER F 509 26.35 24.68 -49.95
C SER F 509 25.46 23.72 -49.20
N PHE F 510 25.63 23.65 -47.88
CA PHE F 510 24.82 22.73 -47.09
C PHE F 510 23.42 23.27 -46.85
N LYS F 511 23.31 24.56 -46.52
CA LYS F 511 22.04 25.19 -46.20
C LYS F 511 21.39 25.90 -47.39
N GLY F 512 22.00 25.86 -48.57
CA GLY F 512 21.48 26.58 -49.71
C GLY F 512 21.92 25.92 -51.00
N ASN F 513 21.52 26.52 -52.12
CA ASN F 513 21.92 26.01 -53.42
C ASN F 513 23.42 26.20 -53.64
N THR F 514 24.05 25.20 -54.24
CA THR F 514 25.50 25.18 -54.39
C THR F 514 25.96 26.06 -55.55
N GLN F 515 27.11 26.70 -55.36
CA GLN F 515 27.61 27.71 -56.29
C GLN F 515 28.79 27.17 -57.08
N ILE F 516 28.90 27.61 -58.33
CA ILE F 516 30.05 27.33 -59.19
C ILE F 516 30.54 28.66 -59.75
N TYR F 517 31.84 28.92 -59.59
CA TYR F 517 32.44 30.19 -59.95
C TYR F 517 33.39 30.03 -61.13
N LYS F 518 33.51 31.09 -61.92
CA LYS F 518 34.45 31.18 -63.03
C LYS F 518 35.71 31.86 -62.55
N HIS F 519 36.87 31.26 -62.84
CA HIS F 519 38.16 31.87 -62.54
C HIS F 519 38.63 32.62 -63.77
N VAL F 520 38.74 33.94 -63.66
CA VAL F 520 39.13 34.80 -64.78
C VAL F 520 40.42 35.53 -64.43
N ILE F 521 41.29 35.66 -65.42
CA ILE F 521 42.48 36.49 -65.33
C ILE F 521 42.23 37.72 -66.20
N VAL F 522 42.31 38.89 -65.59
CA VAL F 522 41.99 40.14 -66.29
C VAL F 522 43.27 40.96 -66.43
N ASP F 523 43.40 41.62 -67.57
CA ASP F 523 44.54 42.49 -67.86
C ASP F 523 44.05 43.92 -67.78
N LEU F 524 44.66 44.70 -66.89
CA LEU F 524 44.25 46.07 -66.71
C LEU F 524 44.67 46.96 -67.88
N SER F 525 45.70 46.56 -68.62
CA SER F 525 46.16 47.39 -69.73
C SER F 525 45.14 47.38 -70.87
N ALA F 526 44.70 46.21 -71.30
CA ALA F 526 43.69 46.09 -72.36
C ALA F 526 42.31 46.46 -71.83
C1 NAG G . 25.64 38.93 16.90
C2 NAG G . 24.58 39.04 15.81
C3 NAG G . 25.23 38.75 14.45
C4 NAG G . 26.43 39.66 14.23
C5 NAG G . 27.38 39.62 15.43
C6 NAG G . 28.49 40.65 15.34
C7 NAG G . 22.19 38.49 15.90
C8 NAG G . 21.94 39.90 15.45
N2 NAG G . 23.47 38.14 16.06
O3 NAG G . 24.27 38.95 13.41
O4 NAG G . 27.14 39.22 13.08
O5 NAG G . 26.67 39.89 16.64
O6 NAG G . 29.02 40.95 16.62
O7 NAG G . 21.27 37.70 16.13
C1 NAG H . -16.09 6.20 43.02
C2 NAG H . -15.05 5.05 42.84
C3 NAG H . -14.33 4.73 44.16
C4 NAG H . -13.80 5.99 44.81
C5 NAG H . -14.91 7.03 44.95
C6 NAG H . -14.44 8.33 45.55
C7 NAG H . -16.57 3.02 42.63
C8 NAG H . -17.22 3.34 43.96
N2 NAG H . -15.59 3.85 42.19
O3 NAG H . -13.26 3.83 43.91
O4 NAG H . -13.27 5.70 46.10
O5 NAG H . -15.45 7.33 43.66
O6 NAG H . -13.82 8.13 46.81
O7 NAG H . -16.90 2.05 41.96
C1 NAG I . -9.03 35.02 10.34
C2 NAG I . -9.71 34.99 11.74
C3 NAG I . -10.74 36.11 11.91
C4 NAG I . -10.16 37.46 11.49
C5 NAG I . -9.59 37.35 10.09
C6 NAG I . -8.96 38.65 9.61
C7 NAG I . -11.28 33.00 11.49
C8 NAG I . -11.92 33.62 10.27
N2 NAG I . -10.29 33.68 12.10
O3 NAG I . -11.19 36.17 13.26
O4 NAG I . -11.17 38.45 11.52
O5 NAG I . -8.57 36.36 10.06
O6 NAG I . -8.60 39.49 10.71
O7 NAG I . -11.66 31.91 11.91
CA CA J . 9.70 39.60 28.04
CA CA K . 12.68 27.71 25.29
CA CA L . 24.02 49.58 36.43
C1 NAG M . -28.08 62.82 60.55
C2 NAG M . -28.57 62.84 61.99
C3 NAG M . -29.44 64.08 62.21
C4 NAG M . -28.69 65.34 61.79
C5 NAG M . -28.09 65.20 60.38
C6 NAG M . -27.18 66.34 60.01
C7 NAG M . -30.21 61.06 61.49
C8 NAG M . -30.43 61.76 60.18
N2 NAG M . -29.32 61.63 62.32
O3 NAG M . -29.85 64.18 63.57
O4 NAG M . -29.57 66.45 61.80
O5 NAG M . -27.31 64.00 60.30
O6 NAG M . -27.14 66.52 58.60
O7 NAG M . -30.82 60.05 61.79
C1 NAG N . -2.63 87.85 115.96
C2 NAG N . -4.08 87.56 115.58
C3 NAG N . -4.47 86.16 116.01
C4 NAG N . -3.49 85.15 115.45
C5 NAG N . -2.06 85.53 115.80
C6 NAG N . -1.03 84.63 115.16
C7 NAG N . -5.66 89.45 115.44
C8 NAG N . -5.46 89.38 113.95
N2 NAG N . -4.98 88.56 116.16
O3 NAG N . -5.79 85.87 115.56
O4 NAG N . -3.77 83.85 115.96
O5 NAG N . -1.78 86.86 115.36
O6 NAG N . -1.32 83.26 115.39
O7 NAG N . -6.40 90.28 115.96
C1 NAG O . 2.51 33.77 82.19
C2 NAG O . 3.18 32.93 83.26
C3 NAG O . 4.48 33.59 83.71
C4 NAG O . 5.38 33.87 82.51
C5 NAG O . 4.61 34.67 81.46
C6 NAG O . 5.40 34.88 80.19
C7 NAG O . 1.96 31.50 84.84
C8 NAG O . 2.53 30.33 84.10
N2 NAG O . 2.30 32.71 84.40
O3 NAG O . 5.15 32.74 84.64
O4 NAG O . 6.53 34.60 82.92
O5 NAG O . 3.41 33.98 81.09
O6 NAG O . 6.18 33.73 79.86
O7 NAG O . 1.21 31.35 85.81
CA CA P . -10.39 51.72 70.69
C1 NAG Q . -22.76 -22.40 1.14
C2 NAG Q . -21.43 -22.41 1.92
C3 NAG Q . -21.44 -23.45 3.04
C4 NAG Q . -22.67 -23.27 3.92
C5 NAG Q . -23.93 -23.28 3.07
C6 NAG Q . -25.18 -23.03 3.87
C7 NAG Q . -19.89 -23.55 0.26
C8 NAG Q . -20.80 -24.75 0.19
N2 NAG Q . -20.24 -22.53 1.06
O3 NAG Q . -20.25 -23.32 3.82
O4 NAG Q . -22.74 -24.30 4.89
O5 NAG Q . -23.85 -22.26 2.07
O6 NAG Q . -26.23 -22.51 3.06
O7 NAG Q . -18.85 -23.50 -0.41
C1 NAG R . -57.18 -67.71 15.50
C2 NAG R . -58.35 -68.34 14.75
C3 NAG R . -57.88 -69.52 13.91
C4 NAG R . -56.72 -69.10 13.00
C5 NAG R . -55.63 -68.43 13.82
C6 NAG R . -54.52 -67.86 12.97
C7 NAG R . -60.68 -68.38 15.55
C8 NAG R . -61.00 -67.48 14.39
N2 NAG R . -59.40 -68.76 15.66
O3 NAG R . -58.95 -70.01 13.12
O4 NAG R . -56.19 -70.23 12.35
O5 NAG R . -56.17 -67.34 14.57
O6 NAG R . -54.76 -66.48 12.71
O7 NAG R . -61.54 -68.76 16.33
C1 NAG S . -21.05 -46.28 25.94
C2 NAG S . -20.14 -46.95 26.99
C3 NAG S . -19.18 -45.92 27.57
C4 NAG S . -18.42 -45.20 26.47
C5 NAG S . -19.39 -44.65 25.41
C6 NAG S . -18.71 -44.07 24.19
C7 NAG S . -21.79 -46.92 28.82
C8 NAG S . -21.93 -45.44 28.55
N2 NAG S . -20.92 -47.58 28.05
O3 NAG S . -18.25 -46.55 28.46
O4 NAG S . -17.68 -44.12 27.02
O5 NAG S . -20.24 -45.71 24.93
O6 NAG S . -19.65 -43.77 23.18
O7 NAG S . -22.44 -47.48 29.70
CA CA T . -18.07 -36.60 -16.34
CA CA U . -24.03 -42.50 -0.20
CA CA V . -34.71 -36.43 5.53
C1 NAG W . -0.56 19.64 5.94
C2 NAG W . -0.26 18.17 6.28
C3 NAG W . -0.05 17.99 7.78
C4 NAG W . 1.00 18.97 8.30
C5 NAG W . 0.54 20.38 7.97
C6 NAG W . 1.53 21.44 8.41
C7 NAG W . -1.16 16.16 5.16
C8 NAG W . 0.26 15.79 4.88
N2 NAG W . -1.35 17.31 5.82
O3 NAG W . 0.39 16.65 8.03
O4 NAG W . 1.15 18.84 9.71
O5 NAG W . 0.43 20.50 6.54
O6 NAG W . 0.89 22.43 9.21
O7 NAG W . -2.10 15.47 4.79
C1 NAG X . 9.01 -26.82 -29.19
C2 NAG X . 9.62 -27.02 -30.57
C3 NAG X . 9.09 -25.96 -31.53
C4 NAG X . 7.56 -25.99 -31.54
C5 NAG X . 7.01 -25.89 -30.11
C6 NAG X . 5.51 -26.06 -30.06
C7 NAG X . 11.85 -27.87 -31.14
C8 NAG X . 11.15 -28.94 -31.92
N2 NAG X . 11.07 -26.98 -30.53
O3 NAG X . 9.59 -26.19 -32.85
O4 NAG X . 7.06 -24.89 -32.30
O5 NAG X . 7.58 -26.92 -29.28
O6 NAG X . 4.88 -25.41 -31.15
O7 NAG X . 13.08 -27.81 -31.09
C1 NAG Y . 21.14 -11.18 6.59
C2 NAG Y . 21.84 -11.38 5.25
C3 NAG Y . 22.59 -12.71 5.25
C4 NAG Y . 23.51 -12.82 6.46
C5 NAG Y . 22.74 -12.53 7.75
C6 NAG Y . 23.62 -12.47 8.97
C7 NAG Y . 21.10 -10.57 3.06
C8 NAG Y . 22.36 -9.78 3.01
N2 NAG Y . 20.90 -11.32 4.15
O3 NAG Y . 23.34 -12.83 4.05
O4 NAG Y . 24.08 -14.12 6.54
O5 NAG Y . 22.09 -11.25 7.65
O6 NAG Y . 24.64 -11.48 8.82
O7 NAG Y . 20.28 -10.53 2.14
CA CA Z . 12.74 12.03 -7.29
CA CA AA . 1.45 4.69 -6.60
CA CA BA . 10.66 29.46 -11.75
C1 NAG CA . -13.49 -103.22 -81.10
C2 NAG CA . -12.55 -103.20 -79.87
C3 NAG CA . -12.68 -104.50 -79.08
C4 NAG CA . -14.14 -104.76 -78.70
C5 NAG CA . -14.98 -104.80 -79.97
C6 NAG CA . -16.46 -104.96 -79.68
C7 NAG CA . -10.29 -102.23 -79.63
C8 NAG CA . -10.83 -101.49 -78.44
N2 NAG CA . -11.16 -103.02 -80.28
O3 NAG CA . -11.89 -104.43 -77.90
O4 NAG CA . -14.26 -106.00 -78.02
O5 NAG CA . -14.84 -103.56 -80.67
O6 NAG CA . -17.12 -103.71 -79.59
O7 NAG CA . -9.13 -102.10 -80.00
C1 NAG DA . -49.22 -76.06 -34.16
C2 NAG DA . -50.51 -75.71 -34.94
C3 NAG DA . -50.23 -74.69 -36.04
C4 NAG DA . -49.48 -73.49 -35.49
C5 NAG DA . -48.22 -73.96 -34.75
C6 NAG DA . -47.45 -72.82 -34.10
C7 NAG DA . -51.90 -77.74 -34.78
C8 NAG DA . -52.47 -78.90 -35.51
N2 NAG DA . -51.13 -76.90 -35.50
O3 NAG DA . -51.47 -74.26 -36.60
O4 NAG DA . -49.11 -72.60 -36.54
O5 NAG DA . -48.60 -74.86 -33.70
O6 NAG DA . -47.98 -72.52 -32.82
O7 NAG DA . -52.10 -77.55 -33.58
C1 NAG EA . -10.31 -92.19 -13.90
C2 NAG EA . -9.51 -93.40 -13.43
C3 NAG EA . -8.03 -93.20 -13.70
C4 NAG EA . -7.80 -92.87 -15.17
C5 NAG EA . -8.66 -91.67 -15.58
C6 NAG EA . -8.57 -91.36 -17.06
C7 NAG EA . -10.45 -94.69 -11.55
C8 NAG EA . -11.02 -95.61 -12.59
N2 NAG EA . -9.74 -93.65 -12.01
O3 NAG EA . -7.32 -94.38 -13.36
O4 NAG EA . -6.43 -92.56 -15.39
O5 NAG EA . -10.04 -91.94 -15.30
O6 NAG EA . -8.70 -89.98 -17.30
O7 NAG EA . -10.63 -94.88 -10.36
CA CA FA . -26.54 -82.43 -25.89
C1 NAG GA . 59.68 53.06 -89.84
C2 NAG GA . 60.31 52.18 -88.74
C3 NAG GA . 60.93 50.91 -89.35
C4 NAG GA . 59.93 50.21 -90.25
C5 NAG GA . 59.34 51.17 -91.27
C6 NAG GA . 58.26 50.55 -92.12
C7 NAG GA . 62.40 53.50 -88.18
C8 NAG GA . 62.85 53.47 -89.62
N2 NAG GA . 61.24 52.89 -87.87
O3 NAG GA . 61.35 50.04 -88.30
O4 NAG GA . 60.56 49.13 -90.93
O5 NAG GA . 58.74 52.29 -90.60
O6 NAG GA . 58.38 50.95 -93.48
O7 NAG GA . 63.08 54.05 -87.31
C1 NAG HA . 18.99 13.27 -61.54
C2 NAG HA . 17.65 12.97 -62.26
C3 NAG HA . 16.80 14.24 -62.41
C4 NAG HA . 16.65 14.95 -61.08
C5 NAG HA . 18.02 15.23 -60.47
C6 NAG HA . 17.95 15.86 -59.11
C7 NAG HA . 18.43 12.69 -64.66
C8 NAG HA . 19.03 14.06 -64.67
N2 NAG HA . 17.82 12.26 -63.52
O3 NAG HA . 15.52 13.89 -62.93
O4 NAG HA . 15.96 16.18 -61.26
O5 NAG HA . 18.74 13.99 -60.32
O6 NAG HA . 19.24 16.11 -58.59
O7 NAG HA . 18.49 11.96 -65.65
C1 NAG IA . 57.85 8.59 -35.58
C2 NAG IA . 59.37 8.38 -35.79
C3 NAG IA . 60.17 9.41 -35.01
C4 NAG IA . 59.70 10.83 -35.35
C5 NAG IA . 58.19 10.95 -35.14
C6 NAG IA . 57.64 12.29 -35.56
C7 NAG IA . 59.96 6.05 -36.29
C8 NAG IA . 59.73 6.39 -37.73
N2 NAG IA . 59.76 7.04 -35.41
O3 NAG IA . 61.55 9.27 -35.30
O4 NAG IA . 60.37 11.78 -34.54
O5 NAG IA . 57.51 9.96 -35.92
O6 NAG IA . 58.34 12.81 -36.69
O7 NAG IA . 60.29 4.92 -35.94
CA CA JA . 39.96 14.80 -46.55
#